data_9FLA
#
_entry.id   9FLA
#
_entity_poly.entity_id   1
_entity_poly.type   'polypeptide(L)'
_entity_poly.pdbx_seq_one_letter_code
;MHHHHHHKPTENNEDFNIVAVASNFATTDLDADRGKLPGKKLPLEVLKEMEANARKAGCTRGCLICLSHIKCTPKMKKFI
PGRCHTYEGDKESAQGGIGEAIVDIPEIPGFKDLEPMEQFIAQVDLCVDCTTGCLKGLANVQCSDLLKKWLPQRCATFAS
KIQGQVDKIKGAGGD
;
_entity_poly.pdbx_strand_id   A
#
# COMPACT_ATOMS: atom_id res chain seq x y z
N LEU A 30 -11.90 12.85 23.95
CA LEU A 30 -13.38 12.87 23.71
C LEU A 30 -13.67 12.48 22.27
N ASP A 31 -12.71 12.77 21.39
CA ASP A 31 -12.86 12.42 19.98
C ASP A 31 -13.00 10.93 19.81
N ALA A 32 -12.25 10.18 20.61
CA ALA A 32 -12.29 8.73 20.55
C ALA A 32 -13.71 8.24 20.83
N ASP A 33 -14.35 8.88 21.81
CA ASP A 33 -15.72 8.53 22.16
C ASP A 33 -16.65 8.84 20.99
N ARG A 34 -16.38 9.96 20.34
CA ARG A 34 -17.19 10.37 19.19
C ARG A 34 -17.10 9.34 18.07
N GLY A 35 -15.91 8.79 17.89
CA GLY A 35 -15.68 7.80 16.85
C GLY A 35 -15.18 8.45 15.56
N LYS A 36 -15.19 9.78 15.51
CA LYS A 36 -14.73 10.48 14.32
C LYS A 36 -13.25 10.86 14.49
N LEU A 37 -12.41 10.33 13.60
CA LEU A 37 -10.99 10.61 13.67
C LEU A 37 -10.35 10.38 12.29
N PRO A 38 -10.46 11.34 11.40
CA PRO A 38 -9.88 11.23 10.02
C PRO A 38 -8.38 10.93 10.07
N GLY A 39 -7.91 10.17 9.08
CA GLY A 39 -6.50 9.80 9.03
C GLY A 39 -6.27 8.37 9.51
N LYS A 40 -7.35 7.60 9.62
CA LYS A 40 -7.26 6.21 10.08
C LYS A 40 -6.37 5.39 9.14
N LYS A 41 -6.49 5.66 7.84
CA LYS A 41 -5.71 4.92 6.84
C LYS A 41 -4.21 5.12 7.10
N LEU A 42 -3.45 4.06 6.89
CA LEU A 42 -2.01 4.11 7.10
C LEU A 42 -1.33 4.95 6.01
N PRO A 43 -0.18 5.52 6.30
CA PRO A 43 0.57 6.35 5.32
C PRO A 43 1.18 5.51 4.19
N LEU A 44 1.42 6.16 3.06
CA LEU A 44 2.00 5.47 1.91
C LEU A 44 3.43 5.00 2.20
N GLU A 45 4.05 5.59 3.21
CA GLU A 45 5.42 5.22 3.56
C GLU A 45 5.49 3.75 3.97
N VAL A 46 4.56 3.32 4.81
CA VAL A 46 4.53 1.93 5.26
C VAL A 46 3.99 1.02 4.17
N LEU A 47 3.19 1.58 3.26
CA LEU A 47 2.61 0.82 2.17
C LEU A 47 3.73 0.21 1.31
N LYS A 48 4.73 1.02 1.05
CA LYS A 48 5.86 0.58 0.25
C LYS A 48 6.62 -0.53 0.97
N GLU A 49 6.70 -0.41 2.30
CA GLU A 49 7.44 -1.38 3.09
C GLU A 49 6.85 -2.80 2.99
N MET A 50 5.53 -2.91 3.10
CA MET A 50 4.91 -4.23 3.02
C MET A 50 4.91 -4.75 1.59
N GLU A 51 4.70 -3.86 0.63
CA GLU A 51 4.71 -4.26 -0.77
C GLU A 51 6.10 -4.74 -1.16
N ALA A 52 7.11 -4.03 -0.65
CA ALA A 52 8.50 -4.38 -0.92
C ALA A 52 8.83 -5.76 -0.38
N ASN A 53 8.32 -6.05 0.82
CA ASN A 53 8.55 -7.34 1.45
C ASN A 53 7.91 -8.46 0.65
N ALA A 54 6.76 -8.18 0.05
CA ALA A 54 6.05 -9.19 -0.74
C ALA A 54 6.95 -9.67 -1.88
N ARG A 55 7.63 -8.72 -2.53
CA ARG A 55 8.52 -9.07 -3.63
C ARG A 55 9.66 -9.94 -3.09
N LYS A 56 10.15 -9.58 -1.92
CA LYS A 56 11.24 -10.31 -1.27
C LYS A 56 10.78 -11.73 -0.93
N ALA A 57 9.51 -11.85 -0.54
CA ALA A 57 8.95 -13.15 -0.16
C ALA A 57 9.04 -14.14 -1.31
N GLY A 58 8.83 -13.66 -2.53
CA GLY A 58 8.89 -14.54 -3.69
C GLY A 58 7.51 -15.08 -4.04
N CYS A 59 6.50 -14.22 -3.89
CA CYS A 59 5.12 -14.61 -4.16
C CYS A 59 5.02 -15.32 -5.51
N THR A 60 4.15 -16.32 -5.57
CA THR A 60 3.96 -17.09 -6.81
C THR A 60 3.05 -16.32 -7.76
N ARG A 61 2.98 -16.77 -9.01
CA ARG A 61 2.14 -16.11 -10.00
C ARG A 61 0.73 -15.91 -9.46
N GLY A 62 0.35 -16.75 -8.52
CA GLY A 62 -0.98 -16.64 -7.93
C GLY A 62 -1.18 -15.29 -7.26
N CYS A 63 -0.16 -14.78 -6.57
CA CYS A 63 -0.31 -13.49 -5.91
C CYS A 63 0.53 -12.41 -6.58
N LEU A 64 1.32 -12.78 -7.58
CA LEU A 64 2.09 -11.76 -8.27
C LEU A 64 1.12 -10.77 -8.89
N ILE A 65 -0.08 -11.27 -9.22
CA ILE A 65 -1.12 -10.42 -9.79
C ILE A 65 -1.70 -9.51 -8.70
N CYS A 66 -1.40 -9.83 -7.43
CA CYS A 66 -1.89 -9.02 -6.32
C CYS A 66 -1.30 -7.62 -6.42
N LEU A 67 -0.20 -7.48 -7.15
CA LEU A 67 0.45 -6.17 -7.28
C LEU A 67 0.74 -5.82 -8.75
N SER A 68 1.14 -6.83 -9.53
CA SER A 68 1.46 -6.62 -10.93
C SER A 68 0.22 -6.26 -11.76
N HIS A 69 -0.89 -6.91 -11.46
CA HIS A 69 -2.12 -6.66 -12.22
C HIS A 69 -2.95 -5.54 -11.63
N ILE A 70 -2.58 -5.06 -10.45
CA ILE A 70 -3.36 -3.98 -9.83
C ILE A 70 -2.92 -2.62 -10.37
N LYS A 71 -3.86 -1.92 -10.99
CA LYS A 71 -3.59 -0.59 -11.53
C LYS A 71 -4.55 0.40 -10.88
N CYS A 72 -3.99 1.41 -10.22
CA CYS A 72 -4.80 2.40 -9.53
C CYS A 72 -5.37 3.43 -10.49
N THR A 73 -6.66 3.66 -10.37
CA THR A 73 -7.36 4.65 -11.19
C THR A 73 -7.12 6.03 -10.59
N PRO A 74 -7.39 7.07 -11.32
CA PRO A 74 -7.19 8.47 -10.83
C PRO A 74 -7.88 8.70 -9.48
N LYS A 75 -8.94 7.95 -9.23
CA LYS A 75 -9.68 8.08 -7.98
C LYS A 75 -9.03 7.21 -6.91
N MET A 76 -8.48 6.08 -7.35
CA MET A 76 -7.83 5.16 -6.44
C MET A 76 -6.69 5.89 -5.72
N LYS A 77 -5.89 6.63 -6.48
CA LYS A 77 -4.78 7.38 -5.91
C LYS A 77 -5.28 8.43 -4.91
N LYS A 78 -6.36 9.12 -5.28
CA LYS A 78 -6.91 10.17 -4.43
C LYS A 78 -7.37 9.63 -3.08
N PHE A 79 -8.01 8.46 -3.08
CA PHE A 79 -8.47 7.87 -1.83
C PHE A 79 -7.39 6.96 -1.20
N ILE A 80 -6.41 6.59 -2.00
CA ILE A 80 -5.31 5.74 -1.51
C ILE A 80 -3.97 6.34 -1.92
N PRO A 81 -3.55 7.39 -1.26
CA PRO A 81 -2.26 8.09 -1.56
C PRO A 81 -1.07 7.14 -1.47
N GLY A 82 -0.06 7.40 -2.31
CA GLY A 82 1.14 6.57 -2.33
C GLY A 82 1.48 6.10 -3.74
N ARG A 83 0.67 6.49 -4.73
CA ARG A 83 0.92 6.10 -6.11
C ARG A 83 1.06 4.59 -6.22
N CYS A 84 1.35 4.12 -7.43
CA CYS A 84 1.52 2.70 -7.69
C CYS A 84 2.88 2.42 -8.32
N HIS A 85 3.44 1.26 -8.02
CA HIS A 85 4.74 0.88 -8.56
C HIS A 85 4.63 -0.27 -9.56
N THR A 86 3.41 -0.51 -10.05
CA THR A 86 3.20 -1.59 -11.00
C THR A 86 3.98 -1.33 -12.28
N TYR A 87 3.90 -0.09 -12.78
CA TYR A 87 4.60 0.30 -14.00
C TYR A 87 4.12 -0.51 -15.20
N GLU A 88 4.06 0.13 -16.37
CA GLU A 88 3.61 -0.55 -17.58
C GLU A 88 4.65 -1.56 -18.06
N GLY A 89 5.85 -1.51 -17.48
CA GLY A 89 6.91 -2.43 -17.87
C GLY A 89 7.62 -1.99 -19.13
N ASP A 90 7.45 -0.71 -19.48
CA ASP A 90 8.10 -0.18 -20.68
C ASP A 90 8.24 1.34 -20.58
N LYS A 91 9.26 1.88 -21.24
CA LYS A 91 9.50 3.31 -21.21
C LYS A 91 8.34 4.09 -21.81
N GLU A 92 7.80 3.57 -22.92
CA GLU A 92 6.68 4.23 -23.58
C GLU A 92 5.45 3.32 -23.61
N SER A 93 5.65 2.10 -24.10
CA SER A 93 4.57 1.12 -24.18
C SER A 93 5.02 -0.11 -24.98
N ALA A 94 5.04 -1.27 -24.34
CA ALA A 94 5.45 -2.50 -25.02
C ALA A 94 4.52 -2.79 -26.18
N GLN A 95 3.22 -2.62 -25.97
CA GLN A 95 2.25 -2.85 -27.02
C GLN A 95 0.88 -2.32 -26.61
N GLY A 96 0.49 -1.20 -27.20
CA GLY A 96 -0.79 -0.57 -26.90
C GLY A 96 -1.98 -1.46 -27.26
N GLY A 97 -1.86 -2.18 -28.37
CA GLY A 97 -2.95 -3.03 -28.82
C GLY A 97 -3.34 -4.07 -27.77
N ILE A 98 -2.36 -4.70 -27.15
CA ILE A 98 -2.64 -5.70 -26.12
C ILE A 98 -3.35 -5.05 -24.94
N GLY A 99 -2.85 -3.89 -24.53
CA GLY A 99 -3.45 -3.18 -23.40
C GLY A 99 -2.63 -3.42 -22.14
N GLU A 100 -1.77 -2.47 -21.80
CA GLU A 100 -0.94 -2.61 -20.61
C GLU A 100 -1.76 -2.46 -19.35
N ALA A 101 -1.49 -3.34 -18.39
CA ALA A 101 -2.20 -3.34 -17.11
C ALA A 101 -3.70 -3.57 -17.33
N ILE A 102 -4.20 -4.67 -16.79
CA ILE A 102 -5.61 -5.00 -16.93
C ILE A 102 -6.36 -4.80 -15.61
N VAL A 103 -7.39 -3.96 -15.65
CA VAL A 103 -8.20 -3.70 -14.46
C VAL A 103 -9.54 -4.40 -14.57
N ASP A 104 -9.99 -4.59 -15.80
CA ASP A 104 -11.28 -5.22 -16.01
C ASP A 104 -11.20 -6.72 -15.76
N ILE A 105 -11.75 -7.15 -14.63
CA ILE A 105 -11.75 -8.58 -14.30
C ILE A 105 -13.13 -9.15 -14.61
N PRO A 106 -13.23 -10.24 -15.34
CA PRO A 106 -14.55 -10.84 -15.68
C PRO A 106 -15.26 -11.36 -14.45
N GLU A 107 -14.49 -11.70 -13.42
CA GLU A 107 -15.04 -12.21 -12.18
C GLU A 107 -15.81 -11.11 -11.45
N ILE A 108 -15.32 -9.89 -11.56
CA ILE A 108 -15.96 -8.76 -10.88
C ILE A 108 -17.15 -8.25 -11.69
N PRO A 109 -18.33 -8.19 -11.12
CA PRO A 109 -19.53 -7.67 -11.84
C PRO A 109 -19.65 -6.15 -11.76
N GLY A 110 -19.22 -5.46 -12.81
CA GLY A 110 -19.29 -4.01 -12.84
C GLY A 110 -18.39 -3.37 -11.78
N PHE A 111 -17.09 -3.63 -11.86
CA PHE A 111 -16.16 -3.06 -10.88
C PHE A 111 -16.23 -1.53 -10.91
N LYS A 112 -16.69 -0.99 -12.02
CA LYS A 112 -16.81 0.46 -12.15
C LYS A 112 -17.95 0.96 -11.26
N ASP A 113 -18.89 0.07 -10.97
CA ASP A 113 -20.03 0.41 -10.14
C ASP A 113 -19.60 0.63 -8.70
N LEU A 114 -18.64 -0.18 -8.27
CA LEU A 114 -18.13 -0.09 -6.91
C LEU A 114 -17.03 0.96 -6.82
N GLU A 115 -16.78 1.44 -5.60
CA GLU A 115 -15.76 2.46 -5.38
C GLU A 115 -14.37 1.89 -5.70
N PRO A 116 -13.43 2.74 -6.03
CA PRO A 116 -12.04 2.29 -6.40
C PRO A 116 -11.33 1.51 -5.30
N MET A 117 -11.61 1.83 -4.04
CA MET A 117 -10.98 1.08 -2.95
C MET A 117 -11.38 -0.38 -3.05
N GLU A 118 -12.67 -0.60 -3.23
CA GLU A 118 -13.21 -1.95 -3.37
C GLU A 118 -12.66 -2.57 -4.64
N GLN A 119 -12.53 -1.74 -5.66
CA GLN A 119 -12.02 -2.20 -6.94
C GLN A 119 -10.62 -2.79 -6.77
N PHE A 120 -9.82 -2.18 -5.92
CA PHE A 120 -8.47 -2.67 -5.67
C PHE A 120 -8.50 -4.10 -5.13
N ILE A 121 -9.30 -4.31 -4.10
CA ILE A 121 -9.41 -5.64 -3.51
C ILE A 121 -9.91 -6.64 -4.54
N ALA A 122 -10.86 -6.19 -5.35
CA ALA A 122 -11.46 -7.05 -6.36
C ALA A 122 -10.43 -7.55 -7.38
N GLN A 123 -9.53 -6.68 -7.83
CA GLN A 123 -8.53 -7.08 -8.82
C GLN A 123 -7.57 -8.14 -8.27
N VAL A 124 -7.11 -7.96 -7.03
CA VAL A 124 -6.19 -8.91 -6.41
C VAL A 124 -6.96 -10.13 -5.87
N ASP A 125 -8.28 -9.99 -5.77
CA ASP A 125 -9.13 -11.08 -5.30
C ASP A 125 -8.88 -12.36 -6.09
N LEU A 126 -8.32 -12.22 -7.28
CA LEU A 126 -8.06 -13.38 -8.11
C LEU A 126 -7.04 -14.32 -7.47
N CYS A 127 -6.18 -13.78 -6.60
CA CYS A 127 -5.18 -14.61 -5.97
C CYS A 127 -5.81 -15.58 -4.98
N VAL A 128 -6.31 -16.70 -5.52
CA VAL A 128 -6.92 -17.73 -4.70
C VAL A 128 -5.87 -18.76 -4.30
N ASP A 129 -4.73 -18.73 -5.00
CA ASP A 129 -3.63 -19.64 -4.73
C ASP A 129 -2.56 -18.95 -3.89
N CYS A 130 -2.89 -17.79 -3.34
CA CYS A 130 -1.96 -17.02 -2.52
C CYS A 130 -1.16 -17.94 -1.60
N THR A 131 0.16 -17.92 -1.78
CA THR A 131 1.05 -18.77 -0.99
C THR A 131 1.29 -18.18 0.40
N THR A 132 1.41 -19.07 1.39
CA THR A 132 1.65 -18.64 2.77
C THR A 132 2.95 -17.84 2.86
N GLY A 133 3.98 -18.27 2.13
CA GLY A 133 5.25 -17.56 2.16
C GLY A 133 5.04 -16.11 1.71
N CYS A 134 4.21 -15.92 0.69
CA CYS A 134 3.90 -14.60 0.19
C CYS A 134 3.24 -13.79 1.31
N LEU A 135 2.30 -14.46 1.98
CA LEU A 135 1.57 -13.87 3.09
C LEU A 135 2.52 -13.47 4.21
N LYS A 136 3.53 -14.29 4.44
CA LYS A 136 4.51 -14.03 5.49
C LYS A 136 5.18 -12.68 5.28
N GLY A 137 5.48 -12.35 4.02
CA GLY A 137 6.11 -11.07 3.72
C GLY A 137 5.24 -9.91 4.21
N LEU A 138 3.93 -10.05 4.05
CA LEU A 138 2.99 -9.03 4.49
C LEU A 138 3.13 -8.80 5.99
N ALA A 139 3.23 -9.90 6.74
CA ALA A 139 3.38 -9.83 8.18
C ALA A 139 4.84 -9.63 8.60
N ASN A 140 5.75 -9.63 7.61
CA ASN A 140 7.17 -9.47 7.90
C ASN A 140 7.50 -8.04 8.32
N VAL A 141 6.70 -7.08 7.86
CA VAL A 141 6.94 -5.68 8.20
C VAL A 141 6.44 -5.33 9.60
N GLN A 142 6.01 -6.34 10.36
CA GLN A 142 5.51 -6.08 11.71
C GLN A 142 6.60 -5.50 12.60
N CYS A 143 7.83 -6.01 12.46
CA CYS A 143 8.95 -5.53 13.26
C CYS A 143 9.99 -4.81 12.40
N SER A 144 9.64 -4.46 11.18
CA SER A 144 10.56 -3.75 10.31
C SER A 144 10.95 -2.42 10.94
N ASP A 145 12.17 -1.96 10.73
CA ASP A 145 12.62 -0.72 11.32
C ASP A 145 11.71 0.45 10.92
N LEU A 146 11.16 0.39 9.71
CA LEU A 146 10.27 1.43 9.23
C LEU A 146 8.95 1.38 9.99
N LEU A 147 8.32 0.22 9.99
CA LEU A 147 7.05 0.03 10.68
C LEU A 147 7.22 0.20 12.18
N LYS A 148 8.45 -0.05 12.65
CA LYS A 148 8.75 0.04 14.08
C LYS A 148 8.50 1.45 14.60
N LYS A 149 8.99 2.45 13.89
CA LYS A 149 8.80 3.83 14.31
C LYS A 149 7.34 4.23 14.22
N TRP A 150 6.58 3.55 13.37
CA TRP A 150 5.17 3.88 13.21
C TRP A 150 4.32 3.07 14.20
N LEU A 151 4.85 1.93 14.63
CA LEU A 151 4.12 1.09 15.58
C LEU A 151 4.88 1.01 16.90
N PRO A 152 4.42 1.66 17.95
CA PRO A 152 5.11 1.61 19.28
C PRO A 152 4.89 0.28 20.01
N GLN A 153 5.88 -0.12 20.80
CA GLN A 153 5.80 -1.36 21.56
C GLN A 153 5.28 -2.52 20.70
N ARG A 154 4.92 -3.62 21.34
CA ARG A 154 4.42 -4.80 20.64
C ARG A 154 5.47 -5.35 19.68
N CYS A 155 6.73 -5.10 19.99
CA CYS A 155 7.84 -5.58 19.18
C CYS A 155 9.17 -5.05 19.72
N ALA A 156 9.48 -3.80 19.38
CA ALA A 156 10.71 -3.17 19.84
C ALA A 156 10.73 -3.05 21.36
N THR A 157 9.58 -2.69 21.93
CA THR A 157 9.44 -2.52 23.38
C THR A 157 10.27 -1.33 23.87
N PHE A 158 10.70 -0.47 22.95
CA PHE A 158 11.49 0.69 23.33
C PHE A 158 10.63 1.96 23.42
N ALA A 159 9.32 1.80 23.20
CA ALA A 159 8.42 2.95 23.26
C ALA A 159 8.95 4.11 22.42
N SER A 160 9.14 3.86 21.13
CA SER A 160 9.64 4.90 20.24
C SER A 160 8.64 5.21 19.13
N LYS A 161 8.62 6.47 18.70
CA LYS A 161 7.69 6.90 17.65
C LYS A 161 8.29 8.08 16.88
N ILE A 162 7.74 8.37 15.71
CA ILE A 162 8.22 9.48 14.90
C ILE A 162 8.28 10.76 15.73
N GLN A 163 9.37 11.50 15.56
CA GLN A 163 9.56 12.76 16.28
C GLN A 163 8.56 13.81 15.79
N GLY A 164 8.02 13.60 14.59
CA GLY A 164 7.06 14.54 14.03
C GLY A 164 7.76 15.66 13.26
N GLN A 165 6.98 16.51 12.62
CA GLN A 165 7.55 17.63 11.85
C GLN A 165 6.90 18.95 12.26
N VAL A 166 7.69 20.02 12.23
CA VAL A 166 7.19 21.33 12.59
C VAL A 166 6.73 22.10 11.35
N ASP A 167 7.13 21.64 10.17
CA ASP A 167 6.75 22.30 8.93
C ASP A 167 5.43 21.74 8.41
N LYS A 168 4.33 22.28 8.92
CA LYS A 168 3.00 21.84 8.51
C LYS A 168 2.36 22.89 7.60
N ILE A 169 1.86 22.44 6.45
CA ILE A 169 1.24 23.35 5.50
C ILE A 169 0.02 24.03 6.10
N LYS A 170 -0.82 23.27 6.80
CA LYS A 170 -2.01 23.82 7.40
C LYS A 170 -2.86 24.56 6.37
N GLY A 171 -2.97 23.97 5.18
CA GLY A 171 -3.75 24.58 4.11
C GLY A 171 -5.24 24.54 4.42
N ALA A 172 -5.98 25.48 3.83
CA ALA A 172 -7.42 25.55 4.04
C ALA A 172 -8.09 24.28 3.54
N GLY A 173 -7.63 23.77 2.40
CA GLY A 173 -8.19 22.56 1.82
C GLY A 173 -9.48 22.87 1.05
N GLY A 174 -10.17 21.83 0.61
CA GLY A 174 -11.40 22.01 -0.14
C GLY A 174 -12.54 22.47 0.76
N ASP A 175 -13.61 22.96 0.15
CA ASP A 175 -14.77 23.42 0.91
C ASP A 175 -16.05 22.78 0.40
N LEU A 30 25.66 18.76 18.35
CA LEU A 30 25.97 18.32 16.96
C LEU A 30 24.69 17.79 16.31
N ASP A 31 23.55 18.32 16.72
CA ASP A 31 22.27 17.90 16.16
C ASP A 31 22.23 18.17 14.67
N ALA A 32 22.80 19.31 14.28
CA ALA A 32 22.82 19.69 12.88
C ALA A 32 23.57 18.63 12.08
N ASP A 33 24.66 18.13 12.64
CA ASP A 33 25.44 17.08 11.98
C ASP A 33 24.59 15.83 11.85
N ARG A 34 23.83 15.53 12.90
CA ARG A 34 22.97 14.35 12.91
C ARG A 34 21.93 14.46 11.80
N GLY A 35 21.40 15.67 11.61
CA GLY A 35 20.40 15.89 10.57
C GLY A 35 19.01 15.53 11.08
N LYS A 36 18.34 16.50 11.70
CA LYS A 36 17.01 16.26 12.22
C LYS A 36 15.94 16.81 11.25
N LEU A 37 15.43 15.93 10.41
CA LEU A 37 14.40 16.30 9.44
C LEU A 37 13.24 15.31 9.49
N PRO A 38 12.38 15.43 10.46
CA PRO A 38 11.21 14.51 10.61
C PRO A 38 10.41 14.38 9.33
N GLY A 39 10.08 13.14 8.97
CA GLY A 39 9.34 12.86 7.76
C GLY A 39 7.95 13.48 7.80
N LYS A 40 7.32 13.44 8.97
CA LYS A 40 5.97 13.98 9.11
C LYS A 40 5.01 13.23 8.21
N LYS A 41 3.71 13.44 8.42
CA LYS A 41 2.70 12.76 7.60
C LYS A 41 2.99 11.26 7.59
N LEU A 42 2.39 10.53 6.65
CA LEU A 42 2.63 9.09 6.58
C LEU A 42 4.08 8.83 6.11
N PRO A 43 4.83 8.00 6.80
CA PRO A 43 6.24 7.71 6.40
C PRO A 43 6.36 6.98 5.06
N LEU A 44 7.13 7.58 4.17
CA LEU A 44 7.37 7.01 2.84
C LEU A 44 8.20 5.74 2.95
N GLU A 45 9.18 5.76 3.85
CA GLU A 45 10.06 4.61 4.03
C GLU A 45 9.28 3.38 4.48
N VAL A 46 8.37 3.58 5.42
CA VAL A 46 7.56 2.49 5.94
C VAL A 46 6.74 1.86 4.84
N LEU A 47 6.22 2.70 3.96
CA LEU A 47 5.39 2.24 2.86
C LEU A 47 6.15 1.21 2.02
N LYS A 48 7.41 1.49 1.75
CA LYS A 48 8.22 0.58 0.95
C LYS A 48 8.62 -0.67 1.74
N GLU A 49 8.68 -0.56 3.06
CA GLU A 49 9.07 -1.71 3.90
C GLU A 49 8.14 -2.90 3.76
N MET A 50 6.83 -2.66 3.80
CA MET A 50 5.88 -3.76 3.70
C MET A 50 5.91 -4.38 2.30
N GLU A 51 5.97 -3.55 1.28
CA GLU A 51 6.01 -4.04 -0.09
C GLU A 51 7.30 -4.82 -0.32
N ALA A 52 8.40 -4.29 0.20
CA ALA A 52 9.70 -4.95 0.04
C ALA A 52 9.69 -6.31 0.68
N ASN A 53 9.10 -6.41 1.87
CA ASN A 53 9.02 -7.69 2.55
C ASN A 53 8.17 -8.66 1.74
N ALA A 54 7.11 -8.16 1.13
CA ALA A 54 6.24 -9.01 0.32
C ALA A 54 7.03 -9.59 -0.85
N ARG A 55 7.84 -8.75 -1.49
CA ARG A 55 8.63 -9.19 -2.63
C ARG A 55 9.69 -10.19 -2.18
N LYS A 56 10.33 -9.90 -1.04
CA LYS A 56 11.35 -10.77 -0.48
C LYS A 56 10.75 -12.12 -0.09
N ALA A 57 9.52 -12.07 0.41
CA ALA A 57 8.82 -13.28 0.84
C ALA A 57 8.71 -14.27 -0.31
N GLY A 58 8.50 -13.76 -1.52
CA GLY A 58 8.36 -14.62 -2.67
C GLY A 58 6.92 -14.66 -3.14
N CYS A 59 6.25 -13.52 -3.04
CA CYS A 59 4.85 -13.43 -3.43
C CYS A 59 4.65 -14.03 -4.82
N THR A 60 3.64 -14.89 -4.93
CA THR A 60 3.35 -15.54 -6.20
C THR A 60 2.91 -14.51 -7.23
N ARG A 61 3.09 -14.85 -8.50
CA ARG A 61 2.71 -13.94 -9.58
C ARG A 61 1.23 -13.62 -9.49
N GLY A 62 0.44 -14.61 -9.10
CA GLY A 62 -1.00 -14.43 -8.99
C GLY A 62 -1.35 -13.31 -8.03
N CYS A 63 -0.67 -13.23 -6.88
CA CYS A 63 -0.98 -12.16 -5.93
C CYS A 63 -0.15 -10.92 -6.20
N LEU A 64 0.90 -11.05 -7.00
CA LEU A 64 1.70 -9.88 -7.33
C LEU A 64 0.76 -8.78 -7.83
N ILE A 65 -0.34 -9.22 -8.47
CA ILE A 65 -1.34 -8.31 -9.00
C ILE A 65 -2.45 -8.02 -7.97
N CYS A 66 -2.57 -8.89 -6.97
CA CYS A 66 -3.59 -8.70 -5.93
C CYS A 66 -3.24 -7.52 -5.05
N LEU A 67 -1.97 -7.08 -5.10
CA LEU A 67 -1.53 -5.96 -4.28
C LEU A 67 -0.94 -4.83 -5.12
N SER A 68 -0.28 -5.17 -6.22
CA SER A 68 0.35 -4.15 -7.07
C SER A 68 -0.59 -3.59 -8.13
N HIS A 69 -1.51 -4.40 -8.64
CA HIS A 69 -2.40 -3.93 -9.71
C HIS A 69 -3.79 -3.52 -9.21
N ILE A 70 -4.00 -3.46 -7.90
CA ILE A 70 -5.31 -3.04 -7.41
C ILE A 70 -5.39 -1.51 -7.36
N LYS A 71 -6.32 -0.96 -8.13
CA LYS A 71 -6.51 0.49 -8.16
C LYS A 71 -7.81 0.86 -7.46
N CYS A 72 -7.74 1.71 -6.45
CA CYS A 72 -8.92 2.11 -5.73
C CYS A 72 -9.64 3.26 -6.40
N THR A 73 -10.92 3.37 -6.11
CA THR A 73 -11.76 4.44 -6.63
C THR A 73 -12.15 5.37 -5.49
N PRO A 74 -12.52 6.58 -5.77
CA PRO A 74 -12.92 7.55 -4.72
C PRO A 74 -14.08 7.02 -3.88
N LYS A 75 -14.76 5.99 -4.38
CA LYS A 75 -15.89 5.40 -3.67
C LYS A 75 -15.45 4.16 -2.90
N MET A 76 -14.46 3.46 -3.44
CA MET A 76 -13.95 2.24 -2.82
C MET A 76 -13.41 2.51 -1.42
N LYS A 77 -12.63 3.57 -1.28
CA LYS A 77 -12.02 3.89 0.02
C LYS A 77 -12.85 4.84 0.86
N LYS A 78 -13.57 5.76 0.21
CA LYS A 78 -14.37 6.75 0.93
C LYS A 78 -15.45 6.08 1.80
N PHE A 79 -16.11 5.07 1.28
CA PHE A 79 -17.17 4.41 2.03
C PHE A 79 -16.69 3.15 2.76
N ILE A 80 -15.41 2.83 2.66
CA ILE A 80 -14.89 1.65 3.34
C ILE A 80 -13.60 1.99 4.09
N PRO A 81 -13.36 1.41 5.27
CA PRO A 81 -12.12 1.69 6.06
C PRO A 81 -10.85 1.33 5.29
N GLY A 82 -9.80 2.11 5.49
CA GLY A 82 -8.53 1.86 4.82
C GLY A 82 -8.03 3.10 4.08
N ARG A 83 -6.97 2.93 3.31
CA ARG A 83 -6.40 4.04 2.55
C ARG A 83 -5.73 3.54 1.28
N CYS A 84 -5.57 4.43 0.31
CA CYS A 84 -4.95 4.06 -0.96
C CYS A 84 -4.43 5.30 -1.68
N HIS A 85 -3.68 5.09 -2.76
CA HIS A 85 -3.13 6.20 -3.53
C HIS A 85 -4.23 7.08 -4.11
N THR A 86 -5.43 6.51 -4.24
CA THR A 86 -6.56 7.26 -4.79
C THR A 86 -6.31 7.66 -6.23
N TYR A 87 -7.23 7.28 -7.11
CA TYR A 87 -7.11 7.61 -8.52
C TYR A 87 -7.13 9.13 -8.70
N GLU A 88 -6.28 9.62 -9.58
CA GLU A 88 -6.17 11.06 -9.81
C GLU A 88 -7.48 11.64 -10.32
N GLY A 89 -8.13 10.91 -11.20
CA GLY A 89 -9.40 11.35 -11.77
C GLY A 89 -9.19 12.33 -12.92
N ASP A 90 -7.93 12.58 -13.27
CA ASP A 90 -7.61 13.49 -14.36
C ASP A 90 -7.61 12.75 -15.69
N LYS A 91 -8.60 13.04 -16.52
CA LYS A 91 -8.72 12.39 -17.83
C LYS A 91 -7.51 12.71 -18.70
N GLU A 92 -7.05 13.95 -18.64
CA GLU A 92 -5.91 14.37 -19.44
C GLU A 92 -4.67 13.58 -19.07
N SER A 93 -4.51 13.31 -17.78
CA SER A 93 -3.36 12.56 -17.30
C SER A 93 -3.80 11.23 -16.71
N ALA A 94 -4.84 10.65 -17.28
CA ALA A 94 -5.35 9.36 -16.81
C ALA A 94 -4.28 8.29 -16.90
N GLN A 95 -3.50 8.35 -17.97
CA GLN A 95 -2.42 7.38 -18.17
C GLN A 95 -1.10 8.08 -18.47
N GLY A 96 -0.01 7.45 -18.07
CA GLY A 96 1.32 8.01 -18.29
C GLY A 96 2.27 7.61 -17.16
N GLY A 97 2.04 8.18 -15.98
CA GLY A 97 2.86 7.86 -14.82
C GLY A 97 2.74 6.38 -14.48
N ILE A 98 1.53 5.85 -14.61
CA ILE A 98 1.28 4.44 -14.32
C ILE A 98 2.11 3.54 -15.23
N GLY A 99 2.16 3.89 -16.51
CA GLY A 99 2.91 3.10 -17.47
C GLY A 99 2.04 2.71 -18.67
N GLU A 100 1.03 3.54 -18.94
CA GLU A 100 0.14 3.29 -20.06
C GLU A 100 -0.47 1.89 -19.97
N ALA A 101 -0.76 1.50 -18.74
CA ALA A 101 -1.35 0.19 -18.49
C ALA A 101 -2.80 0.33 -18.03
N ILE A 102 -3.61 -0.67 -18.32
CA ILE A 102 -5.01 -0.63 -17.95
C ILE A 102 -5.27 -1.54 -16.75
N VAL A 103 -5.79 -0.97 -15.68
CA VAL A 103 -6.08 -1.74 -14.47
C VAL A 103 -7.26 -2.66 -14.72
N ASP A 104 -8.16 -2.21 -15.59
CA ASP A 104 -9.35 -2.99 -15.91
C ASP A 104 -8.97 -4.34 -16.49
N ILE A 105 -9.68 -5.37 -16.05
CA ILE A 105 -9.41 -6.72 -16.54
C ILE A 105 -10.48 -7.11 -17.57
N PRO A 106 -10.10 -7.57 -18.75
CA PRO A 106 -11.08 -7.95 -19.79
C PRO A 106 -11.92 -9.17 -19.41
N GLU A 107 -11.38 -9.98 -18.50
CA GLU A 107 -12.07 -11.18 -18.05
C GLU A 107 -13.29 -10.83 -17.21
N ILE A 108 -13.24 -9.67 -16.56
CA ILE A 108 -14.34 -9.24 -15.71
C ILE A 108 -15.48 -8.62 -16.54
N PRO A 109 -16.69 -9.15 -16.48
CA PRO A 109 -17.83 -8.55 -17.23
C PRO A 109 -18.42 -7.36 -16.49
N GLY A 110 -18.57 -6.24 -17.18
CA GLY A 110 -19.14 -5.05 -16.56
C GLY A 110 -18.29 -4.58 -15.37
N PHE A 111 -16.98 -4.67 -15.51
CA PHE A 111 -16.06 -4.27 -14.44
C PHE A 111 -16.29 -2.80 -14.07
N LYS A 112 -16.41 -1.95 -15.06
CA LYS A 112 -16.66 -0.53 -14.81
C LYS A 112 -18.12 -0.32 -14.43
N ASP A 113 -18.95 -1.34 -14.69
CA ASP A 113 -20.38 -1.24 -14.41
C ASP A 113 -20.76 -1.84 -13.05
N LEU A 114 -19.78 -2.35 -12.30
CA LEU A 114 -20.10 -2.93 -10.98
C LEU A 114 -19.69 -1.99 -9.86
N GLU A 115 -20.21 -2.25 -8.67
CA GLU A 115 -19.92 -1.41 -7.50
C GLU A 115 -18.43 -1.50 -7.15
N PRO A 116 -17.89 -0.51 -6.47
CA PRO A 116 -16.44 -0.48 -6.11
C PRO A 116 -16.00 -1.66 -5.27
N MET A 117 -16.88 -2.21 -4.44
CA MET A 117 -16.49 -3.36 -3.64
C MET A 117 -16.14 -4.51 -4.57
N GLU A 118 -17.02 -4.76 -5.53
CA GLU A 118 -16.82 -5.79 -6.52
C GLU A 118 -15.58 -5.47 -7.35
N GLN A 119 -15.41 -4.18 -7.62
CA GLN A 119 -14.29 -3.71 -8.41
C GLN A 119 -12.98 -4.14 -7.76
N PHE A 120 -12.88 -4.01 -6.43
CA PHE A 120 -11.67 -4.40 -5.71
C PHE A 120 -11.41 -5.90 -5.83
N ILE A 121 -12.41 -6.70 -5.49
CA ILE A 121 -12.26 -8.15 -5.54
C ILE A 121 -11.95 -8.67 -6.93
N ALA A 122 -12.58 -8.07 -7.94
CA ALA A 122 -12.39 -8.50 -9.31
C ALA A 122 -10.92 -8.36 -9.77
N GLN A 123 -10.28 -7.26 -9.41
CA GLN A 123 -8.89 -7.04 -9.81
C GLN A 123 -7.96 -8.09 -9.20
N VAL A 124 -8.21 -8.42 -7.94
CA VAL A 124 -7.41 -9.43 -7.23
C VAL A 124 -7.92 -10.85 -7.52
N ASP A 125 -9.13 -10.93 -8.07
CA ASP A 125 -9.72 -12.23 -8.39
C ASP A 125 -8.78 -13.03 -9.28
N LEU A 126 -8.04 -12.34 -10.14
CA LEU A 126 -7.11 -13.02 -11.04
C LEU A 126 -6.08 -13.84 -10.24
N CYS A 127 -5.82 -13.44 -9.02
CA CYS A 127 -4.86 -14.15 -8.19
C CYS A 127 -5.40 -15.54 -7.82
N VAL A 128 -5.20 -16.48 -8.72
CA VAL A 128 -5.64 -17.85 -8.49
C VAL A 128 -4.50 -18.65 -7.85
N ASP A 129 -3.29 -18.10 -7.91
CA ASP A 129 -2.12 -18.73 -7.35
C ASP A 129 -1.78 -18.13 -5.98
N CYS A 130 -2.71 -17.33 -5.44
CA CYS A 130 -2.52 -16.68 -4.15
C CYS A 130 -1.87 -17.63 -3.15
N THR A 131 -0.87 -17.12 -2.43
CA THR A 131 -0.18 -17.94 -1.44
C THR A 131 -0.11 -17.26 -0.08
N THR A 132 0.03 -18.06 0.96
CA THR A 132 0.11 -17.56 2.33
C THR A 132 1.38 -16.74 2.54
N GLY A 133 2.48 -17.19 1.95
CA GLY A 133 3.76 -16.50 2.10
C GLY A 133 3.69 -15.05 1.64
N CYS A 134 2.95 -14.80 0.56
CA CYS A 134 2.83 -13.43 0.06
C CYS A 134 2.23 -12.54 1.15
N LEU A 135 1.15 -13.01 1.76
CA LEU A 135 0.49 -12.27 2.82
C LEU A 135 1.43 -12.10 4.02
N LYS A 136 2.21 -13.14 4.29
CA LYS A 136 3.14 -13.13 5.42
C LYS A 136 4.13 -11.97 5.30
N GLY A 137 4.64 -11.75 4.10
CA GLY A 137 5.60 -10.66 3.89
C GLY A 137 4.98 -9.32 4.27
N LEU A 138 3.71 -9.12 3.90
CA LEU A 138 3.02 -7.89 4.23
C LEU A 138 2.89 -7.75 5.75
N ALA A 139 2.62 -8.87 6.41
CA ALA A 139 2.47 -8.88 7.86
C ALA A 139 3.83 -9.01 8.54
N ASN A 140 4.91 -9.08 7.76
CA ASN A 140 6.24 -9.21 8.32
C ASN A 140 6.68 -7.92 8.99
N VAL A 141 6.11 -6.80 8.54
CA VAL A 141 6.45 -5.50 9.11
C VAL A 141 5.59 -5.20 10.33
N GLN A 142 4.95 -6.21 10.89
CA GLN A 142 4.10 -6.01 12.05
C GLN A 142 4.91 -5.45 13.22
N CYS A 143 6.10 -5.99 13.43
CA CYS A 143 6.96 -5.52 14.51
C CYS A 143 8.42 -5.41 14.08
N SER A 144 8.64 -5.10 12.81
CA SER A 144 10.01 -4.95 12.29
C SER A 144 10.67 -3.74 12.92
N ASP A 145 11.99 -3.78 13.08
CA ASP A 145 12.73 -2.69 13.69
C ASP A 145 12.50 -1.39 12.92
N LEU A 146 12.46 -1.46 11.61
CA LEU A 146 12.23 -0.29 10.79
C LEU A 146 10.92 0.39 11.20
N LEU A 147 9.89 -0.43 11.31
CA LEU A 147 8.57 0.05 11.69
C LEU A 147 8.54 0.60 13.12
N LYS A 148 9.39 0.07 13.99
CA LYS A 148 9.41 0.52 15.38
C LYS A 148 9.72 2.01 15.51
N LYS A 149 10.71 2.47 14.74
CA LYS A 149 11.10 3.87 14.82
C LYS A 149 10.08 4.80 14.18
N TRP A 150 9.32 4.30 13.21
CA TRP A 150 8.33 5.14 12.54
C TRP A 150 7.00 5.15 13.29
N LEU A 151 6.62 4.01 13.85
CA LEU A 151 5.36 3.90 14.58
C LEU A 151 5.63 3.68 16.07
N PRO A 152 5.38 4.65 16.93
CA PRO A 152 5.60 4.51 18.40
C PRO A 152 4.59 3.56 19.05
N GLN A 153 3.48 3.32 18.36
CA GLN A 153 2.44 2.45 18.88
C GLN A 153 2.70 0.98 18.52
N ARG A 154 1.73 0.13 18.86
CA ARG A 154 1.82 -1.31 18.58
C ARG A 154 2.91 -1.98 19.42
N CYS A 155 4.10 -2.14 18.85
CA CYS A 155 5.20 -2.80 19.58
C CYS A 155 6.50 -2.01 19.45
N ALA A 156 6.38 -0.69 19.30
CA ALA A 156 7.55 0.17 19.16
C ALA A 156 8.44 0.12 20.40
N THR A 157 7.79 0.10 21.57
CA THR A 157 8.49 0.08 22.87
C THR A 157 9.72 0.99 22.87
N PHE A 158 9.53 2.22 23.32
CA PHE A 158 10.61 3.20 23.40
C PHE A 158 11.25 3.41 22.02
N ALA A 159 10.43 3.35 20.98
CA ALA A 159 10.93 3.56 19.62
C ALA A 159 10.22 4.73 18.95
N SER A 160 10.21 5.87 19.63
CA SER A 160 9.56 7.06 19.10
C SER A 160 10.55 7.98 18.41
N LYS A 161 11.75 7.48 18.14
CA LYS A 161 12.77 8.28 17.49
C LYS A 161 13.29 7.59 16.22
N ILE A 162 13.71 8.39 15.25
CA ILE A 162 14.23 7.86 13.99
C ILE A 162 15.63 8.40 13.72
N GLN A 163 16.41 7.67 12.95
CA GLN A 163 17.76 8.10 12.63
C GLN A 163 17.74 9.41 11.85
N GLY A 164 16.81 9.50 10.91
CA GLY A 164 16.66 10.70 10.10
C GLY A 164 17.54 10.66 8.85
N GLN A 165 18.45 9.68 8.79
CA GLN A 165 19.34 9.55 7.65
C GLN A 165 19.24 8.16 7.04
N VAL A 166 19.16 7.16 7.92
CA VAL A 166 19.07 5.77 7.49
C VAL A 166 20.26 5.40 6.59
N ASP A 167 21.30 6.22 6.60
CA ASP A 167 22.47 5.94 5.77
C ASP A 167 23.14 4.64 6.21
N LYS A 168 23.24 4.44 7.52
CA LYS A 168 23.88 3.24 8.05
C LYS A 168 22.82 2.33 8.68
N ILE A 169 22.85 1.05 8.32
CA ILE A 169 21.90 0.09 8.87
C ILE A 169 22.35 -0.37 10.24
N LYS A 170 21.43 -0.30 11.20
CA LYS A 170 21.73 -0.71 12.57
C LYS A 170 22.12 -2.18 12.62
N GLY A 171 21.41 -2.99 11.85
CA GLY A 171 21.70 -4.42 11.81
C GLY A 171 21.32 -5.09 13.13
N ALA A 172 22.00 -6.19 13.44
CA ALA A 172 21.72 -6.91 14.68
C ALA A 172 20.27 -7.38 14.73
N GLY A 173 19.75 -7.80 13.57
CA GLY A 173 18.38 -8.27 13.49
C GLY A 173 18.03 -8.70 12.08
N GLY A 174 16.80 -9.16 11.88
CA GLY A 174 16.35 -9.58 10.57
C GLY A 174 16.42 -8.44 9.57
N ASP A 175 16.03 -7.26 10.01
CA ASP A 175 16.04 -6.08 9.14
C ASP A 175 17.22 -5.17 9.50
N LEU A 30 11.60 4.21 -9.36
CA LEU A 30 11.35 5.31 -10.35
C LEU A 30 11.03 6.60 -9.61
N ASP A 31 11.62 7.70 -10.05
CA ASP A 31 11.38 8.99 -9.43
C ASP A 31 9.90 9.36 -9.54
N ALA A 32 9.32 9.04 -10.70
CA ALA A 32 7.91 9.32 -10.94
C ALA A 32 7.04 8.59 -9.93
N ASP A 33 7.41 7.35 -9.64
CA ASP A 33 6.67 6.56 -8.68
C ASP A 33 6.74 7.21 -7.30
N ARG A 34 7.92 7.72 -6.98
CA ARG A 34 8.13 8.38 -5.69
C ARG A 34 7.23 9.61 -5.57
N GLY A 35 7.09 10.34 -6.66
CA GLY A 35 6.27 11.54 -6.68
C GLY A 35 7.13 12.79 -6.60
N LYS A 36 6.70 13.85 -7.27
CA LYS A 36 7.45 15.10 -7.28
C LYS A 36 7.52 15.70 -5.88
N LEU A 37 6.41 15.64 -5.15
CA LEU A 37 6.37 16.18 -3.80
C LEU A 37 5.51 15.32 -2.89
N PRO A 38 6.01 14.19 -2.47
CA PRO A 38 5.27 13.25 -1.58
C PRO A 38 5.17 13.78 -0.14
N GLY A 39 4.19 13.29 0.60
CA GLY A 39 4.01 13.71 1.98
C GLY A 39 2.53 14.01 2.27
N LYS A 40 1.76 14.27 1.22
CA LYS A 40 0.34 14.55 1.39
C LYS A 40 -0.37 13.34 1.98
N LYS A 41 0.03 12.15 1.53
CA LYS A 41 -0.56 10.92 2.01
C LYS A 41 0.41 10.21 2.97
N LEU A 42 0.25 8.92 3.14
CA LEU A 42 1.13 8.16 4.03
C LEU A 42 2.56 8.19 3.49
N PRO A 43 3.56 8.02 4.31
CA PRO A 43 4.99 8.04 3.88
C PRO A 43 5.36 6.84 3.02
N LEU A 44 6.25 7.07 2.07
CA LEU A 44 6.71 6.00 1.18
C LEU A 44 7.80 5.16 1.83
N GLU A 45 8.30 5.61 2.98
CA GLU A 45 9.35 4.87 3.67
C GLU A 45 8.84 3.48 4.06
N VAL A 46 7.62 3.43 4.58
CA VAL A 46 7.02 2.16 4.98
C VAL A 46 6.48 1.42 3.75
N LEU A 47 6.18 2.17 2.70
CA LEU A 47 5.66 1.58 1.47
C LEU A 47 6.68 0.59 0.91
N LYS A 48 7.93 0.99 0.93
CA LYS A 48 9.00 0.14 0.42
C LYS A 48 9.22 -1.06 1.33
N GLU A 49 8.91 -0.90 2.62
CA GLU A 49 9.11 -1.98 3.58
C GLU A 49 8.22 -3.19 3.29
N MET A 50 6.95 -2.94 2.98
CA MET A 50 6.03 -4.03 2.71
C MET A 50 6.28 -4.61 1.32
N GLU A 51 6.53 -3.73 0.35
CA GLU A 51 6.82 -4.19 -1.01
C GLU A 51 8.10 -5.00 -1.02
N ALA A 52 9.09 -4.53 -0.27
CA ALA A 52 10.37 -5.21 -0.19
C ALA A 52 10.19 -6.61 0.37
N ASN A 53 9.34 -6.71 1.39
CA ASN A 53 9.07 -7.99 2.00
C ASN A 53 8.42 -8.92 0.98
N ALA A 54 7.53 -8.35 0.16
CA ALA A 54 6.86 -9.15 -0.87
C ALA A 54 7.86 -9.74 -1.83
N ARG A 55 8.86 -8.93 -2.21
CA ARG A 55 9.89 -9.39 -3.13
C ARG A 55 10.67 -10.52 -2.50
N LYS A 56 10.97 -10.37 -1.20
CA LYS A 56 11.70 -11.40 -0.47
C LYS A 56 10.86 -12.67 -0.40
N ALA A 57 9.56 -12.48 -0.23
CA ALA A 57 8.64 -13.61 -0.14
C ALA A 57 8.68 -14.44 -1.42
N GLY A 58 8.83 -13.78 -2.57
CA GLY A 58 8.86 -14.49 -3.83
C GLY A 58 7.45 -14.75 -4.33
N CYS A 59 6.58 -13.75 -4.12
CA CYS A 59 5.18 -13.84 -4.54
C CYS A 59 5.06 -14.51 -5.90
N THR A 60 4.13 -15.46 -6.01
CA THR A 60 3.94 -16.18 -7.26
C THR A 60 3.20 -15.32 -8.27
N ARG A 61 3.18 -15.76 -9.52
CA ARG A 61 2.49 -15.03 -10.57
C ARG A 61 1.02 -14.93 -10.27
N GLY A 62 0.48 -15.98 -9.66
CA GLY A 62 -0.93 -16.03 -9.33
C GLY A 62 -1.32 -14.86 -8.45
N CYS A 63 -0.47 -14.48 -7.49
CA CYS A 63 -0.79 -13.35 -6.63
C CYS A 63 0.05 -12.13 -6.98
N LEU A 64 0.93 -12.26 -7.94
CA LEU A 64 1.75 -11.13 -8.35
C LEU A 64 0.78 -10.04 -8.79
N ILE A 65 -0.29 -10.48 -9.43
CA ILE A 65 -1.33 -9.58 -9.92
C ILE A 65 -2.12 -8.98 -8.76
N CYS A 66 -1.95 -9.54 -7.55
CA CYS A 66 -2.65 -9.03 -6.37
C CYS A 66 -2.21 -7.61 -6.09
N LEU A 67 -1.04 -7.23 -6.60
CA LEU A 67 -0.51 -5.90 -6.35
C LEU A 67 -0.06 -5.20 -7.64
N SER A 68 0.27 -5.99 -8.67
CA SER A 68 0.72 -5.40 -9.93
C SER A 68 -0.43 -5.08 -10.88
N HIS A 69 -1.54 -5.80 -10.76
CA HIS A 69 -2.68 -5.56 -11.65
C HIS A 69 -3.78 -4.74 -10.99
N ILE A 70 -3.62 -4.40 -9.72
CA ILE A 70 -4.62 -3.61 -9.03
C ILE A 70 -4.52 -2.14 -9.44
N LYS A 71 -5.63 -1.59 -9.93
CA LYS A 71 -5.67 -0.20 -10.35
C LYS A 71 -6.60 0.58 -9.43
N CYS A 72 -6.14 1.73 -8.95
CA CYS A 72 -6.96 2.54 -8.04
C CYS A 72 -7.75 3.59 -8.79
N THR A 73 -9.06 3.59 -8.57
CA THR A 73 -9.92 4.56 -9.20
C THR A 73 -9.95 5.83 -8.34
N PRO A 74 -10.41 6.93 -8.87
CA PRO A 74 -10.46 8.22 -8.13
C PRO A 74 -11.20 8.09 -6.80
N LYS A 75 -11.99 7.03 -6.65
CA LYS A 75 -12.74 6.81 -5.42
C LYS A 75 -11.85 6.08 -4.43
N MET A 76 -11.07 5.15 -4.93
CA MET A 76 -10.16 4.37 -4.10
C MET A 76 -9.13 5.27 -3.43
N LYS A 77 -8.56 6.19 -4.19
CA LYS A 77 -7.55 7.11 -3.66
C LYS A 77 -8.15 8.07 -2.63
N LYS A 78 -9.35 8.58 -2.93
CA LYS A 78 -10.01 9.53 -2.04
C LYS A 78 -10.34 8.96 -0.66
N PHE A 79 -10.78 7.70 -0.59
CA PHE A 79 -11.14 7.12 0.70
C PHE A 79 -10.04 6.18 1.22
N ILE A 80 -9.20 5.70 0.31
CA ILE A 80 -8.12 4.80 0.70
C ILE A 80 -6.81 5.25 0.07
N PRO A 81 -6.23 6.30 0.60
CA PRO A 81 -4.94 6.85 0.08
C PRO A 81 -3.83 5.80 0.09
N GLY A 82 -3.02 5.81 -0.97
CA GLY A 82 -1.93 4.86 -1.09
C GLY A 82 -1.18 5.06 -2.40
N ARG A 83 -0.23 4.17 -2.69
CA ARG A 83 0.54 4.26 -3.92
C ARG A 83 -0.13 3.46 -5.03
N CYS A 84 -0.66 4.17 -6.03
CA CYS A 84 -1.31 3.53 -7.16
C CYS A 84 -0.77 4.10 -8.47
N HIS A 85 -0.81 3.32 -9.54
CA HIS A 85 -0.31 3.78 -10.83
C HIS A 85 -1.35 3.59 -11.93
N THR A 86 -1.52 4.63 -12.74
CA THR A 86 -2.46 4.58 -13.85
C THR A 86 -2.04 5.58 -14.93
N TYR A 87 -2.31 5.25 -16.19
CA TYR A 87 -1.95 6.14 -17.28
C TYR A 87 -2.98 6.09 -18.40
N GLU A 88 -3.03 4.95 -19.09
CA GLU A 88 -3.96 4.77 -20.20
C GLU A 88 -3.90 5.97 -21.15
N GLY A 89 -4.85 6.90 -21.04
CA GLY A 89 -4.86 8.08 -21.89
C GLY A 89 -5.26 7.73 -23.32
N ASP A 90 -5.88 6.56 -23.50
CA ASP A 90 -6.30 6.12 -24.82
C ASP A 90 -7.83 6.17 -24.95
N LYS A 91 -8.37 7.38 -25.01
CA LYS A 91 -9.82 7.54 -25.14
C LYS A 91 -10.30 6.88 -26.42
N GLU A 92 -9.57 7.12 -27.50
CA GLU A 92 -9.91 6.54 -28.80
C GLU A 92 -9.85 5.03 -28.74
N SER A 93 -8.88 4.51 -27.99
CA SER A 93 -8.71 3.07 -27.83
C SER A 93 -8.45 2.42 -29.19
N ALA A 94 -7.64 3.09 -30.01
CA ALA A 94 -7.30 2.56 -31.33
C ALA A 94 -6.59 1.22 -31.19
N GLN A 95 -5.73 1.11 -30.18
CA GLN A 95 -4.98 -0.11 -29.95
C GLN A 95 -5.92 -1.24 -29.56
N GLY A 96 -5.55 -2.47 -29.93
CA GLY A 96 -6.38 -3.63 -29.60
C GLY A 96 -5.82 -4.89 -30.23
N GLY A 97 -5.15 -4.74 -31.38
CA GLY A 97 -4.56 -5.88 -32.06
C GLY A 97 -3.52 -6.57 -31.18
N ILE A 98 -2.71 -5.77 -30.51
CA ILE A 98 -1.68 -6.30 -29.62
C ILE A 98 -2.31 -7.11 -28.50
N GLY A 99 -3.36 -6.55 -27.89
CA GLY A 99 -4.05 -7.21 -26.80
C GLY A 99 -3.65 -6.59 -25.46
N GLU A 100 -4.52 -5.73 -24.94
CA GLU A 100 -4.26 -5.07 -23.67
C GLU A 100 -5.10 -5.67 -22.55
N ALA A 101 -4.48 -5.88 -21.40
CA ALA A 101 -5.17 -6.45 -20.26
C ALA A 101 -6.21 -5.48 -19.72
N ILE A 102 -7.30 -6.02 -19.19
CA ILE A 102 -8.37 -5.19 -18.65
C ILE A 102 -8.46 -5.39 -17.13
N VAL A 103 -8.42 -4.29 -16.40
CA VAL A 103 -8.50 -4.35 -14.95
C VAL A 103 -9.85 -4.90 -14.52
N ASP A 104 -10.89 -4.44 -15.19
CA ASP A 104 -12.24 -4.88 -14.88
C ASP A 104 -12.37 -6.39 -15.10
N ILE A 105 -13.02 -7.08 -14.16
CA ILE A 105 -13.20 -8.53 -14.30
C ILE A 105 -14.68 -8.84 -14.57
N PRO A 106 -14.99 -9.63 -15.57
CA PRO A 106 -16.41 -9.97 -15.89
C PRO A 106 -17.05 -10.89 -14.85
N GLU A 107 -16.21 -11.62 -14.11
CA GLU A 107 -16.71 -12.56 -13.11
C GLU A 107 -17.26 -11.84 -11.87
N ILE A 108 -16.88 -10.58 -11.71
CA ILE A 108 -17.33 -9.82 -10.54
C ILE A 108 -18.72 -9.23 -10.77
N PRO A 109 -19.71 -9.54 -9.97
CA PRO A 109 -21.08 -8.97 -10.13
C PRO A 109 -21.17 -7.58 -9.51
N GLY A 110 -21.69 -6.62 -10.28
CA GLY A 110 -21.84 -5.26 -9.76
C GLY A 110 -20.48 -4.65 -9.42
N PHE A 111 -19.46 -5.00 -10.19
CA PHE A 111 -18.11 -4.48 -9.94
C PHE A 111 -18.09 -2.96 -9.99
N LYS A 112 -18.74 -2.39 -11.00
CA LYS A 112 -18.80 -0.95 -11.12
C LYS A 112 -19.85 -0.39 -10.15
N ASP A 113 -20.64 -1.27 -9.55
CA ASP A 113 -21.69 -0.85 -8.62
C ASP A 113 -21.25 -1.01 -7.16
N LEU A 114 -20.04 -1.49 -6.91
CA LEU A 114 -19.57 -1.65 -5.53
C LEU A 114 -18.57 -0.55 -5.17
N GLU A 115 -18.37 -0.35 -3.87
CA GLU A 115 -17.46 0.68 -3.38
C GLU A 115 -16.02 0.34 -3.80
N PRO A 116 -15.14 1.31 -3.86
CA PRO A 116 -13.73 1.06 -4.29
C PRO A 116 -13.00 0.07 -3.38
N MET A 117 -13.36 0.01 -2.11
CA MET A 117 -12.70 -0.93 -1.22
C MET A 117 -12.94 -2.34 -1.74
N GLU A 118 -14.20 -2.64 -2.04
CA GLU A 118 -14.58 -3.94 -2.57
C GLU A 118 -13.94 -4.12 -3.93
N GLN A 119 -13.86 -3.01 -4.66
CA GLN A 119 -13.29 -3.01 -5.99
C GLN A 119 -11.85 -3.55 -5.92
N PHE A 120 -11.13 -3.15 -4.88
CA PHE A 120 -9.75 -3.61 -4.70
C PHE A 120 -9.67 -5.13 -4.54
N ILE A 121 -10.46 -5.66 -3.62
CA ILE A 121 -10.48 -7.10 -3.36
C ILE A 121 -10.89 -7.87 -4.60
N ALA A 122 -11.84 -7.33 -5.34
CA ALA A 122 -12.34 -7.99 -6.52
C ALA A 122 -11.24 -8.16 -7.59
N GLN A 123 -10.41 -7.14 -7.79
CA GLN A 123 -9.35 -7.23 -8.80
C GLN A 123 -8.31 -8.29 -8.44
N VAL A 124 -7.93 -8.34 -7.16
CA VAL A 124 -6.95 -9.34 -6.70
C VAL A 124 -7.62 -10.72 -6.62
N ASP A 125 -8.94 -10.74 -6.67
CA ASP A 125 -9.69 -12.00 -6.63
C ASP A 125 -9.20 -12.97 -7.70
N LEU A 126 -8.51 -12.45 -8.71
CA LEU A 126 -8.01 -13.28 -9.78
C LEU A 126 -7.01 -14.30 -9.26
N CYS A 127 -6.38 -14.01 -8.14
CA CYS A 127 -5.41 -14.93 -7.60
C CYS A 127 -6.05 -16.27 -7.25
N VAL A 128 -5.89 -17.20 -8.15
CA VAL A 128 -6.43 -18.54 -7.97
C VAL A 128 -5.34 -19.45 -7.42
N ASP A 129 -4.09 -19.00 -7.52
CA ASP A 129 -2.95 -19.77 -7.02
C ASP A 129 -2.23 -19.03 -5.90
N CYS A 130 -2.78 -17.90 -5.46
CA CYS A 130 -2.13 -17.13 -4.41
C CYS A 130 -1.77 -18.03 -3.23
N THR A 131 -0.65 -17.72 -2.59
CA THR A 131 -0.17 -18.52 -1.47
C THR A 131 0.08 -17.65 -0.24
N THR A 132 -0.08 -18.24 0.93
CA THR A 132 0.12 -17.54 2.20
C THR A 132 1.52 -16.94 2.29
N GLY A 133 2.50 -17.57 1.64
CA GLY A 133 3.88 -17.07 1.71
C GLY A 133 3.97 -15.63 1.22
N CYS A 134 3.32 -15.33 0.09
CA CYS A 134 3.32 -13.97 -0.43
C CYS A 134 2.69 -13.03 0.59
N LEU A 135 1.58 -13.49 1.14
CA LEU A 135 0.83 -12.74 2.14
C LEU A 135 1.69 -12.48 3.38
N LYS A 136 2.50 -13.47 3.74
CA LYS A 136 3.35 -13.35 4.92
C LYS A 136 4.30 -12.16 4.80
N GLY A 137 4.86 -11.94 3.62
CA GLY A 137 5.78 -10.83 3.43
C GLY A 137 5.08 -9.51 3.74
N LEU A 138 3.85 -9.37 3.27
CA LEU A 138 3.07 -8.16 3.52
C LEU A 138 2.75 -8.04 5.00
N ALA A 139 2.46 -9.17 5.64
CA ALA A 139 2.11 -9.18 7.06
C ALA A 139 3.33 -8.89 7.95
N ASN A 140 4.52 -8.86 7.37
CA ASN A 140 5.73 -8.62 8.15
C ASN A 140 5.81 -7.17 8.64
N VAL A 141 5.12 -6.27 7.93
CA VAL A 141 5.15 -4.86 8.33
C VAL A 141 3.98 -4.50 9.24
N GLN A 142 3.26 -5.50 9.74
CA GLN A 142 2.12 -5.23 10.61
C GLN A 142 2.55 -4.52 11.89
N CYS A 143 3.68 -4.94 12.47
CA CYS A 143 4.16 -4.31 13.70
C CYS A 143 5.69 -4.16 13.71
N SER A 144 6.28 -3.95 12.54
CA SER A 144 7.72 -3.76 12.48
C SER A 144 8.09 -2.52 13.28
N ASP A 145 9.31 -2.49 13.82
CA ASP A 145 9.72 -1.35 14.65
C ASP A 145 9.58 -0.03 13.91
N LEU A 146 9.98 -0.02 12.64
CA LEU A 146 9.84 1.18 11.84
C LEU A 146 8.39 1.58 11.71
N LEU A 147 7.57 0.58 11.44
CA LEU A 147 6.14 0.80 11.25
C LEU A 147 5.48 1.31 12.53
N LYS A 148 6.07 1.01 13.69
CA LYS A 148 5.48 1.45 14.95
C LYS A 148 5.33 2.97 15.02
N LYS A 149 6.37 3.70 14.59
CA LYS A 149 6.29 5.16 14.63
C LYS A 149 5.36 5.68 13.55
N TRP A 150 5.20 4.92 12.47
CA TRP A 150 4.35 5.35 11.36
C TRP A 150 2.92 4.83 11.49
N LEU A 151 2.66 3.97 12.47
CA LEU A 151 1.31 3.43 12.67
C LEU A 151 0.71 3.95 13.99
N PRO A 152 -0.27 4.83 13.95
CA PRO A 152 -0.90 5.39 15.19
C PRO A 152 -1.77 4.37 15.92
N GLN A 153 -2.02 3.23 15.28
CA GLN A 153 -2.87 2.20 15.89
C GLN A 153 -2.16 0.84 15.96
N ARG A 154 -2.70 -0.04 16.79
CA ARG A 154 -2.16 -1.40 16.99
C ARG A 154 -0.84 -1.39 17.77
N CYS A 155 0.28 -1.28 17.06
CA CYS A 155 1.59 -1.29 17.72
C CYS A 155 2.16 0.12 17.86
N ALA A 156 1.28 1.11 17.82
CA ALA A 156 1.68 2.51 17.94
C ALA A 156 2.35 2.77 19.28
N THR A 157 1.82 2.14 20.32
CA THR A 157 2.36 2.32 21.67
C THR A 157 3.86 2.01 21.71
N PHE A 158 4.61 2.93 22.31
CA PHE A 158 6.05 2.77 22.44
C PHE A 158 6.72 2.64 21.07
N ALA A 159 8.03 2.83 21.04
CA ALA A 159 8.80 2.72 19.80
C ALA A 159 8.34 3.76 18.77
N SER A 160 8.18 5.00 19.21
CA SER A 160 7.75 6.06 18.31
C SER A 160 8.72 7.22 18.34
N LYS A 161 9.02 7.77 17.17
CA LYS A 161 9.95 8.90 17.08
C LYS A 161 9.32 10.08 16.33
N ILE A 162 8.14 9.86 15.76
CA ILE A 162 7.46 10.91 15.02
C ILE A 162 5.95 10.87 15.28
N GLN A 163 5.38 12.04 15.56
CA GLN A 163 3.95 12.14 15.82
C GLN A 163 3.41 13.47 15.33
N GLY A 164 2.29 13.43 14.61
CA GLY A 164 1.68 14.65 14.09
C GLY A 164 0.48 14.33 13.21
N GLN A 165 -0.10 15.37 12.61
CA GLN A 165 -1.26 15.18 11.73
C GLN A 165 -0.81 15.06 10.27
N VAL A 166 -1.55 14.28 9.50
CA VAL A 166 -1.23 14.07 8.10
C VAL A 166 -1.47 15.36 7.30
N ASP A 167 -2.27 16.26 7.85
CA ASP A 167 -2.57 17.51 7.17
C ASP A 167 -1.46 18.55 7.39
N LYS A 168 -0.41 18.17 8.12
CA LYS A 168 0.70 19.08 8.38
C LYS A 168 1.79 18.90 7.33
N ILE A 169 2.13 19.97 6.63
CA ILE A 169 3.15 19.91 5.59
C ILE A 169 4.31 20.84 5.94
N LYS A 170 5.52 20.28 5.95
CA LYS A 170 6.70 21.05 6.26
C LYS A 170 6.91 22.16 5.23
N GLY A 171 6.70 21.83 3.96
CA GLY A 171 6.87 22.80 2.89
C GLY A 171 5.77 23.86 2.94
N ALA A 172 6.05 25.02 2.36
CA ALA A 172 5.07 26.11 2.34
C ALA A 172 3.81 25.69 1.59
N GLY A 173 3.99 24.97 0.49
CA GLY A 173 2.85 24.52 -0.30
C GLY A 173 3.04 23.08 -0.76
N GLY A 174 1.95 22.45 -1.19
CA GLY A 174 2.00 21.06 -1.66
C GLY A 174 1.31 20.92 -3.00
N ASP A 175 1.68 19.87 -3.74
CA ASP A 175 1.10 19.63 -5.05
C ASP A 175 -0.33 19.14 -4.92
N LEU A 30 23.72 6.74 5.27
CA LEU A 30 24.27 7.47 4.11
C LEU A 30 23.13 8.03 3.26
N ASP A 31 22.15 8.63 3.93
CA ASP A 31 21.01 9.20 3.23
C ASP A 31 21.19 10.70 3.00
N ALA A 32 22.37 11.23 3.34
CA ALA A 32 22.61 12.65 3.16
C ALA A 32 22.49 13.03 1.68
N ASP A 33 23.03 12.18 0.81
CA ASP A 33 22.96 12.43 -0.61
C ASP A 33 21.52 12.43 -1.08
N ARG A 34 20.75 11.46 -0.58
CA ARG A 34 19.34 11.35 -0.94
C ARG A 34 18.47 12.09 0.08
N GLY A 35 17.17 11.89 -0.03
CA GLY A 35 16.23 12.56 0.89
C GLY A 35 14.89 11.85 0.92
N LYS A 36 14.03 12.27 1.83
CA LYS A 36 12.70 11.66 1.95
C LYS A 36 11.61 12.73 1.94
N LEU A 37 10.44 12.38 1.43
CA LEU A 37 9.33 13.33 1.37
C LEU A 37 8.04 12.62 1.77
N PRO A 38 7.91 12.29 3.03
CA PRO A 38 6.70 11.61 3.57
C PRO A 38 5.49 12.53 3.61
N GLY A 39 4.30 11.95 3.55
CA GLY A 39 3.06 12.73 3.58
C GLY A 39 1.85 11.84 3.87
N LYS A 40 0.70 12.48 4.07
CA LYS A 40 -0.52 11.75 4.35
C LYS A 40 -0.35 10.84 5.57
N LYS A 41 -1.43 10.17 5.97
CA LYS A 41 -1.38 9.28 7.12
C LYS A 41 -0.45 8.11 6.85
N LEU A 42 -0.47 7.60 5.62
CA LEU A 42 0.38 6.48 5.24
C LEU A 42 1.62 6.98 4.50
N PRO A 43 2.79 6.95 5.11
CA PRO A 43 4.05 7.41 4.44
C PRO A 43 4.49 6.47 3.32
N LEU A 44 5.29 7.00 2.41
CA LEU A 44 5.79 6.21 1.27
C LEU A 44 6.81 5.18 1.75
N GLU A 45 7.54 5.53 2.80
CA GLU A 45 8.59 4.63 3.31
C GLU A 45 8.02 3.28 3.75
N VAL A 46 6.93 3.29 4.51
CA VAL A 46 6.35 2.02 4.97
C VAL A 46 5.67 1.30 3.82
N LEU A 47 5.22 2.06 2.83
CA LEU A 47 4.56 1.48 1.68
C LEU A 47 5.51 0.53 0.96
N LYS A 48 6.75 0.97 0.79
CA LYS A 48 7.76 0.16 0.14
C LYS A 48 8.21 -1.01 1.01
N GLU A 49 8.12 -0.83 2.34
CA GLU A 49 8.57 -1.88 3.26
C GLU A 49 7.76 -3.18 3.11
N MET A 50 6.44 -3.06 3.03
CA MET A 50 5.60 -4.25 2.90
C MET A 50 5.75 -4.87 1.52
N GLU A 51 5.81 -4.03 0.50
CA GLU A 51 5.97 -4.52 -0.87
C GLU A 51 7.32 -5.22 -1.03
N ALA A 52 8.34 -4.63 -0.42
CA ALA A 52 9.69 -5.19 -0.51
C ALA A 52 9.71 -6.57 0.13
N ASN A 53 9.04 -6.70 1.26
CA ASN A 53 8.98 -7.98 1.95
C ASN A 53 8.26 -9.02 1.09
N ALA A 54 7.21 -8.57 0.39
CA ALA A 54 6.43 -9.49 -0.45
C ALA A 54 7.28 -10.11 -1.56
N ARG A 55 8.07 -9.29 -2.25
CA ARG A 55 8.92 -9.81 -3.32
C ARG A 55 10.11 -10.58 -2.75
N LYS A 56 10.65 -10.07 -1.64
CA LYS A 56 11.76 -10.74 -0.98
C LYS A 56 11.32 -12.11 -0.47
N ALA A 57 10.08 -12.17 -0.01
CA ALA A 57 9.52 -13.42 0.51
C ALA A 57 9.54 -14.50 -0.56
N GLY A 58 9.27 -14.11 -1.80
CA GLY A 58 9.25 -15.07 -2.90
C GLY A 58 7.83 -15.31 -3.36
N CYS A 59 7.02 -14.25 -3.32
CA CYS A 59 5.62 -14.35 -3.72
C CYS A 59 5.50 -14.92 -5.13
N THR A 60 4.55 -15.82 -5.32
CA THR A 60 4.35 -16.41 -6.63
C THR A 60 3.60 -15.45 -7.54
N ARG A 61 3.69 -15.68 -8.85
CA ARG A 61 2.99 -14.83 -9.81
C ARG A 61 1.51 -14.80 -9.51
N GLY A 62 1.04 -15.82 -8.79
CA GLY A 62 -0.36 -15.90 -8.44
C GLY A 62 -0.80 -14.71 -7.60
N CYS A 63 0.01 -14.28 -6.63
CA CYS A 63 -0.38 -13.14 -5.82
C CYS A 63 0.42 -11.89 -6.14
N LEU A 64 1.42 -11.99 -7.01
CA LEU A 64 2.13 -10.79 -7.36
C LEU A 64 1.14 -9.81 -7.97
N ILE A 65 0.06 -10.36 -8.55
CA ILE A 65 -0.99 -9.51 -9.13
C ILE A 65 -1.89 -8.94 -8.03
N CYS A 66 -1.79 -9.50 -6.82
CA CYS A 66 -2.57 -9.03 -5.70
C CYS A 66 -2.18 -7.59 -5.38
N LEU A 67 -1.00 -7.19 -5.83
CA LEU A 67 -0.52 -5.83 -5.56
C LEU A 67 -0.09 -5.11 -6.85
N SER A 68 0.63 -5.82 -7.72
CA SER A 68 1.11 -5.24 -8.96
C SER A 68 -0.02 -4.88 -9.93
N HIS A 69 -0.98 -5.79 -10.07
CA HIS A 69 -2.08 -5.56 -10.99
C HIS A 69 -3.17 -4.65 -10.42
N ILE A 70 -3.11 -4.39 -9.12
CA ILE A 70 -4.12 -3.53 -8.51
C ILE A 70 -3.87 -2.07 -8.87
N LYS A 71 -4.94 -1.40 -9.28
CA LYS A 71 -4.84 0.02 -9.64
C LYS A 71 -5.60 0.84 -8.60
N CYS A 72 -4.94 1.85 -8.05
CA CYS A 72 -5.58 2.70 -7.04
C CYS A 72 -6.32 3.86 -7.67
N THR A 73 -7.61 3.94 -7.37
CA THR A 73 -8.44 5.02 -7.88
C THR A 73 -8.31 6.22 -6.94
N PRO A 74 -8.74 7.37 -7.37
CA PRO A 74 -8.67 8.62 -6.54
C PRO A 74 -9.43 8.46 -5.22
N LYS A 75 -10.22 7.40 -5.10
CA LYS A 75 -11.00 7.16 -3.88
C LYS A 75 -10.57 5.88 -3.17
N MET A 76 -9.93 4.98 -3.90
CA MET A 76 -9.49 3.72 -3.33
C MET A 76 -8.45 3.94 -2.23
N LYS A 77 -7.56 4.90 -2.45
CA LYS A 77 -6.50 5.17 -1.46
C LYS A 77 -6.85 6.35 -0.54
N LYS A 78 -7.44 7.40 -1.12
CA LYS A 78 -7.76 8.59 -0.33
C LYS A 78 -8.94 8.37 0.62
N PHE A 79 -10.13 8.10 0.07
CA PHE A 79 -11.31 7.91 0.90
C PHE A 79 -11.17 6.69 1.81
N ILE A 80 -10.59 5.62 1.27
CA ILE A 80 -10.40 4.41 2.05
C ILE A 80 -8.96 3.92 1.96
N PRO A 81 -8.51 3.12 2.90
CA PRO A 81 -7.12 2.59 2.92
C PRO A 81 -6.87 1.56 1.83
N GLY A 82 -5.63 1.51 1.33
CA GLY A 82 -5.27 0.57 0.28
C GLY A 82 -3.85 0.82 -0.19
N ARG A 83 -3.36 -0.06 -1.07
CA ARG A 83 -2.01 0.09 -1.60
C ARG A 83 -1.88 -0.58 -2.96
N CYS A 84 -0.95 -0.09 -3.77
CA CYS A 84 -0.72 -0.65 -5.10
C CYS A 84 0.62 -0.19 -5.66
N HIS A 85 1.09 -0.88 -6.70
CA HIS A 85 2.35 -0.53 -7.33
C HIS A 85 2.34 -0.88 -8.81
N THR A 86 1.96 0.08 -9.65
CA THR A 86 1.92 -0.16 -11.10
C THR A 86 2.65 0.95 -11.86
N TYR A 87 3.60 0.53 -12.70
CA TYR A 87 4.35 1.49 -13.51
C TYR A 87 4.54 0.96 -14.93
N GLU A 88 4.55 1.88 -15.90
CA GLU A 88 4.73 1.50 -17.30
C GLU A 88 6.09 0.86 -17.50
N GLY A 89 7.09 1.45 -16.87
CA GLY A 89 8.46 0.95 -16.99
C GLY A 89 9.13 1.43 -18.27
N ASP A 90 8.41 2.21 -19.07
CA ASP A 90 8.96 2.73 -20.31
C ASP A 90 8.33 4.08 -20.66
N LYS A 91 9.11 5.14 -20.55
CA LYS A 91 8.61 6.49 -20.84
C LYS A 91 8.13 6.56 -22.28
N GLU A 92 8.93 6.04 -23.21
CA GLU A 92 8.57 6.06 -24.61
C GLU A 92 7.30 5.24 -24.84
N SER A 93 7.18 4.13 -24.11
CA SER A 93 6.03 3.26 -24.23
C SER A 93 5.86 2.79 -25.67
N ALA A 94 6.98 2.51 -26.34
CA ALA A 94 6.94 2.04 -27.72
C ALA A 94 6.18 0.72 -27.79
N GLN A 95 6.41 -0.13 -26.80
CA GLN A 95 5.76 -1.43 -26.76
C GLN A 95 4.67 -1.45 -25.69
N GLY A 96 3.71 -2.36 -25.84
CA GLY A 96 2.61 -2.46 -24.87
C GLY A 96 1.50 -1.45 -25.17
N GLY A 97 1.62 -0.73 -26.29
CA GLY A 97 0.60 0.25 -26.65
C GLY A 97 -0.75 -0.43 -26.83
N ILE A 98 -0.74 -1.60 -27.45
CA ILE A 98 -1.96 -2.36 -27.66
C ILE A 98 -2.61 -2.70 -26.33
N GLY A 99 -1.79 -3.15 -25.39
CA GLY A 99 -2.29 -3.52 -24.07
C GLY A 99 -2.05 -5.01 -23.80
N GLU A 100 -0.92 -5.31 -23.19
CA GLU A 100 -0.58 -6.69 -22.87
C GLU A 100 -1.61 -7.29 -21.91
N ALA A 101 -2.04 -6.48 -20.95
CA ALA A 101 -3.02 -6.94 -19.97
C ALA A 101 -3.86 -5.76 -19.46
N ILE A 102 -5.07 -6.07 -19.03
CA ILE A 102 -5.98 -5.04 -18.53
C ILE A 102 -6.19 -5.22 -17.03
N VAL A 103 -6.03 -4.13 -16.28
CA VAL A 103 -6.22 -4.19 -14.83
C VAL A 103 -7.64 -4.59 -14.52
N ASP A 104 -8.58 -3.98 -15.22
CA ASP A 104 -9.99 -4.28 -15.02
C ASP A 104 -10.25 -5.74 -15.40
N ILE A 105 -11.07 -6.43 -14.61
CA ILE A 105 -11.37 -7.82 -14.90
C ILE A 105 -12.80 -7.95 -15.46
N PRO A 106 -13.00 -8.56 -16.60
CA PRO A 106 -14.36 -8.72 -17.20
C PRO A 106 -15.23 -9.68 -16.40
N GLU A 107 -14.59 -10.54 -15.62
CA GLU A 107 -15.33 -11.52 -14.82
C GLU A 107 -16.09 -10.83 -13.67
N ILE A 108 -15.65 -9.63 -13.31
CA ILE A 108 -16.29 -8.89 -12.22
C ILE A 108 -17.54 -8.15 -12.74
N PRO A 109 -18.71 -8.41 -12.22
CA PRO A 109 -19.94 -7.71 -12.67
C PRO A 109 -20.07 -6.33 -12.02
N GLY A 110 -20.31 -5.31 -12.85
CA GLY A 110 -20.46 -3.95 -12.34
C GLY A 110 -19.19 -3.48 -11.62
N PHE A 111 -18.03 -3.91 -12.13
CA PHE A 111 -16.75 -3.54 -11.52
C PHE A 111 -16.59 -2.03 -11.47
N LYS A 112 -16.87 -1.39 -12.59
CA LYS A 112 -16.78 0.06 -12.65
C LYS A 112 -17.95 0.68 -11.88
N ASP A 113 -18.97 -0.13 -11.60
CA ASP A 113 -20.16 0.35 -10.91
C ASP A 113 -20.15 0.05 -9.41
N LEU A 114 -19.09 -0.60 -8.90
CA LEU A 114 -19.05 -0.91 -7.47
C LEU A 114 -18.15 0.08 -6.73
N GLU A 115 -18.29 0.12 -5.41
CA GLU A 115 -17.52 1.04 -4.58
C GLU A 115 -16.02 0.76 -4.73
N PRO A 116 -15.17 1.74 -4.48
CA PRO A 116 -13.68 1.59 -4.63
C PRO A 116 -13.09 0.49 -3.76
N MET A 117 -13.64 0.28 -2.57
CA MET A 117 -13.13 -0.77 -1.71
C MET A 117 -13.31 -2.12 -2.39
N GLU A 118 -14.51 -2.32 -2.91
CA GLU A 118 -14.85 -3.55 -3.62
C GLU A 118 -13.98 -3.68 -4.85
N GLN A 119 -13.73 -2.53 -5.48
CA GLN A 119 -12.92 -2.49 -6.68
C GLN A 119 -11.55 -3.08 -6.37
N PHE A 120 -11.00 -2.74 -5.20
CA PHE A 120 -9.70 -3.26 -4.79
C PHE A 120 -9.70 -4.77 -4.63
N ILE A 121 -10.64 -5.30 -3.86
CA ILE A 121 -10.70 -6.73 -3.62
C ILE A 121 -10.90 -7.52 -4.91
N ALA A 122 -11.76 -7.02 -5.78
CA ALA A 122 -12.05 -7.72 -7.03
C ALA A 122 -10.80 -7.91 -7.89
N GLN A 123 -9.95 -6.88 -7.97
CA GLN A 123 -8.75 -6.98 -8.79
C GLN A 123 -7.76 -8.04 -8.27
N VAL A 124 -7.60 -8.12 -6.95
CA VAL A 124 -6.67 -9.09 -6.35
C VAL A 124 -7.33 -10.46 -6.22
N ASP A 125 -8.65 -10.48 -6.13
CA ASP A 125 -9.38 -11.74 -6.02
C ASP A 125 -9.05 -12.68 -7.18
N LEU A 126 -8.46 -12.13 -8.24
CA LEU A 126 -8.11 -12.94 -9.40
C LEU A 126 -6.99 -13.90 -9.07
N CYS A 127 -6.33 -13.69 -7.93
CA CYS A 127 -5.24 -14.56 -7.54
C CYS A 127 -5.75 -16.00 -7.36
N VAL A 128 -5.52 -16.79 -8.38
CA VAL A 128 -5.93 -18.18 -8.35
C VAL A 128 -4.75 -19.05 -7.94
N ASP A 129 -3.55 -18.49 -8.04
CA ASP A 129 -2.34 -19.20 -7.67
C ASP A 129 -1.66 -18.56 -6.46
N CYS A 130 -2.28 -17.54 -5.88
CA CYS A 130 -1.66 -16.87 -4.74
C CYS A 130 -1.26 -17.88 -3.68
N THR A 131 -0.25 -17.53 -2.90
CA THR A 131 0.25 -18.43 -1.87
C THR A 131 0.34 -17.74 -0.51
N THR A 132 0.48 -18.55 0.53
CA THR A 132 0.58 -18.06 1.90
C THR A 132 1.82 -17.19 2.05
N GLY A 133 2.91 -17.61 1.40
CA GLY A 133 4.16 -16.86 1.48
C GLY A 133 3.97 -15.42 1.04
N CYS A 134 3.11 -15.20 0.05
CA CYS A 134 2.85 -13.85 -0.43
C CYS A 134 2.32 -13.00 0.72
N LEU A 135 1.41 -13.60 1.48
CA LEU A 135 0.81 -12.92 2.63
C LEU A 135 1.85 -12.69 3.72
N LYS A 136 2.75 -13.65 3.88
CA LYS A 136 3.78 -13.57 4.91
C LYS A 136 4.65 -12.32 4.72
N GLY A 137 5.06 -12.05 3.49
CA GLY A 137 5.89 -10.89 3.23
C GLY A 137 5.16 -9.61 3.63
N LEU A 138 3.88 -9.54 3.32
CA LEU A 138 3.08 -8.36 3.66
C LEU A 138 3.01 -8.19 5.17
N ALA A 139 2.88 -9.30 5.89
CA ALA A 139 2.79 -9.27 7.34
C ALA A 139 4.18 -9.29 7.98
N ASN A 140 5.23 -9.30 7.16
CA ASN A 140 6.59 -9.33 7.68
C ASN A 140 6.96 -8.00 8.33
N VAL A 141 6.34 -6.93 7.84
CA VAL A 141 6.62 -5.59 8.38
C VAL A 141 5.96 -5.41 9.75
N GLN A 142 5.12 -6.36 10.15
CA GLN A 142 4.44 -6.27 11.44
C GLN A 142 5.46 -6.23 12.59
N CYS A 143 5.24 -5.32 13.53
CA CYS A 143 6.14 -5.18 14.68
C CYS A 143 7.56 -4.85 14.24
N SER A 144 7.72 -4.41 12.99
CA SER A 144 9.06 -4.06 12.50
C SER A 144 9.50 -2.73 13.12
N ASP A 145 10.81 -2.50 13.18
CA ASP A 145 11.31 -1.27 13.76
C ASP A 145 10.92 -0.06 12.90
N LEU A 146 10.52 -0.33 11.66
CA LEU A 146 10.12 0.73 10.74
C LEU A 146 8.65 1.07 10.91
N LEU A 147 7.80 0.07 10.80
CA LEU A 147 6.36 0.24 10.90
C LEU A 147 5.94 0.70 12.30
N LYS A 148 6.70 0.32 13.31
CA LYS A 148 6.36 0.69 14.68
C LYS A 148 6.32 2.20 14.87
N LYS A 149 7.29 2.92 14.32
CA LYS A 149 7.33 4.36 14.47
C LYS A 149 6.32 5.09 13.57
N TRP A 150 5.86 4.44 12.50
CA TRP A 150 4.92 5.11 11.60
C TRP A 150 3.47 4.75 11.90
N LEU A 151 3.17 3.47 12.01
CA LEU A 151 1.79 3.04 12.28
C LEU A 151 1.71 2.46 13.70
N PRO A 152 0.56 2.52 14.32
CA PRO A 152 0.38 1.98 15.70
C PRO A 152 0.38 0.45 15.72
N GLN A 153 1.13 -0.12 16.64
CA GLN A 153 1.20 -1.57 16.76
C GLN A 153 1.28 -1.98 18.22
N ARG A 154 0.86 -3.21 18.50
CA ARG A 154 0.90 -3.72 19.86
C ARG A 154 2.34 -3.74 20.35
N CYS A 155 3.25 -4.12 19.44
CA CYS A 155 4.67 -4.17 19.76
C CYS A 155 5.17 -2.77 20.08
N ALA A 156 4.68 -1.79 19.32
CA ALA A 156 5.08 -0.41 19.51
C ALA A 156 4.68 0.08 20.90
N THR A 157 3.49 -0.32 21.34
CA THR A 157 3.00 0.08 22.66
C THR A 157 2.74 1.59 22.71
N PHE A 158 1.53 1.99 22.32
CA PHE A 158 1.15 3.39 22.34
C PHE A 158 2.13 4.26 21.56
N ALA A 159 2.66 3.72 20.45
CA ALA A 159 3.59 4.47 19.63
C ALA A 159 3.05 4.59 18.21
N SER A 160 3.04 5.82 17.68
CA SER A 160 2.54 6.05 16.33
C SER A 160 3.18 7.30 15.71
N LYS A 161 3.37 7.26 14.40
CA LYS A 161 3.96 8.39 13.67
C LYS A 161 5.26 8.85 14.32
N ILE A 162 5.84 9.91 13.76
CA ILE A 162 7.09 10.45 14.29
C ILE A 162 6.88 11.82 14.92
N GLN A 163 5.62 12.15 15.20
CA GLN A 163 5.30 13.45 15.82
C GLN A 163 4.35 13.25 16.99
N GLY A 164 4.45 14.14 17.98
CA GLY A 164 3.58 14.05 19.15
C GLY A 164 2.50 15.13 19.10
N GLN A 165 1.27 14.75 19.44
CA GLN A 165 0.16 15.69 19.42
C GLN A 165 0.12 16.50 20.72
N VAL A 166 -0.30 17.77 20.60
CA VAL A 166 -0.39 18.65 21.76
C VAL A 166 -1.84 18.89 22.15
N ASP A 167 -2.77 18.47 21.29
CA ASP A 167 -4.20 18.65 21.55
C ASP A 167 -4.62 17.91 22.82
N LYS A 168 -4.07 16.72 23.02
CA LYS A 168 -4.39 15.91 24.19
C LYS A 168 -3.98 16.61 25.48
N ILE A 169 -3.10 17.58 25.36
CA ILE A 169 -2.62 18.32 26.52
C ILE A 169 -2.94 19.81 26.40
N LYS A 170 -2.90 20.49 27.53
CA LYS A 170 -3.18 21.92 27.56
C LYS A 170 -2.08 22.67 28.30
N GLY A 171 -1.86 23.93 27.92
CA GLY A 171 -0.83 24.75 28.56
C GLY A 171 0.52 24.54 27.92
N ALA A 172 1.52 25.26 28.40
CA ALA A 172 2.88 25.15 27.87
C ALA A 172 3.44 23.75 28.11
N GLY A 173 4.21 23.26 27.14
CA GLY A 173 4.80 21.94 27.26
C GLY A 173 5.73 21.65 26.08
N GLY A 174 6.34 20.47 26.08
CA GLY A 174 7.25 20.09 25.01
C GLY A 174 8.40 21.07 24.90
N ASP A 175 8.67 21.53 23.68
CA ASP A 175 9.75 22.48 23.45
C ASP A 175 9.29 23.62 22.56
N LEU A 30 -0.37 21.16 21.98
CA LEU A 30 0.17 22.27 21.16
C LEU A 30 -0.51 22.27 19.80
N ASP A 31 -0.56 23.44 19.17
CA ASP A 31 -1.19 23.57 17.86
C ASP A 31 -2.63 23.09 17.93
N ALA A 32 -3.27 23.34 19.07
CA ALA A 32 -4.66 22.94 19.25
C ALA A 32 -5.55 23.66 18.25
N ASP A 33 -5.25 24.94 18.04
CA ASP A 33 -6.02 25.75 17.10
C ASP A 33 -5.86 25.19 15.68
N ARG A 34 -4.65 24.75 15.36
CA ARG A 34 -4.37 24.21 14.03
C ARG A 34 -5.24 22.98 13.78
N GLY A 35 -5.40 22.15 14.81
CA GLY A 35 -6.21 20.94 14.68
C GLY A 35 -6.18 20.14 15.97
N LYS A 36 -6.96 19.06 16.01
CA LYS A 36 -7.02 18.20 17.18
C LYS A 36 -6.42 16.84 16.88
N LEU A 37 -6.49 16.42 15.62
CA LEU A 37 -5.96 15.14 15.20
C LEU A 37 -5.13 15.27 13.92
N PRO A 38 -3.93 15.78 14.03
CA PRO A 38 -3.02 15.96 12.85
C PRO A 38 -2.48 14.63 12.35
N GLY A 39 -2.01 14.62 11.10
CA GLY A 39 -1.47 13.41 10.51
C GLY A 39 -2.51 12.69 9.67
N LYS A 40 -3.38 13.45 9.01
CA LYS A 40 -4.43 12.87 8.18
C LYS A 40 -3.82 12.04 7.05
N LYS A 41 -2.72 12.55 6.47
CA LYS A 41 -2.05 11.84 5.39
C LYS A 41 -1.35 10.60 5.92
N LEU A 42 -1.31 9.54 5.11
CA LEU A 42 -0.67 8.31 5.53
C LEU A 42 0.74 8.21 4.92
N PRO A 43 1.66 7.54 5.59
CA PRO A 43 3.06 7.37 5.08
C PRO A 43 3.16 6.46 3.87
N LEU A 44 3.99 6.87 2.91
CA LEU A 44 4.20 6.07 1.71
C LEU A 44 5.33 5.09 1.93
N GLU A 45 6.27 5.47 2.80
CA GLU A 45 7.41 4.60 3.12
C GLU A 45 6.90 3.33 3.77
N VAL A 46 5.93 3.48 4.66
CA VAL A 46 5.35 2.34 5.36
C VAL A 46 4.71 1.37 4.38
N LEU A 47 4.02 1.93 3.39
CA LEU A 47 3.34 1.14 2.39
C LEU A 47 4.31 0.24 1.63
N LYS A 48 5.45 0.79 1.25
CA LYS A 48 6.42 0.02 0.49
C LYS A 48 7.16 -1.00 1.35
N GLU A 49 7.13 -0.83 2.67
CA GLU A 49 7.81 -1.79 3.56
C GLU A 49 7.22 -3.19 3.45
N MET A 50 5.90 -3.29 3.49
CA MET A 50 5.26 -4.59 3.41
C MET A 50 5.32 -5.14 1.99
N GLU A 51 5.14 -4.26 1.01
CA GLU A 51 5.20 -4.67 -0.38
C GLU A 51 6.60 -5.14 -0.74
N ALA A 52 7.60 -4.43 -0.20
CA ALA A 52 8.99 -4.76 -0.46
C ALA A 52 9.31 -6.15 0.06
N ASN A 53 8.80 -6.46 1.25
CA ASN A 53 9.03 -7.76 1.85
C ASN A 53 8.42 -8.85 0.98
N ALA A 54 7.25 -8.57 0.41
CA ALA A 54 6.57 -9.53 -0.44
C ALA A 54 7.45 -9.88 -1.64
N ARG A 55 8.07 -8.86 -2.23
CA ARG A 55 8.95 -9.08 -3.37
C ARG A 55 10.10 -9.98 -2.97
N LYS A 56 10.69 -9.70 -1.82
CA LYS A 56 11.79 -10.49 -1.30
C LYS A 56 11.34 -11.93 -1.05
N ALA A 57 10.11 -12.06 -0.56
CA ALA A 57 9.54 -13.37 -0.26
C ALA A 57 9.44 -14.23 -1.51
N GLY A 58 9.50 -13.61 -2.69
CA GLY A 58 9.40 -14.36 -3.93
C GLY A 58 7.96 -14.80 -4.16
N CYS A 59 7.03 -13.91 -3.83
CA CYS A 59 5.60 -14.19 -3.97
C CYS A 59 5.29 -14.94 -5.26
N THR A 60 4.24 -15.77 -5.21
CA THR A 60 3.84 -16.56 -6.36
C THR A 60 2.92 -15.72 -7.24
N ARG A 61 2.73 -16.15 -8.49
CA ARG A 61 1.87 -15.42 -9.42
C ARG A 61 0.48 -15.26 -8.84
N GLY A 62 0.13 -16.14 -7.90
CA GLY A 62 -1.19 -16.07 -7.31
C GLY A 62 -1.43 -14.72 -6.67
N CYS A 63 -0.44 -14.18 -5.95
CA CYS A 63 -0.60 -12.87 -5.35
C CYS A 63 0.25 -11.83 -6.06
N LEU A 64 1.00 -12.24 -7.06
CA LEU A 64 1.80 -11.27 -7.79
C LEU A 64 0.83 -10.24 -8.34
N ILE A 65 -0.35 -10.73 -8.73
CA ILE A 65 -1.40 -9.88 -9.27
C ILE A 65 -2.08 -9.05 -8.16
N CYS A 66 -1.81 -9.42 -6.89
CA CYS A 66 -2.39 -8.69 -5.75
C CYS A 66 -1.85 -7.27 -5.73
N LEU A 67 -0.72 -7.04 -6.39
CA LEU A 67 -0.13 -5.70 -6.39
C LEU A 67 0.32 -5.31 -7.81
N SER A 68 0.76 -6.28 -8.59
CA SER A 68 1.21 -6.03 -9.94
C SER A 68 0.07 -5.63 -10.87
N HIS A 69 -1.07 -6.31 -10.74
CA HIS A 69 -2.22 -6.04 -11.60
C HIS A 69 -3.20 -5.04 -11.00
N ILE A 70 -2.96 -4.60 -9.76
CA ILE A 70 -3.88 -3.65 -9.15
C ILE A 70 -3.59 -2.23 -9.62
N LYS A 71 -4.62 -1.57 -10.13
CA LYS A 71 -4.49 -0.20 -10.60
C LYS A 71 -5.42 0.70 -9.80
N CYS A 72 -5.00 1.94 -9.55
CA CYS A 72 -5.82 2.86 -8.76
C CYS A 72 -6.48 3.92 -9.62
N THR A 73 -7.78 4.06 -9.45
CA THR A 73 -8.53 5.08 -10.16
C THR A 73 -8.27 6.42 -9.48
N PRO A 74 -8.59 7.51 -10.11
CA PRO A 74 -8.35 8.86 -9.51
C PRO A 74 -8.91 8.98 -8.10
N LYS A 75 -9.96 8.22 -7.81
CA LYS A 75 -10.58 8.25 -6.48
C LYS A 75 -9.92 7.22 -5.57
N MET A 76 -9.47 6.11 -6.16
CA MET A 76 -8.82 5.06 -5.39
C MET A 76 -7.59 5.62 -4.67
N LYS A 77 -6.78 6.35 -5.41
CA LYS A 77 -5.57 6.95 -4.85
C LYS A 77 -5.91 7.95 -3.75
N LYS A 78 -6.96 8.73 -3.99
CA LYS A 78 -7.38 9.76 -3.05
C LYS A 78 -7.77 9.17 -1.69
N PHE A 79 -8.47 8.03 -1.70
CA PHE A 79 -8.90 7.42 -0.44
C PHE A 79 -7.94 6.31 0.02
N ILE A 80 -7.10 5.82 -0.89
CA ILE A 80 -6.16 4.77 -0.55
C ILE A 80 -4.73 5.17 -0.97
N PRO A 81 -3.79 5.27 -0.05
CA PRO A 81 -2.38 5.64 -0.41
C PRO A 81 -1.67 4.51 -1.13
N GLY A 82 -0.74 4.86 -2.01
CA GLY A 82 0.03 3.85 -2.75
C GLY A 82 0.61 4.44 -4.03
N ARG A 83 1.30 3.61 -4.80
CA ARG A 83 1.90 4.05 -6.05
C ARG A 83 1.47 3.15 -7.20
N CYS A 84 0.90 3.76 -8.24
CA CYS A 84 0.46 3.01 -9.40
C CYS A 84 0.32 3.94 -10.60
N HIS A 85 0.14 3.36 -11.78
CA HIS A 85 0.02 4.15 -13.01
C HIS A 85 -0.75 3.39 -14.07
N THR A 86 -1.13 4.10 -15.14
CA THR A 86 -1.88 3.49 -16.23
C THR A 86 -1.43 4.07 -17.57
N TYR A 87 -1.74 3.36 -18.64
CA TYR A 87 -1.37 3.82 -19.96
C TYR A 87 -2.48 3.56 -20.98
N GLU A 88 -2.73 4.56 -21.82
CA GLU A 88 -3.76 4.46 -22.84
C GLU A 88 -5.09 4.02 -22.23
N GLY A 89 -5.38 2.73 -22.27
CA GLY A 89 -6.63 2.23 -21.70
C GLY A 89 -7.82 2.60 -22.58
N ASP A 90 -7.56 2.93 -23.84
CA ASP A 90 -8.62 3.32 -24.75
C ASP A 90 -9.02 2.15 -25.65
N LYS A 91 -10.30 1.77 -25.58
CA LYS A 91 -10.80 0.67 -26.39
C LYS A 91 -10.85 1.06 -27.87
N GLU A 92 -11.23 2.31 -28.11
CA GLU A 92 -11.35 2.83 -29.48
C GLU A 92 -9.98 3.01 -30.13
N SER A 93 -8.94 3.12 -29.31
CA SER A 93 -7.59 3.32 -29.85
C SER A 93 -7.11 2.06 -30.57
N ALA A 94 -6.15 2.25 -31.47
CA ALA A 94 -5.62 1.12 -32.22
C ALA A 94 -4.97 0.10 -31.28
N GLN A 95 -4.27 0.60 -30.27
CA GLN A 95 -3.60 -0.28 -29.31
C GLN A 95 -4.61 -1.15 -28.60
N GLY A 96 -5.76 -0.57 -28.24
CA GLY A 96 -6.80 -1.33 -27.56
C GLY A 96 -7.26 -2.49 -28.42
N GLY A 97 -7.37 -2.24 -29.72
CA GLY A 97 -7.78 -3.26 -30.67
C GLY A 97 -6.82 -4.44 -30.67
N ILE A 98 -5.52 -4.13 -30.55
CA ILE A 98 -4.50 -5.17 -30.54
C ILE A 98 -4.71 -6.12 -29.37
N GLY A 99 -4.97 -5.56 -28.18
CA GLY A 99 -5.20 -6.38 -27.00
C GLY A 99 -4.22 -6.04 -25.88
N GLU A 100 -4.27 -4.80 -25.40
CA GLU A 100 -3.40 -4.37 -24.31
C GLU A 100 -3.97 -4.81 -22.97
N ALA A 101 -3.15 -4.77 -21.93
CA ALA A 101 -3.61 -5.16 -20.61
C ALA A 101 -4.82 -4.34 -20.18
N ILE A 102 -5.82 -5.00 -19.62
CA ILE A 102 -7.04 -4.33 -19.19
C ILE A 102 -7.23 -4.44 -17.69
N VAL A 103 -7.42 -3.31 -17.04
CA VAL A 103 -7.63 -3.28 -15.59
C VAL A 103 -8.95 -3.97 -15.24
N ASP A 104 -9.91 -3.86 -16.16
CA ASP A 104 -11.22 -4.45 -15.95
C ASP A 104 -11.16 -5.96 -16.14
N ILE A 105 -11.43 -6.70 -15.06
CA ILE A 105 -11.43 -8.15 -15.13
C ILE A 105 -12.81 -8.62 -15.61
N PRO A 106 -12.89 -9.48 -16.60
CA PRO A 106 -14.21 -9.96 -17.12
C PRO A 106 -14.98 -10.81 -16.13
N GLU A 107 -14.26 -11.44 -15.20
CA GLU A 107 -14.88 -12.29 -14.20
C GLU A 107 -15.68 -11.47 -13.19
N ILE A 108 -15.29 -10.22 -13.00
CA ILE A 108 -15.96 -9.36 -12.04
C ILE A 108 -17.24 -8.75 -12.62
N PRO A 109 -18.39 -8.94 -11.99
CA PRO A 109 -19.66 -8.34 -12.48
C PRO A 109 -19.81 -6.89 -12.01
N GLY A 110 -20.10 -5.99 -12.96
CA GLY A 110 -20.29 -4.58 -12.60
C GLY A 110 -19.02 -3.99 -11.99
N PHE A 111 -17.86 -4.41 -12.48
CA PHE A 111 -16.59 -3.93 -11.97
C PHE A 111 -16.49 -2.41 -12.12
N LYS A 112 -16.82 -1.92 -13.30
CA LYS A 112 -16.81 -0.49 -13.55
C LYS A 112 -17.99 0.18 -12.84
N ASP A 113 -18.97 -0.62 -12.42
CA ASP A 113 -20.17 -0.10 -11.77
C ASP A 113 -20.04 -0.05 -10.25
N LEU A 114 -18.96 -0.61 -9.69
CA LEU A 114 -18.78 -0.59 -8.24
C LEU A 114 -17.81 0.51 -7.83
N GLU A 115 -17.85 0.86 -6.54
CA GLU A 115 -17.01 1.93 -6.01
C GLU A 115 -15.53 1.52 -6.08
N PRO A 116 -14.62 2.47 -6.09
CA PRO A 116 -13.16 2.18 -6.20
C PRO A 116 -12.62 1.29 -5.08
N MET A 117 -13.19 1.37 -3.89
CA MET A 117 -12.73 0.51 -2.81
C MET A 117 -12.94 -0.95 -3.20
N GLU A 118 -14.17 -1.23 -3.64
CA GLU A 118 -14.54 -2.57 -4.08
C GLU A 118 -13.73 -2.93 -5.31
N GLN A 119 -13.48 -1.92 -6.14
CA GLN A 119 -12.74 -2.09 -7.36
C GLN A 119 -11.36 -2.66 -7.03
N PHE A 120 -10.76 -2.19 -5.94
CA PHE A 120 -9.45 -2.67 -5.52
C PHE A 120 -9.48 -4.16 -5.18
N ILE A 121 -10.41 -4.55 -4.32
CA ILE A 121 -10.51 -5.94 -3.90
C ILE A 121 -10.80 -6.87 -5.07
N ALA A 122 -11.63 -6.42 -5.99
CA ALA A 122 -12.00 -7.24 -7.13
C ALA A 122 -10.79 -7.58 -8.01
N GLN A 123 -9.90 -6.62 -8.25
CA GLN A 123 -8.73 -6.88 -9.08
C GLN A 123 -7.82 -7.95 -8.47
N VAL A 124 -7.59 -7.85 -7.16
CA VAL A 124 -6.74 -8.82 -6.45
C VAL A 124 -7.54 -10.10 -6.13
N ASP A 125 -8.86 -10.00 -6.20
CA ASP A 125 -9.71 -11.16 -5.93
C ASP A 125 -9.27 -12.35 -6.78
N LEU A 126 -8.64 -12.08 -7.91
CA LEU A 126 -8.19 -13.14 -8.81
C LEU A 126 -7.16 -14.05 -8.13
N CYS A 127 -6.66 -13.64 -6.97
CA CYS A 127 -5.68 -14.42 -6.23
C CYS A 127 -6.28 -15.77 -5.81
N VAL A 128 -6.22 -16.71 -6.72
CA VAL A 128 -6.74 -18.05 -6.48
C VAL A 128 -5.59 -19.02 -6.22
N ASP A 129 -4.37 -18.64 -6.59
CA ASP A 129 -3.21 -19.51 -6.43
C ASP A 129 -2.18 -18.94 -5.46
N CYS A 130 -2.56 -17.93 -4.69
CA CYS A 130 -1.63 -17.34 -3.75
C CYS A 130 -0.99 -18.41 -2.87
N THR A 131 0.20 -18.10 -2.36
CA THR A 131 0.94 -19.05 -1.53
C THR A 131 1.19 -18.50 -0.14
N THR A 132 1.47 -19.42 0.79
CA THR A 132 1.75 -19.04 2.18
C THR A 132 3.01 -18.19 2.27
N GLY A 133 4.03 -18.56 1.52
CA GLY A 133 5.29 -17.83 1.53
C GLY A 133 5.05 -16.37 1.14
N CYS A 134 4.19 -16.17 0.16
CA CYS A 134 3.87 -14.82 -0.29
C CYS A 134 3.28 -14.01 0.86
N LEU A 135 2.36 -14.63 1.58
CA LEU A 135 1.72 -13.99 2.72
C LEU A 135 2.76 -13.65 3.79
N LYS A 136 3.73 -14.55 3.95
CA LYS A 136 4.78 -14.37 4.95
C LYS A 136 5.52 -13.05 4.70
N GLY A 137 5.77 -12.73 3.43
CA GLY A 137 6.48 -11.50 3.12
C GLY A 137 5.72 -10.30 3.68
N LEU A 138 4.40 -10.31 3.53
CA LEU A 138 3.57 -9.23 4.06
C LEU A 138 3.66 -9.22 5.58
N ALA A 139 3.74 -10.41 6.16
CA ALA A 139 3.81 -10.57 7.61
C ALA A 139 5.20 -10.23 8.16
N ASN A 140 6.13 -9.84 7.30
CA ASN A 140 7.49 -9.52 7.76
C ASN A 140 7.50 -8.22 8.57
N VAL A 141 6.55 -7.33 8.29
CA VAL A 141 6.48 -6.06 9.03
C VAL A 141 5.63 -6.20 10.29
N GLN A 142 5.31 -7.45 10.67
CA GLN A 142 4.50 -7.69 11.88
C GLN A 142 5.22 -7.22 13.13
N CYS A 143 6.52 -7.50 13.25
CA CYS A 143 7.26 -7.05 14.42
C CYS A 143 7.17 -5.54 14.47
N SER A 144 7.35 -4.95 13.28
CA SER A 144 7.26 -3.50 13.08
C SER A 144 8.53 -2.75 13.47
N ASP A 145 9.58 -2.85 12.65
CA ASP A 145 10.81 -2.13 12.92
C ASP A 145 10.66 -0.69 12.43
N LEU A 146 10.42 -0.51 11.12
CA LEU A 146 10.20 0.82 10.59
C LEU A 146 8.82 1.28 11.00
N LEU A 147 7.90 0.33 10.97
CA LEU A 147 6.52 0.58 11.33
C LEU A 147 6.48 1.14 12.75
N LYS A 148 7.53 0.87 13.53
CA LYS A 148 7.61 1.34 14.92
C LYS A 148 7.53 2.87 15.01
N LYS A 149 8.32 3.54 14.18
CA LYS A 149 8.34 5.00 14.22
C LYS A 149 7.06 5.59 13.63
N TRP A 150 6.34 4.80 12.83
CA TRP A 150 5.14 5.32 12.19
C TRP A 150 3.87 4.94 12.96
N LEU A 151 3.66 3.65 13.17
CA LEU A 151 2.47 3.18 13.88
C LEU A 151 2.85 2.22 15.03
N PRO A 152 2.01 2.11 16.04
CA PRO A 152 2.27 1.19 17.19
C PRO A 152 2.09 -0.28 16.80
N GLN A 153 2.79 -1.19 17.47
CA GLN A 153 2.67 -2.61 17.14
C GLN A 153 3.17 -3.50 18.28
N ARG A 154 3.30 -4.80 18.00
CA ARG A 154 3.74 -5.77 19.00
C ARG A 154 5.13 -5.46 19.54
N CYS A 155 6.05 -5.07 18.65
CA CYS A 155 7.41 -4.74 19.10
C CYS A 155 7.45 -3.27 19.53
N ALA A 156 6.55 -2.93 20.45
CA ALA A 156 6.44 -1.55 20.94
C ALA A 156 7.67 -1.14 21.73
N THR A 157 8.42 -2.12 22.23
CA THR A 157 9.61 -1.81 23.02
C THR A 157 10.58 -0.98 22.19
N PHE A 158 11.40 -0.20 22.88
CA PHE A 158 12.36 0.66 22.20
C PHE A 158 11.67 1.51 21.15
N ALA A 159 10.47 2.00 21.49
CA ALA A 159 9.70 2.82 20.56
C ALA A 159 10.49 4.08 20.17
N SER A 160 10.40 4.43 18.89
CA SER A 160 11.09 5.62 18.39
C SER A 160 10.25 6.33 17.33
N LYS A 161 9.37 7.23 17.79
CA LYS A 161 8.52 7.97 16.87
C LYS A 161 9.32 9.06 16.17
N ILE A 162 8.94 9.39 14.93
CA ILE A 162 9.66 10.42 14.18
C ILE A 162 9.44 11.79 14.82
N GLN A 163 8.39 11.91 15.60
CA GLN A 163 8.07 13.17 16.26
C GLN A 163 7.68 12.94 17.71
N GLY A 164 7.86 13.96 18.54
CA GLY A 164 7.52 13.85 19.96
C GLY A 164 8.52 12.98 20.70
N GLN A 165 8.07 12.37 21.78
CA GLN A 165 8.93 11.52 22.59
C GLN A 165 8.12 10.37 23.21
N VAL A 166 8.83 9.32 23.63
CA VAL A 166 8.18 8.17 24.23
C VAL A 166 8.19 8.26 25.76
N ASP A 167 8.58 9.41 26.30
CA ASP A 167 8.62 9.59 27.75
C ASP A 167 7.24 9.94 28.28
N LYS A 168 6.40 8.92 28.43
CA LYS A 168 5.05 9.13 28.94
C LYS A 168 5.06 9.45 30.42
N ILE A 169 4.08 10.23 30.86
CA ILE A 169 3.99 10.60 32.27
C ILE A 169 2.61 10.27 32.84
N LYS A 170 2.53 10.26 34.16
CA LYS A 170 1.28 9.94 34.84
C LYS A 170 0.21 10.97 34.49
N GLY A 171 0.60 12.24 34.41
CA GLY A 171 -0.34 13.30 34.08
C GLY A 171 -1.26 13.61 35.26
N ALA A 172 -0.83 13.22 36.46
CA ALA A 172 -1.63 13.46 37.66
C ALA A 172 -1.83 14.95 37.87
N GLY A 173 -0.78 15.74 37.62
CA GLY A 173 -0.86 17.18 37.79
C GLY A 173 -1.92 17.78 36.87
N GLY A 174 -2.00 17.27 35.64
CA GLY A 174 -2.98 17.76 34.68
C GLY A 174 -4.35 17.13 34.93
N ASP A 175 -5.34 17.55 34.14
CA ASP A 175 -6.68 17.01 34.28
C ASP A 175 -7.52 17.36 33.05
N LEU A 30 -13.39 27.83 5.88
CA LEU A 30 -12.12 27.92 6.66
C LEU A 30 -11.46 26.54 6.68
N ASP A 31 -11.18 26.00 5.50
CA ASP A 31 -10.54 24.70 5.40
C ASP A 31 -9.03 24.80 5.56
N ALA A 32 -8.51 26.01 5.73
CA ALA A 32 -7.07 26.19 5.92
C ALA A 32 -6.62 25.45 7.16
N ASP A 33 -7.43 25.56 8.22
CA ASP A 33 -7.14 24.89 9.47
C ASP A 33 -7.21 23.38 9.27
N ARG A 34 -8.18 22.95 8.47
CA ARG A 34 -8.36 21.53 8.20
C ARG A 34 -7.12 20.94 7.54
N GLY A 35 -6.52 21.71 6.63
CA GLY A 35 -5.32 21.27 5.93
C GLY A 35 -5.66 20.31 4.78
N LYS A 36 -6.93 20.26 4.41
CA LYS A 36 -7.36 19.38 3.33
C LYS A 36 -6.91 17.95 3.58
N LEU A 37 -7.13 17.48 4.80
CA LEU A 37 -6.75 16.11 5.16
C LEU A 37 -7.99 15.24 5.34
N PRO A 38 -8.33 14.42 4.36
CA PRO A 38 -9.53 13.52 4.46
C PRO A 38 -9.49 12.63 5.69
N GLY A 39 -8.30 12.16 6.05
CA GLY A 39 -8.15 11.29 7.22
C GLY A 39 -6.70 10.93 7.44
N LYS A 40 -6.45 10.09 8.45
CA LYS A 40 -5.08 9.68 8.77
C LYS A 40 -4.74 8.38 8.03
N LYS A 41 -3.46 8.20 7.75
CA LYS A 41 -2.99 7.01 7.06
C LYS A 41 -1.57 6.66 7.50
N LEU A 42 -1.14 5.44 7.20
CA LEU A 42 0.19 4.99 7.59
C LEU A 42 1.27 5.72 6.78
N PRO A 43 2.48 5.77 7.26
CA PRO A 43 3.60 6.46 6.55
C PRO A 43 3.88 5.86 5.17
N LEU A 44 4.27 6.72 4.24
CA LEU A 44 4.59 6.28 2.88
C LEU A 44 5.76 5.32 2.89
N GLU A 45 6.77 5.63 3.69
CA GLU A 45 7.95 4.81 3.80
C GLU A 45 7.59 3.42 4.33
N VAL A 46 6.71 3.39 5.32
CA VAL A 46 6.27 2.13 5.91
C VAL A 46 5.59 1.26 4.85
N LEU A 47 4.79 1.91 4.01
CA LEU A 47 4.09 1.21 2.95
C LEU A 47 5.08 0.46 2.07
N LYS A 48 6.19 1.10 1.80
CA LYS A 48 7.24 0.49 0.98
C LYS A 48 7.85 -0.71 1.69
N GLU A 49 7.97 -0.62 3.02
CA GLU A 49 8.58 -1.70 3.80
C GLU A 49 7.79 -3.00 3.70
N MET A 50 6.46 -2.92 3.81
CA MET A 50 5.65 -4.13 3.74
C MET A 50 5.58 -4.66 2.31
N GLU A 51 5.44 -3.75 1.34
CA GLU A 51 5.38 -4.16 -0.05
C GLU A 51 6.71 -4.81 -0.44
N ALA A 52 7.79 -4.21 0.03
CA ALA A 52 9.13 -4.72 -0.25
C ALA A 52 9.30 -6.09 0.42
N ASN A 53 8.75 -6.19 1.62
CA ASN A 53 8.84 -7.42 2.39
C ASN A 53 8.17 -8.56 1.63
N ALA A 54 7.06 -8.27 0.96
CA ALA A 54 6.34 -9.28 0.21
C ALA A 54 7.24 -9.87 -0.87
N ARG A 55 8.00 -9.02 -1.55
CA ARG A 55 8.92 -9.49 -2.58
C ARG A 55 9.97 -10.40 -1.96
N LYS A 56 10.43 -10.01 -0.77
CA LYS A 56 11.43 -10.79 -0.04
C LYS A 56 10.86 -12.15 0.30
N ALA A 57 9.58 -12.17 0.65
CA ALA A 57 8.90 -13.41 1.01
C ALA A 57 8.96 -14.41 -0.14
N GLY A 58 8.82 -13.90 -1.36
CA GLY A 58 8.86 -14.76 -2.54
C GLY A 58 7.48 -14.88 -3.16
N CYS A 59 6.73 -13.78 -3.12
CA CYS A 59 5.39 -13.75 -3.69
C CYS A 59 5.41 -14.31 -5.11
N THR A 60 4.48 -15.22 -5.39
CA THR A 60 4.41 -15.82 -6.72
C THR A 60 3.68 -14.90 -7.69
N ARG A 61 3.86 -15.15 -8.98
CA ARG A 61 3.21 -14.33 -10.00
C ARG A 61 1.71 -14.33 -9.78
N GLY A 62 1.22 -15.39 -9.15
CA GLY A 62 -0.20 -15.52 -8.90
C GLY A 62 -0.73 -14.37 -8.05
N CYS A 63 0.03 -13.94 -7.03
CA CYS A 63 -0.45 -12.83 -6.22
C CYS A 63 0.31 -11.54 -6.46
N LEU A 64 1.35 -11.57 -7.27
CA LEU A 64 2.05 -10.33 -7.55
C LEU A 64 1.04 -9.38 -8.19
N ILE A 65 0.04 -9.95 -8.87
CA ILE A 65 -1.01 -9.16 -9.50
C ILE A 65 -2.00 -8.65 -8.44
N CYS A 66 -1.94 -9.23 -7.25
CA CYS A 66 -2.82 -8.82 -6.15
C CYS A 66 -2.53 -7.37 -5.78
N LEU A 67 -1.35 -6.88 -6.17
CA LEU A 67 -0.97 -5.50 -5.84
C LEU A 67 -0.50 -4.74 -7.08
N SER A 68 0.22 -5.43 -7.96
CA SER A 68 0.76 -4.80 -9.17
C SER A 68 -0.34 -4.42 -10.16
N HIS A 69 -1.32 -5.30 -10.32
CA HIS A 69 -2.40 -5.07 -11.28
C HIS A 69 -3.57 -4.28 -10.68
N ILE A 70 -3.56 -4.05 -9.38
CA ILE A 70 -4.64 -3.31 -8.76
C ILE A 70 -4.47 -1.81 -8.94
N LYS A 71 -5.52 -1.17 -9.44
CA LYS A 71 -5.50 0.28 -9.62
C LYS A 71 -6.67 0.89 -8.86
N CYS A 72 -6.47 2.10 -8.34
CA CYS A 72 -7.50 2.75 -7.55
C CYS A 72 -8.29 3.76 -8.38
N THR A 73 -9.60 3.70 -8.25
CA THR A 73 -10.48 4.64 -8.95
C THR A 73 -10.53 5.94 -8.15
N PRO A 74 -11.00 6.99 -8.73
CA PRO A 74 -11.09 8.31 -8.04
C PRO A 74 -11.86 8.23 -6.72
N LYS A 75 -12.76 7.25 -6.63
CA LYS A 75 -13.57 7.09 -5.41
C LYS A 75 -12.83 6.22 -4.40
N MET A 76 -12.36 5.06 -4.84
CA MET A 76 -11.65 4.15 -3.96
C MET A 76 -10.41 4.81 -3.39
N LYS A 77 -9.66 5.50 -4.24
CA LYS A 77 -8.44 6.17 -3.80
C LYS A 77 -8.76 7.24 -2.73
N LYS A 78 -9.83 8.00 -2.95
CA LYS A 78 -10.21 9.07 -2.04
C LYS A 78 -10.54 8.56 -0.63
N PHE A 79 -11.32 7.49 -0.54
CA PHE A 79 -11.71 6.96 0.78
C PHE A 79 -10.77 5.87 1.26
N ILE A 80 -9.99 5.32 0.34
CA ILE A 80 -9.05 4.26 0.69
C ILE A 80 -7.68 4.60 0.11
N PRO A 81 -7.00 5.55 0.70
CA PRO A 81 -5.67 6.03 0.22
C PRO A 81 -4.57 4.99 0.36
N GLY A 82 -4.65 3.94 -0.44
CA GLY A 82 -3.64 2.89 -0.41
C GLY A 82 -2.50 3.23 -1.37
N ARG A 83 -2.61 4.37 -2.07
CA ARG A 83 -1.60 4.80 -3.02
C ARG A 83 -1.42 3.77 -4.12
N CYS A 84 -2.32 3.80 -5.09
CA CYS A 84 -2.27 2.88 -6.21
C CYS A 84 -1.24 3.35 -7.24
N HIS A 85 0.03 3.21 -6.90
CA HIS A 85 1.11 3.62 -7.80
C HIS A 85 0.96 5.09 -8.18
N THR A 86 0.54 5.90 -7.21
CA THR A 86 0.36 7.33 -7.46
C THR A 86 1.71 8.04 -7.49
N TYR A 87 1.92 8.85 -8.53
CA TYR A 87 3.16 9.60 -8.67
C TYR A 87 2.92 11.09 -8.53
N GLU A 88 3.84 11.77 -7.84
CA GLU A 88 3.71 13.20 -7.63
C GLU A 88 3.86 13.96 -8.95
N GLY A 89 4.53 13.33 -9.90
CA GLY A 89 4.72 13.95 -11.21
C GLY A 89 3.39 14.17 -11.88
N ASP A 90 2.38 13.43 -11.44
CA ASP A 90 1.04 13.55 -12.02
C ASP A 90 0.18 14.49 -11.18
N LYS A 91 0.42 14.48 -9.87
CA LYS A 91 -0.31 15.30 -8.91
C LYS A 91 -1.71 14.73 -8.65
N GLU A 92 -2.43 14.43 -9.71
CA GLU A 92 -3.77 13.87 -9.59
C GLU A 92 -4.36 13.52 -10.96
N SER A 93 -3.48 13.31 -11.94
CA SER A 93 -3.95 12.96 -13.28
C SER A 93 -4.48 11.54 -13.32
N ALA A 94 -5.57 11.35 -14.05
CA ALA A 94 -6.17 10.02 -14.17
C ALA A 94 -5.20 9.03 -14.80
N GLN A 95 -4.47 9.49 -15.81
CA GLN A 95 -3.51 8.63 -16.50
C GLN A 95 -4.21 7.40 -17.08
N GLY A 96 -3.41 6.46 -17.58
CA GLY A 96 -3.97 5.25 -18.17
C GLY A 96 -4.39 5.47 -19.62
N GLY A 97 -4.18 6.68 -20.13
CA GLY A 97 -4.54 6.98 -21.51
C GLY A 97 -3.75 6.11 -22.48
N ILE A 98 -2.48 5.90 -22.17
CA ILE A 98 -1.61 5.07 -23.00
C ILE A 98 -2.15 3.65 -23.07
N GLY A 99 -2.55 3.12 -21.93
CA GLY A 99 -3.08 1.76 -21.87
C GLY A 99 -1.99 0.77 -21.46
N GLU A 100 -1.25 1.14 -20.43
CA GLU A 100 -0.17 0.30 -19.93
C GLU A 100 -0.72 -1.03 -19.42
N ALA A 101 -1.86 -0.96 -18.76
CA ALA A 101 -2.50 -2.17 -18.22
C ALA A 101 -4.02 -2.02 -18.26
N ILE A 102 -4.71 -3.14 -18.39
CA ILE A 102 -6.17 -3.11 -18.45
C ILE A 102 -6.77 -3.39 -17.07
N VAL A 103 -7.50 -2.42 -16.56
CA VAL A 103 -8.14 -2.58 -15.25
C VAL A 103 -9.41 -3.41 -15.39
N ASP A 104 -9.98 -3.42 -16.60
CA ASP A 104 -11.20 -4.17 -16.84
C ASP A 104 -10.89 -5.65 -17.05
N ILE A 105 -11.21 -6.45 -16.04
CA ILE A 105 -10.99 -7.88 -16.13
C ILE A 105 -12.15 -8.49 -16.92
N PRO A 106 -11.90 -9.34 -17.88
CA PRO A 106 -13.01 -9.95 -18.67
C PRO A 106 -13.92 -10.81 -17.81
N GLU A 107 -13.36 -11.33 -16.72
CA GLU A 107 -14.12 -12.16 -15.79
C GLU A 107 -15.16 -11.31 -15.08
N ILE A 108 -14.80 -10.07 -14.80
CA ILE A 108 -15.70 -9.15 -14.10
C ILE A 108 -16.67 -8.50 -15.09
N PRO A 109 -17.97 -8.63 -14.92
CA PRO A 109 -18.94 -7.99 -15.84
C PRO A 109 -19.25 -6.55 -15.44
N GLY A 110 -18.60 -5.60 -16.13
CA GLY A 110 -18.83 -4.20 -15.84
C GLY A 110 -18.40 -3.84 -14.42
N PHE A 111 -17.09 -3.93 -14.15
CA PHE A 111 -16.59 -3.62 -12.82
C PHE A 111 -16.97 -2.20 -12.42
N LYS A 112 -17.18 -1.34 -13.41
CA LYS A 112 -17.56 0.04 -13.14
C LYS A 112 -18.95 0.08 -12.50
N ASP A 113 -19.73 -0.97 -12.76
CA ASP A 113 -21.08 -1.08 -12.22
C ASP A 113 -21.05 -1.33 -10.72
N LEU A 114 -20.08 -2.13 -10.29
CA LEU A 114 -19.95 -2.45 -8.87
C LEU A 114 -19.19 -1.39 -8.11
N GLU A 115 -19.36 -1.38 -6.80
CA GLU A 115 -18.71 -0.39 -5.93
C GLU A 115 -17.19 -0.46 -6.09
N PRO A 116 -16.49 0.66 -6.11
CA PRO A 116 -15.00 0.66 -6.25
C PRO A 116 -14.32 -0.26 -5.24
N MET A 117 -14.88 -0.37 -4.04
CA MET A 117 -14.31 -1.25 -3.05
C MET A 117 -14.35 -2.68 -3.58
N GLU A 118 -15.50 -3.04 -4.14
CA GLU A 118 -15.68 -4.37 -4.72
C GLU A 118 -14.73 -4.54 -5.89
N GLN A 119 -14.54 -3.46 -6.63
CA GLN A 119 -13.66 -3.47 -7.79
C GLN A 119 -12.25 -3.90 -7.38
N PHE A 120 -11.79 -3.43 -6.22
CA PHE A 120 -10.46 -3.79 -5.74
C PHE A 120 -10.33 -5.29 -5.60
N ILE A 121 -11.28 -5.89 -4.90
CA ILE A 121 -11.27 -7.34 -4.70
C ILE A 121 -11.36 -8.06 -6.04
N ALA A 122 -12.15 -7.49 -6.93
CA ALA A 122 -12.36 -8.08 -8.24
C ALA A 122 -11.07 -8.18 -9.05
N GLN A 123 -10.23 -7.14 -9.04
CA GLN A 123 -8.98 -7.17 -9.80
C GLN A 123 -7.99 -8.22 -9.26
N VAL A 124 -7.87 -8.30 -7.94
CA VAL A 124 -6.95 -9.27 -7.31
C VAL A 124 -7.55 -10.67 -7.34
N ASP A 125 -8.86 -10.77 -7.53
CA ASP A 125 -9.52 -12.06 -7.58
C ASP A 125 -8.86 -12.99 -8.60
N LEU A 126 -8.12 -12.40 -9.54
CA LEU A 126 -7.44 -13.19 -10.56
C LEU A 126 -6.38 -14.10 -9.97
N CYS A 127 -5.97 -13.83 -8.74
CA CYS A 127 -4.94 -14.64 -8.12
C CYS A 127 -5.42 -16.09 -7.97
N VAL A 128 -5.06 -16.89 -8.94
CA VAL A 128 -5.42 -18.29 -8.95
C VAL A 128 -4.26 -19.12 -8.42
N ASP A 129 -3.06 -18.52 -8.43
CA ASP A 129 -1.88 -19.20 -7.93
C ASP A 129 -1.31 -18.49 -6.70
N CYS A 130 -2.03 -17.48 -6.19
CA CYS A 130 -1.55 -16.75 -5.03
C CYS A 130 -1.17 -17.71 -3.92
N THR A 131 -0.18 -17.32 -3.13
CA THR A 131 0.32 -18.15 -2.05
C THR A 131 0.22 -17.43 -0.70
N THR A 132 -0.10 -18.19 0.34
CA THR A 132 -0.23 -17.63 1.68
C THR A 132 1.08 -16.95 2.10
N GLY A 133 2.19 -17.56 1.72
CA GLY A 133 3.51 -17.01 2.06
C GLY A 133 3.62 -15.56 1.58
N CYS A 134 3.02 -15.28 0.43
CA CYS A 134 3.06 -13.92 -0.10
C CYS A 134 2.42 -12.97 0.90
N LEU A 135 1.26 -13.36 1.42
CA LEU A 135 0.56 -12.55 2.41
C LEU A 135 1.40 -12.43 3.67
N LYS A 136 2.10 -13.52 4.01
CA LYS A 136 2.94 -13.55 5.20
C LYS A 136 4.02 -12.47 5.12
N GLY A 137 4.58 -12.28 3.92
CA GLY A 137 5.62 -11.28 3.73
C GLY A 137 5.11 -9.91 4.13
N LEU A 138 3.86 -9.63 3.78
CA LEU A 138 3.25 -8.35 4.10
C LEU A 138 3.14 -8.17 5.61
N ALA A 139 2.84 -9.27 6.31
CA ALA A 139 2.67 -9.23 7.76
C ALA A 139 4.00 -9.44 8.50
N ASN A 140 5.11 -9.52 7.77
CA ASN A 140 6.41 -9.74 8.41
C ASN A 140 7.10 -8.43 8.81
N VAL A 141 6.43 -7.29 8.58
CA VAL A 141 7.03 -6.01 8.96
C VAL A 141 6.57 -5.61 10.35
N GLN A 142 6.85 -6.47 11.34
CA GLN A 142 6.44 -6.18 12.71
C GLN A 142 7.67 -5.95 13.58
N CYS A 143 7.62 -4.89 14.39
CA CYS A 143 8.72 -4.56 15.28
C CYS A 143 10.02 -4.45 14.48
N SER A 144 9.90 -4.09 13.20
CA SER A 144 11.07 -3.94 12.34
C SER A 144 11.79 -2.64 12.65
N ASP A 145 13.06 -2.55 12.25
CA ASP A 145 13.85 -1.36 12.51
C ASP A 145 13.22 -0.14 11.83
N LEU A 146 12.73 -0.34 10.62
CA LEU A 146 12.10 0.76 9.88
C LEU A 146 10.75 1.10 10.54
N LEU A 147 9.99 0.06 10.85
CA LEU A 147 8.68 0.26 11.48
C LEU A 147 8.86 0.86 12.87
N LYS A 148 10.01 0.61 13.48
CA LYS A 148 10.29 1.11 14.83
C LYS A 148 10.19 2.62 14.90
N LYS A 149 10.84 3.32 13.98
CA LYS A 149 10.79 4.78 14.01
C LYS A 149 9.37 5.26 13.75
N TRP A 150 8.58 4.44 13.06
CA TRP A 150 7.20 4.80 12.76
C TRP A 150 6.23 4.26 13.82
N LEU A 151 6.77 3.53 14.80
CA LEU A 151 5.94 2.96 15.86
C LEU A 151 6.49 3.36 17.23
N PRO A 152 5.67 3.37 18.25
CA PRO A 152 6.12 3.74 19.63
C PRO A 152 7.13 2.73 20.19
N GLN A 153 7.42 2.85 21.48
CA GLN A 153 8.38 1.95 22.12
C GLN A 153 7.89 0.51 22.03
N ARG A 154 6.59 0.31 22.20
CA ARG A 154 6.02 -1.03 22.13
C ARG A 154 5.26 -1.20 20.82
N CYS A 155 5.40 -2.37 20.20
CA CYS A 155 4.73 -2.64 18.95
C CYS A 155 3.22 -2.61 19.15
N ALA A 156 2.77 -3.15 20.28
CA ALA A 156 1.36 -3.19 20.59
C ALA A 156 0.78 -1.79 20.71
N THR A 157 1.55 -0.89 21.32
CA THR A 157 1.09 0.48 21.51
C THR A 157 1.15 1.27 20.21
N PHE A 158 0.43 2.38 20.20
CA PHE A 158 0.38 3.24 19.02
C PHE A 158 0.84 4.66 19.38
N ALA A 159 0.64 5.59 18.46
CA ALA A 159 1.03 6.99 18.68
C ALA A 159 2.55 7.12 18.69
N SER A 160 3.10 7.54 17.56
CA SER A 160 4.55 7.70 17.44
C SER A 160 4.89 8.81 16.45
N LYS A 161 6.14 9.27 16.47
CA LYS A 161 6.56 10.34 15.56
C LYS A 161 8.04 10.19 15.21
N ILE A 162 8.48 10.97 14.22
CA ILE A 162 9.87 10.93 13.78
C ILE A 162 10.55 12.27 14.02
N GLN A 163 11.85 12.33 13.77
CA GLN A 163 12.61 13.56 13.98
C GLN A 163 12.07 14.67 13.09
N GLY A 164 11.71 14.34 11.86
CA GLY A 164 11.17 15.32 10.93
C GLY A 164 12.27 15.91 10.05
N GLN A 165 12.88 15.05 9.23
CA GLN A 165 13.94 15.49 8.33
C GLN A 165 15.09 16.12 9.12
N VAL A 166 16.14 16.51 8.39
CA VAL A 166 17.30 17.13 9.02
C VAL A 166 17.40 18.60 8.65
N ASP A 167 16.35 19.15 8.05
CA ASP A 167 16.35 20.56 7.66
C ASP A 167 16.53 21.46 8.87
N LYS A 168 15.90 21.10 9.98
CA LYS A 168 16.02 21.89 11.20
C LYS A 168 16.64 21.07 12.33
N ILE A 169 17.45 21.71 13.15
CA ILE A 169 18.10 21.03 14.26
C ILE A 169 17.93 21.81 15.56
N LYS A 170 18.19 21.13 16.67
CA LYS A 170 18.06 21.75 17.98
C LYS A 170 19.18 22.77 18.22
N GLY A 171 18.84 23.84 18.95
CA GLY A 171 19.81 24.88 19.23
C GLY A 171 19.89 25.89 18.09
N ALA A 172 20.75 26.90 18.24
CA ALA A 172 20.90 27.92 17.23
C ALA A 172 22.31 28.50 17.24
N GLY A 173 22.75 29.03 16.11
CA GLY A 173 24.08 29.61 16.02
C GLY A 173 24.11 31.01 16.61
N GLY A 174 25.30 31.62 16.63
CA GLY A 174 25.45 32.96 17.18
C GLY A 174 24.84 34.00 16.23
N ASP A 175 24.60 35.19 16.77
CA ASP A 175 24.02 36.27 15.96
C ASP A 175 24.72 37.58 16.27
N LEU A 30 -25.78 5.86 -0.46
CA LEU A 30 -24.40 5.63 -0.99
C LEU A 30 -23.50 5.16 0.15
N ASP A 31 -23.22 6.07 1.08
CA ASP A 31 -22.37 5.74 2.22
C ASP A 31 -23.02 4.64 3.05
N ALA A 32 -24.32 4.76 3.23
CA ALA A 32 -25.07 3.78 4.00
C ALA A 32 -24.98 2.40 3.37
N ASP A 33 -25.09 2.36 2.05
CA ASP A 33 -25.03 1.08 1.33
C ASP A 33 -23.68 0.41 1.53
N ARG A 34 -22.60 1.18 1.34
CA ARG A 34 -21.26 0.62 1.53
C ARG A 34 -20.96 0.42 3.01
N GLY A 35 -21.63 1.20 3.85
CA GLY A 35 -21.42 1.10 5.29
C GLY A 35 -20.52 2.23 5.79
N LYS A 36 -20.71 2.61 7.05
CA LYS A 36 -19.92 3.68 7.66
C LYS A 36 -18.69 3.12 8.38
N LEU A 37 -18.57 1.79 8.44
CA LEU A 37 -17.43 1.19 9.13
C LEU A 37 -16.14 1.46 8.36
N PRO A 38 -15.01 1.55 9.05
CA PRO A 38 -13.69 1.81 8.39
C PRO A 38 -13.17 0.60 7.61
N GLY A 39 -12.41 0.86 6.57
CA GLY A 39 -11.85 -0.22 5.76
C GLY A 39 -10.32 -0.12 5.71
N LYS A 40 -9.66 -1.05 6.39
CA LYS A 40 -8.20 -1.07 6.42
C LYS A 40 -7.65 0.23 7.04
N LYS A 41 -7.46 1.27 6.23
CA LYS A 41 -6.96 2.55 6.73
C LYS A 41 -5.58 2.41 7.39
N LEU A 42 -4.70 1.61 6.77
CA LEU A 42 -3.35 1.44 7.30
C LEU A 42 -2.38 2.38 6.59
N PRO A 43 -1.26 2.69 7.21
CA PRO A 43 -0.25 3.60 6.60
C PRO A 43 0.16 3.15 5.20
N LEU A 44 0.12 4.10 4.27
CA LEU A 44 0.49 3.82 2.88
C LEU A 44 1.94 3.41 2.76
N GLU A 45 2.83 4.12 3.45
CA GLU A 45 4.26 3.82 3.38
C GLU A 45 4.55 2.44 3.97
N VAL A 46 3.86 2.10 5.05
CA VAL A 46 4.05 0.80 5.69
C VAL A 46 3.61 -0.31 4.74
N LEU A 47 2.48 -0.06 4.08
CA LEU A 47 1.91 -1.01 3.14
C LEU A 47 2.89 -1.34 2.02
N LYS A 48 3.56 -0.32 1.53
CA LYS A 48 4.53 -0.50 0.47
C LYS A 48 5.70 -1.35 0.93
N GLU A 49 6.09 -1.19 2.18
CA GLU A 49 7.23 -1.95 2.71
C GLU A 49 6.97 -3.46 2.74
N MET A 50 5.79 -3.86 3.20
CA MET A 50 5.48 -5.29 3.25
C MET A 50 5.19 -5.81 1.85
N GLU A 51 4.52 -5.00 1.05
CA GLU A 51 4.20 -5.38 -0.31
C GLU A 51 5.49 -5.58 -1.11
N ALA A 52 6.43 -4.66 -0.92
CA ALA A 52 7.71 -4.73 -1.59
C ALA A 52 8.47 -5.97 -1.14
N ASN A 53 8.39 -6.22 0.17
CA ASN A 53 9.05 -7.36 0.76
C ASN A 53 8.47 -8.67 0.23
N ALA A 54 7.16 -8.67 0.01
CA ALA A 54 6.49 -9.88 -0.48
C ALA A 54 7.07 -10.28 -1.84
N ARG A 55 7.30 -9.30 -2.71
CA ARG A 55 7.86 -9.60 -4.02
C ARG A 55 9.24 -10.21 -3.86
N LYS A 56 10.02 -9.63 -2.95
CA LYS A 56 11.37 -10.12 -2.67
C LYS A 56 11.31 -11.55 -2.13
N ALA A 57 10.29 -11.83 -1.32
CA ALA A 57 10.13 -13.14 -0.71
C ALA A 57 10.00 -14.22 -1.78
N GLY A 58 9.30 -13.90 -2.87
CA GLY A 58 9.11 -14.87 -3.94
C GLY A 58 7.68 -15.37 -3.96
N CYS A 59 6.75 -14.47 -3.61
CA CYS A 59 5.33 -14.81 -3.57
C CYS A 59 4.92 -15.57 -4.83
N THR A 60 3.83 -16.33 -4.72
CA THR A 60 3.33 -17.12 -5.84
C THR A 60 2.53 -16.28 -6.81
N ARG A 61 2.22 -16.85 -7.97
CA ARG A 61 1.45 -16.14 -8.98
C ARG A 61 0.09 -15.72 -8.45
N GLY A 62 -0.37 -16.39 -7.39
CA GLY A 62 -1.66 -16.06 -6.80
C GLY A 62 -1.70 -14.61 -6.32
N CYS A 63 -0.63 -14.17 -5.66
CA CYS A 63 -0.59 -12.79 -5.19
C CYS A 63 0.32 -11.95 -6.09
N LEU A 64 0.96 -12.57 -7.06
CA LEU A 64 1.80 -11.80 -7.95
C LEU A 64 0.91 -10.75 -8.59
N ILE A 65 -0.30 -11.17 -8.92
CA ILE A 65 -1.28 -10.28 -9.54
C ILE A 65 -1.99 -9.42 -8.50
N CYS A 66 -1.95 -9.82 -7.23
CA CYS A 66 -2.61 -9.06 -6.18
C CYS A 66 -1.87 -7.76 -5.91
N LEU A 67 -0.62 -7.67 -6.36
CA LEU A 67 0.17 -6.47 -6.15
C LEU A 67 0.81 -5.94 -7.45
N SER A 68 1.31 -6.84 -8.29
CA SER A 68 1.96 -6.43 -9.54
C SER A 68 0.97 -5.88 -10.56
N HIS A 69 -0.18 -6.54 -10.68
CA HIS A 69 -1.16 -6.13 -11.69
C HIS A 69 -2.14 -5.08 -11.18
N ILE A 70 -2.05 -4.68 -9.93
CA ILE A 70 -2.97 -3.67 -9.42
C ILE A 70 -2.59 -2.29 -9.94
N LYS A 71 -3.49 -1.67 -10.69
CA LYS A 71 -3.24 -0.33 -11.22
C LYS A 71 -4.24 0.64 -10.60
N CYS A 72 -3.78 1.84 -10.29
CA CYS A 72 -4.65 2.83 -9.68
C CYS A 72 -5.05 3.92 -10.65
N THR A 73 -6.35 4.13 -10.77
CA THR A 73 -6.88 5.17 -11.63
C THR A 73 -6.78 6.50 -10.91
N PRO A 74 -6.87 7.59 -11.63
CA PRO A 74 -6.78 8.95 -11.01
C PRO A 74 -7.77 9.13 -9.85
N LYS A 75 -8.85 8.37 -9.87
CA LYS A 75 -9.85 8.46 -8.81
C LYS A 75 -9.28 7.84 -7.54
N MET A 76 -8.56 6.74 -7.72
CA MET A 76 -7.94 6.04 -6.62
C MET A 76 -6.95 6.97 -5.91
N LYS A 77 -6.10 7.62 -6.70
CA LYS A 77 -5.10 8.54 -6.16
C LYS A 77 -5.75 9.73 -5.45
N LYS A 78 -6.73 10.34 -6.11
CA LYS A 78 -7.40 11.52 -5.54
C LYS A 78 -8.18 11.17 -4.27
N PHE A 79 -8.95 10.09 -4.31
CA PHE A 79 -9.75 9.68 -3.16
C PHE A 79 -8.85 9.26 -2.00
N ILE A 80 -7.84 8.42 -2.29
CA ILE A 80 -6.93 7.96 -1.25
C ILE A 80 -5.64 8.79 -1.26
N PRO A 81 -5.32 9.48 -0.18
CA PRO A 81 -4.08 10.32 -0.11
C PRO A 81 -2.81 9.49 -0.38
N GLY A 82 -1.82 10.11 -1.02
CA GLY A 82 -0.57 9.43 -1.33
C GLY A 82 -0.53 9.01 -2.79
N ARG A 83 0.63 8.52 -3.22
CA ARG A 83 0.79 8.10 -4.62
C ARG A 83 0.76 6.58 -4.71
N CYS A 84 -0.17 6.06 -5.52
CA CYS A 84 -0.29 4.62 -5.69
C CYS A 84 0.99 4.03 -6.30
N HIS A 85 1.47 4.66 -7.36
CA HIS A 85 2.67 4.19 -8.04
C HIS A 85 3.81 5.20 -7.91
N THR A 86 4.85 4.82 -7.18
CA THR A 86 6.00 5.71 -6.99
C THR A 86 7.17 5.25 -7.87
N TYR A 87 7.47 3.95 -7.81
CA TYR A 87 8.56 3.40 -8.61
C TYR A 87 8.07 2.18 -9.39
N GLU A 88 8.67 1.96 -10.56
CA GLU A 88 8.28 0.83 -11.40
C GLU A 88 8.54 -0.48 -10.67
N GLY A 89 9.67 -0.54 -10.00
CA GLY A 89 10.05 -1.73 -9.24
C GLY A 89 10.33 -2.90 -10.18
N ASP A 90 10.77 -2.60 -11.39
CA ASP A 90 11.07 -3.64 -12.37
C ASP A 90 12.13 -3.18 -13.35
N LYS A 91 12.73 -4.14 -14.05
CA LYS A 91 13.78 -3.84 -15.02
C LYS A 91 13.19 -3.62 -16.42
N GLU A 92 11.87 -3.67 -16.53
CA GLU A 92 11.22 -3.47 -17.82
C GLU A 92 11.55 -4.60 -18.77
N SER A 93 11.42 -5.83 -18.27
CA SER A 93 11.72 -7.01 -19.08
C SER A 93 10.64 -7.21 -20.13
N ALA A 94 10.94 -8.02 -21.13
CA ALA A 94 10.01 -8.28 -22.21
C ALA A 94 8.71 -8.92 -21.71
N GLN A 95 8.83 -9.84 -20.74
CA GLN A 95 7.64 -10.52 -20.21
C GLN A 95 6.55 -9.50 -19.88
N GLY A 96 5.30 -9.89 -20.14
CA GLY A 96 4.17 -9.02 -19.87
C GLY A 96 3.83 -8.15 -21.08
N GLY A 97 4.70 -8.18 -22.10
CA GLY A 97 4.48 -7.39 -23.30
C GLY A 97 3.19 -7.81 -23.99
N ILE A 98 2.92 -9.11 -23.97
CA ILE A 98 1.72 -9.65 -24.59
C ILE A 98 0.47 -9.07 -23.93
N GLY A 99 0.48 -8.97 -22.62
CA GLY A 99 -0.66 -8.43 -21.89
C GLY A 99 -1.62 -9.55 -21.51
N GLU A 100 -1.05 -10.70 -21.16
CA GLU A 100 -1.84 -11.86 -20.78
C GLU A 100 -2.74 -11.54 -19.59
N ALA A 101 -2.35 -10.52 -18.82
CA ALA A 101 -3.13 -10.13 -17.64
C ALA A 101 -3.84 -8.81 -17.90
N ILE A 102 -5.13 -8.75 -17.55
CA ILE A 102 -5.91 -7.55 -17.76
C ILE A 102 -6.40 -6.99 -16.42
N VAL A 103 -6.18 -5.70 -16.20
CA VAL A 103 -6.61 -5.06 -14.97
C VAL A 103 -8.12 -5.10 -14.85
N ASP A 104 -8.79 -4.85 -15.97
CA ASP A 104 -10.24 -4.88 -15.98
C ASP A 104 -10.70 -6.33 -16.02
N ILE A 105 -11.28 -6.81 -14.92
CA ILE A 105 -11.74 -8.19 -14.86
C ILE A 105 -13.21 -8.29 -15.28
N PRO A 106 -13.56 -9.15 -16.20
CA PRO A 106 -14.98 -9.30 -16.65
C PRO A 106 -15.86 -9.94 -15.57
N GLU A 107 -15.22 -10.65 -14.65
CA GLU A 107 -15.94 -11.32 -13.57
C GLU A 107 -16.54 -10.30 -12.60
N ILE A 108 -15.90 -9.15 -12.50
CA ILE A 108 -16.36 -8.11 -11.59
C ILE A 108 -17.58 -7.37 -12.17
N PRO A 109 -18.69 -7.34 -11.48
CA PRO A 109 -19.90 -6.63 -11.98
C PRO A 109 -19.82 -5.13 -11.69
N GLY A 110 -20.03 -4.30 -12.70
CA GLY A 110 -19.99 -2.85 -12.51
C GLY A 110 -18.60 -2.39 -12.07
N PHE A 111 -17.57 -3.06 -12.58
CA PHE A 111 -16.19 -2.72 -12.21
C PHE A 111 -15.90 -1.27 -12.57
N LYS A 112 -16.25 -0.88 -13.78
CA LYS A 112 -16.05 0.49 -14.21
C LYS A 112 -17.04 1.42 -13.52
N ASP A 113 -18.09 0.82 -12.93
CA ASP A 113 -19.13 1.60 -12.26
C ASP A 113 -18.94 1.70 -10.75
N LEU A 114 -17.88 1.08 -10.21
CA LEU A 114 -17.65 1.16 -8.77
C LEU A 114 -16.53 2.13 -8.44
N GLU A 115 -16.47 2.57 -7.19
CA GLU A 115 -15.46 3.52 -6.76
C GLU A 115 -14.07 2.88 -6.84
N PRO A 116 -13.03 3.66 -6.93
CA PRO A 116 -11.65 3.09 -7.06
C PRO A 116 -11.25 2.24 -5.85
N MET A 117 -11.84 2.51 -4.69
CA MET A 117 -11.53 1.70 -3.53
C MET A 117 -11.92 0.25 -3.80
N GLU A 118 -13.15 0.07 -4.27
CA GLU A 118 -13.65 -1.24 -4.60
C GLU A 118 -12.86 -1.81 -5.77
N GLN A 119 -12.47 -0.91 -6.66
CA GLN A 119 -11.72 -1.28 -7.84
C GLN A 119 -10.42 -1.98 -7.43
N PHE A 120 -9.75 -1.47 -6.39
CA PHE A 120 -8.51 -2.08 -5.92
C PHE A 120 -8.71 -3.51 -5.47
N ILE A 121 -9.68 -3.72 -4.59
CA ILE A 121 -9.96 -5.05 -4.06
C ILE A 121 -10.34 -6.00 -5.19
N ALA A 122 -11.13 -5.49 -6.13
CA ALA A 122 -11.59 -6.31 -7.24
C ALA A 122 -10.44 -6.84 -8.10
N GLN A 123 -9.44 -6.01 -8.36
CA GLN A 123 -8.29 -6.43 -9.18
C GLN A 123 -7.53 -7.57 -8.51
N VAL A 124 -7.36 -7.46 -7.20
CA VAL A 124 -6.65 -8.50 -6.44
C VAL A 124 -7.58 -9.67 -6.15
N ASP A 125 -8.86 -9.52 -6.45
CA ASP A 125 -9.82 -10.59 -6.24
C ASP A 125 -9.35 -11.87 -6.92
N LEU A 126 -8.51 -11.71 -7.95
CA LEU A 126 -8.01 -12.85 -8.70
C LEU A 126 -7.12 -13.75 -7.85
N CYS A 127 -6.60 -13.22 -6.75
CA CYS A 127 -5.73 -13.97 -5.86
C CYS A 127 -6.49 -15.14 -5.22
N VAL A 128 -6.55 -16.23 -5.98
CA VAL A 128 -7.20 -17.44 -5.54
C VAL A 128 -6.17 -18.49 -5.14
N ASP A 129 -4.92 -18.29 -5.56
CA ASP A 129 -3.86 -19.24 -5.29
C ASP A 129 -2.75 -18.66 -4.41
N CYS A 130 -3.00 -17.52 -3.80
CA CYS A 130 -2.00 -16.90 -2.95
C CYS A 130 -1.47 -17.91 -1.94
N THR A 131 -0.21 -17.74 -1.53
CA THR A 131 0.41 -18.67 -0.59
C THR A 131 0.83 -17.96 0.70
N THR A 132 0.87 -18.72 1.79
CA THR A 132 1.24 -18.17 3.10
C THR A 132 2.65 -17.56 3.08
N GLY A 133 3.57 -18.20 2.38
CA GLY A 133 4.95 -17.71 2.31
C GLY A 133 4.98 -16.26 1.85
N CYS A 134 3.96 -15.85 1.11
CA CYS A 134 3.88 -14.48 0.63
C CYS A 134 3.83 -13.54 1.83
N LEU A 135 3.10 -13.97 2.85
CA LEU A 135 2.94 -13.20 4.08
C LEU A 135 4.26 -13.11 4.83
N LYS A 136 5.18 -14.02 4.52
CA LYS A 136 6.48 -14.02 5.20
C LYS A 136 7.16 -12.67 5.02
N GLY A 137 7.02 -12.09 3.84
CA GLY A 137 7.63 -10.79 3.57
C GLY A 137 7.09 -9.77 4.56
N LEU A 138 5.79 -9.85 4.84
CA LEU A 138 5.16 -8.94 5.79
C LEU A 138 5.79 -9.13 7.17
N ALA A 139 6.04 -10.38 7.51
CA ALA A 139 6.66 -10.70 8.79
C ALA A 139 8.06 -10.11 8.87
N ASN A 140 8.76 -10.11 7.75
CA ASN A 140 10.14 -9.62 7.70
C ASN A 140 10.23 -8.09 7.87
N VAL A 141 9.20 -7.35 7.45
CA VAL A 141 9.26 -5.90 7.60
C VAL A 141 8.98 -5.50 9.06
N GLN A 142 8.46 -6.43 9.85
CA GLN A 142 8.16 -6.16 11.25
C GLN A 142 9.44 -5.84 12.01
N CYS A 143 9.31 -5.02 13.05
CA CYS A 143 10.46 -4.64 13.86
C CYS A 143 11.50 -3.91 13.03
N SER A 144 11.06 -3.30 11.93
CA SER A 144 11.95 -2.55 11.06
C SER A 144 11.93 -1.08 11.50
N ASP A 145 13.03 -0.37 11.30
CA ASP A 145 13.10 1.02 11.71
C ASP A 145 11.88 1.82 11.28
N LEU A 146 11.47 1.68 10.02
CA LEU A 146 10.31 2.41 9.51
C LEU A 146 9.05 1.97 10.24
N LEU A 147 8.90 0.66 10.38
CA LEU A 147 7.73 0.09 11.05
C LEU A 147 7.64 0.54 12.50
N LYS A 148 8.78 0.70 13.16
CA LYS A 148 8.79 1.10 14.56
C LYS A 148 8.14 2.46 14.74
N LYS A 149 8.42 3.39 13.84
CA LYS A 149 7.85 4.73 13.97
C LYS A 149 6.34 4.72 13.73
N TRP A 150 5.84 3.71 13.01
CA TRP A 150 4.41 3.65 12.72
C TRP A 150 3.65 2.89 13.81
N LEU A 151 4.21 1.80 14.30
CA LEU A 151 3.55 1.02 15.34
C LEU A 151 3.66 1.75 16.69
N PRO A 152 2.59 1.86 17.46
CA PRO A 152 2.64 2.57 18.78
C PRO A 152 3.71 2.00 19.70
N GLN A 153 3.78 0.67 19.79
CA GLN A 153 4.76 0.02 20.63
C GLN A 153 4.70 -1.50 20.48
N ARG A 154 5.85 -2.14 20.41
CA ARG A 154 5.91 -3.60 20.28
C ARG A 154 7.32 -4.10 20.61
N CYS A 155 8.22 -4.00 19.64
CA CYS A 155 9.60 -4.43 19.85
C CYS A 155 10.57 -3.25 19.75
N ALA A 156 10.07 -2.10 19.31
CA ALA A 156 10.91 -0.92 19.17
C ALA A 156 11.46 -0.49 20.53
N THR A 157 10.61 -0.55 21.55
CA THR A 157 11.01 -0.17 22.91
C THR A 157 11.25 1.34 23.01
N PHE A 158 10.98 2.08 21.94
CA PHE A 158 11.17 3.53 21.95
C PHE A 158 9.93 4.24 21.43
N ALA A 159 9.77 5.50 21.82
CA ALA A 159 8.62 6.29 21.37
C ALA A 159 8.58 6.36 19.85
N SER A 160 7.37 6.48 19.30
CA SER A 160 7.22 6.52 17.84
C SER A 160 6.42 7.75 17.42
N LYS A 161 6.62 8.15 16.16
CA LYS A 161 5.92 9.31 15.60
C LYS A 161 4.62 8.88 14.94
N ILE A 162 3.74 9.85 14.67
CA ILE A 162 2.44 9.59 14.04
C ILE A 162 1.82 8.31 14.61
N GLN A 163 1.07 8.46 15.69
CA GLN A 163 0.44 7.31 16.33
C GLN A 163 -0.87 6.93 15.64
N GLY A 164 -1.09 5.62 15.49
CA GLY A 164 -2.31 5.13 14.87
C GLY A 164 -2.74 3.82 15.53
N GLN A 165 -3.78 3.89 16.35
CA GLN A 165 -4.27 2.70 17.05
C GLN A 165 -5.71 2.90 17.51
N VAL A 166 -6.31 1.82 18.00
CA VAL A 166 -7.68 1.86 18.49
C VAL A 166 -7.75 1.27 19.90
N ASP A 167 -7.26 2.06 20.85
CA ASP A 167 -7.25 1.63 22.25
C ASP A 167 -8.65 1.35 22.75
N LYS A 168 -9.62 2.17 22.35
CA LYS A 168 -10.99 2.00 22.78
C LYS A 168 -11.52 0.63 22.34
N ILE A 169 -12.08 -0.11 23.30
CA ILE A 169 -12.63 -1.44 23.01
C ILE A 169 -13.99 -1.62 23.65
N LYS A 170 -14.65 -2.70 23.28
CA LYS A 170 -15.97 -3.01 23.81
C LYS A 170 -15.92 -3.19 25.33
N GLY A 171 -14.85 -3.83 25.80
CA GLY A 171 -14.68 -4.06 27.23
C GLY A 171 -15.43 -5.31 27.69
N ALA A 172 -15.99 -6.06 26.75
CA ALA A 172 -16.73 -7.27 27.09
C ALA A 172 -15.81 -8.28 27.79
N GLY A 173 -14.57 -8.37 27.32
CA GLY A 173 -13.60 -9.28 27.92
C GLY A 173 -13.77 -10.71 27.39
N GLY A 174 -14.69 -10.90 26.43
CA GLY A 174 -14.93 -12.22 25.86
C GLY A 174 -15.80 -12.13 24.62
N ASP A 175 -15.99 -13.26 23.95
CA ASP A 175 -16.80 -13.31 22.74
C ASP A 175 -17.98 -14.25 22.92
N LEU A 30 -11.95 17.91 6.93
CA LEU A 30 -11.44 17.36 5.65
C LEU A 30 -9.97 17.71 5.49
N ASP A 31 -9.69 18.99 5.36
CA ASP A 31 -8.31 19.46 5.20
C ASP A 31 -7.68 18.83 3.96
N ALA A 32 -8.51 18.55 2.97
CA ALA A 32 -8.01 17.97 1.73
C ALA A 32 -7.03 18.92 1.06
N ASP A 33 -7.41 20.19 1.03
CA ASP A 33 -6.54 21.22 0.44
C ASP A 33 -5.31 21.40 1.31
N ARG A 34 -5.54 21.39 2.62
CA ARG A 34 -4.46 21.56 3.58
C ARG A 34 -3.62 20.29 3.66
N GLY A 35 -2.39 20.44 4.11
CA GLY A 35 -1.47 19.32 4.23
C GLY A 35 -1.58 18.65 5.60
N LYS A 36 -2.47 19.15 6.45
CA LYS A 36 -2.64 18.57 7.79
C LYS A 36 -3.33 17.22 7.73
N LEU A 37 -2.87 16.28 8.56
CA LEU A 37 -3.44 14.94 8.60
C LEU A 37 -4.13 14.71 9.95
N PRO A 38 -5.43 14.92 10.04
CA PRO A 38 -6.19 14.71 11.31
C PRO A 38 -5.99 13.32 11.90
N GLY A 39 -5.88 12.31 11.04
CA GLY A 39 -5.69 10.95 11.51
C GLY A 39 -5.42 10.00 10.35
N LYS A 40 -5.32 8.70 10.65
CA LYS A 40 -5.07 7.71 9.62
C LYS A 40 -3.77 8.03 8.87
N LYS A 41 -2.72 8.31 9.64
CA LYS A 41 -1.43 8.66 9.05
C LYS A 41 -0.66 7.40 8.65
N LEU A 42 -0.34 7.31 7.36
CA LEU A 42 0.42 6.17 6.85
C LEU A 42 1.78 6.65 6.30
N PRO A 43 2.86 6.49 7.03
CA PRO A 43 4.20 6.93 6.54
C PRO A 43 4.59 6.25 5.24
N LEU A 44 5.14 7.02 4.31
CA LEU A 44 5.57 6.48 3.03
C LEU A 44 6.67 5.45 3.22
N GLU A 45 7.64 5.80 4.04
CA GLU A 45 8.77 4.92 4.28
C GLU A 45 8.30 3.60 4.90
N VAL A 46 7.38 3.69 5.85
CA VAL A 46 6.85 2.50 6.50
C VAL A 46 6.14 1.62 5.49
N LEU A 47 5.39 2.27 4.61
CA LEU A 47 4.64 1.59 3.58
C LEU A 47 5.56 0.77 2.69
N LYS A 48 6.71 1.34 2.38
CA LYS A 48 7.68 0.67 1.54
C LYS A 48 8.24 -0.56 2.23
N GLU A 49 8.38 -0.50 3.55
CA GLU A 49 8.94 -1.61 4.31
C GLU A 49 8.10 -2.88 4.20
N MET A 50 6.79 -2.75 4.31
CA MET A 50 5.92 -3.92 4.23
C MET A 50 5.73 -4.36 2.78
N GLU A 51 5.61 -3.39 1.88
CA GLU A 51 5.45 -3.70 0.47
C GLU A 51 6.71 -4.40 -0.05
N ALA A 52 7.86 -3.92 0.43
CA ALA A 52 9.14 -4.48 0.03
C ALA A 52 9.24 -5.94 0.44
N ASN A 53 8.73 -6.24 1.63
CA ASN A 53 8.76 -7.60 2.13
C ASN A 53 7.94 -8.52 1.25
N ALA A 54 6.83 -8.00 0.73
CA ALA A 54 5.98 -8.82 -0.14
C ALA A 54 6.77 -9.28 -1.36
N ARG A 55 7.57 -8.39 -1.92
CA ARG A 55 8.39 -8.73 -3.08
C ARG A 55 9.42 -9.78 -2.67
N LYS A 56 9.96 -9.61 -1.47
CA LYS A 56 10.94 -10.54 -0.93
C LYS A 56 10.31 -11.91 -0.74
N ALA A 57 9.03 -11.90 -0.34
CA ALA A 57 8.30 -13.14 -0.12
C ALA A 57 8.27 -13.99 -1.38
N GLY A 58 8.46 -13.35 -2.54
CA GLY A 58 8.45 -14.08 -3.80
C GLY A 58 7.04 -14.51 -4.17
N CYS A 59 6.07 -13.63 -3.89
CA CYS A 59 4.67 -13.91 -4.20
C CYS A 59 4.55 -14.53 -5.59
N THR A 60 3.76 -15.61 -5.69
CA THR A 60 3.58 -16.27 -6.98
C THR A 60 2.97 -15.32 -7.99
N ARG A 61 3.05 -15.68 -9.27
CA ARG A 61 2.50 -14.83 -10.31
C ARG A 61 1.01 -14.59 -10.10
N GLY A 62 0.36 -15.54 -9.41
CA GLY A 62 -1.06 -15.41 -9.14
C GLY A 62 -1.34 -14.16 -8.30
N CYS A 63 -0.55 -13.96 -7.25
CA CYS A 63 -0.75 -12.79 -6.41
C CYS A 63 0.12 -11.63 -6.89
N LEU A 64 0.93 -11.87 -7.92
CA LEU A 64 1.73 -10.78 -8.42
C LEU A 64 0.76 -9.70 -8.87
N ILE A 65 -0.34 -10.15 -9.47
CA ILE A 65 -1.39 -9.27 -9.95
C ILE A 65 -2.35 -8.84 -8.82
N CYS A 66 -2.35 -9.58 -7.72
CA CYS A 66 -3.24 -9.26 -6.60
C CYS A 66 -2.78 -7.99 -5.90
N LEU A 67 -1.52 -7.60 -6.12
CA LEU A 67 -0.98 -6.40 -5.48
C LEU A 67 -0.37 -5.43 -6.49
N SER A 68 0.16 -5.94 -7.60
CA SER A 68 0.79 -5.06 -8.59
C SER A 68 -0.19 -4.53 -9.64
N HIS A 69 -1.22 -5.32 -9.96
CA HIS A 69 -2.17 -4.90 -10.99
C HIS A 69 -3.47 -4.32 -10.41
N ILE A 70 -3.55 -4.13 -9.11
CA ILE A 70 -4.76 -3.58 -8.53
C ILE A 70 -4.82 -2.07 -8.74
N LYS A 71 -5.81 -1.62 -9.51
CA LYS A 71 -5.99 -0.19 -9.77
C LYS A 71 -7.06 0.36 -8.86
N CYS A 72 -6.78 1.47 -8.19
CA CYS A 72 -7.75 2.06 -7.28
C CYS A 72 -8.42 3.29 -7.87
N THR A 73 -9.74 3.27 -7.89
CA THR A 73 -10.50 4.41 -8.36
C THR A 73 -10.43 5.47 -7.27
N PRO A 74 -10.69 6.71 -7.58
CA PRO A 74 -10.64 7.79 -6.55
C PRO A 74 -11.58 7.46 -5.39
N LYS A 75 -12.62 6.69 -5.69
CA LYS A 75 -13.58 6.29 -4.66
C LYS A 75 -12.97 5.23 -3.75
N MET A 76 -12.28 4.28 -4.37
CA MET A 76 -11.66 3.19 -3.62
C MET A 76 -10.65 3.75 -2.63
N LYS A 77 -9.79 4.63 -3.10
CA LYS A 77 -8.77 5.23 -2.25
C LYS A 77 -9.38 6.05 -1.11
N LYS A 78 -10.33 6.91 -1.46
CA LYS A 78 -10.97 7.78 -0.45
C LYS A 78 -11.78 6.98 0.57
N PHE A 79 -12.65 6.10 0.09
CA PHE A 79 -13.50 5.31 0.98
C PHE A 79 -12.70 4.26 1.74
N ILE A 80 -11.78 3.59 1.04
CA ILE A 80 -10.97 2.55 1.67
C ILE A 80 -9.54 3.04 1.88
N PRO A 81 -9.06 3.18 3.10
CA PRO A 81 -7.68 3.66 3.37
C PRO A 81 -6.63 2.60 3.00
N GLY A 82 -5.40 3.05 2.76
CA GLY A 82 -4.32 2.15 2.39
C GLY A 82 -3.44 2.74 1.30
N ARG A 83 -3.97 3.72 0.57
CA ARG A 83 -3.23 4.39 -0.50
C ARG A 83 -2.85 3.41 -1.62
N CYS A 84 -2.94 3.88 -2.86
CA CYS A 84 -2.61 3.04 -4.00
C CYS A 84 -1.57 3.70 -4.90
N HIS A 85 -1.89 4.91 -5.38
CA HIS A 85 -0.97 5.62 -6.25
C HIS A 85 -0.51 4.73 -7.39
N THR A 86 -1.47 4.02 -7.99
CA THR A 86 -1.16 3.11 -9.09
C THR A 86 -1.58 3.71 -10.43
N TYR A 87 -2.06 4.96 -10.40
CA TYR A 87 -2.50 5.62 -11.63
C TYR A 87 -2.21 7.11 -11.57
N GLU A 88 -2.20 7.75 -12.74
CA GLU A 88 -1.93 9.18 -12.82
C GLU A 88 -2.68 9.79 -14.00
N GLY A 89 -2.99 11.08 -13.90
CA GLY A 89 -3.72 11.76 -14.96
C GLY A 89 -2.77 12.40 -15.98
N ASP A 90 -1.46 12.26 -15.75
CA ASP A 90 -0.49 12.83 -16.66
C ASP A 90 -0.61 12.20 -18.05
N LYS A 91 -0.51 13.02 -19.08
CA LYS A 91 -0.60 12.53 -20.45
C LYS A 91 0.76 12.56 -21.14
N GLU A 92 1.69 13.33 -20.59
CA GLU A 92 3.03 13.44 -21.15
C GLU A 92 3.97 12.37 -20.61
N SER A 93 3.46 11.52 -19.72
CA SER A 93 4.28 10.47 -19.13
C SER A 93 4.81 9.54 -20.22
N ALA A 94 6.09 9.20 -20.13
CA ALA A 94 6.71 8.33 -21.11
C ALA A 94 6.46 6.85 -20.80
N GLN A 95 5.92 6.58 -19.61
CA GLN A 95 5.67 5.19 -19.22
C GLN A 95 4.64 4.57 -20.14
N GLY A 96 4.97 3.37 -20.64
CA GLY A 96 4.06 2.68 -21.54
C GLY A 96 3.81 3.51 -22.78
N GLY A 97 2.63 4.11 -22.84
CA GLY A 97 2.24 4.93 -23.97
C GLY A 97 1.56 4.10 -25.05
N ILE A 98 1.65 2.79 -24.93
CA ILE A 98 1.04 1.88 -25.89
C ILE A 98 0.00 1.01 -25.20
N GLY A 99 0.36 0.47 -24.04
CA GLY A 99 -0.52 -0.40 -23.28
C GLY A 99 0.08 -1.80 -23.19
N GLU A 100 1.09 -1.94 -22.34
CA GLU A 100 1.77 -3.21 -22.18
C GLU A 100 0.80 -4.28 -21.65
N ALA A 101 -0.06 -3.87 -20.73
CA ALA A 101 -1.03 -4.80 -20.16
C ALA A 101 -2.30 -4.06 -19.74
N ILE A 102 -3.41 -4.79 -19.65
CA ILE A 102 -4.68 -4.18 -19.27
C ILE A 102 -5.08 -4.62 -17.87
N VAL A 103 -5.31 -3.64 -17.00
CA VAL A 103 -5.71 -3.92 -15.63
C VAL A 103 -7.05 -4.62 -15.60
N ASP A 104 -7.97 -4.13 -16.43
CA ASP A 104 -9.31 -4.71 -16.51
C ASP A 104 -9.22 -6.17 -16.95
N ILE A 105 -9.86 -7.06 -16.18
CA ILE A 105 -9.83 -8.47 -16.53
C ILE A 105 -11.05 -8.80 -17.40
N PRO A 106 -10.88 -9.48 -18.52
CA PRO A 106 -12.03 -9.84 -19.41
C PRO A 106 -12.95 -10.87 -18.78
N GLU A 107 -12.42 -11.65 -17.85
CA GLU A 107 -13.20 -12.69 -17.18
C GLU A 107 -14.29 -12.07 -16.31
N ILE A 108 -14.00 -10.88 -15.78
CA ILE A 108 -14.95 -10.20 -14.90
C ILE A 108 -16.05 -9.51 -15.72
N PRO A 109 -17.31 -9.83 -15.51
CA PRO A 109 -18.42 -9.18 -16.26
C PRO A 109 -18.82 -7.85 -15.61
N GLY A 110 -18.86 -6.79 -16.42
CA GLY A 110 -19.26 -5.48 -15.91
C GLY A 110 -18.24 -4.94 -14.91
N PHE A 111 -16.97 -5.30 -15.09
CA PHE A 111 -15.91 -4.86 -14.19
C PHE A 111 -15.86 -3.34 -14.14
N LYS A 112 -15.87 -2.73 -15.30
CA LYS A 112 -15.86 -1.27 -15.38
C LYS A 112 -17.22 -0.74 -14.92
N ASP A 113 -18.22 -1.62 -14.89
CA ASP A 113 -19.57 -1.22 -14.52
C ASP A 113 -19.94 -1.55 -13.07
N LEU A 114 -19.02 -2.13 -12.29
CA LEU A 114 -19.36 -2.45 -10.89
C LEU A 114 -18.76 -1.42 -9.93
N GLU A 115 -19.25 -1.44 -8.69
CA GLU A 115 -18.76 -0.49 -7.68
C GLU A 115 -17.28 -0.73 -7.42
N PRO A 116 -16.56 0.26 -6.95
CA PRO A 116 -15.10 0.15 -6.70
C PRO A 116 -14.73 -0.94 -5.69
N MET A 117 -15.59 -1.21 -4.72
CA MET A 117 -15.27 -2.27 -3.76
C MET A 117 -15.15 -3.59 -4.51
N GLU A 118 -16.14 -3.86 -5.35
CA GLU A 118 -16.15 -5.07 -6.16
C GLU A 118 -14.97 -5.05 -7.12
N GLN A 119 -14.66 -3.86 -7.60
CA GLN A 119 -13.56 -3.68 -8.53
C GLN A 119 -12.25 -4.18 -7.93
N PHE A 120 -12.02 -3.87 -6.65
CA PHE A 120 -10.79 -4.30 -5.98
C PHE A 120 -10.68 -5.82 -5.90
N ILE A 121 -11.72 -6.45 -5.39
CA ILE A 121 -11.72 -7.90 -5.23
C ILE A 121 -11.59 -8.61 -6.56
N ALA A 122 -12.26 -8.10 -7.58
CA ALA A 122 -12.24 -8.73 -8.89
C ALA A 122 -10.83 -8.82 -9.48
N GLN A 123 -10.03 -7.76 -9.35
CA GLN A 123 -8.69 -7.77 -9.91
C GLN A 123 -7.80 -8.81 -9.24
N VAL A 124 -7.93 -8.93 -7.92
CA VAL A 124 -7.12 -9.90 -7.16
C VAL A 124 -7.77 -11.28 -7.19
N ASP A 125 -9.07 -11.35 -7.45
CA ASP A 125 -9.76 -12.63 -7.51
C ASP A 125 -9.09 -13.53 -8.54
N LEU A 126 -8.41 -12.91 -9.50
CA LEU A 126 -7.72 -13.66 -10.55
C LEU A 126 -6.66 -14.57 -9.95
N CYS A 127 -6.09 -14.17 -8.82
CA CYS A 127 -5.05 -14.96 -8.20
C CYS A 127 -5.61 -16.32 -7.78
N VAL A 128 -5.27 -17.31 -8.57
CA VAL A 128 -5.71 -18.66 -8.30
C VAL A 128 -4.62 -19.43 -7.58
N ASP A 129 -3.40 -18.88 -7.60
CA ASP A 129 -2.28 -19.53 -6.93
C ASP A 129 -1.79 -18.71 -5.75
N CYS A 130 -2.39 -17.54 -5.51
CA CYS A 130 -1.96 -16.70 -4.39
C CYS A 130 -1.93 -17.53 -3.11
N THR A 131 -0.87 -17.32 -2.33
CA THR A 131 -0.70 -18.07 -1.09
C THR A 131 -0.44 -17.14 0.09
N THR A 132 -0.89 -17.55 1.27
CA THR A 132 -0.71 -16.75 2.48
C THR A 132 0.74 -16.34 2.67
N GLY A 133 1.68 -17.03 2.02
CA GLY A 133 3.09 -16.70 2.15
C GLY A 133 3.34 -15.27 1.70
N CYS A 134 2.72 -14.87 0.60
CA CYS A 134 2.87 -13.51 0.10
C CYS A 134 2.40 -12.51 1.16
N LEU A 135 1.25 -12.80 1.74
CA LEU A 135 0.65 -11.95 2.77
C LEU A 135 1.57 -11.87 3.98
N LYS A 136 2.23 -12.98 4.29
CA LYS A 136 3.11 -13.04 5.45
C LYS A 136 4.22 -12.00 5.34
N GLY A 137 4.79 -11.82 4.15
CA GLY A 137 5.85 -10.84 3.99
C GLY A 137 5.35 -9.45 4.38
N LEU A 138 4.12 -9.15 3.98
CA LEU A 138 3.51 -7.86 4.29
C LEU A 138 3.36 -7.72 5.80
N ALA A 139 2.96 -8.81 6.45
CA ALA A 139 2.75 -8.81 7.90
C ALA A 139 4.04 -9.06 8.68
N ASN A 140 5.18 -9.13 7.99
CA ASN A 140 6.44 -9.39 8.69
C ASN A 140 7.08 -8.10 9.22
N VAL A 141 6.44 -6.96 9.01
CA VAL A 141 7.00 -5.70 9.50
C VAL A 141 6.50 -5.39 10.91
N GLN A 142 6.08 -6.41 11.64
CA GLN A 142 5.59 -6.18 13.00
C GLN A 142 6.70 -5.60 13.87
N CYS A 143 7.92 -6.13 13.72
CA CYS A 143 9.04 -5.63 14.50
C CYS A 143 10.30 -5.55 13.64
N SER A 144 10.80 -4.33 13.47
CA SER A 144 12.00 -4.11 12.67
C SER A 144 12.63 -2.77 13.06
N ASP A 145 13.89 -2.58 12.69
CA ASP A 145 14.58 -1.33 13.02
C ASP A 145 13.87 -0.14 12.40
N LEU A 146 13.39 -0.30 11.17
CA LEU A 146 12.69 0.77 10.47
C LEU A 146 11.37 1.08 11.17
N LEU A 147 10.57 0.05 11.37
CA LEU A 147 9.28 0.20 12.02
C LEU A 147 9.44 0.61 13.48
N LYS A 148 10.60 0.32 14.06
CA LYS A 148 10.86 0.65 15.45
C LYS A 148 10.72 2.14 15.71
N LYS A 149 11.35 2.95 14.86
CA LYS A 149 11.28 4.40 15.03
C LYS A 149 9.91 4.94 14.63
N TRP A 150 9.21 4.25 13.74
CA TRP A 150 7.91 4.72 13.30
C TRP A 150 6.77 4.25 14.21
N LEU A 151 7.07 3.31 15.12
CA LEU A 151 6.05 2.83 16.05
C LEU A 151 6.36 3.32 17.45
N PRO A 152 5.37 3.58 18.28
CA PRO A 152 5.61 4.10 19.67
C PRO A 152 6.55 3.20 20.46
N GLN A 153 6.27 1.90 20.47
CA GLN A 153 7.10 0.92 21.19
C GLN A 153 6.46 -0.46 21.14
N ARG A 154 7.30 -1.49 21.17
CA ARG A 154 6.81 -2.87 21.17
C ARG A 154 7.97 -3.86 21.29
N CYS A 155 9.14 -3.46 20.80
CA CYS A 155 10.32 -4.31 20.89
C CYS A 155 11.38 -3.65 21.76
N ALA A 156 12.21 -2.80 21.16
CA ALA A 156 13.26 -2.09 21.90
C ALA A 156 12.64 -1.15 22.92
N THR A 157 11.53 -0.51 22.53
CA THR A 157 10.83 0.46 23.38
C THR A 157 11.62 1.75 23.50
N PHE A 158 12.56 1.96 22.57
CA PHE A 158 13.37 3.17 22.57
C PHE A 158 13.62 3.66 21.14
N ALA A 159 13.26 4.91 20.87
CA ALA A 159 13.46 5.46 19.53
C ALA A 159 13.42 6.99 19.56
N SER A 160 14.05 7.62 18.57
CA SER A 160 14.07 9.07 18.47
C SER A 160 14.73 9.51 17.18
N LYS A 161 14.50 8.75 16.11
CA LYS A 161 15.08 9.06 14.81
C LYS A 161 14.12 9.87 13.93
N ILE A 162 12.93 10.10 14.43
CA ILE A 162 11.93 10.85 13.67
C ILE A 162 11.31 11.97 14.52
N GLN A 163 10.64 12.91 13.85
CA GLN A 163 10.00 14.02 14.52
C GLN A 163 10.98 14.76 15.41
N GLY A 164 12.19 14.97 14.90
CA GLY A 164 13.22 15.69 15.66
C GLY A 164 13.35 17.12 15.16
N GLN A 165 12.90 18.07 15.97
CA GLN A 165 12.98 19.48 15.60
C GLN A 165 12.85 20.37 16.84
N VAL A 166 13.28 21.62 16.70
CA VAL A 166 13.21 22.57 17.81
C VAL A 166 11.76 22.79 18.22
N ASP A 167 10.89 22.93 17.23
CA ASP A 167 9.48 23.14 17.50
C ASP A 167 9.26 24.39 18.34
N LYS A 168 10.01 25.45 18.03
CA LYS A 168 9.88 26.71 18.76
C LYS A 168 8.76 27.57 18.20
N ILE A 169 7.85 26.96 17.44
CA ILE A 169 6.74 27.70 16.85
C ILE A 169 5.86 28.30 17.95
N LYS A 170 5.56 27.48 18.96
CA LYS A 170 4.72 27.92 20.06
C LYS A 170 3.36 28.41 19.56
N GLY A 171 3.23 29.70 19.29
CA GLY A 171 1.97 30.25 18.79
C GLY A 171 0.96 30.39 19.92
N ALA A 172 -0.30 30.61 19.56
CA ALA A 172 -1.36 30.76 20.55
C ALA A 172 -1.55 29.46 21.33
N GLY A 173 -1.84 29.58 22.63
CA GLY A 173 -2.04 28.41 23.47
C GLY A 173 -0.71 27.83 23.92
N GLY A 174 -0.75 26.66 24.54
CA GLY A 174 0.45 26.01 25.02
C GLY A 174 1.19 26.90 26.01
N ASP A 175 2.50 27.07 25.78
CA ASP A 175 3.31 27.90 26.66
C ASP A 175 4.39 28.63 25.87
N LEU A 30 -0.97 26.99 4.24
CA LEU A 30 -0.64 26.88 5.69
C LEU A 30 -1.28 25.61 6.24
N ASP A 31 -0.52 24.87 7.04
CA ASP A 31 -1.02 23.64 7.64
C ASP A 31 -2.20 23.95 8.55
N ALA A 32 -2.10 25.06 9.27
CA ALA A 32 -3.15 25.47 10.18
C ALA A 32 -4.45 25.68 9.39
N ASP A 33 -4.31 26.29 8.22
CA ASP A 33 -5.45 26.55 7.36
C ASP A 33 -6.07 25.22 6.93
N ARG A 34 -5.21 24.26 6.62
CA ARG A 34 -5.68 22.95 6.18
C ARG A 34 -6.52 22.29 7.27
N GLY A 35 -6.07 22.45 8.51
CA GLY A 35 -6.79 21.87 9.65
C GLY A 35 -5.96 22.02 10.93
N LYS A 36 -6.54 21.55 12.04
CA LYS A 36 -5.84 21.63 13.33
C LYS A 36 -4.57 20.80 13.30
N LEU A 37 -4.63 19.63 12.65
CA LEU A 37 -3.48 18.75 12.58
C LEU A 37 -3.27 18.30 11.12
N PRO A 38 -2.07 17.86 10.79
CA PRO A 38 -1.75 17.39 9.40
C PRO A 38 -2.74 16.35 8.91
N GLY A 39 -3.16 15.48 9.81
CA GLY A 39 -4.12 14.43 9.46
C GLY A 39 -3.41 13.14 9.01
N LYS A 40 -2.08 13.20 8.88
CA LYS A 40 -1.33 12.03 8.46
C LYS A 40 -0.68 11.36 9.67
N LYS A 41 -1.05 10.10 9.91
CA LYS A 41 -0.50 9.35 11.03
C LYS A 41 0.36 8.18 10.53
N LEU A 42 0.14 7.77 9.29
CA LEU A 42 0.89 6.66 8.72
C LEU A 42 1.86 7.17 7.63
N PRO A 43 3.16 7.14 7.87
CA PRO A 43 4.15 7.61 6.86
C PRO A 43 4.24 6.67 5.66
N LEU A 44 4.62 7.21 4.52
CA LEU A 44 4.74 6.40 3.31
C LEU A 44 6.06 5.64 3.27
N GLU A 45 7.00 6.02 4.14
CA GLU A 45 8.31 5.37 4.18
C GLU A 45 8.16 3.90 4.56
N VAL A 46 7.34 3.62 5.57
CA VAL A 46 7.13 2.25 6.00
C VAL A 46 6.30 1.49 4.95
N LEU A 47 5.51 2.24 4.20
CA LEU A 47 4.66 1.65 3.16
C LEU A 47 5.53 0.84 2.20
N LYS A 48 6.70 1.39 1.90
CA LYS A 48 7.62 0.72 1.00
C LYS A 48 8.23 -0.52 1.65
N GLU A 49 8.42 -0.46 2.97
CA GLU A 49 9.03 -1.59 3.69
C GLU A 49 8.19 -2.86 3.57
N MET A 50 6.88 -2.75 3.76
CA MET A 50 6.02 -3.92 3.67
C MET A 50 5.91 -4.41 2.23
N GLU A 51 5.90 -3.47 1.29
CA GLU A 51 5.84 -3.85 -0.11
C GLU A 51 7.11 -4.62 -0.48
N ALA A 52 8.23 -4.13 0.03
CA ALA A 52 9.52 -4.76 -0.20
C ALA A 52 9.56 -6.16 0.41
N ASN A 53 9.00 -6.28 1.61
CA ASN A 53 8.97 -7.57 2.29
C ASN A 53 8.16 -8.58 1.49
N ALA A 54 7.09 -8.11 0.86
CA ALA A 54 6.26 -9.00 0.07
C ALA A 54 7.09 -9.64 -1.04
N ARG A 55 7.94 -8.82 -1.67
CA ARG A 55 8.80 -9.33 -2.73
C ARG A 55 9.80 -10.32 -2.15
N LYS A 56 10.31 -10.02 -0.96
CA LYS A 56 11.26 -10.91 -0.29
C LYS A 56 10.59 -12.24 0.02
N ALA A 57 9.32 -12.17 0.40
CA ALA A 57 8.56 -13.36 0.73
C ALA A 57 8.44 -14.28 -0.49
N GLY A 58 8.77 -13.75 -1.67
CA GLY A 58 8.67 -14.55 -2.88
C GLY A 58 7.22 -14.72 -3.29
N CYS A 59 6.43 -13.68 -3.08
CA CYS A 59 5.01 -13.72 -3.42
C CYS A 59 4.84 -14.23 -4.84
N THR A 60 3.89 -15.13 -5.03
CA THR A 60 3.65 -15.69 -6.35
C THR A 60 3.09 -14.61 -7.27
N ARG A 61 3.23 -14.82 -8.56
CA ARG A 61 2.74 -13.84 -9.54
C ARG A 61 1.25 -13.64 -9.37
N GLY A 62 0.57 -14.66 -8.88
CA GLY A 62 -0.88 -14.58 -8.68
C GLY A 62 -1.25 -13.47 -7.71
N CYS A 63 -0.61 -13.43 -6.54
CA CYS A 63 -0.92 -12.39 -5.56
C CYS A 63 -0.01 -11.18 -5.72
N LEU A 64 0.98 -11.27 -6.60
CA LEU A 64 1.83 -10.14 -6.82
C LEU A 64 0.94 -8.98 -7.22
N ILE A 65 -0.07 -9.31 -8.04
CA ILE A 65 -1.03 -8.33 -8.51
C ILE A 65 -2.15 -8.08 -7.49
N CYS A 66 -2.38 -9.03 -6.60
CA CYS A 66 -3.43 -8.87 -5.59
C CYS A 66 -3.04 -7.78 -4.59
N LEU A 67 -1.75 -7.41 -4.58
CA LEU A 67 -1.28 -6.38 -3.65
C LEU A 67 -0.61 -5.21 -4.38
N SER A 68 0.07 -5.48 -5.50
CA SER A 68 0.77 -4.41 -6.22
C SER A 68 -0.11 -3.70 -7.25
N HIS A 69 -1.09 -4.41 -7.81
CA HIS A 69 -1.94 -3.79 -8.83
C HIS A 69 -3.28 -3.30 -8.28
N ILE A 70 -3.52 -3.47 -6.98
CA ILE A 70 -4.78 -3.01 -6.41
C ILE A 70 -4.67 -1.55 -5.95
N LYS A 71 -5.41 -0.67 -6.61
CA LYS A 71 -5.41 0.74 -6.23
C LYS A 71 -6.77 1.12 -5.66
N CYS A 72 -6.78 2.02 -4.70
CA CYS A 72 -8.02 2.43 -4.06
C CYS A 72 -8.73 3.51 -4.85
N THR A 73 -9.86 3.14 -5.43
CA THR A 73 -10.67 4.08 -6.17
C THR A 73 -11.36 4.97 -5.13
N PRO A 74 -11.87 6.11 -5.50
CA PRO A 74 -12.54 7.04 -4.52
C PRO A 74 -13.86 6.46 -4.00
N LYS A 75 -13.73 5.40 -3.17
CA LYS A 75 -14.87 4.69 -2.56
C LYS A 75 -14.47 3.25 -2.18
N MET A 76 -13.37 2.77 -2.75
CA MET A 76 -12.91 1.40 -2.49
C MET A 76 -12.53 1.19 -1.03
N LYS A 77 -11.83 2.16 -0.45
CA LYS A 77 -11.41 2.03 0.95
C LYS A 77 -12.62 1.84 1.85
N LYS A 78 -13.66 2.61 1.59
CA LYS A 78 -14.88 2.51 2.37
C LYS A 78 -15.76 1.40 1.84
N PHE A 79 -16.70 0.94 2.66
CA PHE A 79 -17.59 -0.13 2.23
C PHE A 79 -18.39 0.31 1.01
N ILE A 80 -18.91 1.55 1.06
CA ILE A 80 -19.68 2.10 -0.05
C ILE A 80 -19.58 3.64 -0.07
N PRO A 81 -20.05 4.34 0.94
CA PRO A 81 -19.97 5.84 0.97
C PRO A 81 -18.56 6.34 1.29
N GLY A 82 -18.25 7.57 0.89
CA GLY A 82 -16.94 8.15 1.16
C GLY A 82 -15.96 7.92 0.02
N ARG A 83 -14.70 8.28 0.24
CA ARG A 83 -13.67 8.13 -0.77
C ARG A 83 -12.29 8.00 -0.13
N CYS A 84 -11.27 7.73 -0.95
CA CYS A 84 -9.91 7.58 -0.43
C CYS A 84 -8.91 8.32 -1.31
N HIS A 85 -7.71 8.54 -0.79
CA HIS A 85 -6.67 9.25 -1.54
C HIS A 85 -5.29 8.72 -1.15
N THR A 86 -5.22 7.44 -0.80
CA THR A 86 -3.95 6.84 -0.41
C THR A 86 -2.95 6.90 -1.56
N TYR A 87 -3.41 6.58 -2.77
CA TYR A 87 -2.55 6.60 -3.95
C TYR A 87 -2.41 8.02 -4.49
N GLU A 88 -1.61 8.16 -5.54
CA GLU A 88 -1.39 9.47 -6.15
C GLU A 88 -0.81 10.42 -5.12
N GLY A 89 0.14 9.91 -4.36
CA GLY A 89 0.81 10.70 -3.34
C GLY A 89 1.90 11.56 -3.96
N ASP A 90 1.53 12.34 -4.98
CA ASP A 90 2.49 13.20 -5.65
C ASP A 90 3.10 14.19 -4.67
N LYS A 91 4.32 14.62 -4.97
CA LYS A 91 5.07 15.56 -4.13
C LYS A 91 5.69 14.78 -2.98
N GLU A 92 4.86 14.00 -2.31
CA GLU A 92 5.32 13.17 -1.21
C GLU A 92 6.28 12.12 -1.76
N SER A 93 5.96 11.60 -2.95
CA SER A 93 6.82 10.60 -3.58
C SER A 93 6.85 10.77 -5.09
N ALA A 94 8.03 11.07 -5.62
CA ALA A 94 8.18 11.26 -7.06
C ALA A 94 7.88 9.96 -7.80
N GLN A 95 8.33 8.84 -7.25
CA GLN A 95 8.12 7.54 -7.86
C GLN A 95 6.67 7.08 -7.70
N GLY A 96 6.07 6.64 -8.79
CA GLY A 96 4.68 6.17 -8.77
C GLY A 96 3.70 7.33 -8.86
N GLY A 97 4.21 8.56 -8.96
CA GLY A 97 3.33 9.72 -9.04
C GLY A 97 2.46 9.65 -10.30
N ILE A 98 3.06 9.22 -11.40
CA ILE A 98 2.33 9.11 -12.65
C ILE A 98 1.22 8.07 -12.53
N GLY A 99 1.54 6.95 -11.91
CA GLY A 99 0.56 5.87 -11.74
C GLY A 99 0.95 4.65 -12.55
N GLU A 100 2.09 4.06 -12.20
CA GLU A 100 2.59 2.89 -12.91
C GLU A 100 1.62 1.72 -12.76
N ALA A 101 1.05 1.57 -11.58
CA ALA A 101 0.12 0.48 -11.33
C ALA A 101 -1.11 0.60 -12.23
N ILE A 102 -1.57 -0.54 -12.73
CA ILE A 102 -2.73 -0.57 -13.61
C ILE A 102 -3.86 -1.37 -12.99
N VAL A 103 -5.05 -0.80 -12.95
CA VAL A 103 -6.20 -1.47 -12.37
C VAL A 103 -7.18 -1.94 -13.44
N ASP A 104 -6.91 -1.60 -14.70
CA ASP A 104 -7.80 -2.03 -15.76
C ASP A 104 -7.44 -3.44 -16.19
N ILE A 105 -8.26 -4.40 -15.77
CA ILE A 105 -8.02 -5.79 -16.10
C ILE A 105 -8.79 -6.16 -17.37
N PRO A 106 -8.17 -6.77 -18.35
CA PRO A 106 -8.88 -7.15 -19.60
C PRO A 106 -9.92 -8.25 -19.35
N GLU A 107 -9.69 -9.04 -18.30
CA GLU A 107 -10.61 -10.10 -17.96
C GLU A 107 -11.92 -9.54 -17.41
N ILE A 108 -11.82 -8.41 -16.71
CA ILE A 108 -13.02 -7.79 -16.14
C ILE A 108 -13.75 -6.97 -17.22
N PRO A 109 -15.01 -7.22 -17.49
CA PRO A 109 -15.75 -6.46 -18.51
C PRO A 109 -16.29 -5.13 -17.97
N GLY A 110 -15.58 -4.04 -18.25
CA GLY A 110 -16.01 -2.73 -17.80
C GLY A 110 -16.07 -2.65 -16.28
N PHE A 111 -14.92 -2.80 -15.62
CA PHE A 111 -14.90 -2.74 -14.16
C PHE A 111 -15.44 -1.40 -13.67
N LYS A 112 -15.40 -0.40 -14.54
CA LYS A 112 -15.90 0.92 -14.18
C LYS A 112 -17.41 0.87 -14.05
N ASP A 113 -18.03 -0.09 -14.73
CA ASP A 113 -19.48 -0.25 -14.70
C ASP A 113 -19.93 -0.75 -13.35
N LEU A 114 -19.13 -1.64 -12.77
CA LEU A 114 -19.45 -2.20 -11.45
C LEU A 114 -18.98 -1.26 -10.35
N GLU A 115 -19.56 -1.42 -9.16
CA GLU A 115 -19.21 -0.56 -8.03
C GLU A 115 -17.74 -0.79 -7.63
N PRO A 116 -17.12 0.16 -6.98
CA PRO A 116 -15.69 0.06 -6.58
C PRO A 116 -15.40 -1.14 -5.66
N MET A 117 -16.37 -1.52 -4.85
CA MET A 117 -16.17 -2.67 -3.97
C MET A 117 -15.91 -3.91 -4.81
N GLU A 118 -16.78 -4.13 -5.79
CA GLU A 118 -16.66 -5.26 -6.69
C GLU A 118 -15.36 -5.12 -7.48
N GLN A 119 -15.05 -3.89 -7.82
CA GLN A 119 -13.85 -3.60 -8.58
C GLN A 119 -12.61 -4.08 -7.83
N PHE A 120 -12.59 -3.88 -6.50
CA PHE A 120 -11.46 -4.31 -5.71
C PHE A 120 -11.23 -5.82 -5.81
N ILE A 121 -12.29 -6.58 -5.60
CA ILE A 121 -12.17 -8.03 -5.66
C ILE A 121 -11.76 -8.47 -7.07
N ALA A 122 -12.34 -7.82 -8.07
CA ALA A 122 -12.03 -8.16 -9.46
C ALA A 122 -10.55 -7.98 -9.79
N GLN A 123 -9.93 -6.92 -9.28
CA GLN A 123 -8.51 -6.66 -9.54
C GLN A 123 -7.63 -7.77 -8.96
N VAL A 124 -7.99 -8.24 -7.77
CA VAL A 124 -7.20 -9.29 -7.10
C VAL A 124 -7.70 -10.69 -7.51
N ASP A 125 -8.89 -10.76 -8.10
CA ASP A 125 -9.43 -12.05 -8.53
C ASP A 125 -8.47 -12.75 -9.49
N LEU A 126 -7.68 -11.97 -10.22
CA LEU A 126 -6.74 -12.56 -11.16
C LEU A 126 -5.73 -13.46 -10.46
N CYS A 127 -5.62 -13.32 -9.14
CA CYS A 127 -4.68 -14.14 -8.40
C CYS A 127 -5.08 -15.62 -8.50
N VAL A 128 -4.47 -16.27 -9.46
CA VAL A 128 -4.74 -17.69 -9.69
C VAL A 128 -3.65 -18.51 -9.03
N ASP A 129 -2.51 -17.88 -8.73
CA ASP A 129 -1.41 -18.57 -8.09
C ASP A 129 -1.13 -17.99 -6.70
N CYS A 130 -1.98 -17.06 -6.25
CA CYS A 130 -1.78 -16.44 -4.95
C CYS A 130 -1.56 -17.50 -3.87
N THR A 131 -0.61 -17.23 -2.98
CA THR A 131 -0.28 -18.17 -1.91
C THR A 131 -0.25 -17.47 -0.56
N THR A 132 -0.50 -18.24 0.49
CA THR A 132 -0.53 -17.70 1.86
C THR A 132 0.82 -17.07 2.23
N GLY A 133 1.90 -17.69 1.80
CA GLY A 133 3.24 -17.19 2.11
C GLY A 133 3.36 -15.72 1.67
N CYS A 134 2.65 -15.36 0.61
CA CYS A 134 2.68 -13.99 0.12
C CYS A 134 2.20 -13.05 1.22
N LEU A 135 1.11 -13.42 1.86
CA LEU A 135 0.53 -12.63 2.95
C LEU A 135 1.52 -12.52 4.11
N LYS A 136 2.24 -13.59 4.37
CA LYS A 136 3.21 -13.62 5.47
C LYS A 136 4.26 -12.53 5.30
N GLY A 137 4.68 -12.28 4.06
CA GLY A 137 5.68 -11.25 3.80
C GLY A 137 5.20 -9.90 4.30
N LEU A 138 3.92 -9.62 4.12
CA LEU A 138 3.35 -8.35 4.58
C LEU A 138 3.50 -8.22 6.09
N ALA A 139 3.36 -9.34 6.80
CA ALA A 139 3.48 -9.34 8.25
C ALA A 139 4.95 -9.33 8.68
N ASN A 140 5.87 -9.27 7.72
CA ASN A 140 7.29 -9.27 8.04
C ASN A 140 7.73 -7.94 8.65
N VAL A 141 7.01 -6.86 8.34
CA VAL A 141 7.36 -5.55 8.87
C VAL A 141 6.82 -5.33 10.28
N GLN A 142 6.31 -6.38 10.91
CA GLN A 142 5.79 -6.25 12.26
C GLN A 142 6.91 -5.79 13.19
N CYS A 143 8.11 -6.34 12.98
CA CYS A 143 9.26 -5.97 13.78
C CYS A 143 10.46 -5.72 12.87
N SER A 144 10.60 -4.47 12.42
CA SER A 144 11.69 -4.10 11.52
C SER A 144 12.40 -2.84 12.02
N ASP A 145 13.64 -2.65 11.58
CA ASP A 145 14.43 -1.49 11.99
C ASP A 145 13.74 -0.19 11.55
N LEU A 146 13.25 -0.16 10.32
CA LEU A 146 12.58 1.04 9.82
C LEU A 146 11.28 1.27 10.58
N LEU A 147 10.52 0.19 10.77
CA LEU A 147 9.25 0.27 11.49
C LEU A 147 9.48 0.57 12.96
N LYS A 148 10.68 0.26 13.45
CA LYS A 148 11.03 0.47 14.85
C LYS A 148 10.91 1.93 15.24
N LYS A 149 11.43 2.83 14.40
CA LYS A 149 11.41 4.25 14.71
C LYS A 149 10.02 4.86 14.54
N TRP A 150 9.23 4.30 13.63
CA TRP A 150 7.90 4.87 13.38
C TRP A 150 6.84 4.35 14.33
N LEU A 151 6.90 3.07 14.70
CA LEU A 151 5.90 2.50 15.60
C LEU A 151 6.55 1.81 16.80
N PRO A 152 5.89 1.80 17.94
CA PRO A 152 6.41 1.14 19.18
C PRO A 152 6.17 -0.36 19.18
N GLN A 153 7.02 -1.11 19.89
CA GLN A 153 6.87 -2.56 19.96
C GLN A 153 7.82 -3.12 21.02
N ARG A 154 7.50 -4.29 21.54
CA ARG A 154 8.35 -4.91 22.55
C ARG A 154 9.73 -5.18 21.98
N CYS A 155 9.77 -5.66 20.74
CA CYS A 155 11.03 -5.94 20.08
C CYS A 155 11.67 -4.65 19.56
N ALA A 156 10.83 -3.62 19.36
CA ALA A 156 11.32 -2.34 18.86
C ALA A 156 12.30 -1.70 19.84
N THR A 157 11.99 -1.81 21.13
CA THR A 157 12.82 -1.21 22.17
C THR A 157 12.81 0.30 22.03
N PHE A 158 13.57 0.97 22.89
CA PHE A 158 13.64 2.43 22.86
C PHE A 158 14.45 2.91 21.67
N ALA A 159 13.99 3.99 21.03
CA ALA A 159 14.69 4.54 19.88
C ALA A 159 14.36 6.02 19.71
N SER A 160 15.32 6.78 19.18
CA SER A 160 15.13 8.21 18.96
C SER A 160 15.62 8.61 17.57
N LYS A 161 15.56 7.68 16.63
CA LYS A 161 16.01 7.95 15.28
C LYS A 161 15.19 9.07 14.64
N ILE A 162 13.91 9.05 14.90
CA ILE A 162 13.01 10.06 14.34
C ILE A 162 11.90 10.40 15.33
N GLN A 163 11.44 11.65 15.28
CA GLN A 163 10.37 12.10 16.17
C GLN A 163 9.13 11.24 16.03
N GLY A 164 8.03 11.68 16.62
CA GLY A 164 6.77 10.93 16.54
C GLY A 164 6.54 10.09 17.80
N GLN A 165 7.42 10.24 18.79
CA GLN A 165 7.28 9.49 20.03
C GLN A 165 7.88 10.26 21.20
N VAL A 166 7.43 9.95 22.40
CA VAL A 166 7.94 10.63 23.59
C VAL A 166 9.11 9.86 24.20
N ASP A 167 9.83 9.12 23.37
CA ASP A 167 10.97 8.35 23.82
C ASP A 167 12.23 9.21 23.85
N LYS A 168 12.26 10.17 24.78
CA LYS A 168 13.41 11.06 24.90
C LYS A 168 13.81 11.20 26.38
N ILE A 169 15.09 11.46 26.62
CA ILE A 169 15.58 11.62 27.98
C ILE A 169 16.12 13.03 28.18
N LYS A 170 15.61 13.69 29.21
CA LYS A 170 16.03 15.05 29.51
C LYS A 170 17.51 15.08 29.88
N GLY A 171 17.95 14.07 30.63
CA GLY A 171 19.35 13.99 31.05
C GLY A 171 19.65 14.99 32.17
N ALA A 172 18.60 15.49 32.82
CA ALA A 172 18.77 16.44 33.91
C ALA A 172 19.57 15.83 35.04
N GLY A 173 19.31 14.56 35.34
CA GLY A 173 20.01 13.87 36.41
C GLY A 173 21.47 13.62 36.04
N GLY A 174 22.32 13.48 37.05
CA GLY A 174 23.74 13.23 36.81
C GLY A 174 24.00 11.77 36.52
N ASP A 175 25.26 11.43 36.25
CA ASP A 175 25.63 10.05 35.95
C ASP A 175 26.37 9.43 37.13
N LEU A 30 24.25 11.89 -8.03
CA LEU A 30 23.99 13.22 -8.64
C LEU A 30 23.23 14.10 -7.67
N ASP A 31 21.93 13.81 -7.52
CA ASP A 31 21.09 14.58 -6.60
C ASP A 31 21.61 14.43 -5.19
N ALA A 32 22.05 13.23 -4.85
CA ALA A 32 22.56 12.94 -3.52
C ALA A 32 23.75 13.84 -3.22
N ASP A 33 24.61 14.00 -4.22
CA ASP A 33 25.78 14.85 -4.06
C ASP A 33 25.34 16.30 -3.84
N ARG A 34 24.32 16.71 -4.59
CA ARG A 34 23.80 18.06 -4.49
C ARG A 34 23.23 18.30 -3.09
N GLY A 35 22.53 17.30 -2.57
CA GLY A 35 21.93 17.40 -1.24
C GLY A 35 20.64 16.60 -1.16
N LYS A 36 20.02 16.61 0.01
CA LYS A 36 18.77 15.86 0.21
C LYS A 36 17.72 16.74 0.88
N LEU A 37 16.47 16.55 0.50
CA LEU A 37 15.37 17.32 1.08
C LEU A 37 14.93 16.72 2.42
N PRO A 38 14.30 17.49 3.26
CA PRO A 38 13.82 17.02 4.60
C PRO A 38 12.65 16.05 4.47
N GLY A 39 12.49 15.17 5.46
CA GLY A 39 11.42 14.19 5.45
C GLY A 39 10.12 14.77 6.00
N LYS A 40 9.72 15.93 5.46
CA LYS A 40 8.49 16.57 5.90
C LYS A 40 7.29 15.68 5.61
N LYS A 41 7.32 15.04 4.45
CA LYS A 41 6.24 14.15 4.05
C LYS A 41 6.37 12.80 4.74
N LEU A 42 5.41 11.92 4.49
CA LEU A 42 5.43 10.59 5.11
C LEU A 42 6.71 9.86 4.73
N PRO A 43 7.17 8.93 5.54
CA PRO A 43 8.42 8.17 5.26
C PRO A 43 8.32 7.27 4.03
N LEU A 44 9.38 7.27 3.24
CA LEU A 44 9.43 6.44 2.05
C LEU A 44 10.00 5.07 2.40
N GLU A 45 10.85 5.05 3.42
CA GLU A 45 11.45 3.79 3.87
C GLU A 45 10.36 2.85 4.36
N VAL A 46 9.44 3.40 5.13
CA VAL A 46 8.33 2.63 5.66
C VAL A 46 7.51 2.05 4.52
N LEU A 47 7.28 2.88 3.51
CA LEU A 47 6.52 2.46 2.35
C LEU A 47 7.19 1.29 1.66
N LYS A 48 8.50 1.34 1.57
CA LYS A 48 9.27 0.29 0.92
C LYS A 48 9.29 -1.00 1.74
N GLU A 49 9.13 -0.90 3.05
CA GLU A 49 9.17 -2.09 3.90
C GLU A 49 8.07 -3.10 3.57
N MET A 50 6.85 -2.63 3.39
CA MET A 50 5.75 -3.54 3.09
C MET A 50 5.85 -4.10 1.68
N GLU A 51 6.16 -3.24 0.72
CA GLU A 51 6.29 -3.68 -0.66
C GLU A 51 7.48 -4.64 -0.80
N ALA A 52 8.56 -4.31 -0.11
CA ALA A 52 9.78 -5.12 -0.15
C ALA A 52 9.52 -6.49 0.44
N ASN A 53 8.77 -6.52 1.52
CA ASN A 53 8.44 -7.78 2.19
C ASN A 53 7.68 -8.70 1.26
N ALA A 54 6.76 -8.12 0.48
CA ALA A 54 5.96 -8.90 -0.45
C ALA A 54 6.84 -9.55 -1.52
N ARG A 55 7.80 -8.79 -2.02
CA ARG A 55 8.72 -9.30 -3.04
C ARG A 55 9.67 -10.28 -2.39
N LYS A 56 10.05 -9.97 -1.17
CA LYS A 56 10.92 -10.79 -0.39
C LYS A 56 10.28 -12.14 -0.14
N ALA A 57 8.96 -12.09 0.06
CA ALA A 57 8.18 -13.29 0.30
C ALA A 57 8.19 -14.21 -0.92
N GLY A 58 8.71 -13.72 -2.05
CA GLY A 58 8.73 -14.53 -3.26
C GLY A 58 7.33 -14.65 -3.83
N CYS A 59 6.57 -13.57 -3.71
CA CYS A 59 5.19 -13.52 -4.17
C CYS A 59 5.06 -14.20 -5.53
N THR A 60 4.06 -15.08 -5.65
CA THR A 60 3.83 -15.79 -6.89
C THR A 60 3.27 -14.85 -7.94
N ARG A 61 3.26 -15.27 -9.18
CA ARG A 61 2.75 -14.44 -10.26
C ARG A 61 1.28 -14.09 -10.02
N GLY A 62 0.52 -15.07 -9.52
CA GLY A 62 -0.89 -14.85 -9.28
C GLY A 62 -1.14 -13.71 -8.30
N CYS A 63 -0.43 -13.70 -7.17
CA CYS A 63 -0.62 -12.63 -6.21
C CYS A 63 0.32 -11.46 -6.47
N LEU A 64 1.20 -11.59 -7.44
CA LEU A 64 2.08 -10.50 -7.77
C LEU A 64 1.18 -9.31 -8.15
N ILE A 65 0.09 -9.64 -8.84
CA ILE A 65 -0.88 -8.65 -9.28
C ILE A 65 -1.93 -8.35 -8.19
N CYS A 66 -2.07 -9.25 -7.21
CA CYS A 66 -3.04 -9.03 -6.13
C CYS A 66 -2.61 -7.86 -5.26
N LEU A 67 -1.34 -7.46 -5.38
CA LEU A 67 -0.84 -6.35 -4.58
C LEU A 67 -0.34 -5.20 -5.46
N SER A 68 0.20 -5.54 -6.63
CA SER A 68 0.75 -4.51 -7.53
C SER A 68 -0.28 -3.94 -8.51
N HIS A 69 -1.28 -4.74 -8.89
CA HIS A 69 -2.28 -4.25 -9.86
C HIS A 69 -3.59 -3.80 -9.22
N ILE A 70 -3.68 -3.79 -7.89
CA ILE A 70 -4.91 -3.34 -7.25
C ILE A 70 -4.89 -1.83 -7.09
N LYS A 71 -5.91 -1.17 -7.64
CA LYS A 71 -6.01 0.28 -7.55
C LYS A 71 -7.20 0.67 -6.68
N CYS A 72 -6.98 1.58 -5.75
CA CYS A 72 -8.06 2.01 -4.87
C CYS A 72 -9.02 2.95 -5.59
N THR A 73 -10.28 2.86 -5.22
CA THR A 73 -11.29 3.71 -5.78
C THR A 73 -11.65 4.76 -4.73
N PRO A 74 -11.89 6.00 -5.09
CA PRO A 74 -12.23 7.06 -4.09
C PRO A 74 -13.36 6.63 -3.15
N LYS A 75 -14.11 5.61 -3.56
CA LYS A 75 -15.21 5.10 -2.75
C LYS A 75 -14.78 3.86 -1.98
N MET A 76 -13.77 3.16 -2.49
CA MET A 76 -13.29 1.95 -1.83
C MET A 76 -12.82 2.26 -0.42
N LYS A 77 -11.97 3.27 -0.29
CA LYS A 77 -11.46 3.68 1.01
C LYS A 77 -12.53 4.42 1.82
N LYS A 78 -13.27 5.28 1.13
CA LYS A 78 -14.31 6.08 1.77
C LYS A 78 -15.55 5.25 2.13
N PHE A 79 -16.06 5.47 3.34
CA PHE A 79 -17.25 4.77 3.82
C PHE A 79 -17.04 3.26 3.90
N ILE A 80 -17.20 2.58 2.76
CA ILE A 80 -17.03 1.13 2.72
C ILE A 80 -15.58 0.74 3.00
N PRO A 81 -15.35 -0.45 3.49
CA PRO A 81 -13.97 -0.93 3.83
C PRO A 81 -13.11 -1.20 2.60
N GLY A 82 -11.80 -1.07 2.77
CA GLY A 82 -10.85 -1.30 1.69
C GLY A 82 -9.42 -1.19 2.21
N ARG A 83 -8.46 -1.53 1.36
CA ARG A 83 -7.05 -1.46 1.76
C ARG A 83 -6.24 -0.69 0.72
N CYS A 84 -5.56 0.36 1.18
CA CYS A 84 -4.74 1.19 0.29
C CYS A 84 -3.36 1.39 0.90
N HIS A 85 -2.40 1.75 0.05
CA HIS A 85 -1.04 1.98 0.52
C HIS A 85 -0.88 3.40 1.06
N THR A 86 -1.41 3.64 2.26
CA THR A 86 -1.32 4.96 2.87
C THR A 86 -2.10 6.00 2.07
N TYR A 87 -2.35 7.15 2.69
CA TYR A 87 -3.08 8.22 2.04
C TYR A 87 -2.25 9.50 2.00
N GLU A 88 -2.16 10.09 0.82
CA GLU A 88 -1.40 11.33 0.66
C GLU A 88 -2.25 12.39 -0.04
N GLY A 89 -3.25 11.95 -0.79
CA GLY A 89 -4.12 12.87 -1.52
C GLY A 89 -3.52 13.20 -2.87
N ASP A 90 -2.35 13.83 -2.84
CA ASP A 90 -1.64 14.21 -4.06
C ASP A 90 -2.46 15.22 -4.87
N LYS A 91 -1.80 16.31 -5.27
CA LYS A 91 -2.48 17.33 -6.06
C LYS A 91 -2.94 16.74 -7.39
N GLU A 92 -2.10 15.89 -7.98
CA GLU A 92 -2.43 15.25 -9.24
C GLU A 92 -3.13 13.91 -9.02
N SER A 93 -3.38 13.57 -7.75
CA SER A 93 -4.04 12.31 -7.41
C SER A 93 -3.10 11.13 -7.67
N ALA A 94 -3.36 10.01 -6.98
CA ALA A 94 -2.54 8.83 -7.14
C ALA A 94 -2.59 8.30 -8.57
N GLN A 95 -3.77 8.33 -9.17
CA GLN A 95 -3.94 7.85 -10.54
C GLN A 95 -3.38 8.86 -11.55
N GLY A 96 -2.57 8.38 -12.48
CA GLY A 96 -1.99 9.24 -13.49
C GLY A 96 -3.08 9.88 -14.36
N GLY A 97 -4.07 9.06 -14.71
CA GLY A 97 -5.18 9.52 -15.55
C GLY A 97 -4.89 9.23 -17.01
N ILE A 98 -3.61 9.12 -17.34
CA ILE A 98 -3.19 8.83 -18.70
C ILE A 98 -3.63 7.42 -19.09
N GLY A 99 -3.48 6.50 -18.14
CA GLY A 99 -3.83 5.10 -18.38
C GLY A 99 -2.63 4.20 -18.14
N GLU A 100 -1.71 4.66 -17.29
CA GLU A 100 -0.51 3.88 -16.98
C GLU A 100 -0.88 2.52 -16.39
N ALA A 101 -2.06 2.44 -15.79
CA ALA A 101 -2.54 1.20 -15.21
C ALA A 101 -4.01 1.00 -15.52
N ILE A 102 -4.39 -0.24 -15.83
CA ILE A 102 -5.78 -0.53 -16.14
C ILE A 102 -6.45 -1.30 -15.02
N VAL A 103 -7.37 -0.62 -14.34
CA VAL A 103 -8.12 -1.23 -13.26
C VAL A 103 -9.10 -2.25 -13.79
N ASP A 104 -9.70 -1.89 -14.92
CA ASP A 104 -10.70 -2.75 -15.54
C ASP A 104 -10.08 -4.05 -16.02
N ILE A 105 -10.49 -5.14 -15.37
CA ILE A 105 -10.00 -6.46 -15.74
C ILE A 105 -10.97 -7.05 -16.77
N PRO A 106 -10.49 -7.65 -17.83
CA PRO A 106 -11.39 -8.24 -18.87
C PRO A 106 -12.22 -9.40 -18.33
N GLU A 107 -11.69 -10.07 -17.32
CA GLU A 107 -12.37 -11.19 -16.70
C GLU A 107 -13.61 -10.71 -15.95
N ILE A 108 -13.51 -9.51 -15.38
CA ILE A 108 -14.61 -8.95 -14.61
C ILE A 108 -15.67 -8.33 -15.54
N PRO A 109 -16.92 -8.74 -15.45
CA PRO A 109 -17.98 -8.16 -16.31
C PRO A 109 -18.57 -6.90 -15.70
N GLY A 110 -18.11 -5.74 -16.17
CA GLY A 110 -18.62 -4.47 -15.66
C GLY A 110 -18.29 -4.28 -14.19
N PHE A 111 -17.00 -4.22 -13.85
CA PHE A 111 -16.60 -4.03 -12.46
C PHE A 111 -17.18 -2.72 -11.92
N LYS A 112 -17.47 -1.79 -12.82
CA LYS A 112 -18.04 -0.51 -12.41
C LYS A 112 -19.48 -0.73 -11.91
N ASP A 113 -20.09 -1.82 -12.36
CA ASP A 113 -21.46 -2.14 -11.95
C ASP A 113 -21.49 -2.56 -10.50
N LEU A 114 -20.45 -3.28 -10.09
CA LEU A 114 -20.35 -3.75 -8.71
C LEU A 114 -19.72 -2.68 -7.84
N GLU A 115 -19.95 -2.76 -6.53
CA GLU A 115 -19.42 -1.76 -5.61
C GLU A 115 -17.90 -1.87 -5.51
N PRO A 116 -17.24 -0.83 -5.06
CA PRO A 116 -15.75 -0.79 -4.95
C PRO A 116 -15.16 -1.94 -4.12
N MET A 117 -15.84 -2.32 -3.04
CA MET A 117 -15.33 -3.41 -2.20
C MET A 117 -15.22 -4.67 -3.03
N GLU A 118 -16.29 -4.98 -3.76
CA GLU A 118 -16.31 -6.14 -4.63
C GLU A 118 -15.28 -5.98 -5.72
N GLN A 119 -15.12 -4.75 -6.18
CA GLN A 119 -14.15 -4.45 -7.23
C GLN A 119 -12.75 -4.83 -6.78
N PHE A 120 -12.44 -4.58 -5.50
CA PHE A 120 -11.12 -4.92 -4.97
C PHE A 120 -10.85 -6.41 -5.12
N ILE A 121 -11.79 -7.22 -4.65
CA ILE A 121 -11.65 -8.66 -4.73
C ILE A 121 -11.53 -9.09 -6.17
N ALA A 122 -12.30 -8.45 -7.04
CA ALA A 122 -12.29 -8.77 -8.46
C ALA A 122 -10.90 -8.57 -9.09
N GLN A 123 -10.23 -7.48 -8.73
CA GLN A 123 -8.91 -7.20 -9.29
C GLN A 123 -7.88 -8.25 -8.85
N VAL A 124 -7.95 -8.65 -7.58
CA VAL A 124 -7.03 -9.67 -7.06
C VAL A 124 -7.54 -11.08 -7.39
N ASP A 125 -8.79 -11.18 -7.82
CA ASP A 125 -9.36 -12.47 -8.18
C ASP A 125 -8.46 -13.19 -9.18
N LEU A 126 -7.67 -12.44 -9.92
CA LEU A 126 -6.78 -13.01 -10.92
C LEU A 126 -5.71 -13.90 -10.29
N CYS A 127 -5.41 -13.70 -9.00
CA CYS A 127 -4.38 -14.48 -8.32
C CYS A 127 -4.78 -15.95 -8.13
N VAL A 128 -4.81 -16.68 -9.23
CA VAL A 128 -5.13 -18.09 -9.16
C VAL A 128 -4.08 -18.81 -8.31
N ASP A 129 -2.89 -18.20 -8.23
CA ASP A 129 -1.80 -18.75 -7.45
C ASP A 129 -1.65 -18.01 -6.11
N CYS A 130 -2.71 -17.28 -5.72
CA CYS A 130 -2.72 -16.52 -4.47
C CYS A 130 -2.03 -17.31 -3.36
N THR A 131 -1.00 -16.71 -2.76
CA THR A 131 -0.25 -17.38 -1.71
C THR A 131 -0.25 -16.59 -0.41
N THR A 132 -0.36 -17.32 0.70
CA THR A 132 -0.38 -16.72 2.02
C THR A 132 0.95 -16.02 2.32
N GLY A 133 2.05 -16.61 1.88
CA GLY A 133 3.36 -16.02 2.14
C GLY A 133 3.47 -14.62 1.54
N CYS A 134 2.94 -14.44 0.34
CA CYS A 134 2.96 -13.12 -0.29
C CYS A 134 2.19 -12.14 0.58
N LEU A 135 1.03 -12.60 1.03
CA LEU A 135 0.15 -11.81 1.89
C LEU A 135 0.85 -11.46 3.20
N LYS A 136 1.59 -12.43 3.73
CA LYS A 136 2.32 -12.24 4.99
C LYS A 136 3.33 -11.09 4.89
N GLY A 137 4.01 -11.01 3.76
CA GLY A 137 5.01 -9.96 3.58
C GLY A 137 4.37 -8.58 3.72
N LEU A 138 3.19 -8.40 3.15
CA LEU A 138 2.50 -7.12 3.23
C LEU A 138 2.14 -6.82 4.69
N ALA A 139 1.74 -7.85 5.42
CA ALA A 139 1.37 -7.69 6.82
C ALA A 139 2.59 -7.85 7.74
N ASN A 140 3.78 -8.04 7.14
CA ASN A 140 4.99 -8.21 7.92
C ASN A 140 5.39 -6.92 8.61
N VAL A 141 5.03 -5.79 8.00
CA VAL A 141 5.35 -4.49 8.58
C VAL A 141 4.43 -4.17 9.75
N GLN A 142 3.27 -4.82 9.79
CA GLN A 142 2.32 -4.58 10.87
C GLN A 142 2.99 -4.79 12.22
N CYS A 143 2.89 -3.77 13.08
CA CYS A 143 3.49 -3.84 14.42
C CYS A 143 4.96 -4.25 14.32
N SER A 144 5.58 -3.94 13.19
CA SER A 144 6.99 -4.26 12.98
C SER A 144 7.88 -3.33 13.80
N ASP A 145 9.08 -3.80 14.12
CA ASP A 145 10.00 -3.00 14.92
C ASP A 145 10.34 -1.68 14.24
N LEU A 146 10.59 -1.70 12.94
CA LEU A 146 10.90 -0.47 12.23
C LEU A 146 9.69 0.44 12.21
N LEU A 147 8.54 -0.16 11.94
CA LEU A 147 7.28 0.57 11.87
C LEU A 147 6.99 1.22 13.22
N LYS A 148 7.46 0.60 14.29
CA LYS A 148 7.22 1.14 15.62
C LYS A 148 7.80 2.53 15.78
N LYS A 149 9.05 2.72 15.38
CA LYS A 149 9.67 4.03 15.51
C LYS A 149 9.01 5.06 14.58
N TRP A 150 8.62 4.63 13.39
CA TRP A 150 7.99 5.52 12.43
C TRP A 150 6.57 5.90 12.86
N LEU A 151 5.90 4.96 13.50
CA LEU A 151 4.54 5.19 13.97
C LEU A 151 4.54 5.56 15.47
N PRO A 152 4.06 6.73 15.84
CA PRO A 152 4.05 7.15 17.28
C PRO A 152 3.37 6.12 18.19
N GLN A 153 2.26 5.54 17.72
CA GLN A 153 1.55 4.55 18.52
C GLN A 153 0.59 3.74 17.67
N ARG A 154 0.19 2.58 18.20
CA ARG A 154 -0.74 1.70 17.50
C ARG A 154 -0.19 1.27 16.14
N CYS A 155 -0.76 0.20 15.59
CA CYS A 155 -0.34 -0.31 14.30
C CYS A 155 -1.26 0.19 13.17
N ALA A 156 -2.12 1.15 13.50
CA ALA A 156 -3.04 1.69 12.51
C ALA A 156 -2.27 2.33 11.35
N THR A 157 -1.16 2.97 11.68
CA THR A 157 -0.29 3.62 10.71
C THR A 157 -0.80 5.01 10.32
N PHE A 158 -0.16 6.04 10.88
CA PHE A 158 -0.51 7.42 10.59
C PHE A 158 0.75 8.19 10.18
N ALA A 159 0.57 9.24 9.39
CA ALA A 159 1.72 10.03 8.95
C ALA A 159 2.49 10.55 10.16
N SER A 160 3.82 10.46 10.09
CA SER A 160 4.67 10.90 11.20
C SER A 160 6.12 11.07 10.74
N LYS A 161 7.00 11.33 11.70
CA LYS A 161 8.42 11.51 11.40
C LYS A 161 9.27 11.04 12.57
N ILE A 162 10.55 10.77 12.31
CA ILE A 162 11.45 10.31 13.37
C ILE A 162 12.84 10.93 13.20
N GLN A 163 13.50 11.21 14.33
CA GLN A 163 14.83 11.80 14.29
C GLN A 163 15.71 11.23 15.38
N GLY A 164 16.93 10.85 15.01
CA GLY A 164 17.88 10.29 15.96
C GLY A 164 17.64 8.79 16.17
N GLN A 165 18.48 8.17 16.98
CA GLN A 165 18.36 6.75 17.27
C GLN A 165 18.45 6.48 18.76
N VAL A 166 17.74 5.44 19.19
CA VAL A 166 17.76 5.05 20.60
C VAL A 166 19.17 4.65 21.00
N ASP A 167 19.82 3.90 20.12
CA ASP A 167 21.19 3.45 20.35
C ASP A 167 21.35 2.84 21.74
N LYS A 168 20.35 2.10 22.19
CA LYS A 168 20.43 1.46 23.50
C LYS A 168 19.93 0.02 23.45
N ILE A 169 20.41 -0.79 24.39
CA ILE A 169 20.00 -2.19 24.46
C ILE A 169 19.26 -2.47 25.76
N LYS A 170 18.08 -3.07 25.63
CA LYS A 170 17.27 -3.39 26.80
C LYS A 170 17.70 -4.73 27.39
N GLY A 171 17.54 -4.87 28.70
CA GLY A 171 17.92 -6.11 29.37
C GLY A 171 17.41 -6.12 30.81
N ALA A 172 17.61 -7.24 31.49
CA ALA A 172 17.16 -7.38 32.88
C ALA A 172 17.91 -6.40 33.78
N GLY A 173 17.21 -5.85 34.76
CA GLY A 173 17.81 -4.90 35.68
C GLY A 173 18.39 -3.69 34.94
N GLY A 174 19.63 -3.35 35.25
CA GLY A 174 20.29 -2.22 34.61
C GLY A 174 21.72 -2.06 35.12
N ASP A 175 22.40 -1.04 34.61
CA ASP A 175 23.78 -0.78 35.02
C ASP A 175 24.00 0.72 35.25
N LEU A 30 -15.84 18.92 4.94
CA LEU A 30 -15.12 20.23 4.89
C LEU A 30 -13.80 20.10 5.64
N ASP A 31 -12.73 19.80 4.90
CA ASP A 31 -11.41 19.66 5.51
C ASP A 31 -11.46 18.59 6.59
N ALA A 32 -12.24 17.55 6.36
CA ALA A 32 -12.35 16.48 7.35
C ALA A 32 -10.99 15.82 7.54
N ASP A 33 -10.36 15.47 6.41
CA ASP A 33 -9.04 14.87 6.44
C ASP A 33 -7.99 15.91 6.80
N ARG A 34 -8.16 17.10 6.23
CA ARG A 34 -7.23 18.19 6.45
C ARG A 34 -7.36 18.74 7.87
N GLY A 35 -6.24 19.14 8.44
CA GLY A 35 -6.24 19.68 9.79
C GLY A 35 -4.82 19.72 10.37
N LYS A 36 -4.73 20.04 11.66
CA LYS A 36 -3.43 20.11 12.32
C LYS A 36 -2.81 18.72 12.42
N LEU A 37 -3.65 17.69 12.42
CA LEU A 37 -3.17 16.32 12.51
C LEU A 37 -3.76 15.46 11.38
N PRO A 38 -3.25 15.61 10.19
CA PRO A 38 -3.73 14.83 9.00
C PRO A 38 -3.61 13.32 9.23
N GLY A 39 -4.53 12.57 8.63
CA GLY A 39 -4.52 11.12 8.78
C GLY A 39 -3.25 10.50 8.20
N LYS A 40 -2.22 10.41 9.04
CA LYS A 40 -0.95 9.82 8.62
C LYS A 40 -0.62 8.61 9.49
N LYS A 41 -1.62 7.80 9.76
CA LYS A 41 -1.45 6.62 10.59
C LYS A 41 -0.42 5.66 9.99
N LEU A 42 -0.48 5.49 8.67
CA LEU A 42 0.46 4.59 8.00
C LEU A 42 1.49 5.40 7.17
N PRO A 43 2.70 5.55 7.65
CA PRO A 43 3.76 6.31 6.91
C PRO A 43 4.08 5.69 5.56
N LEU A 44 4.40 6.55 4.59
CA LEU A 44 4.75 6.09 3.25
C LEU A 44 6.01 5.23 3.30
N GLU A 45 6.98 5.68 4.10
CA GLU A 45 8.24 4.97 4.23
C GLU A 45 8.02 3.57 4.81
N VAL A 46 7.06 3.45 5.71
CA VAL A 46 6.73 2.17 6.33
C VAL A 46 6.13 1.23 5.30
N LEU A 47 5.31 1.79 4.43
CA LEU A 47 4.64 1.03 3.38
C LEU A 47 5.65 0.31 2.50
N LYS A 48 6.76 0.98 2.25
CA LYS A 48 7.80 0.40 1.41
C LYS A 48 8.38 -0.84 2.06
N GLU A 49 8.51 -0.82 3.38
CA GLU A 49 9.09 -1.97 4.09
C GLU A 49 8.25 -3.24 3.97
N MET A 50 6.94 -3.12 4.12
CA MET A 50 6.08 -4.31 4.02
C MET A 50 5.95 -4.76 2.58
N GLU A 51 5.78 -3.81 1.67
CA GLU A 51 5.66 -4.14 0.25
C GLU A 51 6.95 -4.76 -0.26
N ALA A 52 8.08 -4.20 0.19
CA ALA A 52 9.38 -4.69 -0.21
C ALA A 52 9.57 -6.13 0.24
N ASN A 53 9.11 -6.42 1.45
CA ASN A 53 9.20 -7.76 1.99
C ASN A 53 8.40 -8.73 1.15
N ALA A 54 7.24 -8.28 0.67
CA ALA A 54 6.39 -9.16 -0.14
C ALA A 54 7.13 -9.60 -1.39
N ARG A 55 7.80 -8.67 -2.06
CA ARG A 55 8.55 -9.01 -3.26
C ARG A 55 9.74 -9.91 -2.92
N LYS A 56 10.39 -9.62 -1.79
CA LYS A 56 11.51 -10.43 -1.34
C LYS A 56 11.05 -11.83 -0.94
N ALA A 57 9.81 -11.90 -0.48
CA ALA A 57 9.24 -13.18 -0.06
C ALA A 57 9.22 -14.18 -1.20
N GLY A 58 8.93 -13.69 -2.40
CA GLY A 58 8.88 -14.58 -3.56
C GLY A 58 7.44 -14.93 -3.88
N CYS A 59 6.55 -13.96 -3.70
CA CYS A 59 5.13 -14.15 -3.96
C CYS A 59 4.91 -14.81 -5.31
N THR A 60 3.95 -15.74 -5.35
CA THR A 60 3.65 -16.42 -6.59
C THR A 60 2.96 -15.47 -7.57
N ARG A 61 2.79 -15.92 -8.81
CA ARG A 61 2.15 -15.10 -9.82
C ARG A 61 0.71 -14.81 -9.42
N GLY A 62 0.07 -15.77 -8.77
CA GLY A 62 -1.33 -15.62 -8.38
C GLY A 62 -1.55 -14.38 -7.53
N CYS A 63 -0.78 -14.20 -6.46
CA CYS A 63 -0.99 -13.01 -5.63
C CYS A 63 -0.10 -11.87 -6.10
N LEU A 64 0.78 -12.12 -7.05
CA LEU A 64 1.61 -11.06 -7.57
C LEU A 64 0.66 -9.98 -8.10
N ILE A 65 -0.45 -10.45 -8.68
CA ILE A 65 -1.46 -9.56 -9.22
C ILE A 65 -2.54 -9.19 -8.19
N CYS A 66 -2.59 -9.92 -7.07
CA CYS A 66 -3.61 -9.62 -6.06
C CYS A 66 -3.34 -8.29 -5.38
N LEU A 67 -2.10 -7.79 -5.49
CA LEU A 67 -1.76 -6.50 -4.88
C LEU A 67 -1.18 -5.52 -5.91
N SER A 68 -0.31 -6.01 -6.79
CA SER A 68 0.30 -5.15 -7.80
C SER A 68 -0.71 -4.71 -8.87
N HIS A 69 -1.51 -5.66 -9.32
CA HIS A 69 -2.50 -5.40 -10.36
C HIS A 69 -3.65 -4.53 -9.85
N ILE A 70 -3.78 -4.40 -8.54
CA ILE A 70 -4.89 -3.63 -7.98
C ILE A 70 -4.64 -2.13 -8.14
N LYS A 71 -5.58 -1.47 -8.82
CA LYS A 71 -5.49 -0.04 -9.04
C LYS A 71 -6.61 0.66 -8.28
N CYS A 72 -6.25 1.63 -7.45
CA CYS A 72 -7.25 2.34 -6.67
C CYS A 72 -7.91 3.45 -7.49
N THR A 73 -9.11 3.80 -7.09
CA THR A 73 -9.86 4.86 -7.73
C THR A 73 -10.02 6.01 -6.74
N PRO A 74 -10.27 7.21 -7.21
CA PRO A 74 -10.44 8.37 -6.30
C PRO A 74 -11.62 8.15 -5.34
N LYS A 75 -12.46 7.16 -5.66
CA LYS A 75 -13.61 6.85 -4.82
C LYS A 75 -13.23 5.76 -3.81
N MET A 76 -12.61 4.71 -4.31
CA MET A 76 -12.20 3.60 -3.47
C MET A 76 -11.22 4.07 -2.40
N LYS A 77 -10.23 4.85 -2.81
CA LYS A 77 -9.22 5.33 -1.88
C LYS A 77 -9.84 6.23 -0.81
N LYS A 78 -10.76 7.10 -1.22
CA LYS A 78 -11.40 8.04 -0.30
C LYS A 78 -12.17 7.34 0.82
N PHE A 79 -12.95 6.32 0.49
CA PHE A 79 -13.75 5.64 1.52
C PHE A 79 -13.13 4.32 1.98
N ILE A 80 -12.13 3.83 1.27
CA ILE A 80 -11.48 2.58 1.64
C ILE A 80 -9.97 2.72 1.64
N PRO A 81 -9.44 3.39 2.63
CA PRO A 81 -7.96 3.62 2.76
C PRO A 81 -7.18 2.31 2.76
N GLY A 82 -6.01 2.30 2.13
CA GLY A 82 -5.19 1.11 2.06
C GLY A 82 -3.80 1.41 1.51
N ARG A 83 -3.26 0.44 0.77
CA ARG A 83 -1.93 0.58 0.18
C ARG A 83 -1.87 1.77 -0.76
N CYS A 84 -2.92 1.97 -1.56
CA CYS A 84 -2.95 3.07 -2.51
C CYS A 84 -2.73 4.41 -1.82
N HIS A 85 -1.79 5.18 -2.35
CA HIS A 85 -1.47 6.50 -1.80
C HIS A 85 -0.39 7.17 -2.65
N THR A 86 0.64 6.41 -2.99
CA THR A 86 1.75 6.91 -3.80
C THR A 86 1.28 7.28 -5.21
N TYR A 87 0.44 6.42 -5.79
CA TYR A 87 -0.08 6.62 -7.14
C TYR A 87 1.05 6.60 -8.17
N GLU A 88 0.82 5.88 -9.27
CA GLU A 88 1.82 5.77 -10.33
C GLU A 88 2.08 7.14 -10.99
N GLY A 89 1.16 8.07 -10.79
CA GLY A 89 1.32 9.42 -11.34
C GLY A 89 0.52 9.61 -12.64
N ASP A 90 0.37 8.54 -13.40
CA ASP A 90 -0.38 8.60 -14.65
C ASP A 90 -1.86 8.87 -14.37
N LYS A 91 -2.52 9.54 -15.32
CA LYS A 91 -3.93 9.85 -15.19
C LYS A 91 -4.79 8.87 -15.96
N GLU A 92 -4.24 7.68 -16.20
CA GLU A 92 -4.92 6.64 -16.95
C GLU A 92 -5.02 7.01 -18.42
N SER A 93 -3.91 7.51 -18.95
CA SER A 93 -3.84 7.91 -20.35
C SER A 93 -2.75 7.13 -21.08
N ALA A 94 -2.96 6.90 -22.36
CA ALA A 94 -2.00 6.15 -23.17
C ALA A 94 -0.64 6.84 -23.19
N GLN A 95 -0.66 8.17 -23.27
CA GLN A 95 0.58 8.95 -23.31
C GLN A 95 1.00 9.37 -21.91
N GLY A 96 0.82 8.49 -20.93
CA GLY A 96 1.20 8.79 -19.56
C GLY A 96 2.69 9.08 -19.45
N GLY A 97 3.49 8.28 -20.17
CA GLY A 97 4.93 8.45 -20.16
C GLY A 97 5.61 7.65 -19.06
N ILE A 98 4.83 7.12 -18.14
CA ILE A 98 5.39 6.33 -17.04
C ILE A 98 5.24 4.83 -17.32
N GLY A 99 4.04 4.44 -17.75
CA GLY A 99 3.78 3.03 -18.05
C GLY A 99 2.63 2.51 -17.19
N GLU A 100 1.51 3.24 -17.21
CA GLU A 100 0.34 2.86 -16.43
C GLU A 100 -0.17 1.48 -16.83
N ALA A 101 -0.89 0.84 -15.92
CA ALA A 101 -1.44 -0.48 -16.18
C ALA A 101 -2.89 -0.38 -16.62
N ILE A 102 -3.25 -1.26 -17.54
CA ILE A 102 -4.60 -1.29 -18.09
C ILE A 102 -5.64 -1.55 -16.99
N VAL A 103 -5.38 -2.58 -16.19
CA VAL A 103 -6.23 -2.97 -15.08
C VAL A 103 -7.48 -3.72 -15.53
N ASP A 104 -7.81 -3.59 -16.80
CA ASP A 104 -8.98 -4.26 -17.32
C ASP A 104 -8.74 -5.75 -17.41
N ILE A 105 -9.35 -6.49 -16.48
CA ILE A 105 -9.21 -7.94 -16.46
C ILE A 105 -10.19 -8.54 -17.48
N PRO A 106 -9.75 -9.42 -18.35
CA PRO A 106 -10.65 -10.01 -19.37
C PRO A 106 -11.77 -10.84 -18.73
N GLU A 107 -11.49 -11.38 -17.55
CA GLU A 107 -12.48 -12.16 -16.84
C GLU A 107 -13.61 -11.28 -16.30
N ILE A 108 -13.27 -10.04 -15.96
CA ILE A 108 -14.27 -9.11 -15.43
C ILE A 108 -14.99 -8.40 -16.59
N PRO A 109 -16.31 -8.48 -16.67
CA PRO A 109 -17.05 -7.80 -17.75
C PRO A 109 -17.37 -6.34 -17.41
N GLY A 110 -16.55 -5.43 -17.93
CA GLY A 110 -16.77 -4.01 -17.66
C GLY A 110 -16.63 -3.68 -16.18
N PHE A 111 -15.43 -3.86 -15.64
CA PHE A 111 -15.19 -3.56 -14.22
C PHE A 111 -15.56 -2.10 -13.91
N LYS A 112 -15.59 -1.28 -14.94
CA LYS A 112 -15.93 0.12 -14.76
C LYS A 112 -17.41 0.28 -14.42
N ASP A 113 -18.21 -0.70 -14.85
CA ASP A 113 -19.64 -0.69 -14.61
C ASP A 113 -19.95 -0.91 -13.14
N LEU A 114 -19.16 -1.77 -12.52
CA LEU A 114 -19.34 -2.08 -11.10
C LEU A 114 -18.69 -1.00 -10.25
N GLU A 115 -19.10 -0.92 -8.98
CA GLU A 115 -18.55 0.10 -8.09
C GLU A 115 -17.09 -0.20 -7.76
N PRO A 116 -16.35 0.79 -7.31
CA PRO A 116 -14.90 0.65 -6.99
C PRO A 116 -14.61 -0.46 -5.96
N MET A 117 -15.47 -0.61 -4.97
CA MET A 117 -15.24 -1.64 -3.96
C MET A 117 -15.22 -3.02 -4.63
N GLU A 118 -16.23 -3.27 -5.45
CA GLU A 118 -16.32 -4.52 -6.18
C GLU A 118 -15.13 -4.65 -7.12
N GLN A 119 -14.74 -3.52 -7.69
CA GLN A 119 -13.63 -3.48 -8.62
C GLN A 119 -12.35 -3.97 -7.94
N PHE A 120 -12.15 -3.60 -6.68
CA PHE A 120 -10.96 -4.03 -5.95
C PHE A 120 -10.88 -5.54 -5.87
N ILE A 121 -11.96 -6.15 -5.41
CA ILE A 121 -12.00 -7.60 -5.29
C ILE A 121 -11.84 -8.26 -6.65
N ALA A 122 -12.45 -7.66 -7.66
CA ALA A 122 -12.41 -8.22 -9.01
C ALA A 122 -10.98 -8.33 -9.55
N GLN A 123 -10.16 -7.30 -9.35
CA GLN A 123 -8.79 -7.35 -9.86
C GLN A 123 -7.96 -8.44 -9.17
N VAL A 124 -8.15 -8.60 -7.86
CA VAL A 124 -7.40 -9.63 -7.09
C VAL A 124 -8.09 -11.00 -7.20
N ASP A 125 -9.35 -11.01 -7.59
CA ASP A 125 -10.08 -12.27 -7.72
C ASP A 125 -9.33 -13.23 -8.63
N LEU A 126 -8.54 -12.69 -9.56
CA LEU A 126 -7.80 -13.51 -10.50
C LEU A 126 -6.72 -14.33 -9.81
N CYS A 127 -6.44 -14.03 -8.54
CA CYS A 127 -5.41 -14.76 -7.81
C CYS A 127 -5.92 -16.15 -7.39
N VAL A 128 -6.30 -16.96 -8.36
CA VAL A 128 -6.79 -18.30 -8.06
C VAL A 128 -5.71 -19.08 -7.29
N ASP A 129 -4.46 -18.62 -7.41
CA ASP A 129 -3.34 -19.27 -6.74
C ASP A 129 -2.90 -18.46 -5.52
N CYS A 130 -3.77 -17.55 -5.07
CA CYS A 130 -3.49 -16.69 -3.91
C CYS A 130 -2.81 -17.51 -2.81
N THR A 131 -1.69 -17.00 -2.29
CA THR A 131 -0.96 -17.73 -1.25
C THR A 131 -0.71 -16.88 -0.01
N THR A 132 -0.56 -17.57 1.12
CA THR A 132 -0.29 -16.93 2.41
C THR A 132 1.09 -16.30 2.41
N GLY A 133 2.05 -16.97 1.78
CA GLY A 133 3.43 -16.49 1.73
C GLY A 133 3.49 -15.08 1.16
N CYS A 134 2.64 -14.79 0.18
CA CYS A 134 2.63 -13.47 -0.42
C CYS A 134 2.31 -12.43 0.65
N LEU A 135 1.37 -12.77 1.52
CA LEU A 135 0.97 -11.88 2.61
C LEU A 135 1.99 -11.94 3.75
N LYS A 136 2.78 -13.00 3.79
CA LYS A 136 3.78 -13.17 4.85
C LYS A 136 4.79 -12.03 4.84
N GLY A 137 5.21 -11.61 3.65
CA GLY A 137 6.17 -10.52 3.53
C GLY A 137 5.62 -9.26 4.17
N LEU A 138 4.34 -9.02 3.98
CA LEU A 138 3.70 -7.84 4.55
C LEU A 138 3.75 -7.88 6.07
N ALA A 139 3.55 -9.07 6.63
CA ALA A 139 3.55 -9.25 8.08
C ALA A 139 4.97 -9.39 8.65
N ASN A 140 5.97 -9.45 7.78
CA ASN A 140 7.35 -9.60 8.25
C ASN A 140 7.88 -8.31 8.87
N VAL A 141 7.15 -7.20 8.70
CA VAL A 141 7.58 -5.93 9.27
C VAL A 141 7.15 -5.80 10.73
N GLN A 142 6.73 -6.91 11.35
CA GLN A 142 6.31 -6.86 12.74
C GLN A 142 7.46 -6.40 13.62
N CYS A 143 8.66 -6.93 13.37
CA CYS A 143 9.84 -6.54 14.13
C CYS A 143 10.88 -5.94 13.19
N SER A 144 11.03 -4.62 13.24
CA SER A 144 12.00 -3.94 12.40
C SER A 144 12.40 -2.61 13.02
N ASP A 145 13.64 -2.20 12.81
CA ASP A 145 14.14 -0.95 13.37
C ASP A 145 13.35 0.24 12.83
N LEU A 146 13.10 0.25 11.53
CA LEU A 146 12.37 1.36 10.91
C LEU A 146 10.95 1.43 11.48
N LEU A 147 10.31 0.28 11.56
CA LEU A 147 8.94 0.22 12.07
C LEU A 147 8.91 0.69 13.52
N LYS A 148 9.96 0.37 14.25
CA LYS A 148 10.07 0.73 15.66
C LYS A 148 10.02 2.24 15.84
N LYS A 149 10.78 2.97 15.04
CA LYS A 149 10.79 4.43 15.17
C LYS A 149 9.48 5.06 14.71
N TRP A 150 8.74 4.36 13.85
CA TRP A 150 7.48 4.90 13.36
C TRP A 150 6.28 4.43 14.20
N LEU A 151 6.48 3.41 15.01
CA LEU A 151 5.38 2.89 15.84
C LEU A 151 5.79 2.83 17.31
N PRO A 152 4.84 2.95 18.21
CA PRO A 152 5.10 2.89 19.69
C PRO A 152 5.44 1.48 20.16
N GLN A 153 5.09 0.50 19.35
CA GLN A 153 5.34 -0.90 19.68
C GLN A 153 6.84 -1.19 19.72
N ARG A 154 7.22 -2.23 20.46
CA ARG A 154 8.63 -2.59 20.58
C ARG A 154 8.80 -4.09 20.32
N CYS A 155 10.02 -4.48 19.98
CA CYS A 155 10.32 -5.88 19.70
C CYS A 155 11.83 -6.13 19.79
N ALA A 156 12.56 -5.73 18.74
CA ALA A 156 14.01 -5.90 18.72
C ALA A 156 14.67 -5.11 19.84
N THR A 157 14.19 -3.88 20.05
CA THR A 157 14.75 -3.02 21.07
C THR A 157 13.65 -2.19 21.74
N PHE A 158 14.00 -1.00 22.25
CA PHE A 158 13.02 -0.15 22.91
C PHE A 158 12.63 1.04 22.02
N ALA A 159 11.41 1.53 22.20
CA ALA A 159 10.92 2.65 21.39
C ALA A 159 11.79 3.89 21.57
N SER A 160 11.92 4.67 20.49
CA SER A 160 12.72 5.88 20.52
C SER A 160 12.15 6.91 19.55
N LYS A 161 12.59 8.16 19.70
CA LYS A 161 12.12 9.23 18.83
C LYS A 161 12.58 9.01 17.39
N ILE A 162 11.79 9.48 16.43
CA ILE A 162 12.14 9.31 15.01
C ILE A 162 13.18 10.34 14.60
N GLN A 163 14.39 9.87 14.32
CA GLN A 163 15.47 10.77 13.92
C GLN A 163 16.13 10.26 12.65
N GLY A 164 16.54 11.19 11.78
CA GLY A 164 17.21 10.83 10.53
C GLY A 164 17.26 12.03 9.59
N GLN A 165 17.95 11.86 8.47
CA GLN A 165 18.06 12.93 7.49
C GLN A 165 18.45 12.37 6.12
N VAL A 166 18.03 13.07 5.07
CA VAL A 166 18.33 12.65 3.71
C VAL A 166 19.12 13.73 2.96
N ASP A 167 19.29 14.89 3.58
CA ASP A 167 20.02 15.98 2.96
C ASP A 167 21.51 15.86 3.23
N LYS A 168 22.19 15.09 2.39
CA LYS A 168 23.63 14.87 2.56
C LYS A 168 24.40 16.16 2.30
N ILE A 169 25.57 16.26 2.91
CA ILE A 169 26.40 17.45 2.77
C ILE A 169 26.79 17.66 1.30
N LYS A 170 27.21 16.57 0.64
CA LYS A 170 27.60 16.67 -0.77
C LYS A 170 26.69 15.79 -1.63
N GLY A 171 26.07 16.39 -2.64
CA GLY A 171 25.20 15.64 -3.54
C GLY A 171 25.97 14.57 -4.29
N ALA A 172 27.17 14.93 -4.73
CA ALA A 172 28.01 13.98 -5.47
C ALA A 172 28.54 12.90 -4.55
N GLY A 173 28.66 11.68 -5.10
CA GLY A 173 29.17 10.55 -4.31
C GLY A 173 30.50 10.07 -4.87
N GLY A 174 31.41 9.70 -3.97
CA GLY A 174 32.72 9.22 -4.37
C GLY A 174 33.58 10.37 -4.92
N ASP A 175 34.58 10.02 -5.72
CA ASP A 175 35.46 11.02 -6.30
C ASP A 175 34.83 11.62 -7.56
N LEU A 30 14.39 10.97 -9.47
CA LEU A 30 14.83 12.30 -8.93
C LEU A 30 14.24 12.49 -7.53
N ASP A 31 14.98 12.06 -6.52
CA ASP A 31 14.52 12.18 -5.15
C ASP A 31 13.18 11.48 -4.98
N ALA A 32 13.00 10.40 -5.73
CA ALA A 32 11.77 9.63 -5.66
C ALA A 32 11.61 9.06 -4.27
N ASP A 33 12.70 8.56 -3.71
CA ASP A 33 12.68 8.01 -2.37
C ASP A 33 12.35 9.11 -1.37
N ARG A 34 12.92 10.29 -1.60
CA ARG A 34 12.71 11.44 -0.73
C ARG A 34 11.37 12.09 -1.07
N GLY A 35 10.90 12.94 -0.17
CA GLY A 35 9.63 13.63 -0.38
C GLY A 35 9.37 14.67 0.70
N LYS A 36 8.38 15.52 0.46
CA LYS A 36 8.02 16.56 1.42
C LYS A 36 7.54 15.93 2.73
N LEU A 37 6.79 14.84 2.61
CA LEU A 37 6.25 14.15 3.77
C LEU A 37 5.35 15.06 4.60
N PRO A 38 4.20 15.41 4.07
CA PRO A 38 3.23 16.30 4.78
C PRO A 38 2.79 15.72 6.12
N GLY A 39 2.46 16.59 7.05
CA GLY A 39 2.03 16.15 8.38
C GLY A 39 0.62 15.61 8.35
N LYS A 40 0.18 15.07 9.49
CA LYS A 40 -1.16 14.49 9.61
C LYS A 40 -1.35 13.35 8.61
N LYS A 41 -0.25 12.73 8.22
CA LYS A 41 -0.29 11.61 7.29
C LYS A 41 0.73 10.55 7.67
N LEU A 42 0.44 9.30 7.31
CA LEU A 42 1.36 8.21 7.62
C LEU A 42 2.63 8.34 6.80
N PRO A 43 3.74 7.80 7.27
CA PRO A 43 5.03 7.88 6.55
C PRO A 43 5.07 7.02 5.29
N LEU A 44 5.77 7.51 4.27
CA LEU A 44 5.89 6.79 3.01
C LEU A 44 7.02 5.77 3.06
N GLU A 45 7.98 6.01 3.94
CA GLU A 45 9.13 5.12 4.06
C GLU A 45 8.69 3.70 4.43
N VAL A 46 7.73 3.59 5.33
CA VAL A 46 7.25 2.27 5.75
C VAL A 46 6.41 1.62 4.66
N LEU A 47 5.81 2.45 3.80
CA LEU A 47 4.98 1.94 2.72
C LEU A 47 5.79 1.04 1.81
N LYS A 48 7.00 1.47 1.48
CA LYS A 48 7.87 0.69 0.62
C LYS A 48 8.39 -0.55 1.35
N GLU A 49 8.51 -0.46 2.67
CA GLU A 49 9.04 -1.59 3.46
C GLU A 49 8.15 -2.82 3.39
N MET A 50 6.84 -2.65 3.52
CA MET A 50 5.94 -3.81 3.47
C MET A 50 5.88 -4.38 2.06
N GLU A 51 5.84 -3.51 1.06
CA GLU A 51 5.79 -3.96 -0.32
C GLU A 51 7.08 -4.70 -0.67
N ALA A 52 8.20 -4.15 -0.22
CA ALA A 52 9.50 -4.75 -0.49
C ALA A 52 9.57 -6.14 0.14
N ASN A 53 9.06 -6.26 1.36
CA ASN A 53 9.06 -7.53 2.05
C ASN A 53 8.20 -8.54 1.30
N ALA A 54 7.08 -8.06 0.74
CA ALA A 54 6.20 -8.95 0.00
C ALA A 54 6.93 -9.53 -1.20
N ARG A 55 7.68 -8.69 -1.89
CA ARG A 55 8.45 -9.14 -3.05
C ARG A 55 9.51 -10.14 -2.63
N LYS A 56 10.17 -9.84 -1.51
CA LYS A 56 11.22 -10.72 -0.98
C LYS A 56 10.60 -12.06 -0.61
N ALA A 57 9.38 -12.01 -0.10
CA ALA A 57 8.67 -13.22 0.31
C ALA A 57 8.51 -14.18 -0.87
N GLY A 58 8.64 -13.65 -2.09
CA GLY A 58 8.51 -14.49 -3.28
C GLY A 58 7.05 -14.70 -3.63
N CYS A 59 6.25 -13.66 -3.45
CA CYS A 59 4.82 -13.72 -3.76
C CYS A 59 4.63 -14.37 -5.12
N THR A 60 3.68 -15.29 -5.22
CA THR A 60 3.44 -15.96 -6.50
C THR A 60 2.84 -15.02 -7.52
N ARG A 61 2.91 -15.39 -8.79
CA ARG A 61 2.36 -14.56 -9.86
C ARG A 61 0.87 -14.39 -9.65
N GLY A 62 0.25 -15.44 -9.14
CA GLY A 62 -1.19 -15.42 -8.91
C GLY A 62 -1.58 -14.27 -8.00
N CYS A 63 -0.78 -14.00 -6.96
CA CYS A 63 -1.10 -12.89 -6.07
C CYS A 63 -0.21 -11.70 -6.34
N LEU A 64 0.73 -11.83 -7.26
CA LEU A 64 1.57 -10.70 -7.60
C LEU A 64 0.66 -9.58 -8.07
N ILE A 65 -0.39 -9.99 -8.78
CA ILE A 65 -1.39 -9.06 -9.30
C ILE A 65 -2.24 -8.49 -8.16
N CYS A 66 -2.14 -9.07 -6.97
CA CYS A 66 -2.89 -8.58 -5.81
C CYS A 66 -2.44 -7.17 -5.47
N LEU A 67 -1.25 -6.80 -5.94
CA LEU A 67 -0.71 -5.48 -5.64
C LEU A 67 -0.24 -4.76 -6.91
N SER A 68 0.33 -5.50 -7.85
CA SER A 68 0.83 -4.93 -9.08
C SER A 68 -0.28 -4.48 -10.02
N HIS A 69 -1.35 -5.27 -10.10
CA HIS A 69 -2.44 -4.96 -11.02
C HIS A 69 -3.64 -4.29 -10.36
N ILE A 70 -3.58 -4.00 -9.07
CA ILE A 70 -4.73 -3.35 -8.43
C ILE A 70 -4.64 -1.84 -8.53
N LYS A 71 -5.61 -1.24 -9.22
CA LYS A 71 -5.67 0.21 -9.33
C LYS A 71 -6.86 0.68 -8.51
N CYS A 72 -6.61 1.60 -7.58
CA CYS A 72 -7.69 2.07 -6.71
C CYS A 72 -8.25 3.41 -7.13
N THR A 73 -9.57 3.45 -7.25
CA THR A 73 -10.26 4.68 -7.58
C THR A 73 -10.28 5.54 -6.33
N PRO A 74 -10.44 6.83 -6.45
CA PRO A 74 -10.46 7.74 -5.26
C PRO A 74 -11.60 7.40 -4.31
N LYS A 75 -12.59 6.67 -4.80
CA LYS A 75 -13.73 6.28 -3.96
C LYS A 75 -13.38 5.14 -3.03
N MET A 76 -12.68 4.14 -3.56
CA MET A 76 -12.31 2.98 -2.75
C MET A 76 -11.20 3.32 -1.78
N LYS A 77 -10.45 4.39 -2.07
CA LYS A 77 -9.38 4.81 -1.18
C LYS A 77 -9.96 5.62 -0.03
N LYS A 78 -10.80 6.60 -0.38
CA LYS A 78 -11.45 7.46 0.59
C LYS A 78 -12.41 6.68 1.48
N PHE A 79 -13.14 5.74 0.88
CA PHE A 79 -14.11 4.93 1.61
C PHE A 79 -13.74 3.46 1.54
N ILE A 80 -14.39 2.64 2.35
CA ILE A 80 -14.10 1.21 2.38
C ILE A 80 -12.68 0.97 2.93
N PRO A 81 -12.49 0.05 3.85
CA PRO A 81 -11.13 -0.22 4.42
C PRO A 81 -10.20 -0.90 3.43
N GLY A 82 -8.91 -0.62 3.54
CA GLY A 82 -7.92 -1.20 2.65
C GLY A 82 -6.70 -0.29 2.51
N ARG A 83 -5.79 -0.66 1.61
CA ARG A 83 -4.59 0.15 1.39
C ARG A 83 -4.37 0.39 -0.10
N CYS A 84 -4.27 1.65 -0.48
CA CYS A 84 -4.06 2.01 -1.88
C CYS A 84 -3.09 3.17 -2.02
N HIS A 85 -2.41 3.23 -3.16
CA HIS A 85 -1.46 4.30 -3.43
C HIS A 85 -1.87 5.07 -4.68
N THR A 86 -2.25 6.34 -4.50
CA THR A 86 -2.67 7.17 -5.63
C THR A 86 -2.97 8.59 -5.16
N TYR A 87 -2.31 9.00 -4.09
CA TYR A 87 -2.52 10.32 -3.54
C TYR A 87 -2.18 11.41 -4.56
N GLU A 88 -1.03 11.26 -5.21
CA GLU A 88 -0.60 12.24 -6.20
C GLU A 88 -1.71 12.54 -7.18
N GLY A 89 -1.87 13.83 -7.48
CA GLY A 89 -2.89 14.27 -8.42
C GLY A 89 -2.27 14.57 -9.78
N ASP A 90 -1.56 13.58 -10.33
CA ASP A 90 -0.91 13.74 -11.63
C ASP A 90 -1.86 14.37 -12.64
N LYS A 91 -1.30 15.15 -13.56
CA LYS A 91 -2.09 15.82 -14.58
C LYS A 91 -2.81 14.83 -15.48
N GLU A 92 -2.11 13.82 -15.96
CA GLU A 92 -2.71 12.83 -16.84
C GLU A 92 -2.65 11.44 -16.22
N SER A 93 -1.43 11.01 -15.87
CA SER A 93 -1.25 9.69 -15.26
C SER A 93 0.24 9.40 -15.05
N ALA A 94 0.76 9.82 -13.91
CA ALA A 94 2.17 9.58 -13.60
C ALA A 94 2.44 8.09 -13.54
N GLN A 95 1.48 7.35 -12.97
CA GLN A 95 1.60 5.91 -12.84
C GLN A 95 0.72 5.21 -13.88
N GLY A 96 1.26 4.21 -14.55
CA GLY A 96 0.50 3.48 -15.55
C GLY A 96 0.56 4.16 -16.92
N GLY A 97 1.29 5.27 -17.01
CA GLY A 97 1.42 5.98 -18.29
C GLY A 97 2.05 5.05 -19.31
N ILE A 98 3.06 4.29 -18.87
CA ILE A 98 3.73 3.35 -19.75
C ILE A 98 2.75 2.28 -20.20
N GLY A 99 1.94 1.79 -19.27
CA GLY A 99 0.96 0.77 -19.58
C GLY A 99 0.61 -0.07 -18.35
N GLU A 100 1.64 -0.62 -17.72
CA GLU A 100 1.45 -1.44 -16.52
C GLU A 100 0.32 -2.43 -16.72
N ALA A 101 0.19 -2.89 -17.96
CA ALA A 101 -0.84 -3.85 -18.31
C ALA A 101 -2.22 -3.20 -18.25
N ILE A 102 -3.26 -4.03 -18.37
CA ILE A 102 -4.62 -3.52 -18.34
C ILE A 102 -5.29 -3.83 -17.00
N VAL A 103 -5.72 -2.78 -16.30
CA VAL A 103 -6.39 -2.95 -15.03
C VAL A 103 -7.70 -3.69 -15.22
N ASP A 104 -8.41 -3.33 -16.29
CA ASP A 104 -9.69 -3.96 -16.59
C ASP A 104 -9.50 -5.43 -16.91
N ILE A 105 -10.14 -6.30 -16.14
CA ILE A 105 -10.02 -7.73 -16.38
C ILE A 105 -11.23 -8.21 -17.21
N PRO A 106 -11.01 -8.88 -18.33
CA PRO A 106 -12.13 -9.37 -19.19
C PRO A 106 -12.94 -10.48 -18.52
N GLU A 107 -12.31 -11.15 -17.56
CA GLU A 107 -12.96 -12.26 -16.86
C GLU A 107 -14.05 -11.75 -15.93
N ILE A 108 -13.91 -10.51 -15.47
CA ILE A 108 -14.89 -9.94 -14.54
C ILE A 108 -16.13 -9.44 -15.28
N PRO A 109 -17.32 -9.91 -14.94
CA PRO A 109 -18.57 -9.45 -15.60
C PRO A 109 -19.07 -8.14 -14.99
N GLY A 110 -19.36 -7.15 -15.83
CA GLY A 110 -19.86 -5.87 -15.33
C GLY A 110 -18.83 -5.21 -14.40
N PHE A 111 -17.55 -5.38 -14.74
CA PHE A 111 -16.47 -4.81 -13.92
C PHE A 111 -16.63 -3.29 -13.80
N LYS A 112 -16.87 -2.63 -14.91
CA LYS A 112 -17.05 -1.20 -14.90
C LYS A 112 -18.43 -0.86 -14.35
N ASP A 113 -19.30 -1.86 -14.26
CA ASP A 113 -20.66 -1.65 -13.79
C ASP A 113 -20.80 -1.93 -12.28
N LEU A 114 -19.72 -2.32 -11.61
CA LEU A 114 -19.79 -2.58 -10.18
C LEU A 114 -19.11 -1.46 -9.40
N GLU A 115 -19.42 -1.37 -8.11
CA GLU A 115 -18.86 -0.32 -7.27
C GLU A 115 -17.36 -0.52 -7.05
N PRO A 116 -16.66 0.51 -6.65
CA PRO A 116 -15.18 0.45 -6.42
C PRO A 116 -14.78 -0.65 -5.45
N MET A 117 -15.60 -0.90 -4.44
CA MET A 117 -15.27 -1.95 -3.49
C MET A 117 -15.16 -3.28 -4.22
N GLU A 118 -16.17 -3.58 -5.02
CA GLU A 118 -16.19 -4.81 -5.79
C GLU A 118 -15.05 -4.78 -6.79
N GLN A 119 -14.79 -3.59 -7.32
CA GLN A 119 -13.75 -3.41 -8.31
C GLN A 119 -12.39 -3.84 -7.74
N PHE A 120 -12.11 -3.49 -6.49
CA PHE A 120 -10.85 -3.87 -5.86
C PHE A 120 -10.71 -5.38 -5.74
N ILE A 121 -11.71 -6.02 -5.17
CA ILE A 121 -11.67 -7.47 -4.98
C ILE A 121 -11.58 -8.20 -6.31
N ALA A 122 -12.31 -7.72 -7.30
CA ALA A 122 -12.33 -8.37 -8.61
C ALA A 122 -10.94 -8.40 -9.25
N GLN A 123 -10.19 -7.31 -9.13
CA GLN A 123 -8.87 -7.24 -9.75
C GLN A 123 -7.92 -8.28 -9.15
N VAL A 124 -7.97 -8.42 -7.82
CA VAL A 124 -7.13 -9.39 -7.13
C VAL A 124 -7.80 -10.78 -7.13
N ASP A 125 -9.09 -10.82 -7.47
CA ASP A 125 -9.81 -12.08 -7.50
C ASP A 125 -9.10 -13.08 -8.41
N LEU A 126 -8.43 -12.59 -9.45
CA LEU A 126 -7.73 -13.47 -10.36
C LEU A 126 -6.72 -14.33 -9.63
N CYS A 127 -6.30 -13.90 -8.45
CA CYS A 127 -5.34 -14.65 -7.68
C CYS A 127 -5.95 -15.93 -7.14
N VAL A 128 -5.85 -16.99 -7.92
CA VAL A 128 -6.35 -18.29 -7.52
C VAL A 128 -5.21 -19.13 -6.95
N ASP A 129 -3.98 -18.67 -7.17
CA ASP A 129 -2.80 -19.36 -6.67
C ASP A 129 -2.24 -18.65 -5.44
N CYS A 130 -3.04 -17.76 -4.86
CA CYS A 130 -2.64 -17.01 -3.68
C CYS A 130 -1.91 -17.91 -2.69
N THR A 131 -0.84 -17.40 -2.09
CA THR A 131 -0.07 -18.19 -1.15
C THR A 131 0.06 -17.48 0.20
N THR A 132 0.20 -18.27 1.25
CA THR A 132 0.34 -17.74 2.61
C THR A 132 1.64 -16.98 2.77
N GLY A 133 2.71 -17.49 2.16
CA GLY A 133 4.02 -16.87 2.27
C GLY A 133 3.97 -15.42 1.79
N CYS A 134 3.19 -15.15 0.76
CA CYS A 134 3.06 -13.80 0.25
C CYS A 134 2.53 -12.89 1.35
N LEU A 135 1.50 -13.37 2.05
CA LEU A 135 0.90 -12.61 3.15
C LEU A 135 1.92 -12.39 4.26
N LYS A 136 2.77 -13.38 4.48
CA LYS A 136 3.78 -13.31 5.53
C LYS A 136 4.70 -12.12 5.30
N GLY A 137 5.05 -11.86 4.05
CA GLY A 137 5.94 -10.74 3.75
C GLY A 137 5.33 -9.43 4.22
N LEU A 138 4.03 -9.27 4.01
CA LEU A 138 3.34 -8.06 4.45
C LEU A 138 3.39 -7.96 5.97
N ALA A 139 3.23 -9.10 6.64
CA ALA A 139 3.27 -9.14 8.10
C ALA A 139 4.70 -9.22 8.61
N ASN A 140 5.67 -9.28 7.70
CA ASN A 140 7.07 -9.38 8.09
C ASN A 140 7.56 -8.06 8.69
N VAL A 141 6.93 -6.96 8.29
CA VAL A 141 7.32 -5.64 8.78
C VAL A 141 6.57 -5.29 10.06
N GLN A 142 5.85 -6.25 10.65
CA GLN A 142 5.10 -5.98 11.86
C GLN A 142 6.03 -5.55 13.00
N CYS A 143 7.19 -6.20 13.11
CA CYS A 143 8.14 -5.86 14.16
C CYS A 143 9.46 -5.37 13.59
N SER A 144 9.43 -4.86 12.36
CA SER A 144 10.64 -4.34 11.71
C SER A 144 11.18 -3.16 12.49
N ASP A 145 12.50 -2.98 12.45
CA ASP A 145 13.12 -1.89 13.18
C ASP A 145 12.60 -0.54 12.71
N LEU A 146 12.42 -0.37 11.40
CA LEU A 146 11.91 0.89 10.88
C LEU A 146 10.46 1.10 11.30
N LEU A 147 9.66 0.05 11.18
CA LEU A 147 8.26 0.13 11.55
C LEU A 147 8.11 0.40 13.03
N LYS A 148 9.08 -0.09 13.81
CA LYS A 148 9.05 0.09 15.25
C LYS A 148 9.04 1.57 15.62
N LYS A 149 9.93 2.34 15.03
CA LYS A 149 10.00 3.78 15.32
C LYS A 149 8.79 4.52 14.76
N TRP A 150 8.23 4.02 13.67
CA TRP A 150 7.08 4.70 13.07
C TRP A 150 5.76 4.24 13.70
N LEU A 151 5.79 3.09 14.39
CA LEU A 151 4.59 2.58 15.04
C LEU A 151 4.76 2.56 16.57
N PRO A 152 4.03 3.38 17.30
CA PRO A 152 4.15 3.41 18.80
C PRO A 152 3.91 2.04 19.43
N GLN A 153 3.06 1.23 18.79
CA GLN A 153 2.75 -0.10 19.29
C GLN A 153 3.27 -1.17 18.35
N ARG A 154 3.00 -2.43 18.69
CA ARG A 154 3.43 -3.58 17.88
C ARG A 154 4.95 -3.68 17.86
N CYS A 155 5.50 -4.40 18.83
CA CYS A 155 6.95 -4.57 18.93
C CYS A 155 7.64 -3.23 19.08
N ALA A 156 7.00 -2.33 19.81
CA ALA A 156 7.54 -1.00 20.04
C ALA A 156 8.87 -1.08 20.79
N THR A 157 8.91 -1.95 21.80
CA THR A 157 10.11 -2.14 22.62
C THR A 157 10.78 -0.79 22.96
N PHE A 158 11.79 -0.41 22.18
CA PHE A 158 12.48 0.86 22.41
C PHE A 158 12.55 1.65 21.11
N ALA A 159 12.46 2.97 21.21
CA ALA A 159 12.51 3.81 20.03
C ALA A 159 13.53 4.94 20.20
N SER A 160 14.28 5.21 19.14
CA SER A 160 15.29 6.27 19.19
C SER A 160 14.74 7.59 18.65
N LYS A 161 13.46 7.60 18.30
CA LYS A 161 12.80 8.80 17.77
C LYS A 161 13.27 9.07 16.34
N ILE A 162 12.52 9.90 15.62
CA ILE A 162 12.87 10.22 14.24
C ILE A 162 13.51 11.61 14.17
N GLN A 163 14.34 11.81 13.15
CA GLN A 163 15.02 13.09 12.97
C GLN A 163 14.43 13.85 11.78
N GLY A 164 14.81 15.12 11.66
CA GLY A 164 14.32 15.94 10.57
C GLY A 164 13.04 16.68 10.94
N GLN A 165 12.66 16.61 12.22
CA GLN A 165 11.46 17.29 12.69
C GLN A 165 11.67 18.80 12.71
N VAL A 166 10.62 19.55 12.39
CA VAL A 166 10.70 21.00 12.38
C VAL A 166 10.99 21.53 13.78
N ASP A 167 10.58 20.76 14.78
CA ASP A 167 10.79 21.17 16.17
C ASP A 167 12.29 21.29 16.46
N LYS A 168 13.06 20.32 15.98
CA LYS A 168 14.50 20.32 16.19
C LYS A 168 14.86 20.50 17.66
N ILE A 169 15.13 19.39 18.34
CA ILE A 169 15.48 19.44 19.74
C ILE A 169 16.76 18.68 20.02
N LYS A 170 17.35 18.93 21.18
CA LYS A 170 18.59 18.28 21.58
C LYS A 170 18.40 16.77 21.65
N GLY A 171 17.25 16.35 22.17
CA GLY A 171 16.94 14.92 22.29
C GLY A 171 17.28 14.38 23.68
N ALA A 172 17.57 15.28 24.62
CA ALA A 172 17.90 14.86 25.97
C ALA A 172 16.73 14.11 26.60
N GLY A 173 15.51 14.60 26.34
CA GLY A 173 14.32 13.96 26.88
C GLY A 173 14.04 12.64 26.17
N GLY A 174 13.21 11.80 26.80
CA GLY A 174 12.88 10.51 26.21
C GLY A 174 14.03 9.52 26.39
N ASP A 175 14.93 9.80 27.31
CA ASP A 175 16.07 8.93 27.56
C ASP A 175 15.64 7.70 28.35
N LEU A 30 -5.83 3.27 18.94
CA LEU A 30 -6.78 3.10 20.08
C LEU A 30 -7.33 4.46 20.48
N ASP A 31 -8.64 4.52 20.71
CA ASP A 31 -9.30 5.77 21.09
C ASP A 31 -9.06 6.84 20.02
N ALA A 32 -8.93 6.39 18.78
CA ALA A 32 -8.69 7.31 17.68
C ALA A 32 -9.88 8.25 17.52
N ASP A 33 -11.08 7.70 17.65
CA ASP A 33 -12.29 8.50 17.53
C ASP A 33 -12.35 9.53 18.65
N ARG A 34 -11.95 9.11 19.84
CA ARG A 34 -11.98 9.99 21.01
C ARG A 34 -11.05 11.19 20.78
N GLY A 35 -9.89 10.93 20.17
CA GLY A 35 -8.94 12.00 19.90
C GLY A 35 -8.08 12.30 21.13
N LYS A 36 -8.23 11.51 22.17
CA LYS A 36 -7.45 11.71 23.39
C LYS A 36 -5.96 11.62 23.09
N LEU A 37 -5.58 10.59 22.34
CA LEU A 37 -4.17 10.39 21.99
C LEU A 37 -3.75 11.41 20.92
N PRO A 38 -2.48 11.69 20.81
CA PRO A 38 -1.96 12.66 19.79
C PRO A 38 -2.42 12.30 18.38
N GLY A 39 -2.51 11.00 18.12
CA GLY A 39 -2.94 10.52 16.81
C GLY A 39 -1.72 10.28 15.92
N LYS A 40 -1.89 9.41 14.92
CA LYS A 40 -0.80 9.09 14.02
C LYS A 40 -1.32 8.47 12.73
N LYS A 41 -0.49 8.52 11.69
CA LYS A 41 -0.86 7.95 10.40
C LYS A 41 0.25 7.03 9.91
N LEU A 42 -0.11 6.04 9.09
CA LEU A 42 0.90 5.10 8.60
C LEU A 42 1.97 5.87 7.80
N PRO A 43 3.20 5.89 8.26
CA PRO A 43 4.29 6.62 7.53
C PRO A 43 4.56 6.05 6.14
N LEU A 44 4.95 6.92 5.23
CA LEU A 44 5.27 6.50 3.86
C LEU A 44 6.39 5.47 3.85
N GLU A 45 7.44 5.77 4.58
CA GLU A 45 8.58 4.88 4.62
C GLU A 45 8.15 3.51 5.09
N VAL A 46 7.30 3.51 6.11
CA VAL A 46 6.80 2.28 6.68
C VAL A 46 6.03 1.48 5.63
N LEU A 47 5.21 2.19 4.87
CA LEU A 47 4.42 1.57 3.82
C LEU A 47 5.33 0.90 2.81
N LYS A 48 6.43 1.56 2.49
CA LYS A 48 7.39 1.02 1.54
C LYS A 48 8.03 -0.25 2.10
N GLU A 49 8.28 -0.26 3.40
CA GLU A 49 8.92 -1.41 4.04
C GLU A 49 8.09 -2.68 3.96
N MET A 50 6.79 -2.58 4.21
CA MET A 50 5.94 -3.77 4.17
C MET A 50 5.73 -4.22 2.73
N GLU A 51 5.56 -3.26 1.82
CA GLU A 51 5.39 -3.60 0.41
C GLU A 51 6.65 -4.27 -0.11
N ALA A 52 7.80 -3.71 0.25
CA ALA A 52 9.07 -4.27 -0.16
C ALA A 52 9.24 -5.66 0.43
N ASN A 53 8.81 -5.80 1.68
CA ASN A 53 8.88 -7.06 2.38
C ASN A 53 8.04 -8.11 1.65
N ALA A 54 6.89 -7.69 1.15
CA ALA A 54 6.01 -8.61 0.43
C ALA A 54 6.75 -9.15 -0.80
N ARG A 55 7.49 -8.26 -1.47
CA ARG A 55 8.25 -8.66 -2.64
C ARG A 55 9.28 -9.72 -2.24
N LYS A 56 9.94 -9.48 -1.11
CA LYS A 56 10.94 -10.41 -0.61
C LYS A 56 10.27 -11.73 -0.22
N ALA A 57 8.98 -11.67 0.07
CA ALA A 57 8.24 -12.86 0.43
C ALA A 57 8.30 -13.87 -0.70
N GLY A 58 8.25 -13.38 -1.93
CA GLY A 58 8.31 -14.26 -3.09
C GLY A 58 6.91 -14.64 -3.57
N CYS A 59 5.99 -13.69 -3.51
CA CYS A 59 4.61 -13.94 -3.94
C CYS A 59 4.62 -14.61 -5.31
N THR A 60 3.81 -15.64 -5.46
CA THR A 60 3.74 -16.36 -6.73
C THR A 60 3.15 -15.48 -7.82
N ARG A 61 3.09 -16.01 -9.03
CA ARG A 61 2.55 -15.26 -10.16
C ARG A 61 1.10 -14.88 -9.91
N GLY A 62 0.35 -15.79 -9.31
CA GLY A 62 -1.06 -15.54 -9.04
C GLY A 62 -1.24 -14.29 -8.19
N CYS A 63 -0.44 -14.15 -7.12
CA CYS A 63 -0.55 -12.97 -6.28
C CYS A 63 0.38 -11.88 -6.78
N LEU A 64 1.14 -12.16 -7.81
CA LEU A 64 1.99 -11.13 -8.35
C LEU A 64 1.09 -9.99 -8.80
N ILE A 65 -0.06 -10.38 -9.34
CA ILE A 65 -1.06 -9.44 -9.82
C ILE A 65 -2.09 -9.06 -8.75
N CYS A 66 -2.12 -9.80 -7.64
CA CYS A 66 -3.08 -9.49 -6.57
C CYS A 66 -2.76 -8.16 -5.91
N LEU A 67 -1.54 -7.66 -6.11
CA LEU A 67 -1.16 -6.39 -5.50
C LEU A 67 -0.52 -5.43 -6.53
N SER A 68 0.27 -5.98 -7.45
CA SER A 68 0.94 -5.15 -8.46
C SER A 68 -0.04 -4.58 -9.49
N HIS A 69 -0.99 -5.40 -9.91
CA HIS A 69 -1.95 -4.99 -10.93
C HIS A 69 -3.20 -4.31 -10.36
N ILE A 70 -3.33 -4.26 -9.04
CA ILE A 70 -4.51 -3.62 -8.47
C ILE A 70 -4.36 -2.09 -8.51
N LYS A 71 -5.24 -1.44 -9.25
CA LYS A 71 -5.21 0.02 -9.33
C LYS A 71 -6.59 0.55 -8.99
N CYS A 72 -6.64 1.46 -8.02
CA CYS A 72 -7.91 2.03 -7.59
C CYS A 72 -8.41 3.08 -8.56
N THR A 73 -9.70 2.98 -8.90
CA THR A 73 -10.33 3.94 -9.79
C THR A 73 -10.72 5.17 -8.98
N PRO A 74 -10.99 6.27 -9.63
CA PRO A 74 -11.39 7.53 -8.94
C PRO A 74 -12.60 7.31 -8.01
N LYS A 75 -13.34 6.24 -8.26
CA LYS A 75 -14.52 5.96 -7.44
C LYS A 75 -14.11 5.16 -6.19
N MET A 76 -13.15 4.26 -6.37
CA MET A 76 -12.68 3.44 -5.26
C MET A 76 -12.13 4.33 -4.14
N LYS A 77 -11.29 5.30 -4.52
CA LYS A 77 -10.72 6.21 -3.54
C LYS A 77 -11.81 7.05 -2.87
N LYS A 78 -12.74 7.54 -3.68
CA LYS A 78 -13.83 8.36 -3.16
C LYS A 78 -14.79 7.52 -2.33
N PHE A 79 -15.39 8.16 -1.31
CA PHE A 79 -16.32 7.48 -0.42
C PHE A 79 -15.61 6.40 0.39
N ILE A 80 -15.39 5.25 -0.23
CA ILE A 80 -14.70 4.15 0.44
C ILE A 80 -13.22 4.51 0.61
N PRO A 81 -12.58 4.12 1.69
CA PRO A 81 -11.13 4.44 1.90
C PRO A 81 -10.26 3.92 0.76
N GLY A 82 -9.28 4.71 0.36
CA GLY A 82 -8.40 4.32 -0.73
C GLY A 82 -7.06 3.80 -0.20
N ARG A 83 -6.88 2.49 -0.22
CA ARG A 83 -5.65 1.90 0.26
C ARG A 83 -4.46 2.31 -0.62
N CYS A 84 -4.72 2.38 -1.92
CA CYS A 84 -3.68 2.74 -2.89
C CYS A 84 -3.06 4.10 -2.56
N HIS A 85 -3.90 5.09 -2.25
CA HIS A 85 -3.41 6.42 -1.94
C HIS A 85 -4.27 7.08 -0.86
N THR A 86 -3.67 7.98 -0.10
CA THR A 86 -4.39 8.68 0.95
C THR A 86 -4.56 10.16 0.58
N TYR A 87 -5.79 10.64 0.64
CA TYR A 87 -6.08 12.02 0.30
C TYR A 87 -5.79 12.26 -1.19
N GLU A 88 -5.59 13.53 -1.57
CA GLU A 88 -5.31 13.85 -2.96
C GLU A 88 -6.37 13.27 -3.88
N GLY A 89 -7.47 13.99 -3.98
CA GLY A 89 -8.58 13.54 -4.83
C GLY A 89 -8.14 13.42 -6.28
N ASP A 90 -7.32 14.35 -6.74
CA ASP A 90 -6.84 14.33 -8.11
C ASP A 90 -8.01 14.32 -9.09
N LYS A 91 -8.82 15.37 -9.03
CA LYS A 91 -9.97 15.48 -9.91
C LYS A 91 -9.49 15.46 -11.36
N GLU A 92 -8.34 16.05 -11.59
CA GLU A 92 -7.75 16.08 -12.92
C GLU A 92 -7.46 14.66 -13.39
N SER A 93 -7.02 13.84 -12.45
CA SER A 93 -6.70 12.44 -12.74
C SER A 93 -5.62 12.36 -13.81
N ALA A 94 -4.62 13.23 -13.71
CA ALA A 94 -3.52 13.23 -14.67
C ALA A 94 -2.79 11.91 -14.63
N GLN A 95 -2.62 11.37 -13.43
CA GLN A 95 -1.93 10.09 -13.26
C GLN A 95 -0.56 10.13 -13.94
N GLY A 96 0.11 8.98 -13.96
CA GLY A 96 1.43 8.88 -14.58
C GLY A 96 1.37 9.23 -16.06
N GLY A 97 0.32 8.74 -16.72
CA GLY A 97 0.14 8.98 -18.15
C GLY A 97 0.72 7.81 -18.95
N ILE A 98 1.64 7.09 -18.33
CA ILE A 98 2.25 5.93 -18.96
C ILE A 98 1.23 4.81 -19.07
N GLY A 99 0.43 4.67 -18.03
CA GLY A 99 -0.59 3.63 -17.98
C GLY A 99 -0.67 2.99 -16.59
N GLU A 100 0.26 3.37 -15.70
CA GLU A 100 0.29 2.86 -14.34
C GLU A 100 0.02 1.35 -14.28
N ALA A 101 -1.25 0.96 -14.06
CA ALA A 101 -1.61 -0.45 -14.00
C ALA A 101 -2.93 -0.67 -14.72
N ILE A 102 -3.21 -1.91 -15.08
CA ILE A 102 -4.43 -2.22 -15.80
C ILE A 102 -5.52 -2.73 -14.87
N VAL A 103 -6.65 -2.03 -14.89
CA VAL A 103 -7.79 -2.40 -14.06
C VAL A 103 -8.74 -3.30 -14.85
N ASP A 104 -8.79 -3.10 -16.15
CA ASP A 104 -9.68 -3.87 -17.00
C ASP A 104 -9.21 -5.31 -17.11
N ILE A 105 -9.92 -6.22 -16.44
CA ILE A 105 -9.58 -7.63 -16.51
C ILE A 105 -10.60 -8.34 -17.40
N PRO A 106 -10.17 -9.18 -18.33
CA PRO A 106 -11.11 -9.88 -19.24
C PRO A 106 -11.97 -10.92 -18.52
N GLU A 107 -11.46 -11.44 -17.42
CA GLU A 107 -12.19 -12.43 -16.64
C GLU A 107 -13.42 -11.81 -16.01
N ILE A 108 -13.30 -10.54 -15.63
CA ILE A 108 -14.41 -9.85 -14.98
C ILE A 108 -15.46 -9.42 -16.00
N PRO A 109 -16.71 -9.79 -15.84
CA PRO A 109 -17.78 -9.38 -16.79
C PRO A 109 -18.36 -8.02 -16.43
N GLY A 110 -17.89 -6.98 -17.11
CA GLY A 110 -18.39 -5.63 -16.86
C GLY A 110 -18.06 -5.16 -15.44
N PHE A 111 -16.78 -5.07 -15.12
CA PHE A 111 -16.38 -4.62 -13.78
C PHE A 111 -16.94 -3.23 -13.51
N LYS A 112 -17.25 -2.50 -14.57
CA LYS A 112 -17.79 -1.16 -14.44
C LYS A 112 -19.23 -1.22 -13.92
N ASP A 113 -19.87 -2.38 -14.11
CA ASP A 113 -21.24 -2.58 -13.68
C ASP A 113 -21.32 -2.88 -12.18
N LEU A 114 -20.17 -3.14 -11.56
CA LEU A 114 -20.15 -3.42 -10.12
C LEU A 114 -19.49 -2.26 -9.38
N GLU A 115 -19.74 -2.18 -8.08
CA GLU A 115 -19.18 -1.09 -7.29
C GLU A 115 -17.66 -1.22 -7.26
N PRO A 116 -16.94 -0.15 -7.04
CA PRO A 116 -15.44 -0.17 -7.03
C PRO A 116 -14.87 -1.10 -5.96
N MET A 117 -15.61 -1.29 -4.86
CA MET A 117 -15.13 -2.19 -3.81
C MET A 117 -14.98 -3.59 -4.40
N GLU A 118 -16.03 -4.01 -5.10
CA GLU A 118 -16.06 -5.31 -5.75
C GLU A 118 -14.98 -5.36 -6.82
N GLN A 119 -14.79 -4.22 -7.48
CA GLN A 119 -13.80 -4.11 -8.53
C GLN A 119 -12.41 -4.45 -7.98
N PHE A 120 -12.12 -4.01 -6.76
CA PHE A 120 -10.83 -4.30 -6.14
C PHE A 120 -10.63 -5.81 -6.03
N ILE A 121 -11.62 -6.49 -5.47
CA ILE A 121 -11.54 -7.93 -5.32
C ILE A 121 -11.42 -8.59 -6.68
N ALA A 122 -12.16 -8.07 -7.65
CA ALA A 122 -12.15 -8.63 -9.00
C ALA A 122 -10.76 -8.56 -9.63
N GLN A 123 -10.05 -7.45 -9.43
CA GLN A 123 -8.72 -7.30 -10.02
C GLN A 123 -7.74 -8.33 -9.44
N VAL A 124 -7.84 -8.58 -8.14
CA VAL A 124 -6.95 -9.55 -7.48
C VAL A 124 -7.53 -10.97 -7.58
N ASP A 125 -8.82 -11.08 -7.90
CA ASP A 125 -9.45 -12.39 -8.02
C ASP A 125 -8.67 -13.26 -9.00
N LEU A 126 -8.00 -12.62 -9.96
CA LEU A 126 -7.23 -13.34 -10.95
C LEU A 126 -6.14 -14.20 -10.31
N CYS A 127 -5.85 -13.96 -9.03
CA CYS A 127 -4.81 -14.72 -8.34
C CYS A 127 -5.28 -16.16 -8.06
N VAL A 128 -5.44 -16.95 -9.12
CA VAL A 128 -5.85 -18.32 -8.96
C VAL A 128 -4.85 -19.07 -8.10
N ASP A 129 -3.63 -18.54 -8.03
CA ASP A 129 -2.57 -19.15 -7.24
C ASP A 129 -2.33 -18.36 -5.96
N CYS A 130 -3.34 -17.57 -5.55
CA CYS A 130 -3.24 -16.75 -4.35
C CYS A 130 -2.65 -17.57 -3.22
N THR A 131 -1.54 -17.09 -2.67
CA THR A 131 -0.85 -17.80 -1.61
C THR A 131 -0.81 -17.00 -0.31
N THR A 132 -0.98 -17.71 0.80
CA THR A 132 -0.98 -17.08 2.12
C THR A 132 0.40 -16.49 2.42
N GLY A 133 1.45 -17.18 1.99
CA GLY A 133 2.81 -16.73 2.23
C GLY A 133 3.01 -15.32 1.71
N CYS A 134 2.38 -14.99 0.60
CA CYS A 134 2.51 -13.65 0.05
C CYS A 134 2.02 -12.62 1.08
N LEU A 135 0.89 -12.93 1.70
CA LEU A 135 0.31 -12.06 2.71
C LEU A 135 1.25 -11.93 3.91
N LYS A 136 1.95 -13.02 4.24
CA LYS A 136 2.86 -13.01 5.38
C LYS A 136 3.95 -11.97 5.20
N GLY A 137 4.45 -11.79 3.98
CA GLY A 137 5.51 -10.82 3.73
C GLY A 137 5.08 -9.41 4.15
N LEU A 138 3.82 -9.07 3.86
CA LEU A 138 3.32 -7.74 4.22
C LEU A 138 3.39 -7.53 5.72
N ALA A 139 2.99 -8.55 6.48
CA ALA A 139 3.00 -8.46 7.94
C ALA A 139 4.33 -8.97 8.51
N ASN A 140 5.26 -9.35 7.64
CA ASN A 140 6.55 -9.87 8.09
C ASN A 140 7.40 -8.77 8.70
N VAL A 141 7.19 -7.53 8.28
CA VAL A 141 7.97 -6.41 8.81
C VAL A 141 7.82 -6.35 10.33
N GLN A 142 8.81 -6.91 11.04
CA GLN A 142 8.78 -6.92 12.49
C GLN A 142 10.19 -6.74 13.06
N CYS A 143 10.30 -5.93 14.10
CA CYS A 143 11.59 -5.67 14.74
C CYS A 143 12.58 -5.08 13.75
N SER A 144 12.08 -4.61 12.60
CA SER A 144 12.96 -4.01 11.60
C SER A 144 13.43 -2.65 12.08
N ASP A 145 14.63 -2.25 11.67
CA ASP A 145 15.17 -0.97 12.10
C ASP A 145 14.27 0.18 11.65
N LEU A 146 13.75 0.06 10.43
CA LEU A 146 12.87 1.09 9.89
C LEU A 146 11.57 1.17 10.71
N LEU A 147 10.92 0.02 10.84
CA LEU A 147 9.67 -0.05 11.60
C LEU A 147 9.89 0.30 13.06
N LYS A 148 11.10 0.03 13.55
CA LYS A 148 11.43 0.31 14.94
C LYS A 148 11.29 1.79 15.28
N LYS A 149 11.83 2.66 14.43
CA LYS A 149 11.74 4.10 14.71
C LYS A 149 10.33 4.64 14.52
N TRP A 150 9.51 3.96 13.71
CA TRP A 150 8.15 4.45 13.47
C TRP A 150 7.17 3.93 14.53
N LEU A 151 7.35 2.68 14.97
CA LEU A 151 6.48 2.09 15.99
C LEU A 151 7.32 1.60 17.17
N PRO A 152 6.79 1.60 18.36
CA PRO A 152 7.53 1.13 19.57
C PRO A 152 7.70 -0.39 19.57
N GLN A 153 6.80 -1.08 18.87
CA GLN A 153 6.84 -2.55 18.80
C GLN A 153 6.99 -3.15 20.20
N ARG A 154 7.20 -4.46 20.25
CA ARG A 154 7.34 -5.15 21.54
C ARG A 154 8.80 -5.58 21.77
N CYS A 155 9.60 -5.59 20.71
CA CYS A 155 10.99 -5.99 20.82
C CYS A 155 11.94 -4.79 20.76
N ALA A 156 11.41 -3.61 20.43
CA ALA A 156 12.24 -2.42 20.34
C ALA A 156 12.87 -2.09 21.70
N THR A 157 12.08 -2.27 22.76
CA THR A 157 12.57 -1.99 24.10
C THR A 157 12.88 -0.51 24.30
N PHE A 158 11.83 0.31 24.30
CA PHE A 158 11.98 1.74 24.48
C PHE A 158 12.96 2.32 23.46
N ALA A 159 12.95 1.77 22.26
CA ALA A 159 13.84 2.23 21.21
C ALA A 159 13.45 3.64 20.75
N SER A 160 14.44 4.39 20.27
CA SER A 160 14.20 5.75 19.80
C SER A 160 13.22 5.75 18.63
N LYS A 161 12.36 6.76 18.60
CA LYS A 161 11.36 6.85 17.53
C LYS A 161 11.16 8.31 17.12
N ILE A 162 10.58 8.52 15.94
CA ILE A 162 10.33 9.86 15.44
C ILE A 162 9.63 10.70 16.51
N GLN A 163 10.18 11.88 16.78
CA GLN A 163 9.61 12.77 17.80
C GLN A 163 8.65 13.79 17.17
N GLY A 164 8.46 13.73 15.85
CA GLY A 164 7.56 14.66 15.19
C GLY A 164 6.65 13.93 14.20
N GLN A 165 5.55 14.57 13.82
CA GLN A 165 4.62 13.96 12.87
C GLN A 165 4.86 14.45 11.45
N VAL A 166 4.90 13.51 10.54
CA VAL A 166 5.09 13.81 9.12
C VAL A 166 3.86 14.49 8.55
N ASP A 167 2.70 14.02 8.99
CA ASP A 167 1.43 14.56 8.50
C ASP A 167 1.28 16.06 8.75
N LYS A 168 1.64 16.51 9.94
CA LYS A 168 1.52 17.94 10.26
C LYS A 168 2.83 18.53 10.74
N ILE A 169 3.44 19.35 9.88
CA ILE A 169 4.70 20.00 10.21
C ILE A 169 4.48 21.11 11.25
N LYS A 170 3.42 21.90 11.04
CA LYS A 170 3.12 23.00 11.95
C LYS A 170 1.68 22.91 12.46
N GLY A 171 1.46 23.43 13.67
CA GLY A 171 0.13 23.40 14.26
C GLY A 171 -0.15 22.08 14.97
N ALA A 172 0.85 21.19 15.02
CA ALA A 172 0.67 19.90 15.66
C ALA A 172 0.35 20.09 17.14
N GLY A 173 1.01 21.06 17.78
CA GLY A 173 0.78 21.33 19.18
C GLY A 173 0.18 22.72 19.38
N GLY A 174 -0.72 22.84 20.34
CA GLY A 174 -1.38 24.12 20.62
C GLY A 174 -2.38 23.98 21.76
N ASP A 175 -3.08 25.07 22.06
CA ASP A 175 -4.07 25.06 23.13
C ASP A 175 -5.35 24.38 22.67
N LEU A 30 25.21 18.85 9.20
CA LEU A 30 23.98 19.61 9.57
C LEU A 30 22.87 19.30 8.56
N ASP A 31 21.68 19.01 9.06
CA ASP A 31 20.55 18.69 8.19
C ASP A 31 19.71 19.94 7.90
N ALA A 32 20.22 21.12 8.25
CA ALA A 32 19.49 22.35 7.99
C ALA A 32 19.23 22.48 6.50
N ASP A 33 20.25 22.18 5.71
CA ASP A 33 20.13 22.21 4.27
C ASP A 33 19.12 21.17 3.83
N ARG A 34 19.17 20.01 4.49
CA ARG A 34 18.27 18.91 4.19
C ARG A 34 16.87 19.22 4.69
N GLY A 35 15.93 18.36 4.35
CA GLY A 35 14.53 18.55 4.77
C GLY A 35 13.77 19.43 3.79
N LYS A 36 14.39 19.74 2.65
CA LYS A 36 13.74 20.57 1.65
C LYS A 36 12.58 19.82 1.00
N LEU A 37 11.54 20.57 0.62
CA LEU A 37 10.37 19.96 -0.01
C LEU A 37 9.80 18.86 0.87
N PRO A 38 9.19 19.22 1.98
CA PRO A 38 8.58 18.24 2.93
C PRO A 38 7.52 17.38 2.25
N GLY A 39 7.45 16.12 2.66
CA GLY A 39 6.48 15.19 2.07
C GLY A 39 5.16 15.23 2.85
N LYS A 40 4.20 15.98 2.32
CA LYS A 40 2.89 16.09 2.96
C LYS A 40 2.21 14.73 3.01
N LYS A 41 2.33 13.97 1.92
CA LYS A 41 1.73 12.64 1.83
C LYS A 41 2.44 11.67 2.77
N LEU A 42 1.88 10.47 2.90
CA LEU A 42 2.47 9.45 3.77
C LEU A 42 3.90 9.14 3.33
N PRO A 43 4.71 8.64 4.23
CA PRO A 43 6.14 8.31 3.93
C PRO A 43 6.28 7.13 2.99
N LEU A 44 7.32 7.16 2.16
CA LEU A 44 7.58 6.08 1.21
C LEU A 44 8.43 4.97 1.83
N GLU A 45 8.95 5.22 3.03
CA GLU A 45 9.79 4.23 3.70
C GLU A 45 9.00 2.95 3.95
N VAL A 46 7.77 3.10 4.45
CA VAL A 46 6.94 1.93 4.73
C VAL A 46 6.48 1.28 3.45
N LEU A 47 6.34 2.08 2.40
CA LEU A 47 5.91 1.57 1.11
C LEU A 47 6.91 0.53 0.63
N LYS A 48 8.18 0.83 0.82
CA LYS A 48 9.24 -0.07 0.43
C LYS A 48 9.28 -1.31 1.33
N GLU A 49 8.86 -1.15 2.59
CA GLU A 49 8.88 -2.27 3.53
C GLU A 49 7.94 -3.41 3.12
N MET A 50 6.73 -3.06 2.69
CA MET A 50 5.78 -4.09 2.29
C MET A 50 6.16 -4.69 0.94
N GLU A 51 6.57 -3.85 0.01
CA GLU A 51 6.96 -4.32 -1.31
C GLU A 51 8.24 -5.15 -1.23
N ALA A 52 9.18 -4.69 -0.42
CA ALA A 52 10.44 -5.39 -0.24
C ALA A 52 10.20 -6.77 0.35
N ASN A 53 9.29 -6.80 1.30
CA ASN A 53 8.95 -8.05 1.97
C ASN A 53 8.32 -9.01 0.98
N ALA A 54 7.49 -8.48 0.07
CA ALA A 54 6.84 -9.33 -0.91
C ALA A 54 7.88 -10.03 -1.77
N ARG A 55 8.93 -9.31 -2.15
CA ARG A 55 10.00 -9.89 -2.95
C ARG A 55 10.67 -11.01 -2.17
N LYS A 56 10.86 -10.77 -0.87
CA LYS A 56 11.48 -11.77 0.00
C LYS A 56 10.58 -13.00 0.09
N ALA A 57 9.27 -12.76 0.13
CA ALA A 57 8.30 -13.84 0.23
C ALA A 57 8.42 -14.78 -0.97
N GLY A 58 8.67 -14.21 -2.14
CA GLY A 58 8.78 -15.02 -3.34
C GLY A 58 7.43 -15.19 -4.02
N CYS A 59 6.62 -14.14 -3.97
CA CYS A 59 5.29 -14.17 -4.56
C CYS A 59 5.37 -14.73 -5.99
N THR A 60 4.36 -15.52 -6.36
CA THR A 60 4.32 -16.11 -7.69
C THR A 60 3.51 -15.22 -8.64
N ARG A 61 3.40 -15.64 -9.89
CA ARG A 61 2.67 -14.86 -10.89
C ARG A 61 1.26 -14.53 -10.41
N GLY A 62 0.70 -15.40 -9.57
CA GLY A 62 -0.64 -15.18 -9.05
C GLY A 62 -0.73 -13.88 -8.27
N CYS A 63 0.26 -13.61 -7.41
CA CYS A 63 0.24 -12.39 -6.63
C CYS A 63 0.95 -11.26 -7.35
N LEU A 64 1.62 -11.56 -8.45
CA LEU A 64 2.28 -10.50 -9.18
C LEU A 64 1.21 -9.47 -9.54
N ILE A 65 0.00 -9.96 -9.77
CA ILE A 65 -1.13 -9.11 -10.12
C ILE A 65 -1.90 -8.65 -8.87
N CYS A 66 -1.69 -9.33 -7.75
CA CYS A 66 -2.39 -8.96 -6.52
C CYS A 66 -1.91 -7.60 -6.01
N LEU A 67 -0.75 -7.15 -6.47
CA LEU A 67 -0.23 -5.85 -6.04
C LEU A 67 0.15 -4.96 -7.23
N SER A 68 0.69 -5.55 -8.30
CA SER A 68 1.09 -4.76 -9.47
C SER A 68 -0.10 -4.24 -10.27
N HIS A 69 -1.10 -5.09 -10.47
CA HIS A 69 -2.25 -4.73 -11.28
C HIS A 69 -3.35 -4.01 -10.48
N ILE A 70 -3.18 -3.88 -9.18
CA ILE A 70 -4.19 -3.20 -8.38
C ILE A 70 -4.14 -1.70 -8.64
N LYS A 71 -5.26 -1.17 -9.07
CA LYS A 71 -5.37 0.26 -9.32
C LYS A 71 -6.51 0.83 -8.49
N CYS A 72 -6.43 2.11 -8.18
CA CYS A 72 -7.44 2.72 -7.34
C CYS A 72 -8.33 3.66 -8.12
N THR A 73 -9.64 3.43 -8.04
CA THR A 73 -10.59 4.30 -8.69
C THR A 73 -10.70 5.58 -7.88
N PRO A 74 -11.21 6.63 -8.45
CA PRO A 74 -11.32 7.94 -7.75
C PRO A 74 -11.98 7.82 -6.37
N LYS A 75 -12.90 6.87 -6.21
CA LYS A 75 -13.56 6.73 -4.92
C LYS A 75 -12.62 6.10 -3.91
N MET A 76 -11.85 5.11 -4.37
CA MET A 76 -10.90 4.44 -3.49
C MET A 76 -9.87 5.46 -3.01
N LYS A 77 -9.45 6.33 -3.92
CA LYS A 77 -8.47 7.35 -3.57
C LYS A 77 -9.05 8.35 -2.55
N LYS A 78 -10.27 8.80 -2.80
CA LYS A 78 -10.94 9.77 -1.92
C LYS A 78 -11.23 9.20 -0.54
N PHE A 79 -11.67 7.95 -0.49
CA PHE A 79 -11.99 7.32 0.80
C PHE A 79 -10.83 6.44 1.24
N ILE A 80 -10.53 6.44 2.53
CA ILE A 80 -9.41 5.63 3.01
C ILE A 80 -8.16 6.00 2.22
N PRO A 81 -7.64 7.17 2.44
CA PRO A 81 -6.43 7.68 1.71
C PRO A 81 -5.26 6.72 1.74
N GLY A 82 -4.55 6.62 0.61
CA GLY A 82 -3.41 5.73 0.50
C GLY A 82 -2.46 6.22 -0.59
N ARG A 83 -1.27 5.63 -0.63
CA ARG A 83 -0.26 6.01 -1.62
C ARG A 83 -0.75 5.79 -3.04
N CYS A 84 -1.43 4.65 -3.26
CA CYS A 84 -1.90 4.32 -4.60
C CYS A 84 -2.67 5.49 -5.22
N HIS A 85 -2.52 5.64 -6.53
CA HIS A 85 -3.19 6.71 -7.25
C HIS A 85 -3.23 6.38 -8.74
N THR A 86 -4.12 7.05 -9.47
CA THR A 86 -4.23 6.82 -10.91
C THR A 86 -4.08 8.13 -11.66
N TYR A 87 -3.17 8.16 -12.63
CA TYR A 87 -2.93 9.36 -13.42
C TYR A 87 -4.18 9.80 -14.18
N GLU A 88 -4.81 8.86 -14.88
CA GLU A 88 -6.00 9.14 -15.66
C GLU A 88 -5.79 10.41 -16.50
N GLY A 89 -6.30 11.55 -16.03
CA GLY A 89 -6.13 12.81 -16.77
C GLY A 89 -6.96 12.81 -18.04
N ASP A 90 -7.97 11.94 -18.10
CA ASP A 90 -8.82 11.87 -19.29
C ASP A 90 -9.93 12.91 -19.22
N LYS A 91 -10.75 12.95 -20.27
CA LYS A 91 -11.85 13.91 -20.32
C LYS A 91 -13.18 13.20 -20.07
N GLU A 92 -13.35 12.03 -20.69
CA GLU A 92 -14.57 11.26 -20.51
C GLU A 92 -14.47 9.91 -21.23
N SER A 93 -13.69 9.87 -22.31
CA SER A 93 -13.52 8.64 -23.07
C SER A 93 -12.88 7.56 -22.21
N ALA A 94 -13.38 6.33 -22.36
CA ALA A 94 -12.86 5.20 -21.60
C ALA A 94 -11.41 4.92 -21.96
N GLN A 95 -11.02 5.25 -23.20
CA GLN A 95 -9.67 4.99 -23.66
C GLN A 95 -9.37 3.49 -23.65
N GLY A 96 -8.09 3.12 -23.70
CA GLY A 96 -7.73 1.71 -23.70
C GLY A 96 -7.78 1.12 -25.11
N GLY A 97 -8.01 1.96 -26.11
CA GLY A 97 -8.08 1.51 -27.49
C GLY A 97 -6.78 0.84 -27.91
N ILE A 98 -5.66 1.42 -27.48
CA ILE A 98 -4.35 0.88 -27.81
C ILE A 98 -4.21 -0.54 -27.30
N GLY A 99 -4.65 -0.78 -26.07
CA GLY A 99 -4.56 -2.10 -25.47
C GLY A 99 -4.03 -2.03 -24.05
N GLU A 100 -4.38 -0.95 -23.36
CA GLU A 100 -3.94 -0.76 -21.98
C GLU A 100 -4.66 -1.71 -21.04
N ALA A 101 -4.03 -2.01 -19.92
CA ALA A 101 -4.62 -2.91 -18.93
C ALA A 101 -5.92 -2.33 -18.39
N ILE A 102 -6.90 -3.20 -18.18
CA ILE A 102 -8.20 -2.78 -17.67
C ILE A 102 -8.27 -2.98 -16.17
N VAL A 103 -8.59 -1.92 -15.45
CA VAL A 103 -8.68 -2.00 -14.00
C VAL A 103 -9.82 -2.93 -13.62
N ASP A 104 -10.94 -2.77 -14.32
CA ASP A 104 -12.12 -3.57 -14.08
C ASP A 104 -11.97 -4.98 -14.66
N ILE A 105 -12.19 -5.98 -13.81
CA ILE A 105 -12.10 -7.36 -14.24
C ILE A 105 -13.50 -7.85 -14.63
N PRO A 106 -13.67 -8.48 -15.77
CA PRO A 106 -15.01 -8.97 -16.21
C PRO A 106 -15.54 -10.13 -15.36
N GLU A 107 -14.62 -10.83 -14.70
CA GLU A 107 -15.00 -11.97 -13.87
C GLU A 107 -15.73 -11.52 -12.60
N ILE A 108 -15.46 -10.30 -12.17
CA ILE A 108 -16.07 -9.78 -10.95
C ILE A 108 -17.52 -9.34 -11.18
N PRO A 109 -18.48 -9.86 -10.45
CA PRO A 109 -19.90 -9.44 -10.60
C PRO A 109 -20.20 -8.18 -9.80
N GLY A 110 -20.79 -7.18 -10.44
CA GLY A 110 -21.12 -5.94 -9.74
C GLY A 110 -19.87 -5.22 -9.26
N PHE A 111 -18.80 -5.33 -10.03
CA PHE A 111 -17.52 -4.69 -9.69
C PHE A 111 -17.67 -3.19 -9.52
N LYS A 112 -18.35 -2.55 -10.46
CA LYS A 112 -18.55 -1.12 -10.38
C LYS A 112 -19.69 -0.80 -9.40
N ASP A 113 -20.42 -1.83 -8.98
CA ASP A 113 -21.54 -1.65 -8.06
C ASP A 113 -21.17 -2.03 -6.62
N LEU A 114 -19.91 -2.38 -6.36
CA LEU A 114 -19.52 -2.75 -5.00
C LEU A 114 -18.67 -1.66 -4.35
N GLU A 115 -18.54 -1.75 -3.04
CA GLU A 115 -17.77 -0.77 -2.26
C GLU A 115 -16.33 -0.70 -2.82
N PRO A 116 -15.74 0.47 -2.93
CA PRO A 116 -14.36 0.60 -3.47
C PRO A 116 -13.36 -0.20 -2.63
N MET A 117 -13.67 -0.39 -1.36
CA MET A 117 -12.82 -1.20 -0.51
C MET A 117 -12.85 -2.63 -1.06
N GLU A 118 -14.06 -3.09 -1.36
CA GLU A 118 -14.27 -4.42 -1.93
C GLU A 118 -13.63 -4.48 -3.30
N GLN A 119 -13.70 -3.37 -4.00
CA GLN A 119 -13.14 -3.26 -5.34
C GLN A 119 -11.65 -3.63 -5.30
N PHE A 120 -10.96 -3.17 -4.26
CA PHE A 120 -9.54 -3.48 -4.12
C PHE A 120 -9.32 -4.98 -4.01
N ILE A 121 -10.08 -5.62 -3.13
CA ILE A 121 -9.93 -7.07 -2.94
C ILE A 121 -10.24 -7.82 -4.23
N ALA A 122 -11.27 -7.39 -4.94
CA ALA A 122 -11.67 -8.04 -6.18
C ALA A 122 -10.55 -8.01 -7.23
N GLN A 123 -9.85 -6.89 -7.33
CA GLN A 123 -8.77 -6.74 -8.30
C GLN A 123 -7.65 -7.75 -8.04
N VAL A 124 -7.37 -7.99 -6.77
CA VAL A 124 -6.32 -8.94 -6.37
C VAL A 124 -6.89 -10.36 -6.25
N ASP A 125 -8.20 -10.45 -6.07
CA ASP A 125 -8.86 -11.75 -5.97
C ASP A 125 -8.55 -12.59 -7.19
N LEU A 126 -8.14 -11.94 -8.28
CA LEU A 126 -7.83 -12.64 -9.51
C LEU A 126 -6.67 -13.60 -9.31
N CYS A 127 -5.89 -13.39 -8.25
CA CYS A 127 -4.77 -14.26 -7.99
C CYS A 127 -5.25 -15.69 -7.75
N VAL A 128 -5.06 -16.50 -8.75
CA VAL A 128 -5.46 -17.89 -8.67
C VAL A 128 -4.26 -18.75 -8.31
N ASP A 129 -3.07 -18.16 -8.39
CA ASP A 129 -1.85 -18.88 -8.06
C ASP A 129 -1.19 -18.31 -6.80
N CYS A 130 -1.73 -17.20 -6.28
CA CYS A 130 -1.15 -16.60 -5.09
C CYS A 130 -1.00 -17.64 -3.99
N THR A 131 0.00 -17.44 -3.14
CA THR A 131 0.28 -18.38 -2.07
C THR A 131 0.29 -17.67 -0.72
N THR A 132 0.14 -18.45 0.35
CA THR A 132 0.13 -17.92 1.70
C THR A 132 1.43 -17.18 2.00
N GLY A 133 2.55 -17.72 1.52
CA GLY A 133 3.85 -17.09 1.77
C GLY A 133 3.87 -15.66 1.25
N CYS A 134 3.29 -15.44 0.07
CA CYS A 134 3.26 -14.10 -0.50
C CYS A 134 2.48 -13.16 0.42
N LEU A 135 1.33 -13.63 0.88
CA LEU A 135 0.49 -12.86 1.79
C LEU A 135 1.21 -12.61 3.10
N LYS A 136 1.99 -13.59 3.53
CA LYS A 136 2.72 -13.50 4.78
C LYS A 136 3.63 -12.28 4.81
N GLY A 137 4.30 -11.99 3.70
CA GLY A 137 5.19 -10.84 3.67
C GLY A 137 4.45 -9.56 4.02
N LEU A 138 3.26 -9.39 3.43
CA LEU A 138 2.46 -8.21 3.71
C LEU A 138 2.00 -8.23 5.16
N ALA A 139 1.64 -9.43 5.64
CA ALA A 139 1.18 -9.61 7.01
C ALA A 139 2.30 -9.28 8.00
N ASN A 140 3.54 -9.44 7.57
CA ASN A 140 4.68 -9.17 8.44
C ASN A 140 4.82 -7.67 8.70
N VAL A 141 4.35 -6.86 7.76
CA VAL A 141 4.42 -5.42 7.93
C VAL A 141 3.07 -4.87 8.43
N GLN A 142 2.12 -5.76 8.67
CA GLN A 142 0.80 -5.34 9.15
C GLN A 142 0.96 -4.63 10.49
N CYS A 143 1.81 -5.19 11.33
CA CYS A 143 2.06 -4.60 12.65
C CYS A 143 3.54 -4.70 13.00
N SER A 144 4.31 -3.70 12.58
CA SER A 144 5.74 -3.68 12.83
C SER A 144 6.15 -2.35 13.46
N ASP A 145 7.28 -2.36 14.15
CA ASP A 145 7.77 -1.14 14.79
C ASP A 145 7.99 -0.03 13.78
N LEU A 146 8.48 -0.40 12.60
CA LEU A 146 8.71 0.56 11.54
C LEU A 146 7.41 1.24 11.17
N LEU A 147 6.37 0.46 11.01
CA LEU A 147 5.05 0.97 10.64
C LEU A 147 4.44 1.81 11.77
N LYS A 148 4.79 1.49 13.02
CA LYS A 148 4.23 2.22 14.15
C LYS A 148 4.60 3.71 14.13
N LYS A 149 5.83 4.02 13.77
CA LYS A 149 6.27 5.41 13.76
C LYS A 149 5.70 6.19 12.58
N TRP A 150 5.29 5.48 11.53
CA TRP A 150 4.75 6.18 10.36
C TRP A 150 3.23 6.12 10.29
N LEU A 151 2.68 4.93 10.35
CA LEU A 151 1.24 4.77 10.26
C LEU A 151 0.64 4.24 11.58
N PRO A 152 -0.08 5.07 12.32
CA PRO A 152 -0.72 4.64 13.59
C PRO A 152 -2.12 4.08 13.33
N GLN A 153 -2.20 3.03 12.52
CA GLN A 153 -3.47 2.41 12.18
C GLN A 153 -4.17 1.87 13.42
N ARG A 154 -3.40 1.24 14.31
CA ARG A 154 -3.97 0.67 15.52
C ARG A 154 -2.88 0.14 16.44
N CYS A 155 -1.80 -0.37 15.86
CA CYS A 155 -0.71 -0.91 16.65
C CYS A 155 -0.07 0.20 17.47
N ALA A 156 0.08 1.37 16.86
CA ALA A 156 0.68 2.51 17.53
C ALA A 156 -0.16 2.94 18.73
N THR A 157 -1.49 2.91 18.57
CA THR A 157 -2.41 3.31 19.63
C THR A 157 -2.36 4.82 19.82
N PHE A 158 -1.25 5.30 20.38
CA PHE A 158 -1.07 6.73 20.61
C PHE A 158 0.30 7.15 20.09
N ALA A 159 0.31 8.02 19.08
CA ALA A 159 1.56 8.47 18.51
C ALA A 159 1.40 9.80 17.78
N SER A 160 2.49 10.53 17.64
CA SER A 160 2.47 11.82 16.95
C SER A 160 3.58 11.87 15.90
N LYS A 161 3.64 10.83 15.08
CA LYS A 161 4.64 10.73 14.02
C LYS A 161 6.04 10.72 14.61
N ILE A 162 7.05 10.74 13.75
CA ILE A 162 8.44 10.74 14.21
C ILE A 162 8.83 12.08 14.81
N GLN A 163 8.07 13.10 14.50
CA GLN A 163 8.33 14.44 15.00
C GLN A 163 8.19 14.49 16.52
N GLY A 164 7.17 13.81 17.02
CA GLY A 164 6.92 13.77 18.46
C GLY A 164 8.09 13.12 19.20
N GLN A 165 8.60 12.03 18.65
CA GLN A 165 9.72 11.33 19.27
C GLN A 165 10.34 10.34 18.29
N VAL A 166 11.60 9.99 18.53
CA VAL A 166 12.30 9.04 17.66
C VAL A 166 13.04 7.99 18.49
N ASP A 167 13.44 8.38 19.70
CA ASP A 167 14.17 7.46 20.58
C ASP A 167 13.33 6.24 20.93
N LYS A 168 12.04 6.46 21.18
CA LYS A 168 11.14 5.38 21.54
C LYS A 168 11.02 4.36 20.40
N ILE A 169 11.12 3.09 20.75
CA ILE A 169 11.02 2.02 19.75
C ILE A 169 9.77 1.19 20.01
N LYS A 170 9.35 1.16 21.28
CA LYS A 170 8.18 0.40 21.69
C LYS A 170 8.45 -1.10 21.66
N GLY A 171 8.65 -1.64 20.47
CA GLY A 171 8.92 -3.08 20.33
C GLY A 171 7.64 -3.86 20.13
N ALA A 172 7.78 -5.17 19.91
CA ALA A 172 6.62 -6.03 19.70
C ALA A 172 5.73 -6.05 20.94
N GLY A 173 4.42 -6.09 20.72
CA GLY A 173 3.48 -6.12 21.84
C GLY A 173 3.28 -4.71 22.40
N GLY A 174 2.69 -4.64 23.60
CA GLY A 174 2.44 -3.36 24.24
C GLY A 174 1.06 -2.82 23.90
N ASP A 175 0.38 -3.48 22.96
CA ASP A 175 -0.96 -3.06 22.56
C ASP A 175 -1.85 -4.27 22.28
N LEU A 30 14.36 26.54 -7.38
CA LEU A 30 14.42 25.13 -7.87
C LEU A 30 13.82 24.21 -6.81
N ASP A 31 14.30 24.36 -5.58
CA ASP A 31 13.81 23.54 -4.47
C ASP A 31 12.33 23.77 -4.26
N ALA A 32 11.92 25.02 -4.41
CA ALA A 32 10.51 25.38 -4.25
C ALA A 32 9.66 24.60 -5.24
N ASP A 33 10.16 24.48 -6.46
CA ASP A 33 9.48 23.74 -7.50
C ASP A 33 9.37 22.27 -7.10
N ARG A 34 10.45 21.75 -6.51
CA ARG A 34 10.49 20.36 -6.10
C ARG A 34 9.41 20.10 -5.04
N GLY A 35 9.22 21.05 -4.15
CA GLY A 35 8.21 20.90 -3.10
C GLY A 35 8.72 20.00 -1.97
N LYS A 36 10.04 19.85 -1.89
CA LYS A 36 10.63 19.01 -0.85
C LYS A 36 10.09 17.59 -0.92
N LEU A 37 10.01 17.06 -2.14
CA LEU A 37 9.51 15.69 -2.33
C LEU A 37 8.15 15.52 -1.67
N PRO A 38 7.14 16.16 -2.20
CA PRO A 38 5.75 16.07 -1.66
C PRO A 38 5.14 14.70 -1.91
N GLY A 39 4.16 14.32 -1.08
CA GLY A 39 3.52 13.02 -1.23
C GLY A 39 2.23 12.93 -0.41
N LYS A 40 1.70 11.72 -0.30
CA LYS A 40 0.47 11.49 0.45
C LYS A 40 0.68 11.74 1.94
N LYS A 41 -0.41 11.97 2.66
CA LYS A 41 -0.32 12.22 4.08
C LYS A 41 0.31 11.03 4.80
N LEU A 42 -0.08 9.83 4.42
CA LEU A 42 0.48 8.63 5.04
C LEU A 42 1.93 8.48 4.60
N PRO A 43 2.75 7.80 5.38
CA PRO A 43 4.19 7.60 5.04
C PRO A 43 4.39 6.65 3.87
N LEU A 44 5.29 7.02 2.97
CA LEU A 44 5.59 6.19 1.81
C LEU A 44 6.72 5.22 2.12
N GLU A 45 7.48 5.50 3.18
CA GLU A 45 8.60 4.63 3.56
C GLU A 45 8.11 3.25 3.97
N VAL A 46 7.00 3.19 4.71
CA VAL A 46 6.45 1.91 5.14
C VAL A 46 5.76 1.21 3.99
N LEU A 47 5.29 2.00 3.02
CA LEU A 47 4.60 1.45 1.86
C LEU A 47 5.53 0.52 1.09
N LYS A 48 6.77 0.97 0.91
CA LYS A 48 7.75 0.18 0.19
C LYS A 48 8.22 -1.04 1.00
N GLU A 49 8.17 -0.93 2.33
CA GLU A 49 8.61 -2.02 3.19
C GLU A 49 7.76 -3.28 3.03
N MET A 50 6.44 -3.11 2.99
CA MET A 50 5.56 -4.28 2.85
C MET A 50 5.62 -4.84 1.44
N GLU A 51 5.62 -3.95 0.44
CA GLU A 51 5.68 -4.38 -0.95
C GLU A 51 7.02 -5.06 -1.23
N ALA A 52 8.08 -4.48 -0.67
CA ALA A 52 9.42 -5.03 -0.86
C ALA A 52 9.49 -6.44 -0.31
N ASN A 53 8.86 -6.63 0.84
CA ASN A 53 8.83 -7.94 1.46
C ASN A 53 8.09 -8.93 0.56
N ALA A 54 7.03 -8.48 -0.08
CA ALA A 54 6.25 -9.35 -0.96
C ALA A 54 7.13 -9.83 -2.12
N ARG A 55 7.91 -8.91 -2.69
CA ARG A 55 8.79 -9.24 -3.79
C ARG A 55 9.84 -10.25 -3.33
N LYS A 56 10.40 -10.00 -2.16
CA LYS A 56 11.42 -10.90 -1.60
C LYS A 56 10.81 -12.27 -1.33
N ALA A 57 9.56 -12.28 -0.88
CA ALA A 57 8.86 -13.52 -0.59
C ALA A 57 8.76 -14.38 -1.83
N GLY A 58 8.89 -13.78 -3.01
CA GLY A 58 8.81 -14.54 -4.24
C GLY A 58 7.37 -14.95 -4.53
N CYS A 59 6.43 -14.06 -4.22
CA CYS A 59 5.01 -14.32 -4.43
C CYS A 59 4.79 -15.00 -5.78
N THR A 60 3.85 -15.94 -5.81
CA THR A 60 3.55 -16.66 -7.05
C THR A 60 2.76 -15.79 -8.02
N ARG A 61 2.63 -16.26 -9.25
CA ARG A 61 1.89 -15.52 -10.27
C ARG A 61 0.47 -15.29 -9.80
N GLY A 62 -0.03 -16.22 -9.00
CA GLY A 62 -1.39 -16.13 -8.49
C GLY A 62 -1.60 -14.84 -7.72
N CYS A 63 -0.60 -14.43 -6.92
CA CYS A 63 -0.75 -13.20 -6.17
C CYS A 63 0.10 -12.09 -6.78
N LEU A 64 0.83 -12.40 -7.83
CA LEU A 64 1.62 -11.39 -8.48
C LEU A 64 0.67 -10.30 -8.94
N ILE A 65 -0.51 -10.76 -9.38
CA ILE A 65 -1.56 -9.86 -9.85
C ILE A 65 -2.17 -9.08 -8.68
N CYS A 66 -1.86 -9.49 -7.45
CA CYS A 66 -2.37 -8.79 -6.26
C CYS A 66 -1.85 -7.36 -6.25
N LEU A 67 -0.75 -7.12 -6.98
CA LEU A 67 -0.15 -5.80 -7.00
C LEU A 67 0.12 -5.34 -8.43
N SER A 68 0.49 -6.28 -9.29
CA SER A 68 0.80 -5.97 -10.69
C SER A 68 -0.45 -5.58 -11.49
N HIS A 69 -1.56 -6.29 -11.24
CA HIS A 69 -2.79 -6.03 -11.98
C HIS A 69 -3.75 -5.06 -11.29
N ILE A 70 -3.41 -4.62 -10.09
CA ILE A 70 -4.31 -3.69 -9.40
C ILE A 70 -4.11 -2.25 -9.88
N LYS A 71 -5.18 -1.66 -10.40
CA LYS A 71 -5.13 -0.28 -10.86
C LYS A 71 -6.04 0.57 -9.99
N CYS A 72 -5.53 1.70 -9.51
CA CYS A 72 -6.31 2.56 -8.65
C CYS A 72 -7.10 3.60 -9.45
N THR A 73 -8.39 3.69 -9.14
CA THR A 73 -9.27 4.65 -9.80
C THR A 73 -9.15 6.01 -9.11
N PRO A 74 -9.69 7.05 -9.69
CA PRO A 74 -9.62 8.42 -9.09
C PRO A 74 -10.51 8.56 -7.86
N LYS A 75 -10.25 7.74 -6.86
CA LYS A 75 -11.00 7.75 -5.60
C LYS A 75 -10.36 6.75 -4.64
N MET A 76 -9.84 5.67 -5.21
CA MET A 76 -9.17 4.63 -4.43
C MET A 76 -7.96 5.25 -3.73
N LYS A 77 -7.29 6.14 -4.44
CA LYS A 77 -6.10 6.81 -3.91
C LYS A 77 -6.45 7.59 -2.64
N LYS A 78 -7.63 8.22 -2.63
CA LYS A 78 -8.08 8.97 -1.47
C LYS A 78 -7.87 8.16 -0.20
N PHE A 79 -7.66 8.85 0.92
CA PHE A 79 -7.42 8.17 2.20
C PHE A 79 -8.34 6.97 2.40
N ILE A 80 -7.79 5.79 2.12
CA ILE A 80 -8.53 4.54 2.26
C ILE A 80 -7.55 3.37 2.18
N PRO A 81 -7.73 2.31 2.94
CA PRO A 81 -6.79 1.15 2.90
C PRO A 81 -6.59 0.64 1.48
N GLY A 82 -5.33 0.39 1.12
CA GLY A 82 -5.01 -0.09 -0.22
C GLY A 82 -3.51 0.06 -0.50
N ARG A 83 -3.12 -0.13 -1.76
CA ARG A 83 -1.72 -0.02 -2.13
C ARG A 83 -1.48 1.23 -2.97
N CYS A 84 -1.93 1.19 -4.22
CA CYS A 84 -1.76 2.33 -5.13
C CYS A 84 -0.31 2.81 -5.12
N HIS A 85 0.62 1.89 -4.88
CA HIS A 85 2.03 2.23 -4.85
C HIS A 85 2.54 2.57 -6.25
N THR A 86 1.79 2.16 -7.27
CA THR A 86 2.18 2.42 -8.65
C THR A 86 2.23 3.93 -8.93
N TYR A 87 3.17 4.32 -9.78
CA TYR A 87 3.32 5.73 -10.15
C TYR A 87 2.87 5.94 -11.59
N GLU A 88 2.95 4.89 -12.38
CA GLU A 88 2.55 4.94 -13.78
C GLU A 88 3.31 6.02 -14.51
N GLY A 89 4.54 6.25 -14.07
CA GLY A 89 5.41 7.23 -14.68
C GLY A 89 5.77 6.81 -16.11
N ASP A 90 5.62 5.52 -16.39
CA ASP A 90 5.94 4.99 -17.72
C ASP A 90 5.03 5.59 -18.78
N LYS A 91 5.55 5.73 -19.99
CA LYS A 91 4.78 6.29 -21.09
C LYS A 91 3.95 5.23 -21.81
N GLU A 92 4.07 3.98 -21.36
CA GLU A 92 3.32 2.88 -21.95
C GLU A 92 3.76 2.63 -23.39
N SER A 93 5.06 2.77 -23.63
CA SER A 93 5.60 2.55 -24.97
C SER A 93 5.96 1.09 -25.19
N ALA A 94 5.76 0.27 -24.17
CA ALA A 94 6.06 -1.14 -24.27
C ALA A 94 4.84 -1.90 -24.78
N GLN A 95 4.64 -1.86 -26.09
CA GLN A 95 3.49 -2.53 -26.70
C GLN A 95 2.20 -2.04 -26.06
N GLY A 96 2.17 -0.76 -25.74
CA GLY A 96 0.98 -0.15 -25.13
C GLY A 96 -0.23 -0.28 -26.04
N GLY A 97 -0.02 -0.09 -27.34
CA GLY A 97 -1.10 -0.18 -28.30
C GLY A 97 -1.73 -1.57 -28.26
N ILE A 98 -0.89 -2.59 -28.16
CA ILE A 98 -1.38 -3.97 -28.10
C ILE A 98 -2.23 -4.16 -26.84
N GLY A 99 -1.74 -3.65 -25.72
CA GLY A 99 -2.47 -3.75 -24.46
C GLY A 99 -1.84 -4.81 -23.55
N GLU A 100 -1.06 -4.35 -22.59
CA GLU A 100 -0.41 -5.27 -21.65
C GLU A 100 -1.15 -5.28 -20.32
N ALA A 101 -1.60 -6.47 -19.91
CA ALA A 101 -2.33 -6.61 -18.65
C ALA A 101 -3.65 -5.85 -18.70
N ILE A 102 -4.72 -6.54 -18.35
CA ILE A 102 -6.05 -5.93 -18.36
C ILE A 102 -6.60 -5.82 -16.95
N VAL A 103 -6.89 -4.58 -16.53
CA VAL A 103 -7.43 -4.34 -15.20
C VAL A 103 -8.82 -4.93 -15.07
N ASP A 104 -9.63 -4.75 -16.09
CA ASP A 104 -10.98 -5.24 -16.07
C ASP A 104 -11.01 -6.75 -15.90
N ILE A 105 -11.75 -7.23 -14.89
CA ILE A 105 -11.85 -8.65 -14.66
C ILE A 105 -13.23 -9.14 -15.12
N PRO A 106 -13.31 -10.25 -15.84
CA PRO A 106 -14.62 -10.77 -16.33
C PRO A 106 -15.51 -11.29 -15.20
N GLU A 107 -14.89 -11.72 -14.10
CA GLU A 107 -15.66 -12.25 -12.97
C GLU A 107 -16.38 -11.13 -12.23
N ILE A 108 -15.88 -9.91 -12.37
CA ILE A 108 -16.50 -8.77 -11.68
C ILE A 108 -17.59 -8.15 -12.55
N PRO A 109 -18.82 -8.10 -12.11
CA PRO A 109 -19.91 -7.49 -12.91
C PRO A 109 -19.97 -5.99 -12.71
N GLY A 110 -19.38 -5.24 -13.65
CA GLY A 110 -19.38 -3.80 -13.55
C GLY A 110 -18.63 -3.31 -12.32
N PHE A 111 -17.32 -3.55 -12.28
CA PHE A 111 -16.53 -3.12 -11.12
C PHE A 111 -16.67 -1.60 -10.93
N LYS A 112 -17.04 -0.91 -12.00
CA LYS A 112 -17.21 0.53 -11.93
C LYS A 112 -18.46 0.88 -11.11
N ASP A 113 -19.36 -0.09 -10.98
CA ASP A 113 -20.60 0.10 -10.23
C ASP A 113 -20.39 -0.06 -8.73
N LEU A 114 -19.23 -0.59 -8.34
CA LEU A 114 -18.92 -0.76 -6.92
C LEU A 114 -17.89 0.27 -6.49
N GLU A 115 -17.78 0.50 -5.19
CA GLU A 115 -16.84 1.52 -4.70
C GLU A 115 -15.39 1.07 -4.96
N PRO A 116 -14.47 2.02 -4.99
CA PRO A 116 -13.03 1.72 -5.28
C PRO A 116 -12.41 0.72 -4.30
N MET A 117 -12.81 0.74 -3.03
CA MET A 117 -12.26 -0.20 -2.08
C MET A 117 -12.59 -1.62 -2.52
N GLU A 118 -13.86 -1.83 -2.83
CA GLU A 118 -14.33 -3.12 -3.30
C GLU A 118 -13.66 -3.46 -4.62
N GLN A 119 -13.47 -2.43 -5.43
CA GLN A 119 -12.84 -2.59 -6.73
C GLN A 119 -11.43 -3.16 -6.53
N PHE A 120 -10.74 -2.67 -5.50
CA PHE A 120 -9.40 -3.15 -5.20
C PHE A 120 -9.45 -4.64 -4.90
N ILE A 121 -10.37 -5.03 -4.02
CA ILE A 121 -10.48 -6.43 -3.62
C ILE A 121 -10.79 -7.31 -4.83
N ALA A 122 -11.68 -6.80 -5.66
CA ALA A 122 -12.13 -7.52 -6.83
C ALA A 122 -10.99 -7.87 -7.80
N GLN A 123 -10.08 -6.92 -8.03
CA GLN A 123 -8.98 -7.15 -8.95
C GLN A 123 -7.98 -8.20 -8.42
N VAL A 124 -7.67 -8.14 -7.13
CA VAL A 124 -6.73 -9.10 -6.53
C VAL A 124 -7.44 -10.43 -6.21
N ASP A 125 -8.78 -10.40 -6.21
CA ASP A 125 -9.55 -11.60 -5.93
C ASP A 125 -9.11 -12.76 -6.82
N LEU A 126 -8.59 -12.45 -8.00
CA LEU A 126 -8.14 -13.49 -8.93
C LEU A 126 -7.08 -14.38 -8.31
N CYS A 127 -6.39 -13.89 -7.27
CA CYS A 127 -5.36 -14.70 -6.65
C CYS A 127 -5.96 -15.84 -5.85
N VAL A 128 -6.18 -16.95 -6.54
CA VAL A 128 -6.71 -18.14 -5.90
C VAL A 128 -5.57 -19.08 -5.55
N ASP A 129 -4.39 -18.81 -6.13
CA ASP A 129 -3.20 -19.61 -5.87
C ASP A 129 -2.28 -18.90 -4.89
N CYS A 130 -2.81 -17.88 -4.21
CA CYS A 130 -2.04 -17.10 -3.25
C CYS A 130 -1.17 -18.01 -2.39
N THR A 131 0.03 -17.55 -2.07
CA THR A 131 0.96 -18.36 -1.30
C THR A 131 1.14 -17.78 0.11
N THR A 132 1.26 -18.68 1.08
CA THR A 132 1.44 -18.28 2.47
C THR A 132 2.72 -17.45 2.64
N GLY A 133 3.78 -17.87 1.96
CA GLY A 133 5.04 -17.17 2.04
C GLY A 133 4.88 -15.72 1.58
N CYS A 134 4.08 -15.52 0.54
CA CYS A 134 3.83 -14.19 0.03
C CYS A 134 3.21 -13.33 1.13
N LEU A 135 2.21 -13.90 1.81
CA LEU A 135 1.54 -13.21 2.90
C LEU A 135 2.51 -12.91 4.02
N LYS A 136 3.43 -13.84 4.26
CA LYS A 136 4.41 -13.68 5.32
C LYS A 136 5.23 -12.41 5.12
N GLY A 137 5.57 -12.11 3.87
CA GLY A 137 6.35 -10.91 3.58
C GLY A 137 5.59 -9.67 4.07
N LEU A 138 4.29 -9.65 3.84
CA LEU A 138 3.46 -8.54 4.28
C LEU A 138 3.44 -8.46 5.80
N ALA A 139 3.42 -9.64 6.43
CA ALA A 139 3.38 -9.72 7.88
C ALA A 139 4.72 -9.36 8.52
N ASN A 140 5.76 -9.21 7.69
CA ASN A 140 7.09 -8.88 8.23
C ASN A 140 7.12 -7.45 8.75
N VAL A 141 6.29 -6.57 8.18
CA VAL A 141 6.26 -5.18 8.62
C VAL A 141 5.30 -5.03 9.79
N GLN A 142 4.33 -5.94 9.88
CA GLN A 142 3.36 -5.90 10.96
C GLN A 142 4.04 -6.08 12.31
N CYS A 143 3.70 -5.22 13.27
CA CYS A 143 4.28 -5.28 14.60
C CYS A 143 5.81 -5.15 14.51
N SER A 144 6.26 -4.15 13.75
CA SER A 144 7.69 -3.93 13.58
C SER A 144 8.09 -2.56 14.16
N ASP A 145 9.37 -2.42 14.49
CA ASP A 145 9.86 -1.17 15.08
C ASP A 145 9.66 0.02 14.12
N LEU A 146 9.96 -0.18 12.84
CA LEU A 146 9.78 0.90 11.87
C LEU A 146 8.31 1.28 11.78
N LEU A 147 7.48 0.27 11.63
CA LEU A 147 6.05 0.48 11.52
C LEU A 147 5.49 1.04 12.82
N LYS A 148 6.16 0.77 13.93
CA LYS A 148 5.70 1.27 15.23
C LYS A 148 5.66 2.79 15.27
N LYS A 149 6.74 3.44 14.82
CA LYS A 149 6.78 4.90 14.85
C LYS A 149 5.90 5.54 13.78
N TRP A 150 5.64 4.82 12.69
CA TRP A 150 4.81 5.38 11.61
C TRP A 150 3.32 5.13 11.84
N LEU A 151 3.01 3.94 12.33
CA LEU A 151 1.62 3.57 12.60
C LEU A 151 1.46 3.22 14.08
N PRO A 152 0.27 3.29 14.62
CA PRO A 152 0.02 2.97 16.05
C PRO A 152 0.38 1.52 16.38
N GLN A 153 0.12 0.62 15.42
CA GLN A 153 0.43 -0.80 15.58
C GLN A 153 -0.28 -1.40 16.80
N ARG A 154 -1.05 -2.45 16.56
CA ARG A 154 -1.78 -3.11 17.64
C ARG A 154 -0.80 -3.71 18.65
N CYS A 155 0.30 -4.29 18.15
CA CYS A 155 1.29 -4.89 19.03
C CYS A 155 1.92 -3.82 19.91
N ALA A 156 2.23 -2.67 19.31
CA ALA A 156 2.84 -1.58 20.04
C ALA A 156 1.89 -1.04 21.11
N THR A 157 0.63 -0.90 20.75
CA THR A 157 -0.38 -0.37 21.69
C THR A 157 0.13 0.92 22.34
N PHE A 158 1.03 1.62 21.66
CA PHE A 158 1.59 2.86 22.19
C PHE A 158 2.28 3.66 21.09
N ALA A 159 2.34 4.99 21.29
CA ALA A 159 2.98 5.89 20.32
C ALA A 159 2.14 6.06 19.06
N SER A 160 2.37 7.17 18.36
CA SER A 160 1.64 7.47 17.13
C SER A 160 2.60 7.91 16.03
N LYS A 161 2.07 8.06 14.82
CA LYS A 161 2.89 8.47 13.67
C LYS A 161 3.82 9.63 14.05
N ILE A 162 4.84 9.86 13.22
CA ILE A 162 5.80 10.92 13.49
C ILE A 162 5.07 12.23 13.80
N GLN A 163 5.69 13.04 14.65
CA GLN A 163 5.11 14.32 15.03
C GLN A 163 6.10 15.45 14.80
N GLY A 164 5.61 16.56 14.27
CA GLY A 164 6.47 17.72 14.01
C GLY A 164 6.54 18.63 15.22
N GLN A 165 7.32 19.70 15.10
CA GLN A 165 7.48 20.65 16.20
C GLN A 165 6.15 21.36 16.48
N VAL A 166 5.43 21.67 15.41
CA VAL A 166 4.13 22.36 15.49
C VAL A 166 4.14 23.43 16.58
N ASP A 167 4.82 24.53 16.28
CA ASP A 167 4.91 25.64 17.23
C ASP A 167 3.52 26.21 17.52
N LYS A 168 2.71 26.29 16.47
CA LYS A 168 1.35 26.81 16.61
C LYS A 168 0.33 25.85 16.02
N ILE A 169 -0.89 25.90 16.53
CA ILE A 169 -1.95 25.02 16.05
C ILE A 169 -3.15 25.81 15.57
N LYS A 170 -3.97 25.15 14.75
CA LYS A 170 -5.16 25.78 14.20
C LYS A 170 -6.34 25.65 15.15
N GLY A 171 -7.22 26.64 15.14
CA GLY A 171 -8.39 26.62 16.01
C GLY A 171 -9.67 26.64 15.18
N ALA A 172 -10.67 25.87 15.61
CA ALA A 172 -11.94 25.81 14.90
C ALA A 172 -12.60 27.19 14.87
N GLY A 173 -12.55 27.90 15.98
CA GLY A 173 -13.14 29.23 16.06
C GLY A 173 -14.65 29.15 16.30
N GLY A 174 -15.19 27.94 16.40
CA GLY A 174 -16.62 27.77 16.63
C GLY A 174 -17.04 26.33 16.34
N ASP A 175 -18.36 26.09 16.34
CA ASP A 175 -18.88 24.75 16.08
C ASP A 175 -19.69 24.75 14.79
N LEU A 30 -7.47 28.92 8.94
CA LEU A 30 -6.00 29.13 8.90
C LEU A 30 -5.30 27.85 9.35
N ASP A 31 -4.15 27.57 8.74
CA ASP A 31 -3.38 26.38 9.08
C ASP A 31 -2.94 26.43 10.53
N ALA A 32 -2.59 27.63 10.99
CA ALA A 32 -2.14 27.80 12.37
C ALA A 32 -3.25 27.38 13.32
N ASP A 33 -4.49 27.75 12.97
CA ASP A 33 -5.64 27.38 13.78
C ASP A 33 -5.80 25.87 13.79
N ARG A 34 -5.57 25.25 12.63
CA ARG A 34 -5.69 23.80 12.51
C ARG A 34 -4.70 23.10 13.43
N GLY A 35 -3.49 23.65 13.53
CA GLY A 35 -2.47 23.06 14.37
C GLY A 35 -1.62 22.07 13.58
N LYS A 36 -0.60 21.52 14.22
CA LYS A 36 0.27 20.56 13.55
C LYS A 36 -0.23 19.12 13.74
N LEU A 37 -1.27 18.94 14.56
CA LEU A 37 -1.81 17.61 14.81
C LEU A 37 -2.28 16.93 13.51
N PRO A 38 -3.04 17.60 12.66
CA PRO A 38 -3.53 16.97 11.39
C PRO A 38 -2.38 16.48 10.53
N GLY A 39 -2.56 15.32 9.90
CA GLY A 39 -1.53 14.74 9.05
C GLY A 39 -1.71 13.23 8.93
N LYS A 40 -0.73 12.56 8.33
CA LYS A 40 -0.80 11.12 8.16
C LYS A 40 -0.13 10.42 9.35
N LYS A 41 -0.92 9.67 10.11
CA LYS A 41 -0.40 8.96 11.28
C LYS A 41 0.65 7.93 10.87
N LEU A 42 0.36 7.18 9.81
CA LEU A 42 1.27 6.15 9.33
C LEU A 42 2.27 6.74 8.32
N PRO A 43 3.57 6.69 8.59
CA PRO A 43 4.60 7.22 7.64
C PRO A 43 4.52 6.53 6.27
N LEU A 44 4.75 7.29 5.20
CA LEU A 44 4.71 6.72 3.87
C LEU A 44 5.83 5.69 3.71
N GLU A 45 6.94 5.92 4.40
CA GLU A 45 8.07 5.01 4.35
C GLU A 45 7.67 3.66 4.93
N VAL A 46 6.94 3.72 6.05
CA VAL A 46 6.46 2.52 6.71
C VAL A 46 5.53 1.75 5.79
N LEU A 47 4.68 2.51 5.10
CA LEU A 47 3.71 1.93 4.18
C LEU A 47 4.42 1.14 3.09
N LYS A 48 5.54 1.67 2.63
CA LYS A 48 6.32 1.04 1.58
C LYS A 48 7.00 -0.24 2.09
N GLU A 49 7.35 -0.26 3.37
CA GLU A 49 8.05 -1.43 3.93
C GLU A 49 7.22 -2.70 3.87
N MET A 50 5.94 -2.63 4.23
CA MET A 50 5.11 -3.83 4.21
C MET A 50 4.85 -4.30 2.79
N GLU A 51 4.56 -3.37 1.88
CA GLU A 51 4.32 -3.74 0.49
C GLU A 51 5.59 -4.30 -0.13
N ALA A 52 6.71 -3.66 0.15
CA ALA A 52 8.00 -4.09 -0.38
C ALA A 52 8.34 -5.46 0.17
N ASN A 53 8.03 -5.65 1.44
CA ASN A 53 8.29 -6.93 2.10
C ASN A 53 7.53 -8.05 1.42
N ALA A 54 6.30 -7.75 0.99
CA ALA A 54 5.50 -8.76 0.31
C ALA A 54 6.20 -9.23 -0.95
N ARG A 55 6.79 -8.29 -1.69
CA ARG A 55 7.52 -8.64 -2.91
C ARG A 55 8.74 -9.47 -2.55
N LYS A 56 9.39 -9.09 -1.45
CA LYS A 56 10.58 -9.81 -0.99
C LYS A 56 10.20 -11.20 -0.51
N ALA A 57 8.94 -11.35 -0.10
CA ALA A 57 8.45 -12.62 0.37
C ALA A 57 8.57 -13.68 -0.71
N GLY A 58 8.31 -13.28 -1.95
CA GLY A 58 8.40 -14.20 -3.08
C GLY A 58 7.01 -14.67 -3.51
N CYS A 59 6.04 -13.76 -3.43
CA CYS A 59 4.68 -14.09 -3.80
C CYS A 59 4.66 -14.72 -5.19
N THR A 60 3.80 -15.71 -5.39
CA THR A 60 3.70 -16.36 -6.69
C THR A 60 3.03 -15.42 -7.68
N ARG A 61 3.15 -15.71 -8.96
CA ARG A 61 2.54 -14.85 -9.97
C ARG A 61 1.03 -14.74 -9.71
N GLY A 62 0.49 -15.74 -9.02
CA GLY A 62 -0.92 -15.76 -8.73
C GLY A 62 -1.32 -14.55 -7.91
N CYS A 63 -0.51 -14.20 -6.91
CA CYS A 63 -0.82 -13.03 -6.11
C CYS A 63 0.05 -11.85 -6.49
N LEU A 64 0.94 -12.05 -7.45
CA LEU A 64 1.77 -10.95 -7.90
C LEU A 64 0.84 -9.87 -8.40
N ILE A 65 -0.23 -10.32 -9.05
CA ILE A 65 -1.26 -9.43 -9.58
C ILE A 65 -2.08 -8.78 -8.46
N CYS A 66 -1.95 -9.30 -7.23
CA CYS A 66 -2.67 -8.75 -6.09
C CYS A 66 -2.22 -7.31 -5.85
N LEU A 67 -1.04 -6.97 -6.34
CA LEU A 67 -0.52 -5.63 -6.13
C LEU A 67 0.03 -5.03 -7.43
N SER A 68 0.59 -5.88 -8.28
CA SER A 68 1.16 -5.45 -9.55
C SER A 68 0.08 -5.02 -10.53
N HIS A 69 -1.01 -5.77 -10.59
CA HIS A 69 -2.08 -5.48 -11.53
C HIS A 69 -3.24 -4.70 -10.92
N ILE A 70 -3.17 -4.37 -9.64
CA ILE A 70 -4.27 -3.62 -9.04
C ILE A 70 -4.07 -2.12 -9.22
N LYS A 71 -5.03 -1.49 -9.88
CA LYS A 71 -4.98 -0.06 -10.09
C LYS A 71 -6.28 0.57 -9.62
N CYS A 72 -6.21 1.79 -9.14
CA CYS A 72 -7.40 2.46 -8.62
C CYS A 72 -7.96 3.47 -9.61
N THR A 73 -9.24 3.37 -9.87
CA THR A 73 -9.90 4.32 -10.75
C THR A 73 -10.06 5.64 -10.01
N PRO A 74 -10.39 6.69 -10.69
CA PRO A 74 -10.56 8.03 -10.05
C PRO A 74 -11.47 7.99 -8.82
N LYS A 75 -12.53 7.19 -8.90
CA LYS A 75 -13.45 7.08 -7.78
C LYS A 75 -12.81 6.31 -6.63
N MET A 76 -12.11 5.24 -7.00
CA MET A 76 -11.44 4.41 -6.02
C MET A 76 -10.39 5.24 -5.28
N LYS A 77 -9.66 6.06 -6.03
CA LYS A 77 -8.64 6.92 -5.44
C LYS A 77 -9.28 7.94 -4.49
N LYS A 78 -10.42 8.49 -4.90
CA LYS A 78 -11.13 9.48 -4.09
C LYS A 78 -11.38 8.96 -2.69
N PHE A 79 -12.06 9.78 -1.88
CA PHE A 79 -12.35 9.41 -0.50
C PHE A 79 -13.27 8.20 -0.44
N ILE A 80 -12.66 7.02 -0.36
CA ILE A 80 -13.40 5.77 -0.29
C ILE A 80 -12.51 4.70 0.33
N PRO A 81 -13.03 3.81 1.16
CA PRO A 81 -12.19 2.74 1.80
C PRO A 81 -11.39 1.96 0.75
N GLY A 82 -10.13 1.71 1.06
CA GLY A 82 -9.26 0.97 0.15
C GLY A 82 -8.47 1.93 -0.74
N ARG A 83 -7.24 1.56 -1.06
CA ARG A 83 -6.39 2.38 -1.91
C ARG A 83 -5.24 1.57 -2.49
N CYS A 84 -4.59 2.11 -3.52
CA CYS A 84 -3.48 1.40 -4.14
C CYS A 84 -2.48 2.39 -4.74
N HIS A 85 -1.26 1.92 -4.99
CA HIS A 85 -0.20 2.74 -5.58
C HIS A 85 -0.19 4.13 -4.94
N THR A 86 -0.50 4.20 -3.65
CA THR A 86 -0.51 5.48 -2.95
C THR A 86 -1.36 6.49 -3.73
N TYR A 87 -1.11 7.78 -3.51
CA TYR A 87 -1.87 8.81 -4.22
C TYR A 87 -0.97 10.01 -4.51
N GLU A 88 -1.36 10.81 -5.50
CA GLU A 88 -0.58 11.99 -5.87
C GLU A 88 -1.47 13.21 -6.00
N GLY A 89 -0.94 14.37 -5.61
CA GLY A 89 -1.69 15.61 -5.68
C GLY A 89 -2.04 15.95 -7.14
N ASP A 90 -1.11 15.68 -8.04
CA ASP A 90 -1.33 15.98 -9.45
C ASP A 90 -2.18 14.90 -10.13
N LYS A 91 -3.44 15.24 -10.38
CA LYS A 91 -4.37 14.31 -11.02
C LYS A 91 -4.41 14.54 -12.54
N GLU A 92 -3.72 15.58 -13.00
CA GLU A 92 -3.71 15.91 -14.42
C GLU A 92 -3.04 14.80 -15.23
N SER A 93 -2.21 13.99 -14.58
CA SER A 93 -1.52 12.92 -15.27
C SER A 93 -2.53 11.93 -15.86
N ALA A 94 -2.88 12.14 -17.13
CA ALA A 94 -3.83 11.28 -17.80
C ALA A 94 -3.32 9.84 -17.88
N GLN A 95 -2.03 9.70 -18.17
CA GLN A 95 -1.43 8.37 -18.29
C GLN A 95 -0.21 8.26 -17.40
N GLY A 96 0.08 7.05 -16.95
CA GLY A 96 1.23 6.80 -16.08
C GLY A 96 2.52 7.18 -16.79
N GLY A 97 2.61 6.82 -18.07
CA GLY A 97 3.79 7.11 -18.86
C GLY A 97 4.78 5.95 -18.81
N ILE A 98 4.70 5.17 -17.74
CA ILE A 98 5.55 4.01 -17.57
C ILE A 98 5.17 2.93 -18.56
N GLY A 99 3.87 2.76 -18.74
CA GLY A 99 3.34 1.75 -19.64
C GLY A 99 2.41 0.81 -18.87
N GLU A 100 1.34 1.39 -18.32
CA GLU A 100 0.37 0.62 -17.55
C GLU A 100 -0.19 -0.54 -18.38
N ALA A 101 -0.44 -1.65 -17.70
CA ALA A 101 -0.97 -2.85 -18.36
C ALA A 101 -2.51 -2.87 -18.28
N ILE A 102 -3.10 -3.96 -18.75
CA ILE A 102 -4.55 -4.10 -18.73
C ILE A 102 -5.04 -4.18 -17.28
N VAL A 103 -6.01 -3.34 -16.94
CA VAL A 103 -6.54 -3.33 -15.59
C VAL A 103 -7.71 -4.28 -15.42
N ASP A 104 -8.50 -4.44 -16.48
CA ASP A 104 -9.67 -5.31 -16.41
C ASP A 104 -9.35 -6.74 -16.82
N ILE A 105 -10.09 -7.67 -16.24
CA ILE A 105 -9.91 -9.09 -16.52
C ILE A 105 -11.13 -9.61 -17.27
N PRO A 106 -10.97 -10.39 -18.31
CA PRO A 106 -12.13 -10.93 -19.09
C PRO A 106 -12.94 -11.95 -18.29
N GLU A 107 -12.31 -12.56 -17.29
CA GLU A 107 -12.97 -13.57 -16.46
C GLU A 107 -14.00 -12.93 -15.53
N ILE A 108 -13.86 -11.63 -15.27
CA ILE A 108 -14.78 -10.94 -14.38
C ILE A 108 -16.07 -10.54 -15.11
N PRO A 109 -17.23 -10.95 -14.64
CA PRO A 109 -18.52 -10.57 -15.29
C PRO A 109 -18.98 -9.18 -14.84
N GLY A 110 -19.27 -8.31 -15.81
CA GLY A 110 -19.73 -6.97 -15.47
C GLY A 110 -18.67 -6.16 -14.73
N PHE A 111 -17.40 -6.39 -15.05
CA PHE A 111 -16.30 -5.68 -14.38
C PHE A 111 -16.46 -4.18 -14.57
N LYS A 112 -16.72 -3.76 -15.79
CA LYS A 112 -16.92 -2.35 -16.07
C LYS A 112 -18.28 -1.91 -15.54
N ASP A 113 -19.14 -2.89 -15.22
CA ASP A 113 -20.48 -2.60 -14.73
C ASP A 113 -20.59 -2.63 -13.21
N LEU A 114 -19.49 -2.93 -12.51
CA LEU A 114 -19.53 -2.95 -11.04
C LEU A 114 -18.86 -1.71 -10.45
N GLU A 115 -19.18 -1.43 -9.19
CA GLU A 115 -18.64 -0.26 -8.52
C GLU A 115 -17.12 -0.40 -8.33
N PRO A 116 -16.41 0.68 -8.17
CA PRO A 116 -14.92 0.64 -8.00
C PRO A 116 -14.48 -0.18 -6.80
N MET A 117 -15.32 -0.29 -5.78
CA MET A 117 -14.96 -1.10 -4.63
C MET A 117 -14.79 -2.55 -5.07
N GLU A 118 -15.79 -3.05 -5.79
CA GLU A 118 -15.78 -4.41 -6.29
C GLU A 118 -14.69 -4.54 -7.33
N GLN A 119 -14.45 -3.45 -8.05
CA GLN A 119 -13.45 -3.42 -9.10
C GLN A 119 -12.09 -3.80 -8.52
N PHE A 120 -11.78 -3.29 -7.32
CA PHE A 120 -10.51 -3.61 -6.66
C PHE A 120 -10.39 -5.10 -6.40
N ILE A 121 -11.41 -5.67 -5.78
CA ILE A 121 -11.40 -7.09 -5.44
C ILE A 121 -11.29 -7.96 -6.68
N ALA A 122 -12.00 -7.57 -7.73
CA ALA A 122 -12.01 -8.36 -8.96
C ALA A 122 -10.62 -8.50 -9.58
N GLN A 123 -9.83 -7.42 -9.58
CA GLN A 123 -8.49 -7.48 -10.17
C GLN A 123 -7.58 -8.46 -9.42
N VAL A 124 -7.65 -8.45 -8.09
CA VAL A 124 -6.83 -9.34 -7.26
C VAL A 124 -7.48 -10.72 -7.10
N ASP A 125 -8.80 -10.78 -7.30
CA ASP A 125 -9.50 -12.05 -7.17
C ASP A 125 -8.87 -13.11 -8.08
N LEU A 126 -8.21 -12.65 -9.13
CA LEU A 126 -7.57 -13.55 -10.07
C LEU A 126 -6.57 -14.46 -9.36
N CYS A 127 -6.06 -14.00 -8.22
CA CYS A 127 -5.09 -14.80 -7.48
C CYS A 127 -5.74 -16.04 -6.90
N VAL A 128 -5.72 -17.10 -7.68
CA VAL A 128 -6.27 -18.37 -7.24
C VAL A 128 -5.12 -19.26 -6.72
N ASP A 129 -3.89 -18.86 -7.03
CA ASP A 129 -2.71 -19.58 -6.59
C ASP A 129 -2.05 -18.89 -5.40
N CYS A 130 -2.79 -17.98 -4.77
CA CYS A 130 -2.28 -17.23 -3.62
C CYS A 130 -1.57 -18.19 -2.67
N THR A 131 -0.49 -17.72 -2.05
CA THR A 131 0.28 -18.57 -1.15
C THR A 131 0.41 -17.94 0.24
N THR A 132 0.60 -18.82 1.24
CA THR A 132 0.76 -18.38 2.62
C THR A 132 2.02 -17.55 2.79
N GLY A 133 3.09 -17.98 2.11
CA GLY A 133 4.37 -17.29 2.19
C GLY A 133 4.22 -15.83 1.75
N CYS A 134 3.38 -15.61 0.75
CA CYS A 134 3.15 -14.26 0.26
C CYS A 134 2.65 -13.38 1.39
N LEU A 135 1.66 -13.87 2.13
CA LEU A 135 1.11 -13.13 3.25
C LEU A 135 2.19 -12.91 4.31
N LYS A 136 3.02 -13.93 4.51
CA LYS A 136 4.10 -13.84 5.49
C LYS A 136 4.88 -12.54 5.34
N GLY A 137 4.93 -12.00 4.14
CA GLY A 137 5.66 -10.76 3.90
C GLY A 137 5.09 -9.63 4.75
N LEU A 138 3.76 -9.58 4.83
CA LEU A 138 3.10 -8.55 5.63
C LEU A 138 3.45 -8.74 7.10
N ALA A 139 3.52 -10.00 7.53
CA ALA A 139 3.85 -10.31 8.92
C ALA A 139 5.36 -10.22 9.17
N ASN A 140 6.13 -9.95 8.12
CA ASN A 140 7.58 -9.85 8.29
C ASN A 140 8.02 -8.42 8.61
N VAL A 141 7.06 -7.50 8.67
CA VAL A 141 7.37 -6.10 9.00
C VAL A 141 6.72 -5.72 10.32
N GLN A 142 6.47 -6.71 11.18
CA GLN A 142 5.85 -6.43 12.46
C GLN A 142 6.74 -5.51 13.29
N CYS A 143 8.04 -5.73 13.23
CA CYS A 143 8.98 -4.89 13.97
C CYS A 143 10.35 -4.88 13.29
N SER A 144 10.37 -4.62 11.99
CA SER A 144 11.62 -4.56 11.25
C SER A 144 12.39 -3.30 11.63
N ASP A 145 13.66 -3.25 11.30
CA ASP A 145 14.49 -2.10 11.65
C ASP A 145 13.82 -0.80 11.19
N LEU A 146 13.28 -0.81 9.97
CA LEU A 146 12.62 0.38 9.45
C LEU A 146 11.44 0.74 10.34
N LEU A 147 10.65 -0.26 10.68
CA LEU A 147 9.47 -0.07 11.51
C LEU A 147 9.83 0.36 12.93
N LYS A 148 11.00 -0.07 13.42
CA LYS A 148 11.41 0.27 14.79
C LYS A 148 11.54 1.77 14.98
N LYS A 149 12.13 2.46 14.01
CA LYS A 149 12.31 3.90 14.12
C LYS A 149 10.98 4.63 14.01
N TRP A 150 10.01 4.00 13.35
CA TRP A 150 8.69 4.61 13.19
C TRP A 150 7.70 4.09 14.25
N LEU A 151 8.12 3.10 15.03
CA LEU A 151 7.25 2.52 16.04
C LEU A 151 7.74 2.89 17.45
N PRO A 152 7.06 3.75 18.18
CA PRO A 152 7.47 4.12 19.56
C PRO A 152 7.11 3.03 20.57
N GLN A 153 7.82 1.91 20.48
CA GLN A 153 7.57 0.78 21.38
C GLN A 153 8.89 0.18 21.85
N ARG A 154 8.86 -0.50 23.00
CA ARG A 154 10.05 -1.10 23.55
C ARG A 154 10.72 -2.02 22.52
N CYS A 155 9.95 -2.46 21.53
CA CYS A 155 10.48 -3.32 20.48
C CYS A 155 11.57 -2.57 19.72
N ALA A 156 11.30 -1.30 19.45
CA ALA A 156 12.25 -0.46 18.72
C ALA A 156 13.57 -0.34 19.47
N THR A 157 13.49 -0.24 20.81
CA THR A 157 14.67 -0.10 21.65
C THR A 157 15.52 1.08 21.20
N PHE A 158 16.71 1.19 21.79
CA PHE A 158 17.63 2.27 21.47
C PHE A 158 18.29 2.06 20.11
N ALA A 159 18.99 3.10 19.66
CA ALA A 159 19.69 3.06 18.37
C ALA A 159 18.70 3.15 17.21
N SER A 160 17.65 3.94 17.39
CA SER A 160 16.65 4.12 16.34
C SER A 160 16.47 5.60 16.04
N LYS A 161 16.63 5.98 14.77
CA LYS A 161 16.47 7.37 14.36
C LYS A 161 15.71 7.47 13.05
N ILE A 162 14.94 8.55 12.89
CA ILE A 162 14.17 8.77 11.68
C ILE A 162 14.70 9.97 10.90
N GLN A 163 15.92 10.39 11.22
CA GLN A 163 16.53 11.53 10.55
C GLN A 163 18.05 11.38 10.49
N GLY A 164 18.67 12.14 9.59
CA GLY A 164 20.12 12.08 9.43
C GLY A 164 20.56 12.87 8.20
N GLN A 165 19.72 12.87 7.17
CA GLN A 165 20.01 13.59 5.94
C GLN A 165 21.15 12.94 5.17
N VAL A 166 22.38 13.08 5.70
CA VAL A 166 23.57 12.51 5.08
C VAL A 166 23.51 12.62 3.54
N ASP A 167 22.93 13.71 3.06
CA ASP A 167 22.81 13.94 1.62
C ASP A 167 24.19 14.03 0.98
N LYS A 168 25.11 14.69 1.67
CA LYS A 168 26.46 14.85 1.14
C LYS A 168 27.12 13.49 0.93
N ILE A 169 27.76 13.32 -0.22
CA ILE A 169 28.42 12.06 -0.54
C ILE A 169 29.93 12.26 -0.65
N LYS A 170 30.67 11.15 -0.60
CA LYS A 170 32.12 11.19 -0.68
C LYS A 170 32.57 11.81 -1.99
N GLY A 171 31.72 11.76 -3.00
CA GLY A 171 32.04 12.31 -4.30
C GLY A 171 32.03 13.84 -4.25
N ALA A 172 32.67 14.47 -5.24
CA ALA A 172 32.72 15.93 -5.28
C ALA A 172 31.31 16.52 -5.38
N GLY A 173 30.47 15.88 -6.20
CA GLY A 173 29.10 16.34 -6.37
C GLY A 173 29.05 17.51 -7.37
N GLY A 174 27.88 18.13 -7.48
CA GLY A 174 27.71 19.26 -8.38
C GLY A 174 28.03 18.86 -9.82
N ASP A 175 28.85 19.67 -10.48
CA ASP A 175 29.24 19.39 -11.86
C ASP A 175 30.76 19.39 -12.01
N LEU A 30 22.62 4.56 2.56
CA LEU A 30 23.70 5.53 2.88
C LEU A 30 23.08 6.92 3.05
N ASP A 31 22.70 7.26 4.28
CA ASP A 31 22.10 8.56 4.55
C ASP A 31 20.87 8.76 3.68
N ALA A 32 20.16 7.67 3.44
CA ALA A 32 18.95 7.71 2.62
C ALA A 32 17.87 8.60 3.24
N ASP A 33 17.74 8.52 4.56
CA ASP A 33 16.72 9.29 5.26
C ASP A 33 16.92 10.79 5.06
N ARG A 34 18.13 11.28 5.28
CA ARG A 34 18.41 12.70 5.11
C ARG A 34 18.49 13.08 3.64
N GLY A 35 18.84 12.10 2.80
CA GLY A 35 18.95 12.35 1.37
C GLY A 35 17.61 12.74 0.77
N LYS A 36 16.56 12.07 1.20
CA LYS A 36 15.23 12.37 0.70
C LYS A 36 14.22 12.48 1.84
N LEU A 37 13.22 13.35 1.66
CA LEU A 37 12.20 13.55 2.68
C LEU A 37 11.29 12.32 2.75
N PRO A 38 10.68 12.06 3.88
CA PRO A 38 9.77 10.88 4.05
C PRO A 38 8.52 10.99 3.19
N GLY A 39 8.18 12.23 2.81
CA GLY A 39 7.00 12.47 1.99
C GLY A 39 6.22 13.68 2.51
N LYS A 40 5.16 14.03 1.80
CA LYS A 40 4.33 15.17 2.21
C LYS A 40 3.71 14.93 3.58
N LYS A 41 3.26 13.70 3.81
CA LYS A 41 2.65 13.35 5.08
C LYS A 41 2.97 11.90 5.44
N LEU A 42 2.36 10.97 4.71
CA LEU A 42 2.59 9.55 4.96
C LEU A 42 4.01 9.16 4.52
N PRO A 43 4.66 8.25 5.23
CA PRO A 43 6.04 7.81 4.87
C PRO A 43 6.08 6.95 3.60
N LEU A 44 7.07 7.22 2.75
CA LEU A 44 7.24 6.45 1.53
C LEU A 44 8.11 5.23 1.79
N GLU A 45 9.02 5.37 2.76
CA GLU A 45 9.92 4.29 3.12
C GLU A 45 9.11 3.11 3.65
N VAL A 46 8.11 3.42 4.47
CA VAL A 46 7.25 2.40 5.05
C VAL A 46 6.51 1.66 3.95
N LEU A 47 6.06 2.40 2.95
CA LEU A 47 5.33 1.84 1.83
C LEU A 47 6.19 0.78 1.12
N LYS A 48 7.46 1.07 1.00
CA LYS A 48 8.38 0.16 0.33
C LYS A 48 8.63 -1.10 1.18
N GLU A 49 8.53 -0.96 2.50
CA GLU A 49 8.79 -2.10 3.39
C GLU A 49 7.83 -3.27 3.16
N MET A 50 6.53 -2.98 3.09
CA MET A 50 5.56 -4.05 2.90
C MET A 50 5.67 -4.67 1.51
N GLU A 51 5.82 -3.84 0.49
CA GLU A 51 5.95 -4.35 -0.86
C GLU A 51 7.24 -5.12 -1.02
N ALA A 52 8.31 -4.61 -0.41
CA ALA A 52 9.62 -5.24 -0.49
C ALA A 52 9.60 -6.61 0.16
N ASN A 53 8.97 -6.71 1.32
CA ASN A 53 8.90 -7.98 2.01
C ASN A 53 8.12 -9.00 1.18
N ALA A 54 7.06 -8.53 0.53
CA ALA A 54 6.26 -9.41 -0.30
C ALA A 54 7.09 -9.99 -1.45
N ARG A 55 7.85 -9.14 -2.11
CA ARG A 55 8.69 -9.58 -3.22
C ARG A 55 9.81 -10.48 -2.73
N LYS A 56 10.40 -10.13 -1.59
CA LYS A 56 11.48 -10.92 -1.02
C LYS A 56 10.94 -12.30 -0.65
N ALA A 57 9.71 -12.31 -0.15
CA ALA A 57 9.05 -13.54 0.26
C ALA A 57 8.90 -14.50 -0.92
N GLY A 58 9.11 -13.99 -2.14
CA GLY A 58 8.97 -14.82 -3.32
C GLY A 58 7.51 -15.05 -3.63
N CYS A 59 6.70 -14.03 -3.38
CA CYS A 59 5.27 -14.09 -3.62
C CYS A 59 4.98 -14.63 -5.02
N THR A 60 4.01 -15.53 -5.10
CA THR A 60 3.63 -16.10 -6.38
C THR A 60 3.15 -15.00 -7.30
N ARG A 61 3.52 -15.07 -8.58
CA ARG A 61 3.13 -14.05 -9.54
C ARG A 61 1.64 -13.79 -9.45
N GLY A 62 0.88 -14.82 -9.08
CA GLY A 62 -0.56 -14.68 -8.97
C GLY A 62 -0.93 -13.59 -7.96
N CYS A 63 -0.31 -13.60 -6.77
CA CYS A 63 -0.63 -12.57 -5.79
C CYS A 63 0.28 -11.36 -5.96
N LEU A 64 1.27 -11.46 -6.83
CA LEU A 64 2.13 -10.32 -7.07
C LEU A 64 1.22 -9.17 -7.50
N ILE A 65 0.21 -9.51 -8.30
CA ILE A 65 -0.76 -8.53 -8.80
C ILE A 65 -1.91 -8.32 -7.81
N CYS A 66 -2.08 -9.24 -6.87
CA CYS A 66 -3.17 -9.11 -5.89
C CYS A 66 -2.87 -7.97 -4.93
N LEU A 67 -1.63 -7.51 -4.89
CA LEU A 67 -1.25 -6.42 -3.99
C LEU A 67 -0.56 -5.28 -4.76
N SER A 68 0.30 -5.61 -5.71
CA SER A 68 1.03 -4.60 -6.48
C SER A 68 0.14 -3.83 -7.45
N HIS A 69 -0.75 -4.55 -8.13
CA HIS A 69 -1.61 -3.93 -9.15
C HIS A 69 -2.93 -3.39 -8.60
N ILE A 70 -3.19 -3.55 -7.31
CA ILE A 70 -4.44 -3.04 -6.75
C ILE A 70 -4.43 -1.53 -6.63
N LYS A 71 -5.45 -0.89 -7.18
CA LYS A 71 -5.57 0.56 -7.12
C LYS A 71 -6.59 0.95 -6.05
N CYS A 72 -6.20 1.88 -5.18
CA CYS A 72 -7.11 2.31 -4.11
C CYS A 72 -7.77 3.63 -4.45
N THR A 73 -9.09 3.59 -4.61
CA THR A 73 -9.84 4.81 -4.88
C THR A 73 -9.87 5.66 -3.61
N PRO A 74 -10.10 6.94 -3.71
CA PRO A 74 -10.16 7.83 -2.52
C PRO A 74 -11.21 7.37 -1.52
N LYS A 75 -12.10 6.48 -1.94
CA LYS A 75 -13.13 5.98 -1.06
C LYS A 75 -12.67 4.68 -0.41
N MET A 76 -11.95 3.88 -1.19
CA MET A 76 -11.43 2.60 -0.69
C MET A 76 -10.50 2.86 0.49
N LYS A 77 -9.56 3.78 0.30
CA LYS A 77 -8.59 4.10 1.34
C LYS A 77 -9.28 4.66 2.59
N LYS A 78 -10.19 5.60 2.39
CA LYS A 78 -10.89 6.21 3.52
C LYS A 78 -11.72 5.18 4.30
N PHE A 79 -12.51 4.39 3.56
CA PHE A 79 -13.35 3.38 4.19
C PHE A 79 -12.50 2.32 4.89
N ILE A 80 -11.48 1.83 4.18
CA ILE A 80 -10.60 0.81 4.73
C ILE A 80 -9.24 1.43 5.12
N PRO A 81 -8.90 1.50 6.38
CA PRO A 81 -7.59 2.09 6.81
C PRO A 81 -6.42 1.42 6.13
N GLY A 82 -5.45 2.22 5.71
CA GLY A 82 -4.26 1.71 5.03
C GLY A 82 -3.68 2.75 4.09
N ARG A 83 -2.69 2.35 3.31
CA ARG A 83 -2.05 3.27 2.36
C ARG A 83 -1.44 2.49 1.20
N CYS A 84 -1.55 3.05 0.00
CA CYS A 84 -1.00 2.39 -1.18
C CYS A 84 -0.53 3.44 -2.19
N HIS A 85 0.30 3.02 -3.14
CA HIS A 85 0.81 3.93 -4.15
C HIS A 85 -0.25 4.19 -5.21
N THR A 86 -0.08 5.27 -5.96
CA THR A 86 -1.04 5.63 -6.99
C THR A 86 -0.36 6.39 -8.13
N TYR A 87 -0.92 6.26 -9.33
CA TYR A 87 -0.37 6.95 -10.49
C TYR A 87 -1.47 7.68 -11.27
N GLU A 88 -2.72 7.30 -11.03
CA GLU A 88 -3.84 7.92 -11.70
C GLU A 88 -3.74 9.44 -11.66
N GLY A 89 -4.53 10.10 -12.49
CA GLY A 89 -4.51 11.55 -12.56
C GLY A 89 -3.55 12.05 -13.63
N ASP A 90 -2.78 11.14 -14.21
CA ASP A 90 -1.82 11.50 -15.26
C ASP A 90 -2.37 11.16 -16.63
N LYS A 91 -3.69 11.11 -16.73
CA LYS A 91 -4.34 10.81 -18.00
C LYS A 91 -3.93 11.83 -19.05
N GLU A 92 -3.75 13.06 -18.61
CA GLU A 92 -3.34 14.13 -19.52
C GLU A 92 -1.99 13.81 -20.14
N SER A 93 -1.12 13.21 -19.33
CA SER A 93 0.20 12.84 -19.80
C SER A 93 0.09 11.76 -20.86
N ALA A 94 0.96 11.82 -21.87
CA ALA A 94 0.92 10.85 -22.95
C ALA A 94 1.12 9.43 -22.43
N GLN A 95 2.03 9.26 -21.47
CA GLN A 95 2.29 7.94 -20.93
C GLN A 95 2.68 6.97 -22.05
N GLY A 96 2.64 5.68 -21.78
CA GLY A 96 2.99 4.69 -22.79
C GLY A 96 2.07 4.79 -23.99
N GLY A 97 0.78 5.01 -23.73
CA GLY A 97 -0.20 5.13 -24.80
C GLY A 97 -0.74 3.76 -25.21
N ILE A 98 0.18 2.82 -25.41
CA ILE A 98 -0.20 1.47 -25.81
C ILE A 98 -1.08 0.83 -24.74
N GLY A 99 -0.69 0.98 -23.48
CA GLY A 99 -1.44 0.41 -22.38
C GLY A 99 -0.74 -0.83 -21.85
N GLU A 100 0.51 -0.66 -21.42
CA GLU A 100 1.29 -1.78 -20.91
C GLU A 100 0.62 -2.41 -19.69
N ALA A 101 -0.16 -1.61 -18.96
CA ALA A 101 -0.84 -2.12 -17.78
C ALA A 101 -2.16 -1.38 -17.56
N ILE A 102 -3.22 -2.15 -17.33
CA ILE A 102 -4.54 -1.57 -17.10
C ILE A 102 -5.09 -2.02 -15.74
N VAL A 103 -5.51 -1.07 -14.92
CA VAL A 103 -6.04 -1.39 -13.61
C VAL A 103 -7.40 -2.08 -13.76
N ASP A 104 -8.15 -1.64 -14.77
CA ASP A 104 -9.48 -2.21 -15.02
C ASP A 104 -9.35 -3.58 -15.67
N ILE A 105 -10.15 -4.53 -15.21
CA ILE A 105 -10.12 -5.86 -15.78
C ILE A 105 -11.36 -6.05 -16.67
N PRO A 106 -11.22 -6.52 -17.89
CA PRO A 106 -12.38 -6.70 -18.81
C PRO A 106 -13.34 -7.80 -18.35
N GLU A 107 -12.83 -8.73 -17.57
CA GLU A 107 -13.64 -9.84 -17.08
C GLU A 107 -14.67 -9.37 -16.05
N ILE A 108 -14.39 -8.21 -15.44
CA ILE A 108 -15.29 -7.69 -14.41
C ILE A 108 -16.41 -6.84 -15.02
N PRO A 109 -17.66 -7.19 -14.83
CA PRO A 109 -18.79 -6.37 -15.36
C PRO A 109 -19.08 -5.18 -14.46
N GLY A 110 -19.13 -3.98 -15.04
CA GLY A 110 -19.41 -2.79 -14.25
C GLY A 110 -18.35 -2.57 -13.18
N PHE A 111 -17.10 -2.83 -13.53
CA PHE A 111 -15.99 -2.67 -12.58
C PHE A 111 -15.93 -1.24 -12.05
N LYS A 112 -16.03 -0.28 -12.94
CA LYS A 112 -16.01 1.12 -12.54
C LYS A 112 -17.37 1.51 -11.95
N ASP A 113 -18.38 0.67 -12.17
CA ASP A 113 -19.73 0.95 -11.68
C ASP A 113 -20.01 0.30 -10.32
N LEU A 114 -19.05 -0.44 -9.77
CA LEU A 114 -19.25 -1.07 -8.46
C LEU A 114 -18.55 -0.27 -7.36
N GLU A 115 -18.90 -0.56 -6.11
CA GLU A 115 -18.30 0.15 -4.99
C GLU A 115 -16.82 -0.20 -4.85
N PRO A 116 -16.07 0.62 -4.16
CA PRO A 116 -14.61 0.41 -3.98
C PRO A 116 -14.26 -0.94 -3.33
N MET A 117 -15.08 -1.40 -2.39
CA MET A 117 -14.78 -2.67 -1.75
C MET A 117 -14.78 -3.78 -2.80
N GLU A 118 -15.82 -3.79 -3.63
CA GLU A 118 -15.93 -4.77 -4.69
C GLU A 118 -14.79 -4.58 -5.69
N GLN A 119 -14.44 -3.32 -5.90
CA GLN A 119 -13.37 -2.98 -6.83
C GLN A 119 -12.06 -3.64 -6.40
N PHE A 120 -11.78 -3.63 -5.10
CA PHE A 120 -10.56 -4.23 -4.58
C PHE A 120 -10.49 -5.73 -4.86
N ILE A 121 -11.53 -6.45 -4.48
CA ILE A 121 -11.57 -7.90 -4.68
C ILE A 121 -11.48 -8.27 -6.15
N ALA A 122 -12.16 -7.49 -6.99
CA ALA A 122 -12.18 -7.76 -8.41
C ALA A 122 -10.79 -7.71 -9.04
N GLN A 123 -9.97 -6.73 -8.66
CA GLN A 123 -8.63 -6.63 -9.25
C GLN A 123 -7.75 -7.83 -8.86
N VAL A 124 -7.86 -8.25 -7.61
CA VAL A 124 -7.07 -9.41 -7.13
C VAL A 124 -7.71 -10.72 -7.62
N ASP A 125 -8.93 -10.63 -8.14
CA ASP A 125 -9.62 -11.81 -8.64
C ASP A 125 -8.74 -12.57 -9.64
N LEU A 126 -7.81 -11.87 -10.26
CA LEU A 126 -6.95 -12.50 -11.25
C LEU A 126 -5.96 -13.47 -10.60
N CYS A 127 -5.65 -13.28 -9.34
CA CYS A 127 -4.70 -14.16 -8.69
C CYS A 127 -5.25 -15.59 -8.64
N VAL A 128 -4.79 -16.37 -9.58
CA VAL A 128 -5.19 -17.76 -9.65
C VAL A 128 -4.13 -18.64 -9.00
N ASP A 129 -2.93 -18.08 -8.84
CA ASP A 129 -1.82 -18.80 -8.23
C ASP A 129 -1.40 -18.16 -6.91
N CYS A 130 -2.13 -17.13 -6.47
CA CYS A 130 -1.77 -16.46 -5.23
C CYS A 130 -1.58 -17.47 -4.10
N THR A 131 -0.63 -17.17 -3.22
CA THR A 131 -0.33 -18.08 -2.11
C THR A 131 -0.29 -17.36 -0.77
N THR A 132 -0.37 -18.14 0.30
CA THR A 132 -0.34 -17.61 1.65
C THR A 132 1.00 -16.94 1.95
N GLY A 133 2.08 -17.53 1.43
CA GLY A 133 3.41 -16.99 1.65
C GLY A 133 3.49 -15.52 1.26
N CYS A 134 2.64 -15.11 0.32
CA CYS A 134 2.62 -13.71 -0.11
C CYS A 134 2.26 -12.82 1.08
N LEU A 135 1.32 -13.28 1.87
CA LEU A 135 0.87 -12.53 3.05
C LEU A 135 1.95 -12.52 4.14
N LYS A 136 2.91 -13.43 4.04
CA LYS A 136 3.97 -13.51 5.03
C LYS A 136 4.75 -12.20 5.11
N GLY A 137 5.04 -11.62 3.95
CA GLY A 137 5.77 -10.36 3.91
C GLY A 137 5.00 -9.27 4.65
N LEU A 138 3.69 -9.25 4.45
CA LEU A 138 2.84 -8.28 5.12
C LEU A 138 2.88 -8.50 6.63
N ALA A 139 2.91 -9.77 7.01
CA ALA A 139 2.95 -10.15 8.42
C ALA A 139 4.18 -9.58 9.12
N ASN A 140 5.30 -9.55 8.40
CA ASN A 140 6.55 -9.07 8.98
C ASN A 140 6.54 -7.56 9.22
N VAL A 141 5.73 -6.82 8.46
CA VAL A 141 5.68 -5.37 8.63
C VAL A 141 4.45 -4.94 9.44
N GLN A 142 3.79 -5.89 10.09
CA GLN A 142 2.61 -5.57 10.90
C GLN A 142 2.98 -4.64 12.05
N CYS A 143 4.11 -4.90 12.69
CA CYS A 143 4.54 -4.07 13.81
C CYS A 143 6.06 -4.15 14.00
N SER A 144 6.79 -4.07 12.89
CA SER A 144 8.25 -4.13 12.95
C SER A 144 8.80 -2.85 13.59
N ASP A 145 10.09 -2.86 13.90
CA ASP A 145 10.70 -1.70 14.55
C ASP A 145 10.60 -0.44 13.69
N LEU A 146 10.79 -0.58 12.37
CA LEU A 146 10.71 0.59 11.50
C LEU A 146 9.28 1.12 11.48
N LEU A 147 8.33 0.21 11.34
CA LEU A 147 6.93 0.55 11.29
C LEU A 147 6.50 1.23 12.59
N LYS A 148 7.10 0.79 13.68
CA LYS A 148 6.77 1.34 14.99
C LYS A 148 7.05 2.84 15.06
N LYS A 149 8.24 3.24 14.61
CA LYS A 149 8.62 4.65 14.65
C LYS A 149 7.86 5.50 13.63
N TRP A 150 7.29 4.88 12.60
CA TRP A 150 6.58 5.66 11.59
C TRP A 150 5.08 5.69 11.84
N LEU A 151 4.48 4.52 11.98
CA LEU A 151 3.03 4.44 12.21
C LEU A 151 2.74 3.59 13.45
N PRO A 152 1.62 3.79 14.10
CA PRO A 152 1.25 3.00 15.31
C PRO A 152 0.90 1.56 14.94
N GLN A 153 1.33 0.62 15.79
CA GLN A 153 1.06 -0.79 15.54
C GLN A 153 0.76 -1.51 16.85
N ARG A 154 0.37 -2.78 16.75
CA ARG A 154 0.06 -3.56 17.94
C ARG A 154 1.28 -3.61 18.86
N CYS A 155 2.45 -3.83 18.27
CA CYS A 155 3.68 -3.89 19.04
C CYS A 155 4.22 -2.47 19.24
N ALA A 156 3.45 -1.64 19.94
CA ALA A 156 3.85 -0.26 20.18
C ALA A 156 5.15 -0.19 20.95
N THR A 157 5.30 -1.07 21.95
CA THR A 157 6.51 -1.09 22.76
C THR A 157 6.91 0.32 23.21
N PHE A 158 7.83 0.96 22.50
CA PHE A 158 8.27 2.30 22.85
C PHE A 158 7.25 3.33 22.39
N ALA A 159 7.04 4.36 23.20
CA ALA A 159 6.08 5.42 22.88
C ALA A 159 6.70 6.47 21.96
N SER A 160 5.83 7.33 21.42
CA SER A 160 6.27 8.40 20.51
C SER A 160 6.69 7.87 19.15
N LYS A 161 7.10 8.77 18.27
CA LYS A 161 7.51 8.42 16.92
C LYS A 161 8.94 8.89 16.66
N ILE A 162 9.32 8.96 15.39
CA ILE A 162 10.66 9.40 15.02
C ILE A 162 11.02 10.73 15.70
N GLN A 163 12.00 10.68 16.59
CA GLN A 163 12.45 11.88 17.28
C GLN A 163 13.97 11.88 17.42
N GLY A 164 14.63 12.73 16.65
CA GLY A 164 16.09 12.81 16.70
C GLY A 164 16.73 11.60 16.03
N GLN A 165 15.95 10.88 15.22
CA GLN A 165 16.46 9.70 14.53
C GLN A 165 17.13 8.75 15.52
N VAL A 166 17.74 7.68 14.98
CA VAL A 166 18.42 6.71 15.81
C VAL A 166 19.93 6.81 15.64
N ASP A 167 20.39 7.79 14.87
CA ASP A 167 21.82 7.97 14.65
C ASP A 167 22.44 8.79 15.78
N LYS A 168 22.71 8.14 16.90
CA LYS A 168 23.31 8.81 18.04
C LYS A 168 24.76 9.19 17.77
N ILE A 169 25.20 10.30 18.35
CA ILE A 169 26.58 10.75 18.17
C ILE A 169 27.32 10.81 19.50
N LYS A 170 27.15 11.91 20.23
CA LYS A 170 27.82 12.06 21.52
C LYS A 170 27.19 11.13 22.55
N GLY A 171 28.03 10.59 23.44
CA GLY A 171 27.55 9.68 24.47
C GLY A 171 28.52 8.54 24.70
N ALA A 172 28.15 7.62 25.58
CA ALA A 172 28.99 6.47 25.88
C ALA A 172 28.14 5.28 26.30
N GLY A 173 28.64 4.07 26.05
CA GLY A 173 27.90 2.86 26.41
C GLY A 173 26.54 2.84 25.74
N GLY A 174 25.50 2.59 26.52
CA GLY A 174 24.13 2.54 26.00
C GLY A 174 23.12 2.37 27.13
N ASP A 175 21.84 2.35 26.76
CA ASP A 175 20.79 2.19 27.75
C ASP A 175 20.41 0.72 27.90
N LEU A 30 10.32 20.76 -2.32
CA LEU A 30 9.68 21.63 -1.30
C LEU A 30 8.38 20.97 -0.83
N ASP A 31 8.51 19.84 -0.14
CA ASP A 31 7.34 19.12 0.36
C ASP A 31 6.83 19.73 1.66
N ALA A 32 7.50 20.75 2.17
CA ALA A 32 7.07 21.40 3.40
C ALA A 32 5.68 22.01 3.17
N ASP A 33 5.52 22.63 2.00
CA ASP A 33 4.26 23.24 1.65
C ASP A 33 3.18 22.17 1.52
N ARG A 34 3.56 21.02 0.99
CA ARG A 34 2.63 19.91 0.81
C ARG A 34 2.06 19.47 2.15
N GLY A 35 2.92 19.42 3.17
CA GLY A 35 2.49 19.01 4.49
C GLY A 35 3.65 19.07 5.49
N LYS A 36 3.33 18.90 6.77
CA LYS A 36 4.35 18.94 7.80
C LYS A 36 4.57 17.54 8.40
N LEU A 37 3.51 16.74 8.41
CA LEU A 37 3.59 15.39 8.97
C LEU A 37 2.63 14.45 8.23
N PRO A 38 2.98 14.03 7.06
CA PRO A 38 2.13 13.10 6.24
C PRO A 38 2.08 11.70 6.84
N GLY A 39 0.99 10.99 6.60
CA GLY A 39 0.85 9.64 7.13
C GLY A 39 0.58 9.68 8.64
N LYS A 40 -0.59 10.19 9.00
CA LYS A 40 -0.95 10.30 10.42
C LYS A 40 -0.98 8.92 11.08
N LYS A 41 -1.51 7.93 10.38
CA LYS A 41 -1.58 6.58 10.93
C LYS A 41 -0.62 5.65 10.21
N LEU A 42 -0.63 5.69 8.87
CA LEU A 42 0.25 4.84 8.08
C LEU A 42 1.28 5.70 7.31
N PRO A 43 2.51 5.80 7.77
CA PRO A 43 3.56 6.59 7.08
C PRO A 43 3.82 6.09 5.66
N LEU A 44 4.13 7.02 4.76
CA LEU A 44 4.40 6.65 3.37
C LEU A 44 5.58 5.70 3.28
N GLU A 45 6.63 6.01 4.02
CA GLU A 45 7.84 5.19 4.01
C GLU A 45 7.53 3.79 4.54
N VAL A 46 6.75 3.74 5.62
CA VAL A 46 6.37 2.48 6.23
C VAL A 46 5.55 1.63 5.26
N LEU A 47 4.69 2.30 4.51
CA LEU A 47 3.83 1.64 3.54
C LEU A 47 4.67 0.84 2.54
N LYS A 48 5.76 1.43 2.10
CA LYS A 48 6.64 0.77 1.12
C LYS A 48 7.40 -0.39 1.76
N GLU A 49 7.63 -0.32 3.07
CA GLU A 49 8.39 -1.37 3.75
C GLU A 49 7.70 -2.73 3.67
N MET A 50 6.40 -2.78 3.91
CA MET A 50 5.69 -4.05 3.86
C MET A 50 5.55 -4.55 2.42
N GLU A 51 5.33 -3.63 1.50
CA GLU A 51 5.21 -4.01 0.09
C GLU A 51 6.55 -4.56 -0.41
N ALA A 52 7.63 -3.92 0.02
CA ALA A 52 8.97 -4.32 -0.38
C ALA A 52 9.25 -5.76 0.08
N ASN A 53 8.81 -6.07 1.29
CA ASN A 53 9.00 -7.40 1.84
C ASN A 53 8.20 -8.43 1.05
N ALA A 54 7.08 -8.01 0.46
CA ALA A 54 6.26 -8.93 -0.31
C ALA A 54 7.08 -9.52 -1.46
N ARG A 55 7.86 -8.67 -2.12
CA ARG A 55 8.70 -9.12 -3.22
C ARG A 55 9.75 -10.11 -2.70
N LYS A 56 10.29 -9.79 -1.52
CA LYS A 56 11.28 -10.64 -0.89
C LYS A 56 10.68 -12.00 -0.53
N ALA A 57 9.41 -11.98 -0.13
CA ALA A 57 8.71 -13.19 0.25
C ALA A 57 8.69 -14.19 -0.91
N GLY A 58 8.53 -13.68 -2.13
CA GLY A 58 8.48 -14.56 -3.29
C GLY A 58 7.03 -14.82 -3.69
N CYS A 59 6.20 -13.78 -3.58
CA CYS A 59 4.79 -13.88 -3.91
C CYS A 59 4.56 -14.70 -5.17
N THR A 60 3.55 -15.55 -5.12
CA THR A 60 3.21 -16.39 -6.26
C THR A 60 2.60 -15.54 -7.37
N ARG A 61 2.90 -15.88 -8.62
CA ARG A 61 2.38 -15.11 -9.75
C ARG A 61 0.88 -14.94 -9.60
N GLY A 62 0.25 -15.93 -8.96
CA GLY A 62 -1.18 -15.88 -8.75
C GLY A 62 -1.56 -14.65 -7.94
N CYS A 63 -0.75 -14.30 -6.96
CA CYS A 63 -1.04 -13.12 -6.15
C CYS A 63 -0.16 -11.94 -6.55
N LEU A 64 0.75 -12.17 -7.48
CA LEU A 64 1.60 -11.08 -7.94
C LEU A 64 0.69 -10.00 -8.48
N ILE A 65 -0.37 -10.45 -9.14
CA ILE A 65 -1.36 -9.57 -9.72
C ILE A 65 -2.18 -8.88 -8.63
N CYS A 66 -2.06 -9.35 -7.38
CA CYS A 66 -2.79 -8.74 -6.25
C CYS A 66 -2.35 -7.29 -6.11
N LEU A 67 -1.18 -6.96 -6.65
CA LEU A 67 -0.66 -5.62 -6.53
C LEU A 67 -0.21 -5.07 -7.88
N SER A 68 0.32 -5.94 -8.72
CA SER A 68 0.80 -5.55 -10.05
C SER A 68 -0.35 -5.16 -10.97
N HIS A 69 -1.43 -5.94 -10.94
CA HIS A 69 -2.56 -5.70 -11.82
C HIS A 69 -3.66 -4.82 -11.22
N ILE A 70 -3.52 -4.42 -9.96
CA ILE A 70 -4.56 -3.59 -9.36
C ILE A 70 -4.31 -2.12 -9.68
N LYS A 71 -5.24 -1.53 -10.42
CA LYS A 71 -5.13 -0.11 -10.80
C LYS A 71 -6.20 0.70 -10.07
N CYS A 72 -5.80 1.81 -9.48
CA CYS A 72 -6.76 2.65 -8.77
C CYS A 72 -7.51 3.54 -9.75
N THR A 73 -8.82 3.37 -9.81
CA THR A 73 -9.64 4.19 -10.69
C THR A 73 -9.74 5.59 -10.11
N PRO A 74 -10.06 6.58 -10.91
CA PRO A 74 -10.21 7.98 -10.41
C PRO A 74 -11.25 8.05 -9.29
N LYS A 75 -12.08 7.01 -9.19
CA LYS A 75 -13.10 6.96 -8.15
C LYS A 75 -12.55 6.18 -6.97
N MET A 76 -11.74 5.17 -7.28
CA MET A 76 -11.13 4.35 -6.25
C MET A 76 -10.28 5.22 -5.33
N LYS A 77 -9.47 6.09 -5.93
CA LYS A 77 -8.61 6.99 -5.17
C LYS A 77 -9.42 8.03 -4.40
N LYS A 78 -10.42 8.61 -5.05
CA LYS A 78 -11.25 9.63 -4.41
C LYS A 78 -12.01 9.07 -3.23
N PHE A 79 -12.51 7.85 -3.37
CA PHE A 79 -13.25 7.19 -2.31
C PHE A 79 -12.39 6.07 -1.71
N ILE A 80 -13.01 5.20 -0.92
CA ILE A 80 -12.28 4.10 -0.30
C ILE A 80 -11.25 4.65 0.71
N PRO A 81 -11.13 4.07 1.89
CA PRO A 81 -10.15 4.56 2.90
C PRO A 81 -8.71 4.51 2.39
N GLY A 82 -8.44 3.64 1.43
CA GLY A 82 -7.09 3.52 0.88
C GLY A 82 -6.80 2.09 0.43
N ARG A 83 -5.56 1.66 0.68
CA ARG A 83 -5.13 0.31 0.32
C ARG A 83 -5.21 0.09 -1.19
N CYS A 84 -4.83 1.11 -1.96
CA CYS A 84 -4.86 1.00 -3.42
C CYS A 84 -3.62 1.68 -4.00
N HIS A 85 -2.73 0.88 -4.58
CA HIS A 85 -1.50 1.42 -5.17
C HIS A 85 -1.17 0.70 -6.47
N THR A 86 -0.39 1.35 -7.32
CA THR A 86 -0.01 0.77 -8.60
C THR A 86 1.51 0.77 -8.77
N TYR A 87 2.01 -0.21 -9.53
CA TYR A 87 3.44 -0.30 -9.78
C TYR A 87 3.88 0.84 -10.69
N GLU A 88 2.95 1.34 -11.49
CA GLU A 88 3.24 2.43 -12.41
C GLU A 88 3.66 3.67 -11.65
N GLY A 89 3.01 3.90 -10.51
CA GLY A 89 3.33 5.05 -9.68
C GLY A 89 2.83 6.33 -10.33
N ASP A 90 1.77 6.22 -11.13
CA ASP A 90 1.22 7.38 -11.81
C ASP A 90 0.34 8.22 -10.87
N LYS A 91 -0.21 9.30 -11.40
CA LYS A 91 -1.04 10.18 -10.60
C LYS A 91 -2.52 10.04 -10.98
N GLU A 92 -2.77 9.71 -12.25
CA GLU A 92 -4.16 9.56 -12.71
C GLU A 92 -4.25 9.06 -14.17
N SER A 93 -3.15 9.07 -14.91
CA SER A 93 -3.18 8.62 -16.29
C SER A 93 -3.45 7.12 -16.35
N ALA A 94 -4.09 6.69 -17.44
CA ALA A 94 -4.42 5.29 -17.62
C ALA A 94 -3.17 4.44 -17.77
N GLN A 95 -2.18 4.95 -18.50
CA GLN A 95 -0.94 4.21 -18.72
C GLN A 95 -1.26 2.86 -19.37
N GLY A 96 -0.22 2.11 -19.73
CA GLY A 96 -0.42 0.81 -20.36
C GLY A 96 -0.81 0.98 -21.82
N GLY A 97 -0.51 2.14 -22.39
CA GLY A 97 -0.83 2.40 -23.80
C GLY A 97 -0.13 1.41 -24.71
N ILE A 98 1.11 1.09 -24.36
CA ILE A 98 1.89 0.13 -25.15
C ILE A 98 1.19 -1.22 -25.18
N GLY A 99 0.68 -1.64 -24.02
CA GLY A 99 0.00 -2.92 -23.93
C GLY A 99 0.73 -3.86 -22.99
N GLU A 100 1.40 -3.29 -22.00
CA GLU A 100 2.15 -4.06 -21.03
C GLU A 100 1.22 -4.97 -20.23
N ALA A 101 0.06 -4.44 -19.87
CA ALA A 101 -0.92 -5.21 -19.11
C ALA A 101 -2.31 -4.62 -19.26
N ILE A 102 -3.34 -5.45 -19.12
CA ILE A 102 -4.71 -4.98 -19.25
C ILE A 102 -5.43 -5.08 -17.91
N VAL A 103 -5.88 -3.93 -17.41
CA VAL A 103 -6.59 -3.88 -16.14
C VAL A 103 -7.94 -4.58 -16.23
N ASP A 104 -8.62 -4.39 -17.35
CA ASP A 104 -9.93 -5.01 -17.52
C ASP A 104 -9.79 -6.53 -17.51
N ILE A 105 -10.29 -7.14 -16.45
CA ILE A 105 -10.22 -8.58 -16.31
C ILE A 105 -11.34 -9.24 -17.12
N PRO A 106 -11.05 -10.18 -17.99
CA PRO A 106 -12.12 -10.84 -18.79
C PRO A 106 -13.07 -11.64 -17.93
N GLU A 107 -12.57 -12.08 -16.78
CA GLU A 107 -13.37 -12.87 -15.85
C GLU A 107 -14.46 -12.01 -15.23
N ILE A 108 -14.13 -10.74 -14.99
CA ILE A 108 -15.10 -9.83 -14.38
C ILE A 108 -16.07 -9.30 -15.44
N PRO A 109 -17.37 -9.47 -15.27
CA PRO A 109 -18.35 -8.97 -16.27
C PRO A 109 -18.66 -7.49 -16.07
N GLY A 110 -18.04 -6.64 -16.89
CA GLY A 110 -18.27 -5.21 -16.80
C GLY A 110 -17.89 -4.66 -15.42
N PHE A 111 -16.61 -4.76 -15.07
CA PHE A 111 -16.17 -4.26 -13.77
C PHE A 111 -16.47 -2.77 -13.63
N LYS A 112 -16.58 -2.09 -14.77
CA LYS A 112 -16.90 -0.67 -14.74
C LYS A 112 -18.33 -0.46 -14.24
N ASP A 113 -19.14 -1.51 -14.38
CA ASP A 113 -20.53 -1.47 -13.94
C ASP A 113 -20.62 -1.47 -12.43
N LEU A 114 -19.72 -2.22 -11.79
CA LEU A 114 -19.70 -2.30 -10.34
C LEU A 114 -18.89 -1.15 -9.74
N GLU A 115 -19.12 -0.88 -8.47
CA GLU A 115 -18.42 0.21 -7.79
C GLU A 115 -16.92 -0.08 -7.73
N PRO A 116 -16.10 0.93 -7.63
CA PRO A 116 -14.61 0.76 -7.62
C PRO A 116 -14.11 -0.11 -6.47
N MET A 117 -14.79 -0.07 -5.32
CA MET A 117 -14.37 -0.90 -4.20
C MET A 117 -14.43 -2.36 -4.61
N GLU A 118 -15.55 -2.73 -5.22
CA GLU A 118 -15.77 -4.08 -5.70
C GLU A 118 -14.75 -4.40 -6.79
N GLN A 119 -14.47 -3.40 -7.61
CA GLN A 119 -13.53 -3.54 -8.69
C GLN A 119 -12.16 -3.94 -8.16
N PHE A 120 -11.77 -3.36 -7.03
CA PHE A 120 -10.48 -3.68 -6.43
C PHE A 120 -10.38 -5.17 -6.09
N ILE A 121 -11.38 -5.67 -5.37
CA ILE A 121 -11.39 -7.07 -4.99
C ILE A 121 -11.41 -7.97 -6.22
N ALA A 122 -12.20 -7.57 -7.22
CA ALA A 122 -12.32 -8.35 -8.45
C ALA A 122 -10.97 -8.51 -9.16
N GLN A 123 -10.19 -7.44 -9.23
CA GLN A 123 -8.91 -7.49 -9.91
C GLN A 123 -7.93 -8.46 -9.23
N VAL A 124 -7.89 -8.43 -7.90
CA VAL A 124 -7.01 -9.33 -7.14
C VAL A 124 -7.66 -10.71 -6.95
N ASP A 125 -8.98 -10.78 -7.16
CA ASP A 125 -9.69 -12.04 -7.01
C ASP A 125 -9.05 -13.14 -7.84
N LEU A 126 -8.30 -12.74 -8.86
CA LEU A 126 -7.66 -13.69 -9.74
C LEU A 126 -6.63 -14.55 -9.01
N CYS A 127 -6.18 -14.11 -7.84
CA CYS A 127 -5.19 -14.89 -7.09
C CYS A 127 -5.83 -16.10 -6.42
N VAL A 128 -6.46 -16.96 -7.21
CA VAL A 128 -7.07 -18.16 -6.66
C VAL A 128 -6.01 -18.99 -5.93
N ASP A 129 -4.75 -18.76 -6.30
CA ASP A 129 -3.63 -19.47 -5.68
C ASP A 129 -2.97 -18.61 -4.60
N CYS A 130 -3.64 -17.54 -4.19
CA CYS A 130 -3.13 -16.62 -3.17
C CYS A 130 -2.45 -17.41 -2.04
N THR A 131 -1.13 -17.47 -2.10
CA THR A 131 -0.34 -18.21 -1.12
C THR A 131 -0.09 -17.41 0.16
N THR A 132 0.33 -18.13 1.19
CA THR A 132 0.66 -17.54 2.49
C THR A 132 2.00 -16.82 2.43
N GLY A 133 2.76 -17.08 1.38
CA GLY A 133 4.06 -16.43 1.25
C GLY A 133 3.87 -14.92 1.21
N CYS A 134 2.86 -14.49 0.48
CA CYS A 134 2.55 -13.07 0.38
C CYS A 134 2.15 -12.55 1.75
N LEU A 135 1.37 -13.36 2.46
CA LEU A 135 0.90 -13.03 3.79
C LEU A 135 2.07 -12.86 4.76
N LYS A 136 3.04 -13.77 4.66
CA LYS A 136 4.22 -13.74 5.51
C LYS A 136 4.99 -12.44 5.34
N GLY A 137 5.14 -12.00 4.09
CA GLY A 137 5.87 -10.76 3.81
C GLY A 137 5.21 -9.58 4.52
N LEU A 138 3.89 -9.55 4.50
CA LEU A 138 3.16 -8.46 5.15
C LEU A 138 3.44 -8.46 6.65
N ALA A 139 3.52 -9.65 7.23
CA ALA A 139 3.78 -9.78 8.67
C ALA A 139 5.28 -9.73 8.96
N ASN A 140 6.11 -9.64 7.91
CA ASN A 140 7.56 -9.59 8.10
C ASN A 140 7.98 -8.25 8.70
N VAL A 141 7.19 -7.22 8.47
CA VAL A 141 7.49 -5.89 9.00
C VAL A 141 6.86 -5.70 10.37
N GLN A 142 6.65 -6.79 11.09
CA GLN A 142 6.04 -6.73 12.42
C GLN A 142 6.89 -5.88 13.36
N CYS A 143 8.20 -6.06 13.32
CA CYS A 143 9.09 -5.29 14.18
C CYS A 143 10.42 -5.04 13.49
N SER A 144 10.35 -4.64 12.22
CA SER A 144 11.57 -4.35 11.45
C SER A 144 12.24 -3.10 11.98
N ASP A 145 13.46 -2.85 11.52
CA ASP A 145 14.21 -1.69 11.99
C ASP A 145 13.48 -0.37 11.70
N LEU A 146 12.91 -0.24 10.50
CA LEU A 146 12.19 1.00 10.18
C LEU A 146 10.88 1.08 10.92
N LEU A 147 10.13 0.00 10.93
CA LEU A 147 8.84 -0.02 11.60
C LEU A 147 9.04 0.27 13.09
N LYS A 148 10.20 -0.11 13.59
CA LYS A 148 10.52 0.09 15.01
C LYS A 148 10.48 1.57 15.40
N LYS A 149 11.10 2.42 14.58
CA LYS A 149 11.13 3.85 14.90
C LYS A 149 9.75 4.49 14.72
N TRP A 150 8.91 3.88 13.88
CA TRP A 150 7.59 4.45 13.61
C TRP A 150 6.52 3.87 14.54
N LEU A 151 6.75 2.66 15.05
CA LEU A 151 5.79 2.02 15.94
C LEU A 151 6.46 1.59 17.25
N PRO A 152 5.72 1.40 18.30
CA PRO A 152 6.28 0.98 19.62
C PRO A 152 7.11 -0.30 19.50
N GLN A 153 8.24 -0.34 20.20
CA GLN A 153 9.11 -1.52 20.15
C GLN A 153 8.33 -2.79 20.44
N ARG A 154 8.53 -3.81 19.61
CA ARG A 154 7.84 -5.08 19.79
C ARG A 154 8.82 -6.22 20.06
N CYS A 155 9.82 -6.35 19.20
CA CYS A 155 10.82 -7.40 19.36
C CYS A 155 12.20 -6.80 19.61
N ALA A 156 12.39 -5.55 19.20
CA ALA A 156 13.66 -4.87 19.39
C ALA A 156 13.76 -4.29 20.81
N THR A 157 12.58 -4.15 21.46
CA THR A 157 12.50 -3.60 22.81
C THR A 157 13.42 -2.41 23.03
N PHE A 158 13.73 -1.69 21.95
CA PHE A 158 14.60 -0.52 22.07
C PHE A 158 14.37 0.45 20.91
N ALA A 159 13.66 1.54 21.19
CA ALA A 159 13.39 2.53 20.16
C ALA A 159 13.05 3.89 20.79
N SER A 160 13.43 4.96 20.11
CA SER A 160 13.15 6.30 20.61
C SER A 160 13.14 7.31 19.46
N LYS A 161 12.20 8.25 19.52
CA LYS A 161 12.09 9.28 18.48
C LYS A 161 12.15 8.66 17.09
N ILE A 162 12.31 9.50 16.07
CA ILE A 162 12.37 9.01 14.69
C ILE A 162 13.69 9.43 14.04
N GLN A 163 14.70 9.73 14.88
CA GLN A 163 16.00 10.14 14.36
C GLN A 163 17.06 9.12 14.75
N GLY A 164 17.80 8.63 13.76
CA GLY A 164 18.85 7.65 14.01
C GLY A 164 20.16 8.33 14.40
N GLN A 165 21.17 7.53 14.70
CA GLN A 165 22.47 8.06 15.07
C GLN A 165 23.57 7.03 14.79
N VAL A 166 24.79 7.51 14.59
CA VAL A 166 25.91 6.62 14.31
C VAL A 166 27.06 6.89 15.27
N ASP A 167 26.76 6.95 16.56
CA ASP A 167 27.78 7.22 17.57
C ASP A 167 28.40 5.91 18.05
N LYS A 168 29.33 5.37 17.28
CA LYS A 168 29.99 4.13 17.64
C LYS A 168 31.50 4.25 17.47
N ILE A 169 32.23 4.08 18.58
CA ILE A 169 33.69 4.18 18.54
C ILE A 169 34.31 3.09 19.42
N LYS A 170 33.94 3.11 20.70
CA LYS A 170 34.46 2.13 21.65
C LYS A 170 34.06 0.71 21.25
N GLY A 171 32.82 0.56 20.79
CA GLY A 171 32.32 -0.75 20.40
C GLY A 171 33.09 -1.30 19.20
N ALA A 172 33.28 -2.62 19.19
CA ALA A 172 34.01 -3.27 18.10
C ALA A 172 33.19 -3.23 16.81
N GLY A 173 33.87 -3.08 15.68
CA GLY A 173 33.20 -3.05 14.40
C GLY A 173 32.87 -4.46 13.91
N GLY A 174 32.21 -4.53 12.75
CA GLY A 174 31.84 -5.84 12.20
C GLY A 174 33.08 -6.67 11.90
N ASP A 175 34.12 -6.03 11.40
CA ASP A 175 35.36 -6.73 11.07
C ASP A 175 36.46 -6.36 12.07
N LEU A 30 -24.93 12.82 15.86
CA LEU A 30 -23.96 13.14 16.95
C LEU A 30 -22.55 12.79 16.49
N ASP A 31 -22.43 11.71 15.72
CA ASP A 31 -21.15 11.27 15.21
C ASP A 31 -21.33 10.71 13.81
N ALA A 32 -21.66 11.59 12.87
CA ALA A 32 -21.88 11.17 11.49
C ALA A 32 -20.61 10.55 10.90
N ASP A 33 -19.47 11.13 11.22
CA ASP A 33 -18.19 10.65 10.71
C ASP A 33 -17.93 9.21 11.17
N ARG A 34 -18.27 8.92 12.42
CA ARG A 34 -18.07 7.59 12.95
C ARG A 34 -16.60 7.18 12.83
N GLY A 35 -15.70 8.13 13.02
CA GLY A 35 -14.27 7.86 12.91
C GLY A 35 -13.49 8.59 14.00
N LYS A 36 -12.35 8.02 14.39
CA LYS A 36 -11.52 8.64 15.42
C LYS A 36 -10.41 9.48 14.80
N LEU A 37 -10.06 9.16 13.56
CA LEU A 37 -9.00 9.89 12.87
C LEU A 37 -9.44 10.30 11.46
N PRO A 38 -8.88 11.35 10.91
CA PRO A 38 -9.24 11.83 9.54
C PRO A 38 -8.82 10.84 8.47
N GLY A 39 -7.81 10.01 8.78
CA GLY A 39 -7.31 9.02 7.84
C GLY A 39 -5.79 9.04 7.78
N LYS A 40 -5.22 8.17 6.95
CA LYS A 40 -3.77 8.10 6.81
C LYS A 40 -3.11 7.91 8.18
N LYS A 41 -3.68 7.02 8.98
CA LYS A 41 -3.14 6.76 10.32
C LYS A 41 -1.70 6.26 10.23
N LEU A 42 -1.45 5.32 9.31
CA LEU A 42 -0.10 4.78 9.15
C LEU A 42 0.68 5.60 8.12
N PRO A 43 1.98 5.70 8.26
CA PRO A 43 2.83 6.48 7.32
C PRO A 43 3.02 5.77 5.97
N LEU A 44 3.25 6.56 4.93
CA LEU A 44 3.47 6.04 3.58
C LEU A 44 4.82 5.33 3.48
N GLU A 45 5.79 5.82 4.24
CA GLU A 45 7.14 5.27 4.20
C GLU A 45 7.17 3.79 4.57
N VAL A 46 6.45 3.39 5.60
CA VAL A 46 6.44 2.00 6.02
C VAL A 46 5.55 1.15 5.09
N LEU A 47 4.65 1.80 4.39
CA LEU A 47 3.75 1.11 3.48
C LEU A 47 4.56 0.36 2.43
N LYS A 48 5.57 1.04 1.90
CA LYS A 48 6.42 0.43 0.89
C LYS A 48 7.34 -0.64 1.49
N GLU A 49 7.64 -0.53 2.78
CA GLU A 49 8.52 -1.48 3.44
C GLU A 49 7.96 -2.90 3.43
N MET A 50 6.68 -3.06 3.72
CA MET A 50 6.08 -4.39 3.72
C MET A 50 5.92 -4.89 2.30
N GLU A 51 5.63 -3.98 1.38
CA GLU A 51 5.49 -4.35 -0.02
C GLU A 51 6.81 -4.86 -0.56
N ALA A 52 7.89 -4.19 -0.16
CA ALA A 52 9.23 -4.56 -0.59
C ALA A 52 9.55 -5.98 -0.14
N ASN A 53 9.13 -6.32 1.09
CA ASN A 53 9.37 -7.64 1.63
C ASN A 53 8.59 -8.71 0.86
N ALA A 54 7.46 -8.33 0.28
CA ALA A 54 6.66 -9.28 -0.48
C ALA A 54 7.48 -9.86 -1.64
N ARG A 55 8.21 -9.00 -2.33
CA ARG A 55 9.04 -9.44 -3.44
C ARG A 55 10.14 -10.38 -2.94
N LYS A 56 10.74 -10.01 -1.82
CA LYS A 56 11.81 -10.82 -1.23
C LYS A 56 11.27 -12.18 -0.79
N ALA A 57 10.04 -12.19 -0.29
CA ALA A 57 9.40 -13.41 0.18
C ALA A 57 9.32 -14.45 -0.95
N GLY A 58 9.04 -13.99 -2.16
CA GLY A 58 8.93 -14.90 -3.30
C GLY A 58 7.47 -15.23 -3.57
N CYS A 59 6.62 -14.23 -3.39
CA CYS A 59 5.18 -14.39 -3.60
C CYS A 59 4.91 -15.08 -4.93
N THR A 60 3.89 -15.93 -4.95
CA THR A 60 3.52 -16.66 -6.16
C THR A 60 2.81 -15.77 -7.16
N ARG A 61 2.72 -16.24 -8.39
CA ARG A 61 2.07 -15.49 -9.47
C ARG A 61 0.62 -15.18 -9.13
N GLY A 62 -0.01 -16.06 -8.35
CA GLY A 62 -1.40 -15.88 -8.00
C GLY A 62 -1.63 -14.55 -7.27
N CYS A 63 -0.77 -14.21 -6.32
CA CYS A 63 -0.95 -12.95 -5.59
C CYS A 63 -0.05 -11.85 -6.15
N LEU A 64 0.88 -12.18 -7.01
CA LEU A 64 1.70 -11.13 -7.58
C LEU A 64 0.77 -10.13 -8.25
N ILE A 65 -0.38 -10.62 -8.73
CA ILE A 65 -1.37 -9.77 -9.36
C ILE A 65 -2.37 -9.22 -8.34
N CYS A 66 -2.45 -9.85 -7.17
CA CYS A 66 -3.37 -9.39 -6.14
C CYS A 66 -2.93 -8.04 -5.59
N LEU A 67 -1.67 -7.66 -5.84
CA LEU A 67 -1.16 -6.38 -5.35
C LEU A 67 -0.54 -5.56 -6.49
N SER A 68 0.21 -6.20 -7.39
CA SER A 68 0.86 -5.48 -8.49
C SER A 68 -0.15 -4.97 -9.53
N HIS A 69 -1.10 -5.82 -9.89
CA HIS A 69 -2.07 -5.44 -10.92
C HIS A 69 -3.19 -4.56 -10.38
N ILE A 70 -3.24 -4.37 -9.06
CA ILE A 70 -4.28 -3.52 -8.49
C ILE A 70 -3.96 -2.05 -8.70
N LYS A 71 -4.89 -1.33 -9.31
CA LYS A 71 -4.71 0.10 -9.56
C LYS A 71 -5.86 0.88 -8.95
N CYS A 72 -5.60 2.12 -8.55
CA CYS A 72 -6.63 2.94 -7.93
C CYS A 72 -7.30 3.86 -8.93
N THR A 73 -8.63 3.85 -8.95
CA THR A 73 -9.37 4.73 -9.83
C THR A 73 -9.49 6.11 -9.19
N PRO A 74 -9.80 7.12 -9.95
CA PRO A 74 -9.93 8.51 -9.41
C PRO A 74 -10.95 8.58 -8.28
N LYS A 75 -11.83 7.58 -8.20
CA LYS A 75 -12.86 7.55 -7.17
C LYS A 75 -12.40 6.70 -5.98
N MET A 76 -11.91 5.50 -6.27
CA MET A 76 -11.44 4.60 -5.21
C MET A 76 -10.31 5.24 -4.42
N LYS A 77 -9.39 5.87 -5.14
CA LYS A 77 -8.26 6.53 -4.49
C LYS A 77 -8.73 7.63 -3.54
N LYS A 78 -9.72 8.39 -3.97
CA LYS A 78 -10.23 9.49 -3.15
C LYS A 78 -10.80 8.99 -1.82
N PHE A 79 -11.72 8.03 -1.91
CA PHE A 79 -12.34 7.47 -0.70
C PHE A 79 -11.36 6.59 0.07
N ILE A 80 -10.44 5.98 -0.66
CA ILE A 80 -9.45 5.11 -0.05
C ILE A 80 -8.05 5.52 -0.51
N PRO A 81 -7.58 6.64 -0.03
CA PRO A 81 -6.23 7.18 -0.41
C PRO A 81 -5.10 6.32 0.12
N GLY A 82 -4.02 6.25 -0.65
CA GLY A 82 -2.85 5.47 -0.27
C GLY A 82 -1.93 5.27 -1.47
N ARG A 83 -0.87 4.51 -1.28
CA ARG A 83 0.07 4.25 -2.37
C ARG A 83 -0.54 3.24 -3.34
N CYS A 84 -0.50 3.54 -4.64
CA CYS A 84 -1.05 2.65 -5.64
C CYS A 84 0.04 2.18 -6.59
N HIS A 85 -0.24 1.13 -7.36
CA HIS A 85 0.75 0.59 -8.29
C HIS A 85 1.03 1.54 -9.44
N THR A 86 1.78 2.61 -9.16
CA THR A 86 2.13 3.59 -10.17
C THR A 86 3.63 3.86 -10.12
N TYR A 87 4.30 3.80 -11.26
CA TYR A 87 5.74 4.04 -11.30
C TYR A 87 6.12 5.00 -12.43
N GLU A 88 6.06 4.50 -13.66
CA GLU A 88 6.40 5.32 -14.81
C GLU A 88 5.41 6.47 -14.93
N GLY A 89 4.15 6.17 -14.71
CA GLY A 89 3.10 7.18 -14.77
C GLY A 89 3.00 7.77 -16.18
N ASP A 90 3.38 6.98 -17.18
CA ASP A 90 3.33 7.45 -18.56
C ASP A 90 1.90 7.77 -18.97
N LYS A 91 1.72 8.92 -19.63
CA LYS A 91 0.41 9.34 -20.08
C LYS A 91 -0.14 8.34 -21.10
N GLU A 92 0.69 7.97 -22.05
CA GLU A 92 0.30 7.02 -23.09
C GLU A 92 0.08 5.63 -22.53
N SER A 93 0.75 5.33 -21.42
CA SER A 93 0.63 4.02 -20.81
C SER A 93 1.08 2.94 -21.79
N ALA A 94 0.50 1.75 -21.71
CA ALA A 94 0.89 0.67 -22.62
C ALA A 94 0.31 0.94 -24.01
N GLN A 95 0.84 1.94 -24.69
CA GLN A 95 0.38 2.29 -26.03
C GLN A 95 -1.12 2.63 -26.00
N GLY A 96 -1.98 1.65 -26.28
CA GLY A 96 -3.42 1.89 -26.27
C GLY A 96 -3.85 2.73 -27.46
N GLY A 97 -3.00 2.80 -28.49
CA GLY A 97 -3.33 3.58 -29.68
C GLY A 97 -4.59 3.03 -30.34
N ILE A 98 -4.70 1.71 -30.39
CA ILE A 98 -5.86 1.07 -30.98
C ILE A 98 -7.11 1.42 -30.19
N GLY A 99 -6.98 1.40 -28.86
CA GLY A 99 -8.10 1.71 -27.98
C GLY A 99 -8.18 0.67 -26.87
N GLU A 100 -7.03 0.19 -26.43
CA GLU A 100 -6.97 -0.81 -25.37
C GLU A 100 -7.30 -0.20 -24.02
N ALA A 101 -7.83 -1.02 -23.12
CA ALA A 101 -8.19 -0.56 -21.79
C ALA A 101 -7.45 -1.38 -20.74
N ILE A 102 -7.02 -0.71 -19.67
CA ILE A 102 -6.32 -1.38 -18.60
C ILE A 102 -7.18 -1.39 -17.36
N VAL A 103 -6.85 -2.31 -16.45
CA VAL A 103 -7.59 -2.47 -15.22
C VAL A 103 -8.87 -3.27 -15.48
N ASP A 104 -9.12 -3.56 -16.75
CA ASP A 104 -10.30 -4.32 -17.11
C ASP A 104 -9.96 -5.80 -17.17
N ILE A 105 -10.40 -6.53 -16.15
CA ILE A 105 -10.16 -7.97 -16.12
C ILE A 105 -11.24 -8.65 -16.93
N PRO A 106 -10.92 -9.59 -17.79
CA PRO A 106 -11.95 -10.27 -18.62
C PRO A 106 -12.93 -11.08 -17.79
N GLU A 107 -12.49 -11.52 -16.62
CA GLU A 107 -13.35 -12.27 -15.72
C GLU A 107 -14.44 -11.37 -15.14
N ILE A 108 -14.08 -10.11 -14.93
CA ILE A 108 -15.03 -9.15 -14.36
C ILE A 108 -15.96 -8.60 -15.45
N PRO A 109 -17.26 -8.73 -15.33
CA PRO A 109 -18.20 -8.20 -16.35
C PRO A 109 -18.52 -6.73 -16.12
N GLY A 110 -17.86 -5.86 -16.87
CA GLY A 110 -18.11 -4.42 -16.73
C GLY A 110 -17.76 -3.93 -15.33
N PHE A 111 -16.48 -4.00 -14.98
CA PHE A 111 -16.04 -3.56 -13.66
C PHE A 111 -16.41 -2.09 -13.43
N LYS A 112 -16.52 -1.34 -14.51
CA LYS A 112 -16.89 0.06 -14.40
C LYS A 112 -18.32 0.19 -13.88
N ASP A 113 -19.10 -0.88 -14.06
CA ASP A 113 -20.48 -0.91 -13.62
C ASP A 113 -20.54 -1.00 -12.10
N LEU A 114 -19.60 -1.74 -11.52
CA LEU A 114 -19.58 -1.91 -10.07
C LEU A 114 -18.81 -0.79 -9.39
N GLU A 115 -19.05 -0.63 -8.09
CA GLU A 115 -18.41 0.42 -7.30
C GLU A 115 -16.89 0.25 -7.35
N PRO A 116 -16.12 1.32 -7.47
CA PRO A 116 -14.64 1.22 -7.52
C PRO A 116 -14.09 0.38 -6.37
N MET A 117 -14.72 0.47 -5.19
CA MET A 117 -14.25 -0.31 -4.06
C MET A 117 -14.35 -1.79 -4.44
N GLU A 118 -15.47 -2.16 -5.05
CA GLU A 118 -15.69 -3.53 -5.48
C GLU A 118 -14.66 -3.87 -6.55
N GLN A 119 -14.34 -2.89 -7.38
CA GLN A 119 -13.38 -3.09 -8.47
C GLN A 119 -12.04 -3.55 -7.89
N PHE A 120 -11.64 -2.98 -6.75
CA PHE A 120 -10.38 -3.37 -6.12
C PHE A 120 -10.37 -4.86 -5.83
N ILE A 121 -11.41 -5.34 -5.17
CA ILE A 121 -11.51 -6.75 -4.85
C ILE A 121 -11.52 -7.57 -6.13
N ALA A 122 -12.22 -7.07 -7.13
CA ALA A 122 -12.34 -7.76 -8.41
C ALA A 122 -10.98 -7.98 -9.09
N GLN A 123 -10.11 -6.97 -9.06
CA GLN A 123 -8.80 -7.10 -9.68
C GLN A 123 -7.95 -8.19 -9.01
N VAL A 124 -8.03 -8.24 -7.68
CA VAL A 124 -7.27 -9.24 -6.91
C VAL A 124 -8.05 -10.56 -6.84
N ASP A 125 -9.34 -10.51 -7.16
CA ASP A 125 -10.17 -11.71 -7.12
C ASP A 125 -9.54 -12.82 -7.95
N LEU A 126 -8.76 -12.45 -8.96
CA LEU A 126 -8.12 -13.45 -9.82
C LEU A 126 -7.15 -14.33 -9.05
N CYS A 127 -6.62 -13.82 -7.94
CA CYS A 127 -5.68 -14.60 -7.16
C CYS A 127 -6.36 -15.78 -6.49
N VAL A 128 -6.45 -16.88 -7.22
CA VAL A 128 -7.04 -18.09 -6.69
C VAL A 128 -5.93 -19.00 -6.15
N ASP A 129 -4.69 -18.66 -6.50
CA ASP A 129 -3.53 -19.41 -6.04
C ASP A 129 -2.84 -18.69 -4.89
N CYS A 130 -3.53 -17.72 -4.31
CA CYS A 130 -2.99 -16.93 -3.19
C CYS A 130 -2.29 -17.86 -2.21
N THR A 131 -1.15 -17.43 -1.69
CA THR A 131 -0.38 -18.26 -0.78
C THR A 131 -0.06 -17.53 0.53
N THR A 132 0.21 -18.32 1.57
CA THR A 132 0.54 -17.79 2.88
C THR A 132 1.86 -17.02 2.84
N GLY A 133 2.81 -17.53 2.06
CA GLY A 133 4.12 -16.90 1.95
C GLY A 133 4.00 -15.45 1.48
N CYS A 134 3.06 -15.19 0.59
CA CYS A 134 2.86 -13.84 0.09
C CYS A 134 2.52 -12.92 1.27
N LEU A 135 1.65 -13.42 2.14
CA LEU A 135 1.24 -12.69 3.33
C LEU A 135 2.42 -12.50 4.28
N LYS A 136 3.27 -13.52 4.36
CA LYS A 136 4.43 -13.48 5.24
C LYS A 136 5.36 -12.33 4.88
N GLY A 137 5.54 -12.07 3.60
CA GLY A 137 6.41 -10.98 3.18
C GLY A 137 5.89 -9.67 3.74
N LEU A 138 4.58 -9.48 3.68
CA LEU A 138 3.96 -8.27 4.21
C LEU A 138 4.14 -8.20 5.72
N ALA A 139 4.01 -9.36 6.37
CA ALA A 139 4.16 -9.45 7.81
C ALA A 139 5.63 -9.51 8.23
N ASN A 140 6.54 -9.36 7.27
CA ASN A 140 7.96 -9.42 7.58
C ASN A 140 8.47 -8.09 8.16
N VAL A 141 7.58 -7.11 8.30
CA VAL A 141 7.98 -5.81 8.85
C VAL A 141 7.39 -5.57 10.23
N GLN A 142 7.00 -6.63 10.92
CA GLN A 142 6.42 -6.47 12.26
C GLN A 142 7.41 -5.82 13.20
N CYS A 143 8.68 -6.22 13.10
CA CYS A 143 9.72 -5.64 13.96
C CYS A 143 10.84 -5.00 13.13
N SER A 144 10.51 -4.55 11.92
CA SER A 144 11.50 -3.91 11.08
C SER A 144 12.00 -2.64 11.75
N ASP A 145 13.30 -2.36 11.62
CA ASP A 145 13.89 -1.19 12.28
C ASP A 145 13.10 0.08 12.00
N LEU A 146 12.75 0.32 10.74
CA LEU A 146 11.98 1.52 10.41
C LEU A 146 10.61 1.49 11.08
N LEU A 147 10.01 0.30 11.08
CA LEU A 147 8.69 0.12 11.66
C LEU A 147 8.71 0.35 13.18
N LYS A 148 9.87 0.19 13.80
CA LYS A 148 9.97 0.36 15.24
C LYS A 148 9.59 1.77 15.66
N LYS A 149 10.06 2.76 14.90
CA LYS A 149 9.75 4.14 15.21
C LYS A 149 8.36 4.56 14.78
N TRP A 150 7.86 3.97 13.70
CA TRP A 150 6.54 4.33 13.19
C TRP A 150 5.42 3.61 13.93
N LEU A 151 5.70 2.44 14.48
CA LEU A 151 4.68 1.68 15.21
C LEU A 151 5.18 1.34 16.62
N PRO A 152 4.27 1.14 17.56
CA PRO A 152 4.65 0.79 18.97
C PRO A 152 5.34 -0.56 19.06
N GLN A 153 5.17 -1.39 18.03
CA GLN A 153 5.78 -2.72 18.01
C GLN A 153 7.29 -2.59 18.09
N ARG A 154 7.93 -3.52 18.79
CA ARG A 154 9.38 -3.48 18.94
C ARG A 154 9.96 -4.86 19.21
N CYS A 155 11.26 -5.00 18.96
CA CYS A 155 11.94 -6.27 19.18
C CYS A 155 13.39 -6.03 19.60
N ALA A 156 14.24 -5.69 18.62
CA ALA A 156 15.65 -5.44 18.88
C ALA A 156 15.87 -4.26 19.81
N THR A 157 15.10 -3.20 19.61
CA THR A 157 15.27 -2.01 20.43
C THR A 157 13.93 -1.37 20.78
N PHE A 158 13.94 -0.58 21.84
CA PHE A 158 12.75 0.10 22.33
C PHE A 158 12.23 1.11 21.32
N ALA A 159 13.14 1.78 20.64
CA ALA A 159 12.78 2.79 19.65
C ALA A 159 12.16 4.01 20.33
N SER A 160 12.57 5.20 19.90
CA SER A 160 12.06 6.44 20.47
C SER A 160 10.99 7.09 19.58
N LYS A 161 10.54 6.36 18.56
CA LYS A 161 9.52 6.90 17.66
C LYS A 161 10.02 8.20 17.03
N ILE A 162 9.10 9.06 16.60
CA ILE A 162 9.50 10.34 15.99
C ILE A 162 8.99 11.50 16.82
N GLN A 163 9.70 12.63 16.78
CA GLN A 163 9.29 13.81 17.52
C GLN A 163 8.92 14.93 16.57
N GLY A 164 9.70 15.07 15.51
CA GLY A 164 9.46 16.11 14.51
C GLY A 164 9.84 17.49 15.03
N GLN A 165 10.52 17.55 16.16
CA GLN A 165 10.92 18.82 16.74
C GLN A 165 11.88 19.55 15.82
N VAL A 166 12.84 18.82 15.30
CA VAL A 166 13.84 19.40 14.41
C VAL A 166 13.19 19.92 13.13
N ASP A 167 12.03 19.36 12.80
CA ASP A 167 11.31 19.78 11.60
C ASP A 167 10.71 21.16 11.78
N LYS A 168 10.36 21.50 13.02
CA LYS A 168 9.75 22.80 13.30
C LYS A 168 8.55 23.03 12.39
N ILE A 169 7.54 22.18 12.55
CA ILE A 169 6.33 22.28 11.75
C ILE A 169 5.18 22.84 12.57
N LYS A 170 4.53 23.87 12.05
CA LYS A 170 3.40 24.49 12.73
C LYS A 170 3.80 24.90 14.15
N GLY A 171 4.99 25.46 14.29
CA GLY A 171 5.46 25.90 15.60
C GLY A 171 4.55 26.96 16.18
N ALA A 172 4.09 27.87 15.31
CA ALA A 172 3.21 28.95 15.74
C ALA A 172 1.87 28.38 16.22
N GLY A 173 1.29 29.02 17.23
CA GLY A 173 0.01 28.57 17.77
C GLY A 173 -1.12 28.83 16.79
N GLY A 174 -2.24 28.12 16.98
CA GLY A 174 -3.39 28.28 16.10
C GLY A 174 -3.23 27.46 14.84
N ASP A 175 -4.18 27.60 13.91
CA ASP A 175 -4.12 26.88 12.65
C ASP A 175 -4.70 27.72 11.52
N LEU A 30 4.43 23.54 -2.08
CA LEU A 30 5.09 22.98 -0.86
C LEU A 30 4.06 22.85 0.25
N ASP A 31 3.77 21.61 0.65
CA ASP A 31 2.81 21.36 1.71
C ASP A 31 3.29 22.00 3.01
N ALA A 32 4.59 21.92 3.24
CA ALA A 32 5.18 22.49 4.44
C ALA A 32 4.94 23.99 4.47
N ASP A 33 5.08 24.63 3.32
CA ASP A 33 4.85 26.07 3.23
C ASP A 33 3.41 26.40 3.57
N ARG A 34 2.50 25.55 3.10
CA ARG A 34 1.08 25.74 3.35
C ARG A 34 0.80 25.69 4.85
N GLY A 35 1.48 24.78 5.54
CA GLY A 35 1.30 24.62 6.98
C GLY A 35 1.28 23.15 7.37
N LYS A 36 0.64 22.32 6.54
CA LYS A 36 0.56 20.89 6.80
C LYS A 36 0.16 20.62 8.24
N LEU A 37 -1.14 20.52 8.49
CA LEU A 37 -1.64 20.27 9.85
C LEU A 37 -1.28 18.85 10.28
N PRO A 38 -1.18 18.60 11.56
CA PRO A 38 -0.83 17.25 12.09
C PRO A 38 -1.98 16.26 11.94
N GLY A 39 -1.65 14.97 11.87
CA GLY A 39 -2.65 13.94 11.73
C GLY A 39 -2.17 12.62 12.32
N LYS A 40 -3.11 11.69 12.51
CA LYS A 40 -2.78 10.38 13.07
C LYS A 40 -2.49 9.36 11.97
N LYS A 41 -2.49 9.81 10.71
CA LYS A 41 -2.23 8.90 9.59
C LYS A 41 -0.83 8.32 9.70
N LEU A 42 -0.69 7.05 9.35
CA LEU A 42 0.61 6.38 9.41
C LEU A 42 1.54 6.89 8.31
N PRO A 43 2.83 6.83 8.52
CA PRO A 43 3.83 7.31 7.51
C PRO A 43 3.90 6.38 6.30
N LEU A 44 4.34 6.94 5.17
CA LEU A 44 4.46 6.15 3.95
C LEU A 44 5.78 5.38 3.91
N GLU A 45 6.73 5.79 4.75
CA GLU A 45 8.04 5.14 4.79
C GLU A 45 7.90 3.67 5.21
N VAL A 46 7.07 3.43 6.23
CA VAL A 46 6.87 2.06 6.70
C VAL A 46 6.06 1.25 5.69
N LEU A 47 5.23 1.94 4.94
CA LEU A 47 4.42 1.30 3.92
C LEU A 47 5.33 0.61 2.90
N LYS A 48 6.37 1.32 2.52
CA LYS A 48 7.33 0.80 1.56
C LYS A 48 8.08 -0.39 2.16
N GLU A 49 8.36 -0.33 3.46
CA GLU A 49 9.09 -1.41 4.12
C GLU A 49 8.34 -2.73 4.07
N MET A 50 7.04 -2.70 4.35
CA MET A 50 6.25 -3.94 4.32
C MET A 50 5.99 -4.39 2.89
N GLU A 51 5.77 -3.44 2.00
CA GLU A 51 5.55 -3.80 0.60
C GLU A 51 6.80 -4.43 0.03
N ALA A 52 7.95 -3.87 0.39
CA ALA A 52 9.24 -4.37 -0.07
C ALA A 52 9.45 -5.80 0.42
N ASN A 53 9.08 -6.04 1.67
CA ASN A 53 9.21 -7.36 2.26
C ASN A 53 8.34 -8.37 1.52
N ALA A 54 7.17 -7.93 1.06
CA ALA A 54 6.28 -8.84 0.35
C ALA A 54 6.98 -9.39 -0.88
N ARG A 55 7.70 -8.53 -1.59
CA ARG A 55 8.43 -8.97 -2.78
C ARG A 55 9.53 -9.95 -2.36
N LYS A 56 10.16 -9.64 -1.23
CA LYS A 56 11.22 -10.49 -0.69
C LYS A 56 10.67 -11.87 -0.33
N ALA A 57 9.44 -11.89 0.17
CA ALA A 57 8.80 -13.13 0.57
C ALA A 57 8.72 -14.11 -0.60
N GLY A 58 8.46 -13.59 -1.79
CA GLY A 58 8.37 -14.45 -2.97
C GLY A 58 6.91 -14.64 -3.35
N CYS A 59 6.12 -13.59 -3.19
CA CYS A 59 4.69 -13.63 -3.51
C CYS A 59 4.49 -14.31 -4.86
N THR A 60 3.45 -15.14 -4.95
CA THR A 60 3.17 -15.84 -6.19
C THR A 60 2.66 -14.88 -7.25
N ARG A 61 2.70 -15.32 -8.50
CA ARG A 61 2.24 -14.50 -9.61
C ARG A 61 0.77 -14.12 -9.44
N GLY A 62 -0.02 -15.07 -8.97
CA GLY A 62 -1.45 -14.83 -8.79
C GLY A 62 -1.72 -13.67 -7.84
N CYS A 63 -1.04 -13.62 -6.69
CA CYS A 63 -1.27 -12.53 -5.75
C CYS A 63 -0.33 -11.37 -6.01
N LEU A 64 0.61 -11.53 -6.93
CA LEU A 64 1.48 -10.44 -7.26
C LEU A 64 0.59 -9.30 -7.71
N ILE A 65 -0.46 -9.67 -8.45
CA ILE A 65 -1.42 -8.71 -8.98
C ILE A 65 -2.54 -8.39 -7.97
N CYS A 66 -2.72 -9.23 -6.95
CA CYS A 66 -3.77 -9.00 -5.95
C CYS A 66 -3.45 -7.78 -5.11
N LEU A 67 -2.18 -7.35 -5.11
CA LEU A 67 -1.78 -6.20 -4.32
C LEU A 67 -1.06 -5.14 -5.17
N SER A 68 -0.38 -5.58 -6.23
CA SER A 68 0.36 -4.64 -7.08
C SER A 68 -0.48 -4.07 -8.22
N HIS A 69 -1.42 -4.85 -8.75
CA HIS A 69 -2.23 -4.38 -9.86
C HIS A 69 -3.61 -3.86 -9.45
N ILE A 70 -3.86 -3.77 -8.15
CA ILE A 70 -5.17 -3.27 -7.72
C ILE A 70 -5.13 -1.74 -7.65
N LYS A 71 -5.97 -1.10 -8.47
CA LYS A 71 -6.03 0.35 -8.51
C LYS A 71 -7.33 0.84 -7.86
N CYS A 72 -7.23 1.86 -7.02
CA CYS A 72 -8.44 2.37 -6.38
C CYS A 72 -9.36 3.01 -7.40
N THR A 73 -10.40 2.27 -7.75
CA THR A 73 -11.40 2.74 -8.69
C THR A 73 -12.17 3.87 -8.01
N PRO A 74 -12.64 4.86 -8.72
CA PRO A 74 -13.39 5.98 -8.07
C PRO A 74 -14.38 5.48 -7.00
N LYS A 75 -14.01 5.72 -5.74
CA LYS A 75 -14.82 5.35 -4.58
C LYS A 75 -14.69 3.86 -4.22
N MET A 76 -13.59 3.24 -4.61
CA MET A 76 -13.39 1.83 -4.29
C MET A 76 -13.30 1.63 -2.78
N LYS A 77 -12.45 2.42 -2.14
CA LYS A 77 -12.28 2.35 -0.69
C LYS A 77 -13.56 2.81 0.02
N LYS A 78 -14.16 3.87 -0.50
CA LYS A 78 -15.37 4.43 0.11
C LYS A 78 -16.64 3.87 -0.53
N PHE A 79 -17.77 4.56 -0.33
CA PHE A 79 -19.05 4.13 -0.88
C PHE A 79 -19.01 4.00 -2.40
N ILE A 80 -20.17 4.02 -3.04
CA ILE A 80 -20.22 3.88 -4.50
C ILE A 80 -20.05 5.22 -5.24
N PRO A 81 -20.83 6.25 -4.94
CA PRO A 81 -20.72 7.56 -5.65
C PRO A 81 -19.49 8.38 -5.25
N GLY A 82 -19.00 9.20 -6.17
CA GLY A 82 -17.84 10.06 -5.90
C GLY A 82 -16.55 9.49 -6.48
N ARG A 83 -15.43 10.11 -6.13
CA ARG A 83 -14.13 9.68 -6.62
C ARG A 83 -13.30 9.06 -5.50
N CYS A 84 -12.24 8.35 -5.87
CA CYS A 84 -11.37 7.70 -4.89
C CYS A 84 -10.73 8.73 -3.95
N HIS A 85 -10.17 9.78 -4.54
CA HIS A 85 -9.53 10.83 -3.75
C HIS A 85 -10.58 11.75 -3.14
N THR A 86 -10.24 12.38 -2.01
CA THR A 86 -11.17 13.28 -1.35
C THR A 86 -10.41 14.30 -0.50
N TYR A 87 -9.61 13.80 0.43
CA TYR A 87 -8.85 14.66 1.32
C TYR A 87 -7.36 14.29 1.31
N GLU A 88 -6.52 15.30 1.19
CA GLU A 88 -5.09 15.09 1.14
C GLU A 88 -4.73 14.00 0.16
N GLY A 89 -5.34 14.08 -0.99
CA GLY A 89 -5.08 13.11 -2.05
C GLY A 89 -3.61 13.16 -2.45
N ASP A 90 -3.05 14.37 -2.45
CA ASP A 90 -1.65 14.55 -2.80
C ASP A 90 -0.75 13.82 -1.81
N LYS A 91 -1.12 13.89 -0.54
CA LYS A 91 -0.35 13.23 0.50
C LYS A 91 -0.32 11.75 0.24
N GLU A 92 -1.46 11.22 -0.19
CA GLU A 92 -1.56 9.80 -0.49
C GLU A 92 -0.60 9.45 -1.63
N SER A 93 -0.50 10.35 -2.60
CA SER A 93 0.38 10.14 -3.74
C SER A 93 0.13 8.76 -4.35
N ALA A 94 -1.13 8.42 -4.54
CA ALA A 94 -1.49 7.14 -5.12
C ALA A 94 -0.90 6.98 -6.52
N GLN A 95 -0.94 8.06 -7.30
CA GLN A 95 -0.39 8.02 -8.65
C GLN A 95 1.12 7.90 -8.61
N GLY A 96 1.65 6.94 -9.37
CA GLY A 96 3.09 6.73 -9.43
C GLY A 96 3.56 5.79 -8.31
N GLY A 97 3.23 6.14 -7.06
CA GLY A 97 3.63 5.32 -5.93
C GLY A 97 3.04 3.92 -6.02
N ILE A 98 1.78 3.83 -6.42
CA ILE A 98 1.12 2.54 -6.55
C ILE A 98 1.80 1.67 -7.59
N GLY A 99 2.12 2.26 -8.73
CA GLY A 99 2.77 1.54 -9.81
C GLY A 99 1.83 1.45 -11.01
N GLU A 100 2.12 2.26 -12.03
CA GLU A 100 1.27 2.27 -13.22
C GLU A 100 1.21 0.90 -13.87
N ALA A 101 0.00 0.48 -14.23
CA ALA A 101 -0.22 -0.81 -14.86
C ALA A 101 -1.61 -0.85 -15.48
N ILE A 102 -1.87 -1.84 -16.32
CA ILE A 102 -3.19 -1.94 -16.95
C ILE A 102 -4.18 -2.60 -16.00
N VAL A 103 -5.07 -1.78 -15.47
CA VAL A 103 -6.09 -2.24 -14.55
C VAL A 103 -7.15 -3.09 -15.24
N ASP A 104 -7.53 -2.66 -16.44
CA ASP A 104 -8.57 -3.38 -17.17
C ASP A 104 -8.14 -4.82 -17.42
N ILE A 105 -8.79 -5.75 -16.73
CA ILE A 105 -8.49 -7.16 -16.87
C ILE A 105 -9.31 -7.71 -18.03
N PRO A 106 -8.72 -8.44 -18.95
CA PRO A 106 -9.48 -8.99 -20.12
C PRO A 106 -10.51 -10.04 -19.69
N GLU A 107 -10.26 -10.67 -18.56
CA GLU A 107 -11.17 -11.68 -18.04
C GLU A 107 -12.47 -11.03 -17.58
N ILE A 108 -12.36 -9.82 -17.05
CA ILE A 108 -13.55 -9.10 -16.55
C ILE A 108 -14.31 -8.47 -17.72
N PRO A 109 -15.58 -8.75 -17.89
CA PRO A 109 -16.38 -8.16 -18.99
C PRO A 109 -16.93 -6.79 -18.64
N GLY A 110 -16.25 -5.74 -19.11
CA GLY A 110 -16.69 -4.38 -18.84
C GLY A 110 -16.68 -4.07 -17.35
N PHE A 111 -15.51 -4.13 -16.73
CA PHE A 111 -15.40 -3.83 -15.30
C PHE A 111 -15.94 -2.44 -14.99
N LYS A 112 -16.00 -1.59 -16.02
CA LYS A 112 -16.50 -0.24 -15.83
C LYS A 112 -18.00 -0.26 -15.58
N ASP A 113 -18.67 -1.30 -16.07
CA ASP A 113 -20.10 -1.45 -15.91
C ASP A 113 -20.45 -1.75 -14.47
N LEU A 114 -19.61 -2.54 -13.83
CA LEU A 114 -19.85 -2.92 -12.44
C LEU A 114 -19.41 -1.81 -11.49
N GLU A 115 -19.92 -1.85 -10.27
CA GLU A 115 -19.62 -0.84 -9.26
C GLU A 115 -18.15 -0.91 -8.83
N PRO A 116 -17.60 0.17 -8.30
CA PRO A 116 -16.17 0.24 -7.87
C PRO A 116 -15.78 -0.85 -6.86
N MET A 117 -16.71 -1.22 -5.97
CA MET A 117 -16.42 -2.26 -4.98
C MET A 117 -16.12 -3.59 -5.68
N GLU A 118 -16.99 -3.94 -6.62
CA GLU A 118 -16.85 -5.19 -7.36
C GLU A 118 -15.56 -5.19 -8.17
N GLN A 119 -15.21 -4.04 -8.71
CA GLN A 119 -14.00 -3.94 -9.51
C GLN A 119 -12.79 -4.38 -8.70
N PHE A 120 -12.79 -4.08 -7.40
CA PHE A 120 -11.68 -4.47 -6.55
C PHE A 120 -11.52 -5.98 -6.52
N ILE A 121 -12.61 -6.68 -6.27
CA ILE A 121 -12.56 -8.14 -6.23
C ILE A 121 -12.15 -8.71 -7.57
N ALA A 122 -12.68 -8.12 -8.64
CA ALA A 122 -12.39 -8.59 -9.99
C ALA A 122 -10.89 -8.51 -10.32
N GLN A 123 -10.23 -7.42 -9.92
CA GLN A 123 -8.81 -7.27 -10.22
C GLN A 123 -7.95 -8.32 -9.50
N VAL A 124 -8.30 -8.62 -8.25
CA VAL A 124 -7.55 -9.62 -7.47
C VAL A 124 -8.11 -11.02 -7.70
N ASP A 125 -9.28 -11.11 -8.31
CA ASP A 125 -9.90 -12.41 -8.59
C ASP A 125 -8.95 -13.27 -9.40
N LEU A 126 -8.15 -12.65 -10.27
CA LEU A 126 -7.21 -13.40 -11.09
C LEU A 126 -6.23 -14.17 -10.23
N CYS A 127 -6.01 -13.70 -9.01
CA CYS A 127 -5.08 -14.37 -8.12
C CYS A 127 -5.55 -15.77 -7.77
N VAL A 128 -5.14 -16.72 -8.60
CA VAL A 128 -5.48 -18.11 -8.38
C VAL A 128 -4.34 -18.81 -7.64
N ASP A 129 -3.19 -18.13 -7.58
CA ASP A 129 -2.02 -18.68 -6.88
C ASP A 129 -1.87 -18.03 -5.51
N CYS A 130 -2.92 -17.32 -5.06
CA CYS A 130 -2.90 -16.65 -3.77
C CYS A 130 -2.25 -17.54 -2.72
N THR A 131 -1.19 -17.02 -2.10
CA THR A 131 -0.47 -17.79 -1.10
C THR A 131 -0.37 -17.05 0.23
N THR A 132 -0.47 -17.82 1.32
CA THR A 132 -0.41 -17.25 2.66
C THR A 132 0.95 -16.59 2.89
N GLY A 133 2.01 -17.22 2.37
CA GLY A 133 3.36 -16.69 2.53
C GLY A 133 3.46 -15.28 2.00
N CYS A 134 2.74 -15.00 0.91
CA CYS A 134 2.76 -13.66 0.33
C CYS A 134 2.29 -12.65 1.38
N LEU A 135 1.21 -12.99 2.07
CA LEU A 135 0.67 -12.13 3.12
C LEU A 135 1.68 -11.98 4.24
N LYS A 136 2.40 -13.05 4.55
CA LYS A 136 3.38 -13.03 5.63
C LYS A 136 4.48 -11.99 5.36
N GLY A 137 4.86 -11.83 4.10
CA GLY A 137 5.91 -10.88 3.75
C GLY A 137 5.57 -9.47 4.20
N LEU A 138 4.32 -9.06 4.04
CA LEU A 138 3.92 -7.71 4.45
C LEU A 138 3.92 -7.61 5.97
N ALA A 139 3.78 -8.75 6.63
CA ALA A 139 3.78 -8.79 8.08
C ALA A 139 5.18 -9.06 8.63
N ASN A 140 6.17 -9.10 7.74
CA ASN A 140 7.54 -9.36 8.16
C ASN A 140 8.23 -8.08 8.65
N VAL A 141 7.46 -7.00 8.81
CA VAL A 141 8.04 -5.75 9.28
C VAL A 141 7.79 -5.56 10.77
N GLN A 142 7.57 -6.66 11.48
CA GLN A 142 7.33 -6.58 12.92
C GLN A 142 8.55 -5.97 13.61
N CYS A 143 9.74 -6.36 13.15
CA CYS A 143 10.96 -5.83 13.72
C CYS A 143 11.98 -5.58 12.62
N SER A 144 12.02 -4.34 12.15
CA SER A 144 12.95 -3.95 11.09
C SER A 144 13.71 -2.71 11.53
N ASP A 145 14.83 -2.42 10.87
CA ASP A 145 15.62 -1.24 11.23
C ASP A 145 14.78 0.02 11.08
N LEU A 146 14.03 0.10 10.00
CA LEU A 146 13.16 1.25 9.75
C LEU A 146 12.03 1.31 10.77
N LEU A 147 11.33 0.20 10.92
CA LEU A 147 10.21 0.10 11.84
C LEU A 147 10.67 0.22 13.29
N LYS A 148 11.95 -0.06 13.54
CA LYS A 148 12.48 -0.01 14.90
C LYS A 148 12.33 1.39 15.50
N LYS A 149 12.68 2.42 14.74
CA LYS A 149 12.58 3.78 15.25
C LYS A 149 11.12 4.23 15.37
N TRP A 150 10.28 3.79 14.43
CA TRP A 150 8.88 4.21 14.44
C TRP A 150 8.09 3.52 15.57
N LEU A 151 8.37 2.24 15.80
CA LEU A 151 7.68 1.49 16.85
C LEU A 151 8.66 1.03 17.93
N PRO A 152 8.64 1.63 19.12
CA PRO A 152 9.56 1.23 20.22
C PRO A 152 9.12 -0.06 20.92
N GLN A 153 7.87 -0.45 20.71
CA GLN A 153 7.31 -1.65 21.35
C GLN A 153 8.07 -2.90 20.92
N ARG A 154 8.40 -2.99 19.63
CA ARG A 154 9.09 -4.17 19.12
C ARG A 154 10.59 -3.93 19.01
N CYS A 155 11.35 -5.02 18.96
CA CYS A 155 12.81 -4.97 18.87
C CYS A 155 13.42 -4.57 20.21
N ALA A 156 14.23 -5.47 20.75
CA ALA A 156 14.89 -5.26 22.03
C ALA A 156 15.82 -4.05 21.98
N THR A 157 16.49 -3.87 20.84
CA THR A 157 17.42 -2.75 20.69
C THR A 157 16.76 -1.45 21.13
N PHE A 158 17.51 -0.67 21.92
CA PHE A 158 17.01 0.60 22.43
C PHE A 158 16.58 1.51 21.29
N ALA A 159 15.36 2.04 21.40
CA ALA A 159 14.84 2.94 20.38
C ALA A 159 13.53 3.57 20.87
N SER A 160 13.57 4.87 21.16
CA SER A 160 12.38 5.56 21.63
C SER A 160 12.12 6.81 20.80
N LYS A 161 10.84 7.13 20.60
CA LYS A 161 10.47 8.30 19.81
C LYS A 161 11.22 8.33 18.48
N ILE A 162 11.09 9.42 17.75
CA ILE A 162 11.76 9.55 16.45
C ILE A 162 12.66 10.78 16.45
N GLN A 163 13.96 10.55 16.36
CA GLN A 163 14.92 11.65 16.34
C GLN A 163 14.65 12.61 17.50
N GLY A 164 14.28 12.06 18.64
CA GLY A 164 14.01 12.88 19.82
C GLY A 164 15.26 13.05 20.68
N GLN A 165 15.09 13.69 21.84
CA GLN A 165 16.21 13.90 22.74
C GLN A 165 16.38 12.72 23.70
N VAL A 166 17.62 12.41 24.02
CA VAL A 166 17.93 11.31 24.92
C VAL A 166 18.18 11.84 26.33
N ASP A 167 18.66 13.08 26.42
CA ASP A 167 18.96 13.68 27.71
C ASP A 167 17.71 13.78 28.57
N LYS A 168 16.62 14.25 27.98
CA LYS A 168 15.37 14.37 28.72
C LYS A 168 14.73 13.01 28.96
N ILE A 169 14.16 12.85 30.16
CA ILE A 169 13.50 11.61 30.53
C ILE A 169 12.05 11.86 30.92
N LYS A 170 11.14 11.32 30.14
CA LYS A 170 9.72 11.48 30.41
C LYS A 170 9.31 10.69 31.66
N GLY A 171 10.08 9.66 31.97
CA GLY A 171 9.80 8.83 33.14
C GLY A 171 8.81 7.71 32.79
N ALA A 172 8.62 6.79 33.72
CA ALA A 172 7.69 5.68 33.49
C ALA A 172 6.26 6.19 33.40
N GLY A 173 5.48 5.61 32.49
CA GLY A 173 4.09 6.02 32.32
C GLY A 173 3.24 4.88 31.78
N GLY A 174 1.93 4.99 31.97
CA GLY A 174 1.01 3.95 31.50
C GLY A 174 -0.43 4.32 31.84
N ASP A 175 -1.36 3.44 31.49
CA ASP A 175 -2.78 3.69 31.78
C ASP A 175 -3.26 2.78 32.91
#